data_9BD9
#
_entry.id   9BD9
#
_cell.length_a   1.00
_cell.length_b   1.00
_cell.length_c   1.00
_cell.angle_alpha   90.00
_cell.angle_beta   90.00
_cell.angle_gamma   90.00
#
_symmetry.space_group_name_H-M   'P 1'
#
loop_
_entity.id
_entity.type
_entity.pdbx_description
1 polymer 'Spike glycoprotein'
2 branched alpha-D-mannopyranose-(1-3)-beta-D-mannopyranose-(1-4)-2-acetamido-2-deoxy-beta-D-glucopyranose-(1-4)-2-acetamido-2-deoxy-beta-D-glucopyranose
3 branched 2-acetamido-2-deoxy-beta-D-glucopyranose-(1-4)-2-acetamido-2-deoxy-beta-D-glucopyranose
4 branched beta-D-mannopyranose-(1-4)-2-acetamido-2-deoxy-beta-D-glucopyranose-(1-4)-2-acetamido-2-deoxy-beta-D-glucopyranose
5 branched 2-acetamido-2-deoxy-beta-D-glucopyranose-(1-4)-[alpha-L-fucopyranose-(1-6)]2-acetamido-2-deoxy-beta-D-glucopyranose
6 branched alpha-D-mannopyranose-(1-3)-[alpha-D-mannopyranose-(1-6)]alpha-D-mannopyranose-(1-4)-2-acetamido-2-deoxy-beta-D-glucopyranose-(1-4)-2-acetamido-2-deoxy-beta-D-glucopyranose
7 branched alpha-D-mannopyranose-(1-6)-beta-D-mannopyranose-(1-4)-2-acetamido-2-deoxy-beta-D-glucopyranose-(1-4)-2-acetamido-2-deoxy-beta-D-glucopyranose
8 branched alpha-D-mannopyranose-(1-3)-[alpha-D-mannopyranose-(1-6)]beta-D-mannopyranose-(1-4)-2-acetamido-2-deoxy-beta-D-glucopyranose-(1-4)-2-acetamido-2-deoxy-beta-D-glucopyranose
9 branched alpha-D-mannopyranose-(1-3)-[alpha-D-mannopyranose-(1-6)]beta-D-mannopyranose-(1-4)-2-acetamido-2-deoxy-beta-D-glucopyranose-(1-4)-[alpha-L-fucopyranose-(1-6)]2-acetamido-2-deoxy-beta-D-glucopyranose
10 branched alpha-L-fucopyranose-(1-6)-2-acetamido-2-deoxy-beta-D-glucopyranose
11 branched beta-D-mannopyranose-(1-4)-2-acetamido-2-deoxy-beta-D-glucopyranose
12 non-polymer 2-acetamido-2-deoxy-beta-D-glucopyranose
#
_entity_poly.entity_id   1
_entity_poly.type   'polypeptide(L)'
_entity_poly.pdbx_seq_one_letter_code
;MFVFLVLLPLVSSQCVNLSAWSHPQFEKGGGSGGGSGGSSAWSHPQFEKSALVPRGSTTRTQLPPAYTNSFTRGVYYPDK
VFRSSVLHSTQDLFLPFFSNVTWFHAIHVSGTNGTKRFDNPVLPFNDGVYFASTEKSNIIRGWIFGTTLDSKTQSLLIVN
NATNVVIKVCEFQFCNDPFLGVYYHKNNKSWMESEFRVYSSANNCTFEYVSQPFLMDLEGKQGNFKNLREFVFKNIDGYF
KIYSKHTPINLVRDLPQGFSALEPLVDLPIGINITRFQTLLALHRSYLTPGDSSSGWTAGAAAYYVGYLQPRTFLLKYNE
NGTITDAVDCALDPLSETKCTLKSFTVEKGIYQTSNFRVQPTESIVRFPNITNLCPFGEVFNATRFASVYAWNRKRISNC
VADYSVLYNSASFSTFKCYGVSPTKLNDLCFTNVYADSFVIRGDEVRQIAPGQTGKIADYNYKLPDDFTGCVIAWNSNNL
DSKVGGNYNYLYRLFRKSNLKPFERDISTEIYQAGSTPCNGVEGFNCYFPLQSYGFQPTNGVGYQPYRVVVLSFELLHAP
ATVCGPKKSTNLVKNKCVNFNFNGLTGTGVLTESNKKFLPFQQFGRDIADTTDAVRDPQTLEILDITPCSFGGVSVITPG
TNTSNQVAVLYQGVNCTEVPVAIHADQLTPTWRVYSTGSNVFQTRAGCLIGAEHVNNSYECDIPIGAGICASYQTQTNSP
GSASSVASQSIIAYTMSLGAENSVAYSNNSIAIPTNFTISVTTEILPVSMTKTSVDCTMYICGDSTECSNLLLQYGSFCT
QLNRALTGIAVEQDKNTQEVFAQVKQIYKTPPIKDFGGFNFSQILPDPSKPSKRSFIEDLLFNKVTLADAGFIKQYGDCL
GDIAARDLICAQKFNGLTVLPPLLTDEMIAQYTSALLAGTITSGWTFGAGAALQIPFAMQMAYRFNGIGVTQNVLYENQK
LIANQFNSAIGKIQDSLSSTASALGKLQDVVNQNAQALNTLVKQLSSNFGAISSVLNDILSRLDPPEAEVQIDRLITGRL
QSLQTYVTQQLIRAAEIRASANLAATKMSECVLGQSKRVDFCGKGYHLMSFPQSAPHGVVFLHVTYVPAQEKNFTTAPAI
CHDGKAHFPREGVFVSNGTHWFVTQRNFYEPQIITTDNTFVSGNCDVVIGIVNNTVYDPLQPELDSFKEELDKYFKNHTS
PDVDLGDISGINASVVNIQKEIDRLNEVAKNLNESLIDLQELGKYEQYIKWPWYIWLGFIAGLIAIVMVTIMLCCMTSCC
SCLKGCCSCGSCCKFDEDDSEPVLKGVKLHYT
;
_entity_poly.pdbx_strand_id   A,B,C
#
# COMPACT_ATOMS: atom_id res chain seq x y z
N ALA A 66 -45.54 -36.20 13.23
CA ALA A 66 -44.28 -36.85 12.88
C ALA A 66 -43.36 -35.85 12.20
N TYR A 67 -42.28 -36.36 11.60
CA TYR A 67 -41.29 -35.55 10.92
C TYR A 67 -40.96 -36.17 9.57
N THR A 68 -40.45 -35.33 8.67
CA THR A 68 -39.95 -35.79 7.38
C THR A 68 -38.79 -34.90 6.97
N ASN A 69 -38.11 -35.30 5.91
CA ASN A 69 -36.87 -34.65 5.48
C ASN A 69 -37.14 -33.77 4.27
N SER A 70 -36.99 -32.46 4.43
CA SER A 70 -37.11 -31.52 3.32
C SER A 70 -35.74 -31.43 2.65
N PHE A 71 -35.55 -32.26 1.62
CA PHE A 71 -34.22 -32.41 1.05
C PHE A 71 -33.68 -31.08 0.53
N THR A 72 -34.33 -30.53 -0.49
CA THR A 72 -33.88 -29.28 -1.12
C THR A 72 -35.07 -28.43 -1.49
N ARG A 73 -36.04 -28.33 -0.59
CA ARG A 73 -37.26 -27.59 -0.83
C ARG A 73 -37.14 -26.17 -0.28
N GLY A 74 -38.14 -25.36 -0.61
CA GLY A 74 -38.21 -24.01 -0.06
C GLY A 74 -37.10 -23.08 -0.51
N VAL A 75 -36.78 -23.07 -1.80
CA VAL A 75 -35.85 -22.12 -2.38
C VAL A 75 -36.64 -21.17 -3.27
N TYR A 76 -36.46 -19.88 -3.07
CA TYR A 76 -37.22 -18.87 -3.78
C TYR A 76 -36.29 -17.76 -4.28
N TYR A 77 -36.73 -17.09 -5.32
CA TYR A 77 -35.95 -16.00 -5.90
C TYR A 77 -35.85 -14.85 -4.91
N PRO A 78 -34.70 -14.63 -4.27
CA PRO A 78 -34.64 -13.60 -3.22
C PRO A 78 -34.97 -12.20 -3.71
N ASP A 79 -34.59 -11.86 -4.93
CA ASP A 79 -34.73 -10.50 -5.45
C ASP A 79 -35.41 -10.53 -6.81
N LYS A 80 -35.72 -9.34 -7.30
CA LYS A 80 -36.44 -9.18 -8.56
C LYS A 80 -35.51 -9.04 -9.76
N VAL A 81 -34.20 -9.06 -9.56
CA VAL A 81 -33.26 -8.86 -10.65
C VAL A 81 -33.14 -10.15 -11.45
N PHE A 82 -32.55 -10.06 -12.64
CA PHE A 82 -32.37 -11.20 -13.53
C PHE A 82 -30.89 -11.52 -13.61
N ARG A 83 -30.53 -12.75 -13.24
CA ARG A 83 -29.16 -13.23 -13.30
C ARG A 83 -29.13 -14.52 -14.10
N SER A 84 -28.19 -14.62 -15.04
CA SER A 84 -28.11 -15.77 -15.92
C SER A 84 -26.69 -16.33 -15.93
N SER A 85 -26.59 -17.65 -15.86
CA SER A 85 -25.32 -18.35 -15.98
C SER A 85 -24.29 -17.79 -15.01
N VAL A 86 -24.71 -17.58 -13.77
CA VAL A 86 -23.85 -17.05 -12.73
C VAL A 86 -24.26 -17.66 -11.40
N LEU A 87 -23.29 -17.82 -10.50
CA LEU A 87 -23.54 -18.30 -9.15
C LEU A 87 -23.56 -17.09 -8.21
N HIS A 88 -24.70 -16.85 -7.59
CA HIS A 88 -24.90 -15.69 -6.73
C HIS A 88 -25.08 -16.15 -5.30
N SER A 89 -24.42 -15.46 -4.38
CA SER A 89 -24.52 -15.75 -2.96
C SER A 89 -25.40 -14.70 -2.30
N THR A 90 -26.45 -15.15 -1.62
CA THR A 90 -27.42 -14.25 -1.01
C THR A 90 -27.65 -14.66 0.43
N GLN A 91 -27.79 -13.67 1.31
CA GLN A 91 -28.08 -13.88 2.72
C GLN A 91 -29.52 -13.47 2.96
N ASP A 92 -30.38 -14.46 3.23
CA ASP A 92 -31.80 -14.19 3.44
C ASP A 92 -32.41 -15.37 4.17
N LEU A 93 -33.67 -15.21 4.55
CA LEU A 93 -34.38 -16.27 5.26
C LEU A 93 -34.69 -17.42 4.32
N PHE A 94 -34.13 -18.59 4.61
CA PHE A 94 -34.35 -19.77 3.80
C PHE A 94 -34.59 -20.96 4.73
N LEU A 95 -35.26 -21.97 4.19
CA LEU A 95 -35.47 -23.21 4.94
C LEU A 95 -34.20 -24.05 4.87
N PRO A 96 -33.56 -24.36 6.00
CA PRO A 96 -32.31 -25.13 5.92
C PRO A 96 -32.53 -26.48 5.29
N PHE A 97 -31.55 -26.91 4.50
CA PHE A 97 -31.63 -28.21 3.85
C PHE A 97 -31.61 -29.32 4.88
N PHE A 98 -32.33 -30.40 4.58
CA PHE A 98 -32.41 -31.57 5.45
C PHE A 98 -32.70 -31.15 6.89
N SER A 99 -33.88 -30.55 7.07
CA SER A 99 -34.29 -30.02 8.37
C SER A 99 -35.62 -30.62 8.78
N ASN A 100 -35.85 -30.66 10.09
CA ASN A 100 -37.14 -31.12 10.60
C ASN A 100 -38.25 -30.25 10.03
N VAL A 101 -39.29 -30.91 9.53
CA VAL A 101 -40.48 -30.21 9.04
C VAL A 101 -41.69 -30.98 9.54
N THR A 102 -42.47 -30.36 10.41
CA THR A 102 -43.62 -31.03 11.01
C THR A 102 -44.63 -31.42 9.95
N TRP A 103 -45.23 -32.59 10.12
CA TRP A 103 -46.26 -33.09 9.23
C TRP A 103 -47.57 -33.19 10.00
N PHE A 104 -48.62 -32.60 9.43
CA PHE A 104 -49.92 -32.53 10.10
C PHE A 104 -50.95 -33.29 9.31
N HIS A 105 -51.74 -34.12 10.00
CA HIS A 105 -52.77 -34.93 9.40
C HIS A 105 -54.04 -34.81 10.23
N ALA A 106 -55.18 -34.91 9.55
CA ALA A 106 -56.49 -34.85 10.20
C ALA A 106 -57.13 -36.23 10.17
N ILE A 107 -57.57 -36.71 11.33
CA ILE A 107 -58.14 -38.04 11.46
C ILE A 107 -59.65 -37.93 11.28
N HIS A 108 -60.16 -38.50 10.20
CA HIS A 108 -61.58 -38.48 9.89
C HIS A 108 -62.15 -37.07 9.99
N LYS A 116 -65.43 -37.60 16.61
CA LYS A 116 -64.00 -37.89 16.62
C LYS A 116 -63.21 -36.64 16.94
N ARG A 117 -61.92 -36.65 16.63
CA ARG A 117 -61.03 -35.53 16.88
C ARG A 117 -60.53 -34.96 15.55
N PHE A 118 -60.48 -33.63 15.47
CA PHE A 118 -60.04 -32.93 14.28
C PHE A 118 -58.73 -32.20 14.58
N ASP A 119 -57.74 -32.42 13.72
CA ASP A 119 -56.40 -31.85 13.91
C ASP A 119 -56.28 -30.58 13.09
N ASN A 120 -56.21 -29.45 13.77
CA ASN A 120 -56.05 -28.15 13.12
C ASN A 120 -55.53 -27.14 14.13
N PRO A 121 -54.32 -27.31 14.64
CA PRO A 121 -53.83 -26.43 15.70
C PRO A 121 -53.37 -25.08 15.15
N VAL A 122 -53.15 -24.16 16.08
CA VAL A 122 -52.69 -22.82 15.76
C VAL A 122 -51.16 -22.83 15.82
N LEU A 123 -50.53 -22.95 14.67
CA LEU A 123 -49.08 -23.01 14.62
C LEU A 123 -48.47 -21.64 14.86
N PRO A 124 -47.29 -21.56 15.47
CA PRO A 124 -46.60 -20.28 15.56
C PRO A 124 -46.06 -19.85 14.21
N PHE A 125 -45.82 -18.54 14.09
CA PHE A 125 -45.30 -17.93 12.87
C PHE A 125 -44.17 -17.00 13.31
N ASN A 126 -42.93 -17.45 13.16
CA ASN A 126 -41.76 -16.67 13.56
C ASN A 126 -40.76 -16.66 12.42
N ASP A 127 -40.30 -15.46 12.06
CA ASP A 127 -39.29 -15.30 11.03
C ASP A 127 -39.67 -16.05 9.76
N GLY A 128 -40.95 -15.98 9.41
CA GLY A 128 -41.44 -16.63 8.21
C GLY A 128 -41.75 -18.09 8.43
N VAL A 129 -42.46 -18.67 7.47
CA VAL A 129 -42.92 -20.05 7.55
C VAL A 129 -42.97 -20.62 6.14
N TYR A 130 -42.70 -21.91 6.02
CA TYR A 130 -42.79 -22.62 4.76
C TYR A 130 -43.93 -23.63 4.86
N PHE A 131 -44.90 -23.51 3.95
CA PHE A 131 -46.06 -24.39 3.92
C PHE A 131 -46.10 -25.12 2.59
N ALA A 132 -46.30 -26.43 2.65
CA ALA A 132 -46.41 -27.25 1.45
C ALA A 132 -47.36 -28.39 1.74
N SER A 133 -48.13 -28.78 0.73
CA SER A 133 -49.14 -29.82 0.90
C SER A 133 -49.47 -30.44 -0.45
N THR A 134 -50.09 -31.61 -0.39
CA THR A 134 -50.59 -32.28 -1.58
C THR A 134 -52.04 -31.82 -1.83
N GLU A 135 -52.15 -30.56 -2.24
CA GLU A 135 -53.46 -29.95 -2.45
C GLU A 135 -54.24 -30.70 -3.53
N LYS A 136 -55.31 -31.38 -3.12
CA LYS A 136 -56.18 -32.10 -4.03
C LYS A 136 -57.56 -31.47 -3.98
N SER A 137 -58.11 -31.13 -5.14
CA SER A 137 -59.41 -30.48 -5.24
C SER A 137 -59.42 -29.14 -4.50
N ASN A 138 -58.25 -28.51 -4.39
CA ASN A 138 -58.12 -27.22 -3.70
C ASN A 138 -58.70 -27.31 -2.29
N ILE A 139 -58.44 -28.43 -1.61
CA ILE A 139 -58.97 -28.63 -0.27
C ILE A 139 -58.45 -27.56 0.68
N ILE A 140 -57.19 -27.16 0.52
CA ILE A 140 -56.61 -26.09 1.32
C ILE A 140 -57.06 -24.77 0.70
N ARG A 141 -58.02 -24.11 1.32
CA ARG A 141 -58.68 -22.96 0.74
C ARG A 141 -58.15 -21.62 1.26
N GLY A 142 -57.17 -21.63 2.15
CA GLY A 142 -56.62 -20.38 2.63
C GLY A 142 -55.90 -20.57 3.95
N TRP A 143 -55.61 -19.43 4.59
CA TRP A 143 -54.85 -19.40 5.82
C TRP A 143 -55.32 -18.21 6.66
N ILE A 144 -55.01 -18.27 7.95
CA ILE A 144 -55.33 -17.20 8.88
C ILE A 144 -54.03 -16.79 9.57
N PHE A 145 -53.67 -15.52 9.46
CA PHE A 145 -52.49 -14.97 10.11
C PHE A 145 -52.91 -13.85 11.05
N GLY A 146 -52.21 -13.74 12.16
CA GLY A 146 -52.50 -12.67 13.10
C GLY A 146 -51.67 -12.81 14.36
N THR A 147 -52.10 -12.06 15.38
CA THR A 147 -51.41 -11.97 16.65
C THR A 147 -52.22 -12.54 17.81
N THR A 148 -53.54 -12.39 17.79
CA THR A 148 -54.39 -12.92 18.83
C THR A 148 -55.53 -13.74 18.23
N LEU A 149 -55.96 -13.37 17.03
CA LEU A 149 -57.04 -14.08 16.34
C LEU A 149 -58.31 -14.09 17.17
N ASP A 150 -58.61 -12.95 17.81
CA ASP A 150 -59.81 -12.83 18.63
C ASP A 150 -60.57 -11.54 18.39
N SER A 151 -60.24 -10.80 17.33
CA SER A 151 -60.83 -9.51 16.96
C SER A 151 -60.30 -8.38 17.84
N LYS A 152 -59.51 -8.66 18.88
CA LYS A 152 -58.94 -7.58 19.68
C LYS A 152 -57.92 -6.81 18.87
N THR A 153 -57.10 -7.49 18.09
CA THR A 153 -56.06 -6.89 17.26
C THR A 153 -56.28 -7.29 15.81
N GLN A 154 -55.40 -6.80 14.94
CA GLN A 154 -55.56 -7.03 13.52
C GLN A 154 -55.31 -8.51 13.19
N SER A 155 -55.80 -8.92 12.02
CA SER A 155 -55.69 -10.29 11.56
C SER A 155 -55.47 -10.29 10.06
N LEU A 156 -55.57 -11.46 9.44
CA LEU A 156 -55.38 -11.60 8.01
C LEU A 156 -56.19 -12.80 7.54
N LEU A 157 -56.80 -12.68 6.37
CA LEU A 157 -57.80 -13.64 5.90
C LEU A 157 -57.54 -14.03 4.45
N ILE A 158 -56.32 -14.44 4.15
CA ILE A 158 -56.05 -14.98 2.81
C ILE A 158 -56.91 -16.21 2.61
N VAL A 159 -57.84 -16.13 1.65
CA VAL A 159 -58.75 -17.23 1.36
C VAL A 159 -58.98 -17.30 -0.14
N ASN A 160 -59.02 -18.52 -0.68
CA ASN A 160 -59.29 -18.76 -2.09
C ASN A 160 -60.56 -19.61 -2.16
N ASN A 161 -61.71 -18.97 -2.16
CA ASN A 161 -62.99 -19.66 -2.21
C ASN A 161 -63.42 -19.85 -3.66
N ALA A 162 -64.66 -20.27 -3.87
CA ALA A 162 -65.15 -20.51 -5.22
C ALA A 162 -65.14 -19.24 -6.06
N THR A 163 -65.38 -18.09 -5.43
CA THR A 163 -65.49 -16.84 -6.19
C THR A 163 -64.14 -16.37 -6.69
N ASN A 164 -63.22 -16.08 -5.77
CA ASN A 164 -61.89 -15.58 -6.14
C ASN A 164 -61.03 -15.57 -4.89
N VAL A 165 -59.79 -15.13 -5.04
CA VAL A 165 -58.81 -15.10 -3.95
C VAL A 165 -59.06 -13.79 -3.18
N VAL A 166 -59.93 -13.86 -2.19
CA VAL A 166 -60.22 -12.68 -1.37
C VAL A 166 -59.16 -12.56 -0.28
N ILE A 167 -58.65 -11.35 -0.10
CA ILE A 167 -57.73 -11.03 0.98
C ILE A 167 -58.37 -9.96 1.84
N LYS A 168 -58.56 -10.26 3.12
CA LYS A 168 -59.22 -9.36 4.05
C LYS A 168 -58.30 -9.09 5.23
N VAL A 169 -58.22 -7.83 5.64
CA VAL A 169 -57.40 -7.42 6.79
C VAL A 169 -58.32 -6.60 7.69
N CYS A 170 -58.97 -7.26 8.65
CA CYS A 170 -59.85 -6.61 9.60
C CYS A 170 -59.81 -7.37 10.91
N GLU A 171 -60.30 -6.72 11.96
CA GLU A 171 -60.46 -7.40 13.24
C GLU A 171 -61.64 -8.36 13.14
N PHE A 172 -61.37 -9.66 13.28
CA PHE A 172 -62.36 -10.70 13.07
C PHE A 172 -62.60 -11.47 14.37
N GLN A 173 -63.86 -11.77 14.63
CA GLN A 173 -64.24 -12.62 15.75
C GLN A 173 -64.24 -14.07 15.28
N PHE A 174 -63.04 -14.64 15.23
CA PHE A 174 -62.88 -16.00 14.75
C PHE A 174 -63.63 -16.98 15.64
N CYS A 175 -64.26 -17.97 15.03
CA CYS A 175 -64.97 -18.98 15.79
C CYS A 175 -63.99 -19.95 16.44
N ASN A 176 -64.49 -20.71 17.41
CA ASN A 176 -63.65 -21.71 18.07
C ASN A 176 -63.16 -22.76 17.08
N ASP A 177 -63.95 -23.03 16.04
CA ASP A 177 -63.59 -24.02 15.01
C ASP A 177 -63.80 -23.38 13.64
N PRO A 178 -62.92 -22.46 13.25
CA PRO A 178 -63.10 -21.77 11.96
C PRO A 178 -62.79 -22.67 10.78
N PHE A 179 -63.80 -23.01 9.98
CA PHE A 179 -63.61 -23.86 8.83
C PHE A 179 -64.90 -23.87 8.02
N LEU A 180 -64.82 -24.40 6.81
CA LEU A 180 -65.95 -24.44 5.89
C LEU A 180 -66.70 -25.75 6.09
N GLY A 181 -67.94 -25.66 6.56
CA GLY A 181 -68.74 -26.83 6.81
C GLY A 181 -69.11 -27.61 5.56
N VAL A 182 -68.54 -28.80 5.42
CA VAL A 182 -68.81 -29.68 4.29
C VAL A 182 -69.23 -31.03 4.83
N TYR A 183 -70.35 -31.55 4.34
CA TYR A 183 -70.86 -32.85 4.76
C TYR A 183 -70.44 -33.91 3.74
N TYR A 184 -69.63 -34.86 4.17
CA TYR A 184 -69.13 -35.93 3.30
C TYR A 184 -70.05 -37.14 3.42
N HIS A 185 -71.13 -37.10 2.63
CA HIS A 185 -72.08 -38.19 2.59
C HIS A 185 -72.59 -38.55 3.99
N LYS A 189 -73.10 -36.73 -3.06
CA LYS A 189 -72.21 -35.60 -3.36
C LYS A 189 -72.69 -34.34 -2.66
N SER A 190 -72.08 -34.03 -1.52
CA SER A 190 -72.41 -32.85 -0.74
C SER A 190 -71.15 -32.16 -0.26
N TRP A 191 -70.18 -32.01 -1.16
CA TRP A 191 -68.92 -31.34 -0.83
C TRP A 191 -69.02 -29.83 -1.03
N MET A 192 -70.07 -29.24 -0.47
CA MET A 192 -70.34 -27.82 -0.56
C MET A 192 -70.26 -27.20 0.82
N GLU A 193 -69.86 -25.93 0.88
CA GLU A 193 -69.78 -25.22 2.15
C GLU A 193 -71.19 -24.97 2.69
N SER A 194 -71.42 -25.35 3.95
CA SER A 194 -72.71 -25.17 4.59
C SER A 194 -72.63 -24.27 5.82
N GLU A 195 -71.68 -24.53 6.72
CA GLU A 195 -71.48 -23.70 7.90
C GLU A 195 -70.29 -22.79 7.65
N PHE A 196 -70.50 -21.49 7.78
CA PHE A 196 -69.46 -20.48 7.59
C PHE A 196 -69.13 -19.90 8.96
N ARG A 197 -68.21 -20.56 9.66
CA ARG A 197 -67.79 -20.14 11.00
C ARG A 197 -66.44 -19.44 10.97
N VAL A 198 -66.06 -18.87 9.82
CA VAL A 198 -64.75 -18.24 9.72
C VAL A 198 -64.63 -17.08 10.69
N TYR A 199 -65.65 -16.23 10.73
CA TYR A 199 -65.64 -15.07 11.62
C TYR A 199 -67.06 -14.55 11.74
N SER A 200 -67.23 -13.54 12.58
CA SER A 200 -68.53 -12.90 12.80
C SER A 200 -68.66 -11.59 12.04
N SER A 201 -67.74 -10.66 12.27
CA SER A 201 -67.81 -9.33 11.66
C SER A 201 -66.40 -8.81 11.45
N ALA A 202 -66.29 -7.54 11.04
CA ALA A 202 -65.01 -6.90 10.80
C ALA A 202 -64.72 -5.76 11.77
N ASN A 203 -65.74 -5.05 12.23
CA ASN A 203 -65.59 -3.96 13.19
C ASN A 203 -64.57 -2.97 12.65
N ASN A 204 -63.44 -2.71 13.31
CA ASN A 204 -62.45 -1.75 12.86
C ASN A 204 -61.57 -2.42 11.82
N CYS A 205 -62.04 -2.42 10.58
CA CYS A 205 -61.32 -3.09 9.51
C CYS A 205 -60.20 -2.19 8.97
N THR A 206 -59.49 -2.70 7.98
CA THR A 206 -58.33 -2.02 7.42
C THR A 206 -58.25 -2.38 5.93
N PHE A 207 -57.10 -2.14 5.33
CA PHE A 207 -56.89 -2.35 3.89
C PHE A 207 -57.49 -3.67 3.44
N GLU A 208 -58.11 -3.64 2.26
CA GLU A 208 -58.82 -4.77 1.68
C GLU A 208 -58.28 -5.02 0.27
N TYR A 209 -58.33 -6.27 -0.16
CA TYR A 209 -57.80 -6.62 -1.47
C TYR A 209 -58.50 -7.87 -1.99
N VAL A 210 -59.11 -7.76 -3.16
CA VAL A 210 -59.75 -8.89 -3.83
C VAL A 210 -59.22 -8.93 -5.26
N SER A 211 -58.55 -10.01 -5.62
CA SER A 211 -57.93 -10.12 -6.93
C SER A 211 -57.61 -11.59 -7.19
N GLN A 212 -56.80 -11.84 -8.22
CA GLN A 212 -56.35 -13.17 -8.57
C GLN A 212 -57.55 -14.07 -8.86
N PRO A 213 -58.39 -13.72 -9.83
CA PRO A 213 -59.53 -14.59 -10.15
C PRO A 213 -59.09 -15.85 -10.89
N PHE A 214 -58.29 -16.68 -10.21
CA PHE A 214 -57.74 -17.88 -10.80
C PHE A 214 -57.96 -19.06 -9.86
N LEU A 215 -57.99 -20.26 -10.44
CA LEU A 215 -58.24 -21.49 -9.71
C LEU A 215 -56.93 -22.17 -9.36
N MET A 216 -56.79 -22.59 -8.10
CA MET A 216 -55.59 -23.27 -7.64
C MET A 216 -54.37 -22.37 -7.80
N LYS A 226 -51.96 -35.62 -6.49
CA LYS A 226 -50.76 -36.00 -7.21
C LYS A 226 -49.84 -34.81 -7.41
N ASN A 227 -50.40 -33.61 -7.33
CA ASN A 227 -49.65 -32.38 -7.49
C ASN A 227 -49.32 -31.79 -6.13
N LEU A 228 -48.11 -31.27 -6.00
CA LEU A 228 -47.63 -30.69 -4.75
C LEU A 228 -47.58 -29.17 -4.88
N ARG A 229 -48.18 -28.48 -3.92
CA ARG A 229 -48.15 -27.03 -3.85
C ARG A 229 -47.24 -26.61 -2.72
N GLU A 230 -46.35 -25.66 -3.00
CA GLU A 230 -45.42 -25.14 -2.02
C GLU A 230 -45.63 -23.65 -1.86
N PHE A 231 -45.57 -23.18 -0.61
CA PHE A 231 -45.73 -21.76 -0.31
C PHE A 231 -44.69 -21.35 0.71
N VAL A 232 -44.37 -20.06 0.72
CA VAL A 232 -43.42 -19.49 1.68
C VAL A 232 -43.96 -18.13 2.08
N PHE A 233 -44.35 -17.99 3.34
CA PHE A 233 -44.90 -16.75 3.86
C PHE A 233 -43.88 -16.13 4.80
N LYS A 234 -43.36 -14.97 4.43
CA LYS A 234 -42.44 -14.22 5.28
C LYS A 234 -42.97 -12.80 5.42
N ASN A 235 -42.94 -12.28 6.65
CA ASN A 235 -43.43 -10.95 6.96
C ASN A 235 -42.25 -10.10 7.41
N ILE A 236 -41.84 -9.15 6.58
CA ILE A 236 -40.66 -8.34 6.84
C ILE A 236 -40.95 -6.90 6.45
N ASP A 237 -40.45 -5.96 7.26
CA ASP A 237 -40.54 -4.53 7.01
C ASP A 237 -41.90 -4.14 6.44
N GLY A 238 -42.94 -4.61 7.12
CA GLY A 238 -44.30 -4.27 6.72
C GLY A 238 -44.72 -4.81 5.37
N TYR A 239 -43.94 -5.71 4.79
CA TYR A 239 -44.27 -6.34 3.52
C TYR A 239 -44.50 -7.81 3.75
N PHE A 240 -45.68 -8.30 3.37
CA PHE A 240 -46.06 -9.69 3.57
C PHE A 240 -45.85 -10.44 2.27
N LYS A 241 -44.59 -10.75 1.97
CA LYS A 241 -44.26 -11.44 0.73
C LYS A 241 -44.90 -12.83 0.75
N ILE A 242 -45.27 -13.30 -0.44
CA ILE A 242 -45.84 -14.64 -0.59
C ILE A 242 -45.29 -15.24 -1.88
N TYR A 243 -44.61 -16.37 -1.77
CA TYR A 243 -44.05 -17.08 -2.90
C TYR A 243 -44.79 -18.39 -3.08
N SER A 244 -44.73 -18.94 -4.29
CA SER A 244 -45.49 -20.14 -4.60
C SER A 244 -44.86 -20.85 -5.80
N LYS A 245 -45.31 -22.08 -6.01
CA LYS A 245 -44.88 -22.90 -7.13
C LYS A 245 -45.72 -24.15 -7.15
N HIS A 246 -46.00 -24.66 -8.35
CA HIS A 246 -46.80 -25.87 -8.51
C HIS A 246 -46.06 -26.85 -9.42
N THR A 247 -46.11 -28.13 -9.05
CA THR A 247 -45.45 -29.15 -9.83
C THR A 247 -46.01 -30.52 -9.49
N PRO A 248 -46.15 -31.43 -10.46
CA PRO A 248 -46.60 -32.79 -10.14
C PRO A 248 -45.52 -33.56 -9.40
N ILE A 249 -45.97 -34.57 -8.65
CA ILE A 249 -45.09 -35.40 -7.84
C ILE A 249 -45.61 -36.84 -7.89
N ASN A 250 -44.86 -37.74 -7.24
CA ASN A 250 -45.25 -39.14 -7.15
C ASN A 250 -45.14 -39.73 -5.75
N LEU A 251 -44.35 -39.14 -4.85
CA LEU A 251 -44.22 -39.66 -3.50
C LEU A 251 -45.51 -39.44 -2.72
N VAL A 252 -45.63 -40.16 -1.60
CA VAL A 252 -46.85 -40.14 -0.80
C VAL A 252 -46.58 -39.60 0.59
N ARG A 253 -45.74 -40.31 1.36
CA ARG A 253 -45.49 -39.96 2.75
C ARG A 253 -44.23 -39.13 2.95
N ASP A 254 -43.52 -38.79 1.88
CA ASP A 254 -42.28 -38.04 1.99
C ASP A 254 -42.25 -36.95 0.93
N LEU A 255 -41.52 -35.87 1.23
CA LEU A 255 -41.39 -34.79 0.27
C LEU A 255 -40.66 -35.29 -0.97
N PRO A 256 -41.04 -34.84 -2.16
CA PRO A 256 -40.39 -35.34 -3.38
C PRO A 256 -38.92 -34.94 -3.43
N GLN A 257 -38.13 -35.78 -4.08
CA GLN A 257 -36.72 -35.52 -4.28
C GLN A 257 -36.54 -34.73 -5.58
N GLY A 258 -35.97 -33.55 -5.48
CA GLY A 258 -35.76 -32.71 -6.64
C GLY A 258 -35.59 -31.27 -6.23
N PHE A 259 -35.45 -30.42 -7.25
CA PHE A 259 -35.25 -28.99 -7.05
C PHE A 259 -36.28 -28.21 -7.86
N SER A 260 -36.90 -27.23 -7.21
CA SER A 260 -37.91 -26.39 -7.86
C SER A 260 -37.96 -25.06 -7.13
N ALA A 261 -37.42 -24.02 -7.75
CA ALA A 261 -37.42 -22.70 -7.13
C ALA A 261 -38.84 -22.15 -7.06
N LEU A 262 -39.07 -21.28 -6.09
CA LEU A 262 -40.36 -20.64 -5.90
C LEU A 262 -40.31 -19.20 -6.42
N GLU A 263 -41.39 -18.77 -7.06
CA GLU A 263 -41.45 -17.43 -7.62
C GLU A 263 -42.32 -16.53 -6.76
N PRO A 264 -42.01 -15.25 -6.66
CA PRO A 264 -42.88 -14.35 -5.90
C PRO A 264 -44.26 -14.29 -6.50
N LEU A 265 -45.26 -14.11 -5.64
CA LEU A 265 -46.66 -14.05 -6.06
C LEU A 265 -47.30 -12.71 -5.76
N VAL A 266 -47.01 -12.11 -4.61
CA VAL A 266 -47.59 -10.82 -4.25
C VAL A 266 -46.81 -10.25 -3.07
N ASP A 267 -46.80 -8.92 -2.94
CA ASP A 267 -45.99 -8.23 -1.94
C ASP A 267 -46.85 -7.25 -1.13
N LEU A 268 -47.90 -7.78 -0.52
CA LEU A 268 -48.85 -6.93 0.19
C LEU A 268 -48.09 -6.07 1.19
N PRO A 269 -48.28 -4.74 1.18
CA PRO A 269 -47.70 -3.88 2.22
C PRO A 269 -48.67 -3.70 3.40
N ILE A 270 -48.81 -4.75 4.20
CA ILE A 270 -49.77 -4.72 5.29
C ILE A 270 -49.30 -3.79 6.40
N GLY A 271 -48.15 -4.10 6.99
CA GLY A 271 -47.62 -3.29 8.08
C GLY A 271 -48.00 -3.75 9.47
N ILE A 272 -48.36 -5.02 9.64
CA ILE A 272 -48.72 -5.56 10.95
C ILE A 272 -47.70 -6.61 11.35
N ASN A 273 -47.86 -7.19 12.53
CA ASN A 273 -46.97 -8.24 13.02
C ASN A 273 -47.76 -9.50 13.30
N ILE A 274 -47.21 -10.62 12.88
CA ILE A 274 -47.86 -11.93 13.00
C ILE A 274 -46.95 -12.84 13.80
N THR A 275 -47.51 -13.53 14.79
CA THR A 275 -46.79 -14.52 15.56
C THR A 275 -47.40 -15.90 15.51
N ARG A 276 -48.68 -16.02 15.17
CA ARG A 276 -49.33 -17.31 15.05
C ARG A 276 -50.19 -17.31 13.78
N PHE A 277 -50.45 -18.51 13.28
CA PHE A 277 -51.27 -18.67 12.09
C PHE A 277 -51.93 -20.04 12.14
N GLN A 278 -52.96 -20.20 11.32
CA GLN A 278 -53.72 -21.44 11.30
C GLN A 278 -54.30 -21.66 9.91
N THR A 279 -54.09 -22.86 9.37
CA THR A 279 -54.64 -23.19 8.07
C THR A 279 -56.15 -23.39 8.16
N LEU A 280 -56.81 -23.25 7.02
CA LEU A 280 -58.24 -23.46 6.90
C LEU A 280 -58.52 -24.66 6.02
N LEU A 281 -59.59 -25.38 6.34
CA LEU A 281 -59.93 -26.60 5.63
C LEU A 281 -61.43 -26.76 5.55
N ALA A 282 -61.87 -27.62 4.63
CA ALA A 282 -63.27 -27.97 4.47
C ALA A 282 -63.43 -29.47 4.57
N LEU A 283 -64.32 -29.93 5.44
CA LEU A 283 -64.54 -31.36 5.64
C LEU A 283 -65.10 -31.96 4.36
N ALA A 301 -57.61 -36.93 6.09
CA ALA A 301 -58.04 -35.84 5.21
C ALA A 301 -56.89 -34.87 4.95
N ALA A 302 -56.53 -34.12 5.99
CA ALA A 302 -55.47 -33.13 5.86
C ALA A 302 -54.13 -33.82 5.63
N ALA A 303 -53.32 -33.24 4.73
CA ALA A 303 -51.97 -33.74 4.47
C ALA A 303 -51.12 -32.53 4.04
N TYR A 304 -50.43 -31.94 5.01
CA TYR A 304 -49.61 -30.76 4.74
C TYR A 304 -48.48 -30.72 5.75
N TYR A 305 -47.45 -29.94 5.40
CA TYR A 305 -46.25 -29.82 6.23
C TYR A 305 -45.97 -28.36 6.51
N VAL A 306 -45.31 -28.09 7.62
CA VAL A 306 -44.97 -26.73 8.03
C VAL A 306 -43.49 -26.71 8.41
N GLY A 307 -42.73 -25.87 7.73
CA GLY A 307 -41.34 -25.64 8.06
C GLY A 307 -41.15 -24.36 8.83
N TYR A 308 -39.90 -23.88 8.86
CA TYR A 308 -39.59 -22.61 9.51
C TYR A 308 -38.33 -22.05 8.88
N LEU A 309 -38.40 -20.82 8.38
CA LEU A 309 -37.24 -20.18 7.79
C LEU A 309 -36.28 -19.70 8.87
N GLN A 310 -35.01 -19.60 8.50
CA GLN A 310 -33.98 -19.09 9.38
C GLN A 310 -33.03 -18.24 8.56
N PRO A 311 -32.35 -17.29 9.20
CA PRO A 311 -31.38 -16.47 8.45
C PRO A 311 -30.14 -17.26 8.07
N ARG A 312 -29.96 -17.50 6.78
CA ARG A 312 -28.84 -18.29 6.30
C ARG A 312 -28.40 -17.75 4.94
N THR A 313 -27.16 -18.08 4.58
CA THR A 313 -26.58 -17.71 3.30
C THR A 313 -26.67 -18.89 2.36
N PHE A 314 -27.13 -18.65 1.13
CA PHE A 314 -27.27 -19.67 0.12
C PHE A 314 -26.47 -19.28 -1.11
N LEU A 315 -25.91 -20.29 -1.78
CA LEU A 315 -25.25 -20.10 -3.06
C LEU A 315 -26.19 -20.64 -4.13
N LEU A 316 -26.84 -19.72 -4.84
CA LEU A 316 -27.80 -20.08 -5.88
C LEU A 316 -27.12 -20.06 -7.24
N LYS A 317 -27.42 -21.08 -8.05
CA LYS A 317 -26.85 -21.21 -9.38
C LYS A 317 -27.94 -20.94 -10.41
N TYR A 318 -27.80 -19.84 -11.14
CA TYR A 318 -28.71 -19.53 -12.23
C TYR A 318 -28.19 -20.14 -13.53
N ASN A 319 -29.10 -20.64 -14.36
CA ASN A 319 -28.74 -21.18 -15.65
C ASN A 319 -28.87 -20.09 -16.70
N GLU A 320 -28.83 -20.47 -17.98
CA GLU A 320 -28.84 -19.48 -19.05
C GLU A 320 -30.15 -18.72 -19.09
N ASN A 321 -31.27 -19.35 -18.73
CA ASN A 321 -32.56 -18.67 -18.78
C ASN A 321 -32.79 -17.79 -17.57
N GLY A 322 -31.90 -17.81 -16.59
CA GLY A 322 -32.14 -17.11 -15.34
C GLY A 322 -32.94 -17.88 -14.32
N THR A 323 -33.38 -19.09 -14.64
CA THR A 323 -34.06 -19.92 -13.67
C THR A 323 -33.04 -20.63 -12.79
N ILE A 324 -33.42 -20.81 -11.52
CA ILE A 324 -32.54 -21.46 -10.56
C ILE A 324 -32.58 -22.96 -10.78
N THR A 325 -31.41 -23.56 -10.98
CA THR A 325 -31.28 -24.99 -11.19
C THR A 325 -30.85 -25.74 -9.95
N ASP A 326 -30.00 -25.13 -9.12
CA ASP A 326 -29.52 -25.78 -7.91
C ASP A 326 -29.02 -24.70 -6.96
N ALA A 327 -28.98 -25.06 -5.68
CA ALA A 327 -28.51 -24.16 -4.64
C ALA A 327 -27.74 -24.95 -3.59
N VAL A 328 -26.87 -24.24 -2.88
CA VAL A 328 -26.02 -24.83 -1.86
C VAL A 328 -26.20 -24.05 -0.56
N ASP A 329 -26.43 -24.76 0.52
CA ASP A 329 -26.60 -24.14 1.84
C ASP A 329 -25.23 -24.03 2.50
N CYS A 330 -24.74 -22.81 2.63
CA CYS A 330 -23.36 -22.58 3.05
C CYS A 330 -23.11 -22.88 4.50
N ALA A 331 -24.02 -23.48 5.27
CA ALA A 331 -23.75 -23.80 6.66
C ALA A 331 -24.21 -25.20 7.04
N LEU A 332 -24.65 -26.00 6.05
CA LEU A 332 -25.10 -27.34 6.37
C LEU A 332 -23.95 -28.21 6.88
N ASP A 333 -22.77 -28.09 6.28
CA ASP A 333 -21.64 -28.93 6.65
C ASP A 333 -20.35 -28.39 6.05
N PRO A 334 -19.19 -28.94 6.44
CA PRO A 334 -17.93 -28.40 5.93
C PRO A 334 -17.81 -28.43 4.41
N LEU A 335 -18.33 -29.48 3.77
CA LEU A 335 -18.27 -29.53 2.31
C LEU A 335 -19.04 -28.37 1.69
N SER A 336 -20.23 -28.09 2.22
CA SER A 336 -20.99 -26.96 1.73
C SER A 336 -20.28 -25.64 2.00
N GLU A 337 -19.64 -25.52 3.16
CA GLU A 337 -18.87 -24.31 3.43
C GLU A 337 -17.76 -24.12 2.41
N THR A 338 -17.06 -25.20 2.07
CA THR A 338 -16.01 -25.12 1.07
C THR A 338 -16.57 -24.70 -0.28
N LYS A 339 -17.70 -25.29 -0.68
CA LYS A 339 -18.32 -24.90 -1.94
C LYS A 339 -18.66 -23.43 -1.93
N CYS A 340 -19.21 -22.94 -0.83
CA CYS A 340 -19.58 -21.52 -0.74
C CYS A 340 -18.36 -20.64 -0.84
N THR A 341 -17.28 -20.98 -0.13
CA THR A 341 -16.08 -20.15 -0.16
C THR A 341 -15.48 -20.12 -1.56
N LEU A 342 -15.45 -21.26 -2.24
CA LEU A 342 -14.89 -21.32 -3.59
C LEU A 342 -15.84 -20.80 -4.65
N LYS A 343 -17.10 -20.54 -4.32
CA LYS A 343 -18.09 -20.08 -5.29
C LYS A 343 -18.21 -21.07 -6.44
N SER A 344 -18.14 -22.36 -6.12
CA SER A 344 -18.26 -23.42 -7.11
C SER A 344 -19.04 -24.58 -6.52
N PHE A 345 -19.75 -25.29 -7.39
CA PHE A 345 -20.48 -26.48 -6.98
C PHE A 345 -19.63 -27.74 -7.02
N THR A 346 -18.38 -27.63 -7.49
CA THR A 346 -17.46 -28.77 -7.51
C THR A 346 -16.11 -28.30 -7.00
N VAL A 347 -15.54 -29.05 -6.05
CA VAL A 347 -14.28 -28.71 -5.43
C VAL A 347 -13.25 -29.77 -5.79
N GLU A 348 -12.03 -29.33 -6.08
CA GLU A 348 -10.96 -30.24 -6.47
C GLU A 348 -10.26 -30.76 -5.22
N LYS A 349 -9.51 -31.85 -5.40
CA LYS A 349 -8.76 -32.42 -4.29
C LYS A 349 -7.82 -31.38 -3.71
N GLY A 350 -7.82 -31.27 -2.38
CA GLY A 350 -6.95 -30.33 -1.72
C GLY A 350 -7.45 -30.03 -0.32
N ILE A 351 -6.80 -29.07 0.31
CA ILE A 351 -7.15 -28.58 1.64
C ILE A 351 -7.41 -27.10 1.53
N TYR A 352 -8.59 -26.67 1.96
CA TYR A 352 -9.03 -25.29 1.78
C TYR A 352 -9.35 -24.66 3.13
N GLN A 353 -8.95 -23.41 3.30
CA GLN A 353 -9.30 -22.66 4.49
C GLN A 353 -10.77 -22.26 4.44
N THR A 354 -11.38 -22.16 5.63
CA THR A 354 -12.77 -21.76 5.75
C THR A 354 -12.87 -20.82 6.95
N SER A 355 -14.08 -20.60 7.44
CA SER A 355 -14.28 -19.63 8.50
C SER A 355 -13.39 -19.94 9.70
N ASN A 356 -12.80 -18.89 10.26
CA ASN A 356 -11.96 -19.05 11.44
C ASN A 356 -12.81 -19.49 12.63
N PHE A 357 -12.16 -20.17 13.57
CA PHE A 357 -12.81 -20.70 14.76
C PHE A 357 -12.23 -20.03 16.00
N ARG A 358 -13.10 -19.48 16.83
CA ARG A 358 -12.68 -18.80 18.05
C ARG A 358 -13.62 -19.16 19.18
N VAL A 359 -13.05 -19.44 20.35
CA VAL A 359 -13.85 -19.78 21.52
C VAL A 359 -14.51 -18.53 22.05
N GLN A 360 -15.81 -18.59 22.27
CA GLN A 360 -16.53 -17.42 22.76
C GLN A 360 -16.46 -17.36 24.29
N PRO A 361 -16.48 -16.16 24.86
CA PRO A 361 -16.47 -16.04 26.32
C PRO A 361 -17.71 -16.67 26.93
N THR A 362 -17.53 -17.31 28.08
CA THR A 362 -18.64 -17.98 28.76
C THR A 362 -19.42 -17.03 29.66
N GLU A 363 -18.73 -16.16 30.39
CA GLU A 363 -19.39 -15.27 31.33
C GLU A 363 -18.55 -14.01 31.50
N SER A 364 -19.18 -12.97 32.04
CA SER A 364 -18.53 -11.70 32.28
C SER A 364 -18.20 -11.58 33.76
N ILE A 365 -16.97 -11.18 34.06
CA ILE A 365 -16.49 -11.04 35.44
C ILE A 365 -16.01 -9.61 35.61
N VAL A 366 -16.44 -8.97 36.69
CA VAL A 366 -16.06 -7.60 37.02
C VAL A 366 -15.48 -7.59 38.41
N ARG A 367 -14.32 -6.96 38.58
CA ARG A 367 -13.65 -6.84 39.86
C ARG A 367 -13.27 -5.39 40.10
N PHE A 368 -13.52 -4.91 41.31
CA PHE A 368 -13.20 -3.55 41.69
C PHE A 368 -12.75 -3.55 43.14
N PRO A 369 -12.10 -2.49 43.59
CA PRO A 369 -11.72 -2.41 45.01
C PRO A 369 -12.94 -2.23 45.89
N ASN A 370 -12.73 -2.48 47.19
CA ASN A 370 -13.82 -2.38 48.14
C ASN A 370 -14.32 -0.94 48.24
N ILE A 371 -15.61 -0.79 48.49
CA ILE A 371 -16.23 0.51 48.68
C ILE A 371 -16.16 0.82 50.17
N THR A 372 -15.21 1.67 50.56
CA THR A 372 -14.97 2.01 51.96
C THR A 372 -15.22 3.48 52.25
N ASN A 373 -14.69 4.38 51.43
CA ASN A 373 -14.88 5.81 51.65
C ASN A 373 -16.31 6.20 51.30
N LEU A 374 -17.20 6.17 52.27
CA LEU A 374 -18.60 6.51 52.08
C LEU A 374 -18.84 7.95 52.52
N CYS A 375 -19.57 8.71 51.71
CA CYS A 375 -19.83 10.09 52.00
C CYS A 375 -20.69 10.20 53.27
N PRO A 376 -20.63 11.35 53.97
CA PRO A 376 -21.40 11.53 55.21
C PRO A 376 -22.89 11.80 54.96
N PHE A 377 -23.48 11.02 54.05
CA PHE A 377 -24.91 11.18 53.79
C PHE A 377 -25.73 10.83 55.02
N GLY A 378 -25.32 9.80 55.75
CA GLY A 378 -26.08 9.42 56.94
C GLY A 378 -26.14 10.55 57.96
N GLU A 379 -25.00 11.15 58.26
CA GLU A 379 -25.00 12.23 59.26
C GLU A 379 -25.68 13.49 58.70
N VAL A 380 -25.50 13.77 57.41
CA VAL A 380 -26.14 14.94 56.83
C VAL A 380 -27.66 14.81 56.91
N PHE A 381 -28.18 13.61 56.66
CA PHE A 381 -29.62 13.39 56.62
C PHE A 381 -30.21 13.01 57.97
N ASN A 382 -29.38 12.76 58.99
CA ASN A 382 -29.87 12.44 60.33
C ASN A 382 -29.40 13.47 61.35
N ALA A 383 -29.11 14.69 60.91
CA ALA A 383 -28.75 15.74 61.85
C ALA A 383 -29.93 16.04 62.77
N THR A 384 -29.61 16.39 64.02
CA THR A 384 -30.65 16.64 65.01
C THR A 384 -31.56 17.78 64.56
N ARG A 385 -30.98 18.86 64.05
CA ARG A 385 -31.76 19.99 63.61
C ARG A 385 -30.91 20.83 62.68
N PHE A 386 -31.53 21.39 61.63
CA PHE A 386 -30.83 22.23 60.69
C PHE A 386 -30.96 23.70 61.08
N ALA A 387 -30.23 24.55 60.36
CA ALA A 387 -30.22 25.98 60.63
C ALA A 387 -31.50 26.61 60.09
N SER A 388 -31.56 27.94 60.13
CA SER A 388 -32.74 28.64 59.63
C SER A 388 -32.84 28.54 58.12
N VAL A 389 -34.05 28.75 57.61
CA VAL A 389 -34.28 28.68 56.16
C VAL A 389 -33.42 29.71 55.44
N TYR A 390 -33.36 30.93 55.97
CA TYR A 390 -32.54 31.98 55.38
C TYR A 390 -31.06 31.83 55.72
N ALA A 391 -30.71 30.91 56.63
CA ALA A 391 -29.33 30.63 57.01
C ALA A 391 -29.03 29.15 56.83
N TRP A 392 -29.43 28.61 55.68
CA TRP A 392 -29.23 27.19 55.40
C TRP A 392 -27.75 26.83 55.52
N ASN A 393 -27.48 25.74 56.22
CA ASN A 393 -26.11 25.27 56.41
C ASN A 393 -25.65 24.50 55.19
N ARG A 394 -24.43 24.79 54.72
CA ARG A 394 -23.85 24.15 53.56
C ARG A 394 -22.68 23.27 54.02
N LYS A 395 -22.73 22.00 53.66
CA LYS A 395 -21.66 21.05 53.97
C LYS A 395 -21.11 20.50 52.66
N ARG A 396 -19.79 20.54 52.52
CA ARG A 396 -19.13 20.04 51.32
C ARG A 396 -18.88 18.55 51.45
N ILE A 397 -19.36 17.79 50.47
CA ILE A 397 -19.15 16.35 50.41
C ILE A 397 -18.27 16.07 49.20
N SER A 398 -17.12 15.45 49.44
CA SER A 398 -16.19 15.14 48.37
C SER A 398 -15.27 14.02 48.82
N ASN A 399 -14.61 13.40 47.85
CA ASN A 399 -13.63 12.35 48.10
C ASN A 399 -14.28 11.19 48.88
N CYS A 400 -15.28 10.58 48.26
CA CYS A 400 -16.01 9.47 48.85
C CYS A 400 -16.92 8.89 47.78
N VAL A 401 -17.72 7.90 48.17
CA VAL A 401 -18.70 7.27 47.30
C VAL A 401 -20.08 7.66 47.81
N ALA A 402 -20.83 8.38 46.98
CA ALA A 402 -22.17 8.86 47.34
C ALA A 402 -23.20 7.80 46.98
N ASP A 403 -23.15 6.69 47.71
CA ASP A 403 -24.10 5.61 47.50
C ASP A 403 -25.51 6.10 47.76
N TYR A 404 -26.45 5.64 46.92
CA TYR A 404 -27.85 5.99 47.05
C TYR A 404 -28.76 4.78 47.29
N SER A 405 -28.23 3.55 47.22
CA SER A 405 -29.06 2.38 47.44
C SER A 405 -29.76 2.45 48.79
N VAL A 406 -28.99 2.68 49.85
CA VAL A 406 -29.58 2.84 51.18
C VAL A 406 -30.42 4.09 51.26
N LEU A 407 -30.21 5.05 50.37
CA LEU A 407 -30.97 6.30 50.41
C LEU A 407 -32.33 6.16 49.74
N TYR A 408 -32.35 5.82 48.46
CA TYR A 408 -33.62 5.75 47.74
C TYR A 408 -34.50 4.65 48.31
N ASN A 409 -33.93 3.46 48.54
CA ASN A 409 -34.75 2.32 48.96
C ASN A 409 -35.49 2.61 50.25
N SER A 410 -34.96 3.49 51.10
CA SER A 410 -35.64 3.84 52.34
C SER A 410 -37.01 4.43 52.05
N ALA A 411 -38.02 3.95 52.76
CA ALA A 411 -39.39 4.41 52.60
C ALA A 411 -39.75 5.54 53.54
N SER A 412 -38.84 5.94 54.43
CA SER A 412 -39.13 7.01 55.39
C SER A 412 -39.29 8.37 54.71
N PHE A 413 -38.93 8.49 53.44
CA PHE A 413 -39.01 9.76 52.73
C PHE A 413 -40.36 9.90 52.03
N SER A 414 -40.80 11.15 51.90
CA SER A 414 -42.08 11.46 51.29
C SER A 414 -41.93 11.97 49.86
N THR A 415 -41.03 12.92 49.63
CA THR A 415 -40.81 13.50 48.31
C THR A 415 -39.32 13.51 48.00
N PHE A 416 -38.97 13.09 46.78
CA PHE A 416 -37.58 13.12 46.33
C PHE A 416 -37.60 13.08 44.80
N LYS A 417 -37.19 14.18 44.18
CA LYS A 417 -37.17 14.29 42.73
C LYS A 417 -35.84 14.86 42.26
N CYS A 418 -35.27 14.26 41.23
CA CYS A 418 -34.04 14.73 40.60
C CYS A 418 -34.42 15.34 39.26
N TYR A 419 -34.24 16.66 39.13
CA TYR A 419 -34.64 17.39 37.94
C TYR A 419 -33.56 17.43 36.87
N GLY A 420 -32.36 16.93 37.16
CA GLY A 420 -31.29 16.96 36.19
C GLY A 420 -30.65 15.61 35.95
N VAL A 421 -30.87 14.67 36.87
CA VAL A 421 -30.30 13.33 36.81
C VAL A 421 -31.38 12.33 37.22
N SER A 422 -31.02 11.05 37.18
CA SER A 422 -31.92 9.98 37.57
C SER A 422 -31.21 9.03 38.52
N PRO A 423 -31.93 8.44 39.48
CA PRO A 423 -31.29 7.46 40.36
C PRO A 423 -30.69 6.28 39.62
N THR A 424 -31.30 5.87 38.51
CA THR A 424 -30.79 4.72 37.76
C THR A 424 -29.37 4.98 37.27
N LYS A 425 -29.11 6.16 36.73
CA LYS A 425 -27.80 6.52 36.22
C LYS A 425 -26.93 7.23 37.25
N LEU A 426 -27.44 7.45 38.47
CA LEU A 426 -26.65 8.13 39.49
C LEU A 426 -25.38 7.35 39.82
N ASN A 427 -25.49 6.02 39.96
CA ASN A 427 -24.33 5.22 40.34
C ASN A 427 -23.24 5.29 39.28
N ASP A 428 -23.63 5.29 38.01
CA ASP A 428 -22.67 5.30 36.91
C ASP A 428 -22.23 6.70 36.51
N LEU A 429 -22.36 7.66 37.42
CA LEU A 429 -21.93 9.03 37.17
C LEU A 429 -20.98 9.48 38.26
N CYS A 430 -19.90 10.16 37.86
CA CYS A 430 -18.87 10.63 38.77
C CYS A 430 -19.00 12.13 38.95
N PHE A 431 -19.01 12.57 40.21
CA PHE A 431 -19.17 13.98 40.55
C PHE A 431 -17.87 14.53 41.11
N THR A 432 -17.55 15.78 40.75
CA THR A 432 -16.35 16.41 41.27
C THR A 432 -16.52 16.78 42.74
N ASN A 433 -17.67 17.31 43.11
CA ASN A 433 -17.94 17.70 44.49
C ASN A 433 -19.44 17.83 44.68
N VAL A 434 -19.93 17.45 45.86
CA VAL A 434 -21.34 17.52 46.20
C VAL A 434 -21.48 18.31 47.48
N TYR A 435 -22.38 19.29 47.48
CA TYR A 435 -22.69 20.10 48.65
C TYR A 435 -24.11 19.83 49.09
N ALA A 436 -24.30 19.73 50.40
CA ALA A 436 -25.61 19.45 51.00
C ALA A 436 -26.08 20.68 51.75
N ASP A 437 -27.26 21.19 51.39
CA ASP A 437 -27.89 22.32 52.05
C ASP A 437 -29.12 21.81 52.79
N SER A 438 -29.04 21.74 54.11
CA SER A 438 -30.10 21.21 54.95
C SER A 438 -30.78 22.35 55.70
N PHE A 439 -32.10 22.37 55.64
CA PHE A 439 -32.89 23.40 56.34
C PHE A 439 -34.29 22.85 56.58
N VAL A 440 -34.98 23.48 57.52
CA VAL A 440 -36.35 23.12 57.88
C VAL A 440 -37.27 24.28 57.52
N ILE A 441 -38.34 23.99 56.80
CA ILE A 441 -39.28 24.99 56.35
C ILE A 441 -40.69 24.53 56.61
N ARG A 442 -41.61 25.49 56.62
CA ARG A 442 -43.03 25.18 56.69
C ARG A 442 -43.46 24.40 55.46
N GLY A 443 -44.44 23.51 55.63
CA GLY A 443 -44.86 22.68 54.52
C GLY A 443 -45.27 23.46 53.30
N ASP A 444 -45.86 24.64 53.50
CA ASP A 444 -46.28 25.47 52.36
C ASP A 444 -45.09 25.91 51.53
N GLU A 445 -43.98 26.28 52.17
CA GLU A 445 -42.83 26.80 51.44
C GLU A 445 -42.23 25.77 50.50
N VAL A 446 -42.56 24.48 50.68
CA VAL A 446 -42.01 23.46 49.80
C VAL A 446 -42.38 23.75 48.35
N ARG A 447 -43.56 24.33 48.12
CA ARG A 447 -43.91 24.75 46.77
C ARG A 447 -42.96 25.84 46.28
N GLN A 448 -42.65 26.82 47.14
CA GLN A 448 -41.74 27.89 46.75
C GLN A 448 -40.35 27.35 46.46
N ILE A 449 -39.98 26.22 47.07
CA ILE A 449 -38.66 25.65 46.85
C ILE A 449 -38.43 25.31 45.38
N ALA A 450 -39.49 25.16 44.61
CA ALA A 450 -39.33 24.85 43.19
C ALA A 450 -38.58 25.99 42.50
N PRO A 451 -37.65 25.69 41.60
CA PRO A 451 -36.95 26.78 40.89
C PRO A 451 -37.92 27.61 40.07
N GLY A 452 -37.65 28.92 40.01
CA GLY A 452 -38.48 29.82 39.23
C GLY A 452 -39.92 29.86 39.70
N GLN A 453 -40.11 29.96 41.02
CA GLN A 453 -41.44 30.03 41.62
C GLN A 453 -41.63 31.39 42.28
N THR A 454 -42.88 31.84 42.29
CA THR A 454 -43.19 33.15 42.86
C THR A 454 -42.99 33.14 44.37
N GLY A 455 -42.83 34.33 44.94
CA GLY A 455 -42.63 34.49 46.36
C GLY A 455 -41.26 35.05 46.69
N LYS A 456 -41.24 36.29 47.18
CA LYS A 456 -39.97 36.93 47.51
C LYS A 456 -39.20 36.14 48.57
N ILE A 457 -39.88 35.32 49.36
CA ILE A 457 -39.18 34.47 50.32
C ILE A 457 -38.23 33.54 49.61
N ALA A 458 -38.63 33.05 48.43
CA ALA A 458 -37.80 32.09 47.70
C ALA A 458 -36.40 32.64 47.46
N ASP A 459 -36.30 33.85 46.91
CA ASP A 459 -34.99 34.45 46.66
C ASP A 459 -34.44 35.21 47.86
N TYR A 460 -35.23 35.40 48.91
CA TYR A 460 -34.68 35.96 50.14
C TYR A 460 -33.88 34.92 50.92
N ASN A 461 -34.37 33.68 50.99
CA ASN A 461 -33.70 32.65 51.77
C ASN A 461 -32.76 31.81 50.91
N TYR A 462 -33.28 31.15 49.87
CA TYR A 462 -32.46 30.30 49.02
C TYR A 462 -33.15 30.19 47.66
N LYS A 463 -32.64 30.93 46.68
CA LYS A 463 -33.20 30.88 45.33
C LYS A 463 -32.63 29.70 44.56
N LEU A 464 -33.49 29.05 43.78
CA LEU A 464 -33.08 27.95 42.93
C LEU A 464 -33.03 28.46 41.49
N PRO A 465 -31.86 28.51 40.85
CA PRO A 465 -31.82 28.99 39.46
C PRO A 465 -32.50 28.03 38.51
N ASP A 466 -32.89 28.57 37.35
CA ASP A 466 -33.61 27.78 36.37
C ASP A 466 -32.81 26.57 35.89
N ASP A 467 -31.49 26.60 36.02
CA ASP A 467 -30.61 25.53 35.58
C ASP A 467 -29.99 24.78 36.75
N PHE A 468 -30.77 24.60 37.82
CA PHE A 468 -30.32 23.89 39.01
C PHE A 468 -30.63 22.41 38.83
N THR A 469 -29.59 21.61 38.57
CA THR A 469 -29.74 20.17 38.43
C THR A 469 -29.61 19.43 39.75
N GLY A 470 -29.24 20.10 40.82
CA GLY A 470 -29.07 19.46 42.11
C GLY A 470 -30.34 18.81 42.61
N CYS A 471 -30.25 17.54 43.00
CA CYS A 471 -31.42 16.83 43.52
C CYS A 471 -31.86 17.43 44.85
N VAL A 472 -33.15 17.35 45.11
CA VAL A 472 -33.76 17.89 46.32
C VAL A 472 -34.54 16.79 47.01
N ILE A 473 -34.34 16.66 48.32
CA ILE A 473 -35.02 15.66 49.13
C ILE A 473 -35.82 16.39 50.21
N ALA A 474 -37.11 16.09 50.30
CA ALA A 474 -37.99 16.66 51.31
C ALA A 474 -38.79 15.53 51.95
N TRP A 475 -38.78 15.50 53.28
CA TRP A 475 -39.50 14.49 54.04
C TRP A 475 -40.11 15.13 55.26
N ASN A 476 -41.34 14.72 55.60
CA ASN A 476 -42.04 15.31 56.72
C ASN A 476 -41.35 14.96 58.03
N SER A 477 -41.23 15.96 58.91
CA SER A 477 -40.62 15.79 60.23
C SER A 477 -41.46 16.53 61.26
N ASN A 478 -42.78 16.34 61.19
CA ASN A 478 -43.68 17.06 62.07
C ASN A 478 -43.34 16.82 63.54
N ASN A 479 -43.23 15.54 63.92
CA ASN A 479 -42.96 15.23 65.33
C ASN A 479 -41.61 15.79 65.77
N LEU A 480 -40.59 15.65 64.93
CA LEU A 480 -39.25 16.09 65.31
C LEU A 480 -39.17 17.60 65.47
N ASP A 481 -39.76 18.34 64.53
CA ASP A 481 -39.60 19.79 64.47
C ASP A 481 -40.79 20.55 65.04
N SER A 482 -41.74 19.86 65.67
CA SER A 482 -42.93 20.50 66.24
C SER A 482 -42.80 20.52 67.75
N LYS A 483 -42.89 21.72 68.33
CA LYS A 483 -42.88 21.87 69.78
C LYS A 483 -44.30 21.87 70.32
N VAL A 484 -44.42 21.49 71.60
CA VAL A 484 -45.73 21.46 72.24
C VAL A 484 -46.38 22.84 72.19
N GLY A 485 -45.59 23.88 72.44
CA GLY A 485 -46.08 25.25 72.37
C GLY A 485 -45.90 25.93 71.02
N GLY A 486 -45.13 25.32 70.12
CA GLY A 486 -44.88 25.91 68.81
C GLY A 486 -43.45 26.39 68.65
N ASN A 487 -42.78 25.90 67.62
CA ASN A 487 -41.40 26.29 67.33
C ASN A 487 -41.43 27.57 66.51
N TYR A 488 -41.12 28.70 67.16
CA TYR A 488 -41.12 30.00 66.52
C TYR A 488 -39.74 30.43 66.02
N ASN A 489 -38.73 29.58 66.18
CA ASN A 489 -37.40 29.92 65.69
C ASN A 489 -37.40 30.07 64.17
N TYR A 490 -38.17 29.24 63.48
CA TYR A 490 -38.29 29.33 62.02
C TYR A 490 -39.24 30.46 61.64
N LEU A 491 -38.84 31.67 62.03
CA LEU A 491 -39.64 32.85 61.73
C LEU A 491 -39.71 33.08 60.23
N TYR A 492 -40.86 33.54 59.76
CA TYR A 492 -41.10 33.74 58.33
C TYR A 492 -41.44 35.20 58.04
N ARG A 493 -40.64 36.12 58.56
CA ARG A 493 -40.79 37.55 58.29
C ARG A 493 -39.94 38.02 57.13
N LEU A 494 -39.67 37.14 56.16
CA LEU A 494 -38.79 37.46 55.05
C LEU A 494 -39.45 38.45 54.10
N PHE A 495 -39.67 39.68 54.59
CA PHE A 495 -40.13 40.79 53.78
C PHE A 495 -39.25 42.01 54.03
N ARG A 496 -37.94 41.78 54.10
CA ARG A 496 -37.01 42.85 54.41
C ARG A 496 -37.11 43.96 53.37
N LYS A 497 -37.03 45.20 53.84
CA LYS A 497 -37.12 46.34 52.93
C LYS A 497 -36.00 46.31 51.90
N SER A 498 -34.78 46.00 52.33
CA SER A 498 -33.68 45.86 51.40
C SER A 498 -33.89 44.61 50.54
N ASN A 499 -33.71 44.75 49.23
CA ASN A 499 -33.92 43.64 48.31
C ASN A 499 -32.72 42.71 48.32
N LEU A 500 -32.99 41.40 48.38
CA LEU A 500 -31.95 40.38 48.29
C LEU A 500 -32.09 39.69 46.95
N LYS A 501 -31.11 39.90 46.07
CA LYS A 501 -31.15 39.31 44.75
C LYS A 501 -30.91 37.79 44.85
N PRO A 502 -31.35 37.03 43.84
CA PRO A 502 -31.11 35.59 43.86
C PRO A 502 -29.63 35.28 43.99
N PHE A 503 -29.30 34.36 44.90
CA PHE A 503 -27.93 33.95 45.15
C PHE A 503 -27.02 35.17 45.29
N GLU A 504 -27.44 36.10 46.14
CA GLU A 504 -26.65 37.30 46.37
C GLU A 504 -25.31 36.99 47.04
N ARG A 505 -25.19 35.82 47.68
CA ARG A 505 -23.96 35.43 48.36
C ARG A 505 -23.50 34.06 47.89
N PRO A 530 -43.77 37.04 55.04
CA PRO A 530 -45.12 36.50 55.31
C PRO A 530 -45.18 35.72 56.62
N LEU A 531 -45.60 36.38 57.69
CA LEU A 531 -45.68 35.74 59.01
C LEU A 531 -47.02 35.02 59.14
N GLN A 532 -47.14 33.94 58.37
CA GLN A 532 -48.33 33.09 58.38
C GLN A 532 -48.16 31.87 59.28
N SER A 533 -47.06 31.76 60.01
CA SER A 533 -46.82 30.64 60.91
C SER A 533 -47.01 31.11 62.34
N TYR A 534 -47.89 30.42 63.07
CA TYR A 534 -48.17 30.74 64.47
C TYR A 534 -47.38 29.86 65.44
N GLY A 535 -47.27 28.56 65.16
CA GLY A 535 -46.52 27.66 66.01
C GLY A 535 -46.57 26.24 65.51
N PHE A 536 -45.42 25.56 65.49
CA PHE A 536 -45.36 24.18 65.00
C PHE A 536 -45.78 23.24 66.11
N GLN A 537 -46.92 22.59 65.93
CA GLN A 537 -47.51 21.69 66.90
C GLN A 537 -47.80 20.35 66.24
N PRO A 538 -47.89 19.27 67.02
CA PRO A 538 -48.22 17.97 66.42
C PRO A 538 -49.57 17.94 65.74
N THR A 539 -50.48 18.85 66.11
CA THR A 539 -51.80 18.89 65.50
C THR A 539 -51.82 19.60 64.15
N ASN A 540 -50.71 20.21 63.75
CA ASN A 540 -50.69 20.93 62.48
C ASN A 540 -51.03 19.99 61.33
N GLY A 541 -51.85 20.46 60.41
CA GLY A 541 -52.28 19.66 59.29
C GLY A 541 -51.27 19.62 58.16
N VAL A 542 -51.63 18.91 57.11
CA VAL A 542 -50.74 18.77 55.96
C VAL A 542 -50.51 20.14 55.33
N GLY A 543 -49.25 20.41 54.97
CA GLY A 543 -48.87 21.68 54.39
C GLY A 543 -48.38 22.70 55.39
N TYR A 544 -48.70 22.54 56.68
CA TYR A 544 -48.26 23.44 57.73
C TYR A 544 -47.22 22.84 58.66
N GLN A 545 -47.13 21.51 58.73
CA GLN A 545 -46.16 20.88 59.60
C GLN A 545 -44.74 21.19 59.11
N PRO A 546 -43.76 21.22 60.01
CA PRO A 546 -42.38 21.45 59.57
C PRO A 546 -41.90 20.32 58.67
N TYR A 547 -41.11 20.69 57.66
CA TYR A 547 -40.55 19.73 56.72
C TYR A 547 -39.04 19.87 56.69
N ARG A 548 -38.35 18.73 56.76
CA ARG A 548 -36.89 18.71 56.70
C ARG A 548 -36.48 18.56 55.24
N VAL A 549 -35.85 19.60 54.69
CA VAL A 549 -35.50 19.67 53.27
C VAL A 549 -33.99 19.73 53.15
N VAL A 550 -33.43 18.86 52.32
CA VAL A 550 -32.00 18.83 52.04
C VAL A 550 -31.81 18.86 50.55
N VAL A 551 -30.89 19.72 50.08
CA VAL A 551 -30.61 19.90 48.66
C VAL A 551 -29.24 19.31 48.36
N LEU A 552 -29.18 18.45 47.35
CA LEU A 552 -27.93 17.82 46.92
C LEU A 552 -27.37 18.61 45.75
N SER A 553 -26.77 19.75 46.07
CA SER A 553 -26.18 20.63 45.06
C SER A 553 -24.74 20.23 44.81
N PHE A 554 -24.38 20.06 43.54
CA PHE A 554 -23.04 19.65 43.14
C PHE A 554 -22.59 20.51 41.97
N GLU A 555 -21.28 20.61 41.80
CA GLU A 555 -20.68 21.43 40.76
C GLU A 555 -19.71 20.59 39.95
N LEU A 556 -19.12 21.22 38.93
CA LEU A 556 -18.18 20.55 38.03
C LEU A 556 -17.16 21.57 37.54
N LEU A 557 -16.16 21.06 36.81
CA LEU A 557 -15.12 21.90 36.22
C LEU A 557 -14.39 22.72 37.28
N HIS A 558 -14.19 22.12 38.45
CA HIS A 558 -13.41 22.74 39.52
C HIS A 558 -12.19 21.93 39.91
N ALA A 559 -12.25 20.61 39.81
CA ALA A 559 -11.15 19.74 40.22
C ALA A 559 -11.35 18.38 39.55
N PRO A 560 -10.33 17.54 39.54
CA PRO A 560 -10.51 16.19 39.00
C PRO A 560 -11.62 15.44 39.75
N ALA A 561 -12.38 14.65 39.02
CA ALA A 561 -13.52 13.96 39.61
C ALA A 561 -13.06 13.09 40.78
N THR A 562 -13.76 13.19 41.90
CA THR A 562 -13.40 12.44 43.09
C THR A 562 -14.59 11.88 43.85
N VAL A 563 -15.82 12.02 43.33
CA VAL A 563 -17.01 11.44 43.94
C VAL A 563 -17.68 10.57 42.89
N CYS A 564 -17.79 9.29 43.18
CA CYS A 564 -18.39 8.33 42.25
C CYS A 564 -19.23 7.33 43.03
N GLY A 565 -20.26 6.81 42.37
CA GLY A 565 -21.15 5.86 42.99
C GLY A 565 -20.48 4.52 43.21
N PRO A 566 -21.09 3.68 44.04
CA PRO A 566 -20.50 2.36 44.30
C PRO A 566 -20.40 1.52 43.04
N LYS A 567 -19.36 0.69 42.98
CA LYS A 567 -19.11 -0.17 41.85
C LYS A 567 -19.22 -1.63 42.30
N LYS A 568 -20.09 -2.38 41.65
CA LYS A 568 -20.35 -3.75 42.05
C LYS A 568 -19.18 -4.65 41.68
N SER A 569 -19.14 -5.84 42.29
CA SER A 569 -18.09 -6.81 42.06
C SER A 569 -18.70 -8.20 41.98
N THR A 570 -18.20 -8.99 41.03
CA THR A 570 -18.64 -10.37 40.84
C THR A 570 -17.54 -11.31 41.34
N ASN A 571 -17.89 -12.58 41.43
CA ASN A 571 -16.95 -13.57 41.92
C ASN A 571 -15.84 -13.80 40.90
N LEU A 572 -14.76 -14.43 41.35
CA LEU A 572 -13.60 -14.69 40.51
C LEU A 572 -13.65 -16.10 39.94
N VAL A 573 -13.32 -16.22 38.67
CA VAL A 573 -13.30 -17.50 37.97
C VAL A 573 -11.96 -17.65 37.27
N LYS A 574 -11.57 -18.90 37.03
CA LYS A 574 -10.28 -19.21 36.46
C LYS A 574 -10.42 -20.33 35.44
N ASN A 575 -9.48 -20.36 34.50
CA ASN A 575 -9.43 -21.41 33.48
C ASN A 575 -10.73 -21.45 32.66
N LYS A 576 -11.26 -20.26 32.35
CA LYS A 576 -12.46 -20.17 31.54
C LYS A 576 -12.41 -18.86 30.76
N CYS A 577 -12.65 -18.96 29.45
CA CYS A 577 -12.64 -17.77 28.59
C CYS A 577 -13.78 -16.85 29.02
N VAL A 578 -13.44 -15.71 29.62
CA VAL A 578 -14.41 -14.79 30.18
C VAL A 578 -14.06 -13.38 29.76
N ASN A 579 -15.00 -12.46 30.01
CA ASN A 579 -14.81 -11.03 29.76
C ASN A 579 -14.51 -10.36 31.10
N PHE A 580 -13.25 -10.03 31.33
CA PHE A 580 -12.82 -9.47 32.60
C PHE A 580 -12.83 -7.95 32.56
N ASN A 581 -12.88 -7.35 33.75
CA ASN A 581 -12.84 -5.90 33.88
C ASN A 581 -12.20 -5.61 35.24
N PHE A 582 -10.90 -5.31 35.23
CA PHE A 582 -10.14 -5.02 36.43
C PHE A 582 -9.83 -3.52 36.45
N ASN A 583 -10.48 -2.79 37.35
CA ASN A 583 -10.21 -1.36 37.52
C ASN A 583 -10.34 -0.63 36.19
N GLY A 584 -11.33 -1.01 35.40
CA GLY A 584 -11.54 -0.40 34.10
C GLY A 584 -10.69 -0.98 33.00
N LEU A 585 -9.86 -1.97 33.28
CA LEU A 585 -9.08 -2.67 32.25
C LEU A 585 -9.92 -3.82 31.72
N THR A 586 -10.52 -3.62 30.56
CA THR A 586 -11.45 -4.60 29.98
C THR A 586 -10.74 -5.42 28.92
N GLY A 587 -11.06 -6.71 28.88
CA GLY A 587 -10.49 -7.60 27.89
C GLY A 587 -11.08 -8.98 28.03
N THR A 588 -10.70 -9.86 27.11
CA THR A 588 -11.19 -11.22 27.06
C THR A 588 -10.01 -12.18 27.06
N GLY A 589 -10.07 -13.18 27.92
CA GLY A 589 -8.98 -14.14 28.01
C GLY A 589 -9.26 -15.17 29.08
N VAL A 590 -8.25 -15.98 29.35
CA VAL A 590 -8.33 -17.04 30.36
C VAL A 590 -7.44 -16.66 31.52
N LEU A 591 -8.04 -16.46 32.69
CA LEU A 591 -7.30 -16.07 33.88
C LEU A 591 -6.73 -17.30 34.56
N THR A 592 -5.45 -17.25 34.91
CA THR A 592 -4.78 -18.36 35.55
C THR A 592 -3.85 -17.83 36.65
N GLU A 593 -3.71 -18.62 37.70
CA GLU A 593 -2.80 -18.24 38.78
C GLU A 593 -1.38 -18.16 38.25
N SER A 594 -0.68 -17.08 38.60
CA SER A 594 0.64 -16.80 38.07
C SER A 594 1.68 -16.83 39.18
N ASN A 595 2.91 -17.18 38.79
CA ASN A 595 4.05 -17.15 39.70
C ASN A 595 4.84 -15.87 39.60
N LYS A 596 4.40 -14.89 38.82
CA LYS A 596 5.08 -13.61 38.73
C LYS A 596 4.97 -12.87 40.06
N LYS A 597 5.93 -11.98 40.30
CA LYS A 597 6.01 -11.23 41.55
C LYS A 597 5.99 -9.74 41.23
N PHE A 598 4.78 -9.18 41.16
CA PHE A 598 4.63 -7.75 40.98
C PHE A 598 5.18 -7.02 42.19
N LEU A 599 5.58 -5.77 41.98
CA LEU A 599 5.89 -4.89 43.10
C LEU A 599 4.59 -4.36 43.70
N PRO A 600 4.62 -3.92 44.95
CA PRO A 600 3.36 -3.54 45.62
C PRO A 600 2.56 -2.50 44.85
N PHE A 601 3.21 -1.57 44.17
CA PHE A 601 2.52 -0.48 43.49
C PHE A 601 2.12 -0.81 42.07
N GLN A 602 2.44 -1.99 41.57
CA GLN A 602 2.18 -2.36 40.19
C GLN A 602 0.87 -3.13 40.09
N GLN A 603 0.09 -2.82 39.04
CA GLN A 603 -1.22 -3.44 38.85
C GLN A 603 -1.22 -4.38 37.65
N PHE A 604 -0.84 -3.90 36.47
CA PHE A 604 -0.92 -4.70 35.26
C PHE A 604 0.43 -5.33 34.97
N GLY A 605 0.46 -6.13 33.90
CA GLY A 605 1.69 -6.69 33.39
C GLY A 605 1.65 -6.72 31.89
N ARG A 606 2.65 -6.13 31.25
CA ARG A 606 2.68 -6.00 29.80
C ARG A 606 3.78 -6.87 29.22
N ASP A 607 3.68 -7.11 27.92
CA ASP A 607 4.62 -7.97 27.20
C ASP A 607 5.57 -7.12 26.37
N ILE A 608 6.44 -7.81 25.63
CA ILE A 608 7.39 -7.10 24.78
C ILE A 608 6.66 -6.25 23.76
N ALA A 609 5.55 -6.77 23.23
CA ALA A 609 4.73 -6.05 22.26
C ALA A 609 3.76 -5.08 22.92
N ASP A 610 3.97 -4.76 24.19
CA ASP A 610 3.10 -3.81 24.90
C ASP A 610 1.65 -4.27 24.91
N THR A 611 1.44 -5.56 25.19
CA THR A 611 0.11 -6.13 25.30
C THR A 611 -0.05 -6.71 26.70
N THR A 612 -1.17 -6.42 27.34
CA THR A 612 -1.39 -6.87 28.71
C THR A 612 -1.42 -8.39 28.76
N ASP A 613 -0.69 -8.97 29.70
CA ASP A 613 -0.64 -10.42 29.87
C ASP A 613 -0.76 -10.88 31.31
N ALA A 614 -0.63 -9.98 32.29
CA ALA A 614 -0.83 -10.32 33.69
C ALA A 614 -1.62 -9.21 34.34
N VAL A 615 -2.33 -9.55 35.42
CA VAL A 615 -3.16 -8.57 36.12
C VAL A 615 -3.17 -8.92 37.60
N ARG A 616 -3.48 -7.92 38.42
CA ARG A 616 -3.59 -8.08 39.86
C ARG A 616 -5.03 -7.82 40.27
N ASP A 617 -5.63 -8.77 40.96
CA ASP A 617 -7.03 -8.64 41.37
C ASP A 617 -7.14 -7.58 42.44
N PRO A 618 -7.94 -6.52 42.24
CA PRO A 618 -7.98 -5.44 43.24
C PRO A 618 -8.36 -5.89 44.63
N GLN A 619 -9.30 -6.84 44.74
CA GLN A 619 -9.76 -7.26 46.06
C GLN A 619 -8.75 -8.16 46.74
N THR A 620 -8.46 -9.31 46.15
CA THR A 620 -7.40 -10.19 46.61
C THR A 620 -6.13 -9.89 45.83
N LEU A 621 -5.09 -9.45 46.53
CA LEU A 621 -3.85 -9.04 45.88
C LEU A 621 -3.08 -10.28 45.43
N GLU A 622 -3.47 -10.79 44.27
CA GLU A 622 -2.77 -11.90 43.64
C GLU A 622 -2.61 -11.60 42.15
N ILE A 623 -1.57 -12.17 41.56
CA ILE A 623 -1.22 -11.92 40.17
C ILE A 623 -1.75 -13.06 39.33
N LEU A 624 -2.62 -12.73 38.37
CA LEU A 624 -3.24 -13.70 37.49
C LEU A 624 -2.73 -13.51 36.07
N ASP A 625 -2.21 -14.58 35.48
CA ASP A 625 -1.82 -14.54 34.09
C ASP A 625 -3.05 -14.45 33.21
N ILE A 626 -2.87 -13.90 32.01
CA ILE A 626 -3.94 -13.79 31.02
C ILE A 626 -3.45 -14.45 29.75
N THR A 627 -4.26 -15.36 29.21
CA THR A 627 -3.96 -16.06 27.98
C THR A 627 -5.12 -15.88 27.02
N PRO A 628 -4.88 -15.44 25.78
CA PRO A 628 -6.00 -15.20 24.87
C PRO A 628 -6.81 -16.47 24.64
N CYS A 629 -8.13 -16.29 24.50
CA CYS A 629 -8.99 -17.44 24.27
C CYS A 629 -8.59 -18.16 23.00
N SER A 630 -8.60 -19.48 23.05
CA SER A 630 -8.10 -20.28 21.94
C SER A 630 -8.84 -19.93 20.66
N PHE A 631 -8.09 -19.87 19.55
CA PHE A 631 -8.66 -19.55 18.26
C PHE A 631 -7.74 -20.11 17.18
N GLY A 632 -8.26 -20.16 15.96
CA GLY A 632 -7.49 -20.63 14.82
C GLY A 632 -8.34 -20.86 13.60
N GLY A 633 -7.72 -20.95 12.43
CA GLY A 633 -8.45 -21.19 11.22
C GLY A 633 -8.94 -22.62 11.13
N VAL A 634 -9.97 -22.82 10.31
CA VAL A 634 -10.56 -24.13 10.08
C VAL A 634 -10.35 -24.49 8.62
N SER A 635 -9.71 -25.62 8.38
CA SER A 635 -9.42 -26.09 7.03
C SER A 635 -10.17 -27.38 6.78
N VAL A 636 -10.69 -27.53 5.55
CA VAL A 636 -11.45 -28.70 5.15
C VAL A 636 -10.60 -29.49 4.17
N ILE A 637 -10.36 -30.75 4.51
CA ILE A 637 -9.56 -31.64 3.69
C ILE A 637 -10.52 -32.54 2.92
N THR A 638 -10.51 -32.41 1.60
CA THR A 638 -11.46 -33.15 0.77
C THR A 638 -10.76 -33.67 -0.48
N PRO A 639 -11.06 -34.90 -0.89
CA PRO A 639 -10.66 -35.32 -2.24
C PRO A 639 -11.57 -34.66 -3.27
N GLY A 640 -11.40 -35.01 -4.54
CA GLY A 640 -12.24 -34.40 -5.56
C GLY A 640 -13.71 -34.61 -5.25
N THR A 641 -14.51 -33.59 -5.58
CA THR A 641 -15.95 -33.70 -5.34
C THR A 641 -16.53 -34.91 -6.06
N ASN A 642 -16.16 -35.10 -7.33
CA ASN A 642 -16.64 -36.25 -8.07
C ASN A 642 -16.19 -37.56 -7.43
N THR A 643 -14.99 -37.57 -6.85
CA THR A 643 -14.51 -38.80 -6.22
C THR A 643 -15.39 -39.20 -5.04
N SER A 644 -15.78 -38.24 -4.21
CA SER A 644 -16.64 -38.53 -3.07
C SER A 644 -16.98 -37.23 -2.36
N ASN A 645 -18.00 -37.30 -1.50
CA ASN A 645 -18.43 -36.16 -0.71
C ASN A 645 -17.92 -36.20 0.72
N GLN A 646 -17.15 -37.22 1.09
CA GLN A 646 -16.60 -37.29 2.44
C GLN A 646 -15.48 -36.27 2.61
N VAL A 647 -15.37 -35.74 3.82
CA VAL A 647 -14.38 -34.71 4.12
C VAL A 647 -13.87 -34.90 5.55
N ALA A 648 -12.80 -34.17 5.86
CA ALA A 648 -12.25 -34.10 7.20
C ALA A 648 -11.78 -32.69 7.46
N VAL A 649 -12.04 -32.17 8.66
CA VAL A 649 -11.73 -30.80 9.00
C VAL A 649 -10.53 -30.77 9.94
N LEU A 650 -9.73 -29.72 9.83
CA LEU A 650 -8.55 -29.51 10.66
C LEU A 650 -8.69 -28.17 11.36
N TYR A 651 -8.64 -28.18 12.68
CA TYR A 651 -8.70 -26.96 13.48
C TYR A 651 -7.26 -26.55 13.79
N GLN A 652 -6.73 -25.62 13.01
CA GLN A 652 -5.30 -25.34 13.05
C GLN A 652 -4.89 -24.79 14.40
N GLY A 653 -3.83 -25.37 14.95
CA GLY A 653 -3.25 -24.85 16.18
C GLY A 653 -4.18 -24.86 17.37
N VAL A 654 -5.01 -25.89 17.49
CA VAL A 654 -5.92 -26.05 18.62
C VAL A 654 -6.01 -27.52 18.96
N ASN A 655 -5.99 -27.84 20.25
CA ASN A 655 -6.27 -29.19 20.70
C ASN A 655 -7.77 -29.37 20.83
N CYS A 656 -8.26 -30.52 20.42
CA CYS A 656 -9.68 -30.80 20.37
C CYS A 656 -10.25 -31.26 21.70
N THR A 657 -9.61 -30.89 22.81
CA THR A 657 -10.36 -30.81 24.06
C THR A 657 -11.25 -29.57 24.07
N GLU A 658 -11.08 -28.67 23.09
CA GLU A 658 -11.88 -27.47 22.99
C GLU A 658 -12.66 -27.35 21.69
N VAL A 659 -12.36 -28.20 20.70
CA VAL A 659 -13.03 -28.08 19.41
C VAL A 659 -14.54 -28.23 19.53
N PRO A 660 -15.07 -29.20 20.28
CA PRO A 660 -16.54 -29.35 20.35
C PRO A 660 -17.25 -28.10 20.83
N VAL A 661 -16.53 -27.12 21.39
CA VAL A 661 -17.17 -25.88 21.81
C VAL A 661 -17.85 -25.20 20.63
N ALA A 662 -17.17 -25.14 19.49
CA ALA A 662 -17.74 -24.53 18.29
C ALA A 662 -18.37 -25.58 17.40
N TYR A 675 -20.26 -32.70 13.78
CA TYR A 675 -18.90 -33.17 13.98
C TYR A 675 -18.47 -33.00 15.44
N SER A 676 -19.38 -32.48 16.27
CA SER A 676 -19.10 -32.34 17.69
C SER A 676 -18.86 -33.70 18.33
N THR A 677 -19.67 -34.69 17.96
CA THR A 677 -19.50 -36.03 18.51
C THR A 677 -18.12 -36.60 18.16
N GLY A 678 -17.70 -36.44 16.90
CA GLY A 678 -16.38 -36.87 16.50
C GLY A 678 -16.34 -38.31 16.03
N SER A 679 -15.94 -39.20 16.93
CA SER A 679 -15.65 -40.62 16.68
C SER A 679 -14.31 -40.79 15.99
N ASN A 680 -13.63 -39.69 15.63
CA ASN A 680 -12.30 -39.77 15.05
C ASN A 680 -11.62 -38.42 15.32
N VAL A 681 -10.79 -38.39 16.35
CA VAL A 681 -10.00 -37.21 16.69
C VAL A 681 -8.55 -37.64 16.79
N PHE A 682 -7.69 -37.03 15.99
CA PHE A 682 -6.27 -37.38 15.93
C PHE A 682 -5.47 -36.10 16.18
N GLN A 683 -5.05 -35.90 17.42
CA GLN A 683 -4.28 -34.72 17.76
C GLN A 683 -2.95 -34.73 17.03
N THR A 684 -2.75 -33.74 16.17
CA THR A 684 -1.50 -33.57 15.44
C THR A 684 -0.83 -32.28 15.88
N ARG A 685 0.45 -32.14 15.50
CA ARG A 685 1.18 -30.93 15.83
C ARG A 685 0.62 -29.70 15.11
N ALA A 686 -0.22 -29.89 14.11
CA ALA A 686 -0.80 -28.79 13.34
C ALA A 686 -2.23 -28.48 13.75
N GLY A 687 -2.72 -29.08 14.83
CA GLY A 687 -4.11 -28.95 15.23
C GLY A 687 -4.83 -30.27 15.17
N CYS A 688 -5.94 -30.37 15.88
CA CYS A 688 -6.66 -31.65 15.95
C CYS A 688 -7.43 -31.89 14.66
N LEU A 689 -7.32 -33.12 14.16
CA LEU A 689 -7.94 -33.54 12.91
C LEU A 689 -9.18 -34.36 13.22
N ILE A 690 -10.29 -34.04 12.56
CA ILE A 690 -11.57 -34.68 12.81
C ILE A 690 -12.07 -35.32 11.53
N GLY A 691 -12.51 -36.57 11.63
CA GLY A 691 -13.05 -37.28 10.50
C GLY A 691 -12.06 -38.08 9.69
N ALA A 692 -10.80 -38.16 10.13
CA ALA A 692 -9.77 -38.89 9.42
C ALA A 692 -9.22 -40.00 10.30
N GLU A 693 -9.07 -41.18 9.71
CA GLU A 693 -8.49 -42.31 10.43
C GLU A 693 -6.97 -42.16 10.47
N HIS A 694 -6.37 -42.55 11.59
CA HIS A 694 -4.93 -42.46 11.77
C HIS A 694 -4.33 -43.85 11.59
N VAL A 695 -3.44 -43.98 10.61
CA VAL A 695 -2.76 -45.23 10.31
C VAL A 695 -1.26 -44.95 10.28
N ASN A 696 -0.48 -45.86 10.86
CA ASN A 696 0.97 -45.72 10.87
C ASN A 696 1.64 -46.52 9.75
N ASN A 697 1.02 -46.55 8.58
CA ASN A 697 1.74 -46.85 7.36
C ASN A 697 2.51 -45.58 6.97
N SER A 698 3.10 -45.57 5.79
CA SER A 698 3.81 -44.38 5.33
C SER A 698 3.76 -44.36 3.81
N TYR A 699 3.07 -43.38 3.25
CA TYR A 699 2.90 -43.25 1.81
C TYR A 699 3.44 -41.90 1.36
N GLU A 700 3.44 -41.70 0.05
CA GLU A 700 3.80 -40.41 -0.50
C GLU A 700 2.72 -39.40 -0.14
N CYS A 701 3.15 -38.19 0.22
CA CYS A 701 2.19 -37.17 0.61
C CYS A 701 1.20 -36.91 -0.52
N ASP A 702 -0.08 -36.80 -0.15
CA ASP A 702 -1.14 -36.52 -1.10
C ASP A 702 -1.77 -35.15 -0.87
N ILE A 703 -2.30 -34.91 0.33
CA ILE A 703 -2.81 -33.60 0.71
C ILE A 703 -2.03 -33.14 1.93
N PRO A 704 -1.12 -32.17 1.80
CA PRO A 704 -0.31 -31.77 2.96
C PRO A 704 -1.19 -31.19 4.05
N ILE A 705 -0.78 -31.43 5.30
CA ILE A 705 -1.46 -30.88 6.47
C ILE A 705 -0.51 -30.03 7.31
N GLY A 706 0.70 -30.53 7.55
CA GLY A 706 1.69 -29.78 8.29
C GLY A 706 2.38 -30.60 9.34
N ALA A 707 3.51 -30.13 9.83
CA ALA A 707 4.26 -30.82 10.88
C ALA A 707 4.53 -32.27 10.50
N GLY A 708 4.63 -32.55 9.21
CA GLY A 708 4.95 -33.88 8.75
C GLY A 708 3.78 -34.82 8.62
N ILE A 709 2.56 -34.32 8.51
CA ILE A 709 1.38 -35.14 8.39
C ILE A 709 0.72 -34.86 7.05
N CYS A 710 0.21 -35.91 6.40
CA CYS A 710 -0.49 -35.79 5.14
C CYS A 710 -1.76 -36.62 5.18
N ALA A 711 -2.74 -36.23 4.38
CA ALA A 711 -4.02 -36.92 4.30
C ALA A 711 -4.23 -37.46 2.90
N SER A 712 -4.92 -38.59 2.81
CA SER A 712 -5.20 -39.22 1.53
C SER A 712 -6.49 -40.00 1.63
N TYR A 713 -7.06 -40.32 0.46
CA TYR A 713 -8.32 -41.05 0.36
C TYR A 713 -8.01 -42.47 -0.11
N GLN A 714 -8.22 -43.44 0.76
CA GLN A 714 -7.87 -44.82 0.44
C GLN A 714 -8.85 -45.78 1.11
N THR A 715 -8.95 -46.97 0.52
CA THR A 715 -9.83 -48.03 1.00
C THR A 715 -9.07 -48.94 1.97
N GLN A 716 -9.64 -50.11 2.24
CA GLN A 716 -9.01 -51.16 3.03
C GLN A 716 -9.30 -50.99 4.51
N THR A 717 -9.24 -52.08 5.26
CA THR A 717 -9.52 -52.07 6.69
C THR A 717 -8.60 -53.04 7.42
N VAL A 726 -12.41 -54.37 3.84
CA VAL A 726 -12.17 -53.71 2.57
C VAL A 726 -13.25 -52.66 2.32
N ALA A 727 -13.20 -52.05 1.14
CA ALA A 727 -14.19 -51.03 0.76
C ALA A 727 -14.13 -49.92 1.81
N SER A 728 -15.27 -49.28 2.09
CA SER A 728 -15.34 -48.23 3.10
C SER A 728 -14.28 -47.16 2.86
N GLN A 729 -14.12 -46.77 1.59
CA GLN A 729 -13.18 -45.73 1.22
C GLN A 729 -13.32 -44.54 2.16
N SER A 730 -12.23 -44.21 2.85
CA SER A 730 -12.25 -43.15 3.86
C SER A 730 -10.98 -42.31 3.73
N ILE A 731 -10.91 -41.26 4.55
CA ILE A 731 -9.77 -40.36 4.57
C ILE A 731 -8.87 -40.78 5.71
N ILE A 732 -7.58 -40.92 5.42
CA ILE A 732 -6.60 -41.39 6.39
C ILE A 732 -5.52 -40.34 6.59
N ALA A 733 -4.89 -40.37 7.75
CA ALA A 733 -3.78 -39.48 8.08
C ALA A 733 -2.58 -40.32 8.47
N TYR A 734 -1.40 -39.87 8.07
CA TYR A 734 -0.18 -40.64 8.27
C TYR A 734 1.01 -39.69 8.26
N THR A 735 2.15 -40.20 8.68
CA THR A 735 3.40 -39.47 8.60
C THR A 735 4.03 -39.75 7.24
N MET A 736 4.21 -38.70 6.45
CA MET A 736 4.64 -38.88 5.07
C MET A 736 6.01 -39.57 5.02
N SER A 737 6.21 -40.36 3.98
CA SER A 737 7.44 -41.11 3.78
C SER A 737 8.31 -40.38 2.77
N LEU A 738 9.59 -40.22 3.11
CA LEU A 738 10.51 -39.53 2.22
C LEU A 738 10.90 -40.36 1.02
N GLY A 739 10.68 -41.67 1.07
CA GLY A 739 11.03 -42.54 -0.04
C GLY A 739 11.49 -43.90 0.43
N ALA A 740 11.55 -44.85 -0.49
CA ALA A 740 11.97 -46.21 -0.13
C ALA A 740 13.40 -46.18 0.39
N GLU A 741 13.62 -46.85 1.52
CA GLU A 741 14.97 -46.95 2.05
C GLU A 741 15.86 -47.72 1.08
N ASN A 742 17.12 -47.30 1.00
CA ASN A 742 18.09 -47.97 0.15
C ASN A 742 19.44 -47.94 0.83
N SER A 743 20.26 -48.95 0.54
CA SER A 743 21.58 -49.08 1.13
C SER A 743 22.54 -49.51 0.02
N VAL A 744 23.36 -48.58 -0.44
CA VAL A 744 24.31 -48.89 -1.50
C VAL A 744 25.34 -49.87 -0.97
N ALA A 745 25.67 -50.88 -1.79
CA ALA A 745 26.60 -51.93 -1.38
C ALA A 745 28.04 -51.46 -1.57
N TYR A 746 28.36 -50.31 -0.98
CA TYR A 746 29.69 -49.75 -1.11
C TYR A 746 30.71 -50.69 -0.48
N SER A 747 31.90 -50.72 -1.09
CA SER A 747 32.97 -51.57 -0.58
C SER A 747 34.30 -50.98 -1.02
N ASN A 748 35.36 -51.43 -0.35
CA ASN A 748 36.70 -50.96 -0.67
C ASN A 748 37.01 -51.09 -2.16
N ASN A 749 36.58 -52.19 -2.77
CA ASN A 749 37.00 -52.53 -4.13
C ASN A 749 35.84 -53.08 -4.96
N SER A 750 34.68 -52.43 -4.90
CA SER A 750 33.53 -52.82 -5.68
C SER A 750 33.03 -51.64 -6.48
N ILE A 751 32.77 -51.85 -7.77
CA ILE A 751 32.27 -50.82 -8.66
C ILE A 751 31.15 -51.42 -9.50
N ALA A 752 30.08 -50.64 -9.69
CA ALA A 752 28.95 -51.05 -10.52
C ALA A 752 28.93 -50.20 -11.78
N ILE A 753 29.00 -50.86 -12.93
CA ILE A 753 29.07 -50.20 -14.22
C ILE A 753 27.83 -50.56 -15.01
N PRO A 754 27.08 -49.59 -15.54
CA PRO A 754 25.89 -49.95 -16.32
C PRO A 754 26.25 -50.71 -17.59
N THR A 755 25.37 -51.62 -17.97
CA THR A 755 25.53 -52.40 -19.19
C THR A 755 24.51 -52.04 -20.25
N ASN A 756 23.68 -51.04 -20.01
CA ASN A 756 22.59 -50.71 -20.91
C ASN A 756 22.01 -49.37 -20.50
N PHE A 757 21.28 -48.75 -21.41
CA PHE A 757 20.79 -47.40 -21.22
C PHE A 757 19.34 -47.30 -21.64
N THR A 758 18.72 -46.17 -21.29
CA THR A 758 17.39 -45.83 -21.77
C THR A 758 17.36 -44.34 -22.09
N ILE A 759 16.77 -43.99 -23.22
CA ILE A 759 16.61 -42.60 -23.61
C ILE A 759 15.31 -42.09 -23.01
N SER A 760 15.41 -41.09 -22.15
CA SER A 760 14.26 -40.55 -21.44
C SER A 760 13.96 -39.14 -21.93
N VAL A 761 12.68 -38.88 -22.19
CA VAL A 761 12.22 -37.56 -22.63
C VAL A 761 11.25 -37.05 -21.58
N THR A 762 11.54 -35.88 -21.01
CA THR A 762 10.73 -35.30 -19.96
C THR A 762 10.38 -33.87 -20.33
N THR A 763 9.24 -33.40 -19.84
CA THR A 763 8.70 -32.10 -20.20
C THR A 763 8.81 -31.16 -19.01
N GLU A 764 9.24 -29.93 -19.28
CA GLU A 764 9.34 -28.88 -18.28
C GLU A 764 8.63 -27.63 -18.80
N ILE A 765 7.75 -27.07 -17.99
CA ILE A 765 6.91 -25.94 -18.37
C ILE A 765 7.36 -24.71 -17.60
N LEU A 766 7.39 -23.57 -18.28
CA LEU A 766 7.83 -22.33 -17.67
C LEU A 766 6.99 -21.15 -18.16
N PRO A 767 6.33 -20.40 -17.27
CA PRO A 767 5.63 -19.19 -17.73
C PRO A 767 6.63 -18.18 -18.28
N VAL A 768 6.21 -17.46 -19.32
CA VAL A 768 7.09 -16.50 -19.97
C VAL A 768 6.48 -15.10 -19.92
N SER A 769 5.15 -15.02 -19.89
CA SER A 769 4.50 -13.72 -19.91
C SER A 769 3.07 -13.88 -19.41
N MET A 770 2.48 -12.75 -19.03
CA MET A 770 1.11 -12.70 -18.55
C MET A 770 0.36 -11.63 -19.33
N THR A 771 -0.97 -11.75 -19.35
CA THR A 771 -1.78 -10.90 -20.21
C THR A 771 -1.53 -9.43 -19.90
N LYS A 772 -1.37 -8.64 -20.95
CA LYS A 772 -1.28 -7.20 -20.80
C LYS A 772 -2.59 -6.66 -20.25
N THR A 773 -2.51 -5.51 -19.59
CA THR A 773 -3.69 -4.89 -19.00
C THR A 773 -3.42 -3.42 -18.76
N SER A 774 -4.21 -2.57 -19.41
CA SER A 774 -4.14 -1.13 -19.20
C SER A 774 -5.44 -0.69 -18.54
N VAL A 775 -5.34 0.18 -17.54
CA VAL A 775 -6.47 0.64 -16.77
C VAL A 775 -6.51 2.15 -16.82
N ASP A 776 -7.68 2.71 -17.14
CA ASP A 776 -7.89 4.15 -17.10
C ASP A 776 -8.27 4.51 -15.67
N CYS A 777 -7.32 5.08 -14.94
CA CYS A 777 -7.55 5.41 -13.54
C CYS A 777 -8.76 6.31 -13.38
N THR A 778 -8.83 7.37 -14.18
CA THR A 778 -9.91 8.33 -14.05
C THR A 778 -11.26 7.67 -14.34
N MET A 779 -11.35 6.91 -15.43
CA MET A 779 -12.61 6.26 -15.75
C MET A 779 -13.02 5.31 -14.65
N TYR A 780 -12.08 4.49 -14.17
CA TYR A 780 -12.40 3.52 -13.14
C TYR A 780 -12.94 4.21 -11.90
N ILE A 781 -12.25 5.24 -11.42
CA ILE A 781 -12.62 5.85 -10.15
C ILE A 781 -13.89 6.67 -10.31
N CYS A 782 -13.99 7.48 -11.35
CA CYS A 782 -15.03 8.50 -11.50
C CYS A 782 -15.71 8.36 -12.85
N GLY A 783 -16.13 7.15 -13.20
CA GLY A 783 -16.65 6.90 -14.52
C GLY A 783 -17.70 7.90 -14.96
N ASP A 784 -17.35 8.72 -15.95
CA ASP A 784 -18.27 9.67 -16.56
C ASP A 784 -18.93 10.56 -15.50
N SER A 785 -18.10 11.35 -14.82
CA SER A 785 -18.59 12.24 -13.77
C SER A 785 -17.62 13.41 -13.66
N THR A 786 -18.04 14.58 -14.16
CA THR A 786 -17.17 15.74 -14.13
C THR A 786 -16.83 16.15 -12.71
N GLU A 787 -17.82 16.14 -11.82
CA GLU A 787 -17.57 16.54 -10.44
C GLU A 787 -16.58 15.61 -9.77
N CYS A 788 -16.77 14.30 -9.95
CA CYS A 788 -15.85 13.34 -9.35
C CYS A 788 -14.46 13.48 -9.93
N SER A 789 -14.35 13.72 -11.25
CA SER A 789 -13.03 13.92 -11.84
C SER A 789 -12.34 15.16 -11.27
N ASN A 790 -13.08 16.26 -11.13
CA ASN A 790 -12.49 17.46 -10.56
C ASN A 790 -12.04 17.22 -9.14
N LEU A 791 -12.84 16.50 -8.35
CA LEU A 791 -12.41 16.17 -7.00
C LEU A 791 -11.14 15.31 -7.02
N LEU A 792 -11.09 14.35 -7.93
CA LEU A 792 -9.91 13.50 -8.04
C LEU A 792 -8.67 14.30 -8.40
N LEU A 793 -8.84 15.38 -9.15
CA LEU A 793 -7.68 16.18 -9.54
C LEU A 793 -6.92 16.70 -8.35
N GLN A 794 -7.55 16.78 -7.18
CA GLN A 794 -6.88 17.28 -5.98
C GLN A 794 -5.87 16.28 -5.42
N TYR A 795 -5.84 15.05 -5.93
CA TYR A 795 -4.98 14.02 -5.37
C TYR A 795 -3.62 13.94 -6.05
N GLY A 796 -3.32 14.82 -6.99
CA GLY A 796 -2.01 14.86 -7.59
C GLY A 796 -1.93 14.00 -8.83
N SER A 797 -0.89 13.18 -8.92
CA SER A 797 -0.60 12.40 -10.11
C SER A 797 -0.65 10.91 -9.83
N PHE A 798 -1.55 10.47 -8.95
CA PHE A 798 -1.67 9.04 -8.68
C PHE A 798 -2.11 8.29 -9.93
N CYS A 799 -3.08 8.84 -10.67
CA CYS A 799 -3.52 8.18 -11.88
C CYS A 799 -2.38 8.05 -12.89
N THR A 800 -1.59 9.12 -13.04
CA THR A 800 -0.46 9.06 -13.95
C THR A 800 0.55 8.00 -13.50
N GLN A 801 0.83 7.93 -12.21
CA GLN A 801 1.77 6.92 -11.72
C GLN A 801 1.26 5.52 -12.02
N LEU A 802 -0.02 5.26 -11.75
CA LEU A 802 -0.56 3.93 -12.00
C LEU A 802 -0.52 3.58 -13.48
N ASN A 803 -0.89 4.52 -14.34
CA ASN A 803 -0.83 4.26 -15.77
C ASN A 803 0.59 3.96 -16.21
N ARG A 804 1.57 4.71 -15.69
CA ARG A 804 2.95 4.46 -16.05
C ARG A 804 3.39 3.06 -15.61
N ALA A 805 3.01 2.66 -14.40
CA ALA A 805 3.41 1.34 -13.93
C ALA A 805 2.82 0.24 -14.80
N LEU A 806 1.53 0.35 -15.11
CA LEU A 806 0.90 -0.68 -15.93
C LEU A 806 1.50 -0.71 -17.34
N THR A 807 1.81 0.45 -17.91
CA THR A 807 2.44 0.47 -19.21
C THR A 807 3.81 -0.19 -19.17
N GLY A 808 4.57 0.06 -18.11
CA GLY A 808 5.86 -0.60 -17.96
C GLY A 808 5.71 -2.11 -17.93
N ILE A 809 4.75 -2.60 -17.15
CA ILE A 809 4.52 -4.04 -17.10
C ILE A 809 4.16 -4.58 -18.48
N ALA A 810 3.27 -3.88 -19.17
CA ALA A 810 2.83 -4.34 -20.48
C ALA A 810 4.00 -4.45 -21.45
N VAL A 811 4.85 -3.42 -21.50
CA VAL A 811 6.00 -3.47 -22.40
C VAL A 811 6.94 -4.59 -22.00
N GLU A 812 7.15 -4.77 -20.70
CA GLU A 812 8.07 -5.81 -20.24
C GLU A 812 7.57 -7.19 -20.63
N GLN A 813 6.26 -7.39 -20.74
CA GLN A 813 5.77 -8.69 -21.19
C GLN A 813 6.27 -9.02 -22.59
N ASP A 814 6.13 -8.06 -23.51
CA ASP A 814 6.63 -8.27 -24.87
C ASP A 814 8.14 -8.47 -24.86
N LYS A 815 8.85 -7.72 -24.02
CA LYS A 815 10.29 -7.92 -23.93
C LYS A 815 10.62 -9.34 -23.49
N ASN A 816 9.87 -9.87 -22.52
CA ASN A 816 10.09 -11.23 -22.06
C ASN A 816 9.90 -12.23 -23.19
N THR A 817 8.78 -12.13 -23.91
CA THR A 817 8.54 -13.08 -24.99
C THR A 817 9.63 -12.99 -26.04
N GLN A 818 10.03 -11.76 -26.42
CA GLN A 818 11.07 -11.60 -27.40
C GLN A 818 12.37 -12.25 -26.94
N GLU A 819 12.76 -12.00 -25.69
CA GLU A 819 14.01 -12.55 -25.20
C GLU A 819 13.98 -14.07 -25.21
N VAL A 820 12.86 -14.66 -24.80
CA VAL A 820 12.80 -16.12 -24.72
C VAL A 820 12.85 -16.74 -26.11
N PHE A 821 12.07 -16.22 -27.05
CA PHE A 821 11.86 -16.93 -28.31
C PHE A 821 12.74 -16.43 -29.45
N ALA A 822 12.82 -15.11 -29.65
CA ALA A 822 13.53 -14.59 -30.81
C ALA A 822 15.03 -14.71 -30.63
N GLN A 823 15.55 -15.93 -30.61
CA GLN A 823 16.97 -16.19 -30.47
C GLN A 823 17.64 -16.58 -31.77
N VAL A 824 16.89 -16.65 -32.87
CA VAL A 824 17.43 -17.05 -34.17
C VAL A 824 17.26 -15.88 -35.12
N LYS A 825 18.37 -15.42 -35.70
CA LYS A 825 18.32 -14.36 -36.68
C LYS A 825 17.76 -14.82 -38.02
N GLN A 826 17.64 -16.13 -38.23
CA GLN A 826 17.23 -16.68 -39.50
C GLN A 826 16.18 -17.76 -39.27
N ILE A 827 15.19 -17.82 -40.15
CA ILE A 827 14.08 -18.77 -40.00
C ILE A 827 14.45 -20.02 -40.80
N TYR A 828 15.08 -20.97 -40.13
CA TYR A 828 15.45 -22.21 -40.78
C TYR A 828 14.21 -23.06 -41.06
N LYS A 829 14.32 -23.89 -42.09
CA LYS A 829 13.20 -24.71 -42.53
C LYS A 829 13.68 -26.14 -42.72
N THR A 830 12.94 -27.08 -42.15
CA THR A 830 13.31 -28.48 -42.27
C THR A 830 13.19 -28.94 -43.72
N PRO A 831 14.04 -29.86 -44.15
CA PRO A 831 13.98 -30.32 -45.54
C PRO A 831 12.74 -31.15 -45.78
N PRO A 832 12.28 -31.24 -47.03
CA PRO A 832 11.07 -32.04 -47.31
C PRO A 832 11.21 -33.50 -46.93
N ILE A 833 12.40 -34.07 -47.09
CA ILE A 833 12.61 -35.50 -46.86
C ILE A 833 13.13 -35.68 -45.43
N LYS A 834 12.39 -36.44 -44.64
CA LYS A 834 12.70 -36.60 -43.21
C LYS A 834 13.52 -37.88 -43.01
N ASP A 835 14.76 -37.84 -43.50
CA ASP A 835 15.70 -38.94 -43.36
C ASP A 835 16.67 -38.62 -42.22
N PHE A 836 16.18 -38.80 -41.00
CA PHE A 836 16.93 -38.47 -39.80
C PHE A 836 17.49 -39.72 -39.11
N GLY A 837 17.93 -40.68 -39.90
CA GLY A 837 18.60 -41.85 -39.35
C GLY A 837 17.74 -42.66 -38.40
N GLY A 838 16.44 -42.73 -38.65
CA GLY A 838 15.54 -43.51 -37.85
C GLY A 838 14.80 -42.74 -36.79
N PHE A 839 15.31 -41.57 -36.38
CA PHE A 839 14.57 -40.72 -35.46
C PHE A 839 13.38 -40.12 -36.17
N ASN A 840 12.33 -39.85 -35.40
CA ASN A 840 11.04 -39.49 -35.98
C ASN A 840 10.48 -38.29 -35.24
N PHE A 841 10.50 -37.13 -35.89
CA PHE A 841 10.10 -35.86 -35.28
C PHE A 841 8.76 -35.38 -35.83
N SER A 842 7.89 -36.29 -36.25
CA SER A 842 6.63 -35.87 -36.85
C SER A 842 5.76 -35.15 -35.85
N GLN A 843 5.77 -35.58 -34.59
CA GLN A 843 4.84 -35.04 -33.60
C GLN A 843 5.27 -33.69 -33.04
N ILE A 844 6.48 -33.22 -33.35
CA ILE A 844 6.92 -31.91 -32.89
C ILE A 844 7.14 -30.93 -34.02
N LEU A 845 7.35 -31.39 -35.25
CA LEU A 845 7.49 -30.48 -36.38
C LEU A 845 6.13 -29.92 -36.77
N PRO A 846 6.11 -28.81 -37.50
CA PRO A 846 4.82 -28.19 -37.86
C PRO A 846 3.96 -29.12 -38.69
N ASP A 847 2.64 -28.98 -38.52
CA ASP A 847 1.68 -29.74 -39.30
C ASP A 847 1.10 -28.81 -40.37
N PRO A 848 1.43 -28.99 -41.65
CA PRO A 848 0.93 -28.04 -42.65
C PRO A 848 -0.59 -27.95 -42.72
N SER A 849 -1.30 -29.04 -42.44
CA SER A 849 -2.74 -29.05 -42.64
C SER A 849 -3.43 -28.00 -41.76
N LYS A 850 -3.03 -27.91 -40.50
CA LYS A 850 -3.71 -27.02 -39.57
C LYS A 850 -3.59 -25.58 -40.07
N PRO A 851 -4.63 -24.76 -39.91
CA PRO A 851 -4.49 -23.34 -40.28
C PRO A 851 -3.39 -22.64 -39.52
N SER A 852 -3.22 -22.97 -38.24
CA SER A 852 -2.10 -22.51 -37.45
C SER A 852 -0.98 -23.53 -37.56
N LYS A 853 0.18 -23.11 -38.06
CA LYS A 853 1.26 -24.03 -38.38
C LYS A 853 1.93 -24.47 -37.08
N ARG A 854 1.16 -25.19 -36.26
CA ARG A 854 1.62 -25.69 -34.98
C ARG A 854 1.65 -27.20 -35.00
N SER A 855 2.58 -27.77 -34.23
CA SER A 855 2.74 -29.21 -34.20
C SER A 855 1.63 -29.85 -33.38
N PHE A 856 1.61 -31.19 -33.41
CA PHE A 856 0.59 -31.94 -32.68
C PHE A 856 0.64 -31.62 -31.19
N ILE A 857 1.82 -31.63 -30.60
CA ILE A 857 1.94 -31.39 -29.18
C ILE A 857 1.60 -29.94 -28.85
N GLU A 858 1.96 -29.01 -29.72
CA GLU A 858 1.60 -27.62 -29.49
C GLU A 858 0.08 -27.45 -29.48
N ASP A 859 -0.60 -28.11 -30.42
CA ASP A 859 -2.06 -28.06 -30.41
C ASP A 859 -2.63 -28.70 -29.15
N LEU A 860 -2.05 -29.81 -28.72
CA LEU A 860 -2.49 -30.44 -27.48
C LEU A 860 -2.41 -29.46 -26.32
N LEU A 861 -1.27 -28.78 -26.18
CA LEU A 861 -1.10 -27.84 -25.08
C LEU A 861 -2.10 -26.69 -25.19
N PHE A 862 -2.27 -26.14 -26.39
CA PHE A 862 -3.16 -25.01 -26.55
C PHE A 862 -4.59 -25.39 -26.18
N ASN A 863 -5.01 -26.60 -26.54
CA ASN A 863 -6.33 -27.05 -26.12
C ASN A 863 -6.40 -27.33 -24.62
N LYS A 864 -5.31 -27.81 -24.03
CA LYS A 864 -5.32 -28.10 -22.60
C LYS A 864 -5.52 -26.83 -21.78
N VAL A 865 -4.84 -25.76 -22.13
CA VAL A 865 -4.95 -24.52 -21.36
C VAL A 865 -6.24 -23.80 -21.74
N THR A 866 -7.07 -23.51 -20.75
CA THR A 866 -8.35 -22.84 -20.95
C THR A 866 -8.15 -21.35 -20.68
N LEU A 867 -7.68 -20.65 -21.71
CA LEU A 867 -7.37 -19.23 -21.56
C LEU A 867 -8.64 -18.40 -21.44
N ALA A 868 -8.56 -17.34 -20.63
CA ALA A 868 -9.64 -16.40 -20.43
C ALA A 868 -9.11 -14.99 -20.61
N ASP A 869 -10.00 -14.08 -21.04
CA ASP A 869 -9.62 -12.71 -21.33
C ASP A 869 -8.60 -12.65 -22.47
N ALA A 870 -9.03 -13.16 -23.63
CA ALA A 870 -8.13 -13.21 -24.78
C ALA A 870 -7.68 -11.81 -25.20
N GLY A 871 -8.60 -10.86 -25.20
CA GLY A 871 -8.26 -9.50 -25.58
C GLY A 871 -8.33 -9.26 -27.07
N PHE A 872 -9.31 -9.88 -27.73
CA PHE A 872 -9.49 -9.71 -29.17
C PHE A 872 -10.10 -8.33 -29.44
N ILE A 873 -10.47 -8.09 -30.71
CA ILE A 873 -11.10 -6.83 -31.05
C ILE A 873 -12.41 -6.66 -30.30
N LYS A 874 -13.13 -7.76 -30.11
CA LYS A 874 -14.39 -7.73 -29.34
C LYS A 874 -15.38 -6.76 -29.96
N ASP A 887 -18.14 -13.88 -21.22
CA ASP A 887 -18.90 -12.69 -20.86
C ASP A 887 -18.16 -11.87 -19.82
N LEU A 888 -17.47 -12.54 -18.91
CA LEU A 888 -16.69 -11.83 -17.90
C LEU A 888 -15.67 -10.91 -18.54
N ILE A 889 -15.22 -11.24 -19.75
CA ILE A 889 -14.26 -10.38 -20.44
C ILE A 889 -14.90 -9.06 -20.82
N CYS A 890 -16.17 -9.09 -21.25
CA CYS A 890 -16.88 -7.86 -21.57
C CYS A 890 -17.05 -6.98 -20.34
N ALA A 891 -17.38 -7.59 -19.21
CA ALA A 891 -17.53 -6.83 -17.96
C ALA A 891 -16.21 -6.20 -17.55
N GLN A 892 -15.10 -6.93 -17.71
CA GLN A 892 -13.80 -6.35 -17.41
C GLN A 892 -13.47 -5.22 -18.39
N LYS A 893 -13.80 -5.39 -19.67
CA LYS A 893 -13.67 -4.31 -20.64
C LYS A 893 -14.64 -3.17 -20.36
N PHE A 894 -15.61 -3.39 -19.48
CA PHE A 894 -16.69 -2.43 -19.24
C PHE A 894 -16.20 -1.20 -18.50
N ASN A 895 -15.39 -1.39 -17.46
CA ASN A 895 -15.12 -0.36 -16.47
C ASN A 895 -13.75 0.29 -16.64
N GLY A 896 -13.30 0.46 -17.88
CA GLY A 896 -12.00 1.05 -18.12
C GLY A 896 -10.83 0.11 -17.97
N LEU A 897 -11.08 -1.19 -17.81
CA LEU A 897 -10.01 -2.19 -17.72
C LEU A 897 -9.92 -2.86 -19.09
N THR A 898 -8.94 -2.46 -19.88
CA THR A 898 -8.77 -2.95 -21.23
C THR A 898 -7.55 -3.85 -21.30
N VAL A 899 -7.61 -4.83 -22.19
CA VAL A 899 -6.53 -5.80 -22.38
C VAL A 899 -5.89 -5.56 -23.74
N LEU A 900 -4.57 -5.36 -23.74
CA LEU A 900 -3.85 -5.12 -24.98
C LEU A 900 -3.36 -6.45 -25.56
N PRO A 901 -3.32 -6.60 -26.88
CA PRO A 901 -2.90 -7.88 -27.46
C PRO A 901 -1.39 -7.98 -27.49
N PRO A 902 -0.85 -9.19 -27.36
CA PRO A 902 0.61 -9.33 -27.39
C PRO A 902 1.17 -8.96 -28.75
N LEU A 903 2.40 -8.45 -28.74
CA LEU A 903 3.02 -7.99 -29.98
C LEU A 903 3.21 -9.13 -30.97
N LEU A 904 3.64 -10.29 -30.48
CA LEU A 904 3.88 -11.46 -31.32
C LEU A 904 2.68 -12.39 -31.22
N THR A 905 2.03 -12.66 -32.34
CA THR A 905 0.88 -13.56 -32.33
C THR A 905 1.35 -15.00 -32.18
N ASP A 906 0.40 -15.87 -31.84
CA ASP A 906 0.72 -17.27 -31.64
C ASP A 906 1.34 -17.88 -32.88
N GLU A 907 0.90 -17.44 -34.07
CA GLU A 907 1.52 -17.95 -35.30
C GLU A 907 2.99 -17.58 -35.36
N MET A 908 3.34 -16.35 -34.98
CA MET A 908 4.74 -15.96 -34.99
C MET A 908 5.54 -16.73 -33.95
N ILE A 909 4.96 -16.95 -32.77
CA ILE A 909 5.67 -17.72 -31.76
C ILE A 909 5.93 -19.13 -32.27
N ALA A 910 4.93 -19.73 -32.92
CA ALA A 910 5.11 -21.07 -33.47
C ALA A 910 6.14 -21.08 -34.57
N GLN A 911 6.18 -20.02 -35.39
CA GLN A 911 7.21 -19.92 -36.42
C GLN A 911 8.60 -19.89 -35.79
N TYR A 912 8.78 -19.10 -34.74
CA TYR A 912 10.06 -19.06 -34.06
C TYR A 912 10.44 -20.42 -33.51
N THR A 913 9.49 -21.09 -32.87
CA THR A 913 9.76 -22.41 -32.30
C THR A 913 10.13 -23.41 -33.39
N SER A 914 9.42 -23.37 -34.52
CA SER A 914 9.74 -24.28 -35.61
C SER A 914 11.11 -23.99 -36.19
N ALA A 915 11.47 -22.72 -36.31
CA ALA A 915 12.80 -22.38 -36.79
C ALA A 915 13.87 -22.93 -35.86
N LEU A 916 13.68 -22.75 -34.55
CA LEU A 916 14.64 -23.28 -33.59
C LEU A 916 14.75 -24.79 -33.71
N LEU A 917 13.60 -25.47 -33.78
CA LEU A 917 13.61 -26.92 -33.82
C LEU A 917 14.26 -27.44 -35.09
N ALA A 918 13.94 -26.84 -36.24
CA ALA A 918 14.54 -27.29 -37.50
C ALA A 918 16.04 -27.03 -37.49
N GLY A 919 16.46 -25.85 -37.03
CA GLY A 919 17.88 -25.59 -36.93
C GLY A 919 18.57 -26.61 -36.07
N THR A 920 17.98 -26.95 -34.92
CA THR A 920 18.56 -27.98 -34.07
C THR A 920 18.71 -29.29 -34.84
N ILE A 921 17.61 -29.87 -35.28
CA ILE A 921 17.67 -31.21 -35.84
C ILE A 921 18.49 -31.27 -37.12
N THR A 922 18.72 -30.14 -37.78
CA THR A 922 19.48 -30.17 -39.03
C THR A 922 20.92 -29.73 -38.89
N SER A 923 21.29 -29.04 -37.80
CA SER A 923 22.64 -28.50 -37.71
C SER A 923 23.23 -28.59 -36.31
N GLY A 924 22.68 -29.43 -35.43
CA GLY A 924 23.28 -29.54 -34.11
C GLY A 924 23.26 -28.21 -33.39
N TRP A 925 24.39 -27.88 -32.76
CA TRP A 925 24.54 -26.65 -32.00
C TRP A 925 25.25 -25.56 -32.78
N THR A 926 25.69 -25.84 -34.01
CA THR A 926 26.48 -24.88 -34.75
C THR A 926 25.69 -23.61 -35.03
N PHE A 927 24.42 -23.75 -35.40
CA PHE A 927 23.61 -22.59 -35.74
C PHE A 927 23.46 -21.63 -34.57
N GLY A 928 23.65 -22.10 -33.34
CA GLY A 928 23.59 -21.20 -32.20
C GLY A 928 24.81 -20.31 -32.07
N ALA A 929 25.93 -20.70 -32.67
CA ALA A 929 27.16 -19.92 -32.61
C ALA A 929 27.43 -19.15 -33.88
N GLY A 930 27.03 -19.68 -35.04
CA GLY A 930 27.26 -18.98 -36.28
C GLY A 930 26.31 -19.42 -37.39
N ALA A 931 26.81 -19.52 -38.61
CA ALA A 931 25.99 -20.01 -39.70
C ALA A 931 25.66 -21.47 -39.48
N ALA A 932 24.42 -21.84 -39.76
CA ALA A 932 24.02 -23.23 -39.62
C ALA A 932 24.85 -24.12 -40.53
N LEU A 933 25.37 -25.20 -39.98
CA LEU A 933 26.18 -26.16 -40.72
C LEU A 933 25.49 -27.52 -40.64
N GLN A 934 25.14 -28.08 -41.79
CA GLN A 934 24.43 -29.35 -41.80
C GLN A 934 25.32 -30.47 -41.28
N ILE A 935 24.69 -31.52 -40.78
CA ILE A 935 25.40 -32.70 -40.33
C ILE A 935 24.37 -33.81 -40.13
N PRO A 936 24.62 -35.03 -40.59
CA PRO A 936 23.61 -36.09 -40.43
C PRO A 936 23.26 -36.28 -38.96
N PHE A 937 21.97 -36.53 -38.72
CA PHE A 937 21.50 -36.61 -37.34
C PHE A 937 22.19 -37.73 -36.57
N ALA A 938 22.52 -38.84 -37.25
CA ALA A 938 23.24 -39.90 -36.56
C ALA A 938 24.57 -39.38 -36.03
N MET A 939 25.31 -38.64 -36.85
CA MET A 939 26.59 -38.11 -36.42
C MET A 939 26.40 -37.04 -35.34
N GLN A 940 25.35 -36.25 -35.42
CA GLN A 940 25.09 -35.27 -34.36
C GLN A 940 24.86 -35.98 -33.03
N MET A 941 24.05 -37.04 -33.05
CA MET A 941 23.82 -37.81 -31.84
C MET A 941 25.11 -38.46 -31.35
N ALA A 942 25.99 -38.86 -32.27
CA ALA A 942 27.28 -39.39 -31.86
C ALA A 942 28.09 -38.34 -31.13
N TYR A 943 28.08 -37.11 -31.64
CA TYR A 943 28.77 -36.02 -30.95
C TYR A 943 28.19 -35.82 -29.56
N ARG A 944 26.87 -35.87 -29.44
CA ARG A 944 26.25 -35.69 -28.13
C ARG A 944 26.66 -36.79 -27.17
N PHE A 945 26.68 -38.04 -27.65
CA PHE A 945 27.13 -39.15 -26.81
C PHE A 945 28.56 -38.94 -26.35
N ASN A 946 29.43 -38.53 -27.26
CA ASN A 946 30.79 -38.17 -26.85
C ASN A 946 30.77 -37.09 -25.80
N GLY A 947 29.81 -36.16 -25.91
CA GLY A 947 29.72 -35.09 -24.93
C GLY A 947 29.42 -35.61 -23.54
N ILE A 948 28.53 -36.60 -23.42
CA ILE A 948 28.18 -37.12 -22.11
C ILE A 948 29.18 -38.18 -21.68
N GLY A 949 30.26 -38.34 -22.43
CA GLY A 949 31.32 -39.24 -22.04
C GLY A 949 31.12 -40.68 -22.41
N VAL A 950 30.33 -40.98 -23.43
CA VAL A 950 30.14 -42.33 -23.93
C VAL A 950 30.66 -42.39 -25.36
N THR A 951 31.47 -43.40 -25.65
CA THR A 951 32.08 -43.49 -26.97
C THR A 951 31.02 -43.57 -28.04
N GLN A 952 31.31 -42.95 -29.19
CA GLN A 952 30.31 -42.87 -30.26
C GLN A 952 30.00 -44.23 -30.86
N ASN A 953 30.95 -45.17 -30.80
CA ASN A 953 30.69 -46.49 -31.35
C ASN A 953 29.46 -47.11 -30.71
N VAL A 954 29.17 -46.77 -29.46
CA VAL A 954 27.97 -47.27 -28.80
C VAL A 954 26.74 -46.86 -29.59
N LEU A 955 26.63 -45.58 -29.92
CA LEU A 955 25.48 -45.12 -30.69
C LEU A 955 25.48 -45.72 -32.08
N TYR A 956 26.63 -45.74 -32.76
CA TYR A 956 26.61 -46.25 -34.12
C TYR A 956 26.22 -47.73 -34.16
N GLU A 957 26.46 -48.47 -33.07
CA GLU A 957 26.08 -49.86 -33.02
C GLU A 957 24.68 -50.09 -32.48
N ASN A 958 24.11 -49.13 -31.77
CA ASN A 958 22.77 -49.27 -31.21
C ASN A 958 21.76 -48.30 -31.81
N GLN A 959 22.08 -47.72 -32.97
CA GLN A 959 21.25 -46.67 -33.54
C GLN A 959 19.78 -47.07 -33.60
N LYS A 960 19.49 -48.29 -34.05
CA LYS A 960 18.09 -48.69 -34.17
C LYS A 960 17.40 -48.71 -32.81
N LEU A 961 18.08 -49.24 -31.79
CA LEU A 961 17.51 -49.26 -30.46
C LEU A 961 17.27 -47.85 -29.94
N ILE A 962 18.25 -46.97 -30.13
CA ILE A 962 18.11 -45.60 -29.64
C ILE A 962 16.94 -44.91 -30.34
N ALA A 963 16.82 -45.11 -31.66
CA ALA A 963 15.72 -44.49 -32.38
C ALA A 963 14.38 -45.00 -31.89
N ASN A 964 14.26 -46.32 -31.68
CA ASN A 964 13.01 -46.86 -31.18
C ASN A 964 12.69 -46.30 -29.81
N GLN A 965 13.68 -46.20 -28.94
CA GLN A 965 13.43 -45.68 -27.59
C GLN A 965 13.00 -44.23 -27.65
N PHE A 966 13.64 -43.42 -28.49
CA PHE A 966 13.26 -42.01 -28.59
C PHE A 966 11.85 -41.87 -29.13
N ASN A 967 11.50 -42.63 -30.17
CA ASN A 967 10.14 -42.55 -30.71
C ASN A 967 9.12 -42.97 -29.67
N SER A 968 9.40 -44.04 -28.94
CA SER A 968 8.48 -44.49 -27.90
C SER A 968 8.32 -43.43 -26.82
N ALA A 969 9.42 -42.77 -26.44
CA ALA A 969 9.34 -41.73 -25.41
C ALA A 969 8.48 -40.56 -25.89
N ILE A 970 8.64 -40.17 -27.15
CA ILE A 970 7.83 -39.07 -27.67
C ILE A 970 6.36 -39.45 -27.68
N GLY A 971 6.06 -40.67 -28.13
CA GLY A 971 4.68 -41.12 -28.09
C GLY A 971 4.10 -41.11 -26.69
N LYS A 972 4.90 -41.57 -25.72
CA LYS A 972 4.43 -41.58 -24.33
C LYS A 972 4.15 -40.17 -23.84
N ILE A 973 5.03 -39.22 -24.15
CA ILE A 973 4.81 -37.87 -23.66
C ILE A 973 3.56 -37.28 -24.28
N GLN A 974 3.33 -37.56 -25.57
CA GLN A 974 2.11 -37.08 -26.22
C GLN A 974 0.87 -37.67 -25.54
N ASP A 975 0.90 -38.96 -25.26
CA ASP A 975 -0.24 -39.60 -24.62
C ASP A 975 -0.48 -39.03 -23.23
N SER A 976 0.60 -38.80 -22.48
CA SER A 976 0.45 -38.25 -21.14
C SER A 976 -0.16 -36.86 -21.18
N LEU A 977 0.30 -36.01 -22.11
CA LEU A 977 -0.29 -34.68 -22.23
C LEU A 977 -1.76 -34.78 -22.62
N SER A 978 -2.09 -35.67 -23.56
CA SER A 978 -3.47 -35.80 -24.01
C SER A 978 -4.38 -36.26 -22.87
N SER A 979 -3.91 -37.20 -22.05
CA SER A 979 -4.76 -37.77 -21.02
C SER A 979 -4.82 -36.88 -19.78
N THR A 980 -3.69 -36.67 -19.12
CA THR A 980 -3.68 -35.94 -17.87
C THR A 980 -3.93 -34.45 -18.12
N ALA A 981 -4.34 -33.75 -17.06
CA ALA A 981 -4.66 -32.34 -17.13
C ALA A 981 -3.89 -31.47 -16.14
N SER A 982 -3.13 -32.07 -15.24
CA SER A 982 -2.36 -31.32 -14.25
C SER A 982 -0.97 -30.92 -14.75
N ALA A 983 -0.63 -31.27 -15.99
CA ALA A 983 0.71 -30.99 -16.49
C ALA A 983 0.97 -29.48 -16.56
N LEU A 984 -0.02 -28.71 -17.02
CA LEU A 984 0.16 -27.28 -17.25
C LEU A 984 -0.29 -26.44 -16.07
N GLY A 985 -0.11 -26.96 -14.86
CA GLY A 985 -0.56 -26.26 -13.69
C GLY A 985 0.03 -24.87 -13.55
N LYS A 986 1.29 -24.69 -13.97
CA LYS A 986 1.93 -23.39 -13.80
C LYS A 986 1.26 -22.32 -14.66
N LEU A 987 1.08 -22.60 -15.95
CA LEU A 987 0.42 -21.64 -16.82
C LEU A 987 -1.02 -21.42 -16.37
N GLN A 988 -1.71 -22.49 -15.98
CA GLN A 988 -3.08 -22.32 -15.50
C GLN A 988 -3.12 -21.45 -14.26
N ASP A 989 -2.14 -21.60 -13.37
CA ASP A 989 -2.09 -20.78 -12.16
C ASP A 989 -1.85 -19.33 -12.50
N VAL A 990 -0.97 -19.06 -13.45
CA VAL A 990 -0.75 -17.66 -13.85
C VAL A 990 -2.05 -17.05 -14.36
N VAL A 991 -2.73 -17.77 -15.25
CA VAL A 991 -3.97 -17.25 -15.82
C VAL A 991 -5.00 -17.02 -14.71
N ASN A 992 -5.13 -17.98 -13.81
CA ASN A 992 -6.12 -17.86 -12.74
C ASN A 992 -5.80 -16.69 -11.83
N GLN A 993 -4.52 -16.51 -11.50
CA GLN A 993 -4.15 -15.39 -10.63
C GLN A 993 -4.52 -14.06 -11.27
N ASN A 994 -4.19 -13.90 -12.56
CA ASN A 994 -4.53 -12.65 -13.23
C ASN A 994 -6.05 -12.43 -13.24
N ALA A 995 -6.80 -13.47 -13.60
CA ALA A 995 -8.24 -13.33 -13.67
C ALA A 995 -8.83 -12.99 -12.31
N GLN A 996 -8.32 -13.64 -11.25
CA GLN A 996 -8.85 -13.39 -9.92
C GLN A 996 -8.55 -11.97 -9.45
N ALA A 997 -7.34 -11.48 -9.73
CA ALA A 997 -7.03 -10.10 -9.37
C ALA A 997 -7.97 -9.13 -10.09
N LEU A 998 -8.19 -9.36 -11.38
CA LEU A 998 -9.10 -8.47 -12.11
C LEU A 998 -10.51 -8.54 -11.55
N ASN A 999 -10.97 -9.75 -11.22
CA ASN A 999 -12.32 -9.91 -10.69
C ASN A 999 -12.47 -9.17 -9.37
N THR A 1000 -11.47 -9.28 -8.49
CA THR A 1000 -11.54 -8.55 -7.23
C THR A 1000 -11.56 -7.05 -7.47
N LEU A 1001 -10.72 -6.58 -8.40
CA LEU A 1001 -10.70 -5.15 -8.68
C LEU A 1001 -12.06 -4.66 -9.15
N VAL A 1002 -12.70 -5.41 -10.05
CA VAL A 1002 -14.00 -5.00 -10.54
C VAL A 1002 -15.05 -5.06 -9.44
N LYS A 1003 -15.04 -6.13 -8.64
CA LYS A 1003 -16.02 -6.28 -7.59
C LYS A 1003 -15.89 -5.23 -6.52
N GLN A 1004 -14.70 -4.64 -6.35
CA GLN A 1004 -14.56 -3.58 -5.35
C GLN A 1004 -15.40 -2.36 -5.69
N LEU A 1005 -15.91 -2.26 -6.90
CA LEU A 1005 -16.75 -1.12 -7.28
C LEU A 1005 -18.12 -1.16 -6.61
N SER A 1006 -18.48 -2.25 -5.94
CA SER A 1006 -19.78 -2.38 -5.31
C SER A 1006 -19.75 -2.03 -3.82
N SER A 1007 -18.63 -1.55 -3.31
CA SER A 1007 -18.50 -1.24 -1.89
C SER A 1007 -18.88 0.21 -1.64
N ASN A 1008 -19.50 0.45 -0.48
CA ASN A 1008 -19.89 1.80 -0.11
C ASN A 1008 -18.69 2.61 0.38
N PHE A 1009 -17.76 1.97 1.07
CA PHE A 1009 -16.63 2.66 1.69
C PHE A 1009 -17.12 3.74 2.66
N GLY A 1010 -18.34 3.58 3.18
CA GLY A 1010 -18.92 4.56 4.07
C GLY A 1010 -19.83 5.57 3.41
N ALA A 1011 -19.86 5.62 2.09
CA ALA A 1011 -20.76 6.52 1.40
C ALA A 1011 -22.20 6.04 1.53
N ILE A 1012 -23.14 6.92 1.20
CA ILE A 1012 -24.55 6.56 1.28
C ILE A 1012 -24.89 5.46 0.29
N SER A 1013 -24.23 5.46 -0.86
CA SER A 1013 -24.46 4.44 -1.87
C SER A 1013 -23.19 4.25 -2.67
N SER A 1014 -23.09 3.09 -3.32
CA SER A 1014 -21.93 2.74 -4.13
C SER A 1014 -22.09 3.11 -5.59
N VAL A 1015 -23.16 3.81 -5.95
CA VAL A 1015 -23.40 4.23 -7.32
C VAL A 1015 -23.20 5.73 -7.40
N LEU A 1016 -22.23 6.15 -8.22
CA LEU A 1016 -21.89 7.56 -8.28
C LEU A 1016 -23.05 8.39 -8.82
N ASN A 1017 -23.74 7.88 -9.84
CA ASN A 1017 -24.86 8.63 -10.39
C ASN A 1017 -25.95 8.81 -9.35
N ASP A 1018 -26.22 7.77 -8.56
CA ASP A 1018 -27.21 7.89 -7.50
C ASP A 1018 -26.77 8.92 -6.46
N ILE A 1019 -25.53 8.83 -5.99
CA ILE A 1019 -25.06 9.80 -5.01
C ILE A 1019 -25.14 11.22 -5.55
N LEU A 1020 -24.96 11.39 -6.86
CA LEU A 1020 -25.02 12.72 -7.46
C LEU A 1020 -26.44 13.21 -7.61
N SER A 1021 -27.38 12.32 -7.95
CA SER A 1021 -28.74 12.72 -8.27
C SER A 1021 -29.63 12.86 -7.04
N ARG A 1022 -29.12 12.59 -5.85
CA ARG A 1022 -29.87 12.73 -4.62
C ARG A 1022 -29.46 13.93 -3.79
N LEU A 1023 -28.17 14.20 -3.67
CA LEU A 1023 -27.67 15.28 -2.85
C LEU A 1023 -27.25 16.46 -3.72
N ASP A 1024 -27.20 17.62 -3.10
CA ASP A 1024 -26.79 18.84 -3.77
C ASP A 1024 -25.27 18.96 -3.77
N PRO A 1025 -24.72 19.80 -4.65
CA PRO A 1025 -23.27 19.90 -4.78
C PRO A 1025 -22.59 20.22 -3.46
N PRO A 1026 -23.16 21.10 -2.63
CA PRO A 1026 -22.45 21.45 -1.39
C PRO A 1026 -22.27 20.30 -0.43
N GLU A 1027 -23.05 19.23 -0.55
CA GLU A 1027 -23.03 18.14 0.41
C GLU A 1027 -22.71 16.78 -0.19
N ALA A 1028 -22.43 16.71 -1.49
CA ALA A 1028 -22.06 15.44 -2.12
C ALA A 1028 -20.56 15.21 -2.12
N GLU A 1029 -19.76 16.22 -1.79
CA GLU A 1029 -18.31 16.03 -1.79
C GLU A 1029 -17.88 15.02 -0.76
N VAL A 1030 -18.56 14.93 0.38
CA VAL A 1030 -18.16 13.95 1.38
C VAL A 1030 -18.30 12.55 0.82
N GLN A 1031 -19.45 12.25 0.21
CA GLN A 1031 -19.67 10.92 -0.35
C GLN A 1031 -18.71 10.64 -1.50
N ILE A 1032 -18.54 11.63 -2.40
CA ILE A 1032 -17.64 11.41 -3.53
C ILE A 1032 -16.22 11.19 -3.04
N ASP A 1033 -15.81 11.90 -1.98
CA ASP A 1033 -14.48 11.73 -1.44
C ASP A 1033 -14.30 10.35 -0.84
N ARG A 1034 -15.32 9.84 -0.13
CA ARG A 1034 -15.22 8.49 0.42
C ARG A 1034 -15.05 7.48 -0.71
N LEU A 1035 -15.89 7.59 -1.74
CA LEU A 1035 -15.78 6.66 -2.86
C LEU A 1035 -14.42 6.78 -3.54
N ILE A 1036 -13.94 8.00 -3.74
CA ILE A 1036 -12.65 8.20 -4.39
C ILE A 1036 -11.54 7.56 -3.59
N THR A 1037 -11.54 7.78 -2.28
CA THR A 1037 -10.52 7.17 -1.42
C THR A 1037 -10.54 5.66 -1.55
N GLY A 1038 -11.72 5.05 -1.42
CA GLY A 1038 -11.79 3.61 -1.49
C GLY A 1038 -11.32 3.06 -2.81
N ARG A 1039 -11.80 3.64 -3.91
CA ARG A 1039 -11.46 3.11 -5.23
C ARG A 1039 -9.99 3.34 -5.54
N LEU A 1040 -9.44 4.47 -5.13
CA LEU A 1040 -8.02 4.72 -5.34
C LEU A 1040 -7.18 3.71 -4.56
N GLN A 1041 -7.60 3.39 -3.33
CA GLN A 1041 -6.88 2.36 -2.58
C GLN A 1041 -6.94 1.02 -3.29
N SER A 1042 -8.11 0.65 -3.81
CA SER A 1042 -8.23 -0.61 -4.55
C SER A 1042 -7.29 -0.62 -5.73
N LEU A 1043 -7.25 0.48 -6.49
CA LEU A 1043 -6.36 0.54 -7.65
C LEU A 1043 -4.90 0.41 -7.25
N GLN A 1044 -4.49 1.11 -6.20
CA GLN A 1044 -3.10 1.04 -5.77
C GLN A 1044 -2.74 -0.38 -5.36
N THR A 1045 -3.61 -1.04 -4.60
CA THR A 1045 -3.34 -2.42 -4.22
C THR A 1045 -3.20 -3.30 -5.44
N TYR A 1046 -4.10 -3.16 -6.41
CA TYR A 1046 -4.02 -3.97 -7.61
C TYR A 1046 -2.70 -3.74 -8.33
N VAL A 1047 -2.28 -2.48 -8.46
CA VAL A 1047 -1.07 -2.18 -9.21
C VAL A 1047 0.15 -2.74 -8.50
N THR A 1048 0.20 -2.64 -7.18
CA THR A 1048 1.34 -3.19 -6.46
C THR A 1048 1.40 -4.70 -6.60
N GLN A 1049 0.26 -5.38 -6.49
CA GLN A 1049 0.23 -6.82 -6.68
C GLN A 1049 0.72 -7.17 -8.08
N GLN A 1050 0.28 -6.42 -9.08
CA GLN A 1050 0.70 -6.69 -10.45
C GLN A 1050 2.20 -6.49 -10.61
N LEU A 1051 2.75 -5.46 -9.97
CA LEU A 1051 4.19 -5.22 -10.07
C LEU A 1051 4.97 -6.41 -9.50
N ILE A 1052 4.54 -6.90 -8.34
CA ILE A 1052 5.25 -8.04 -7.75
C ILE A 1052 5.11 -9.28 -8.63
N ARG A 1053 3.91 -9.53 -9.14
CA ARG A 1053 3.70 -10.68 -10.01
C ARG A 1053 4.53 -10.56 -11.27
N ALA A 1054 4.64 -9.36 -11.81
CA ALA A 1054 5.44 -9.15 -13.01
C ALA A 1054 6.91 -9.41 -12.74
N ALA A 1055 7.40 -9.02 -11.57
CA ALA A 1055 8.77 -9.35 -11.21
C ALA A 1055 8.98 -10.85 -11.18
N GLU A 1056 8.04 -11.59 -10.57
CA GLU A 1056 8.16 -13.04 -10.54
C GLU A 1056 8.15 -13.62 -11.95
N ILE A 1057 7.26 -13.15 -12.80
CA ILE A 1057 7.17 -13.66 -14.16
C ILE A 1057 8.43 -13.33 -14.94
N ARG A 1058 9.02 -12.15 -14.69
CA ARG A 1058 10.27 -11.81 -15.35
C ARG A 1058 11.39 -12.73 -14.93
N ALA A 1059 11.45 -13.08 -13.65
CA ALA A 1059 12.45 -14.06 -13.22
C ALA A 1059 12.25 -15.38 -13.95
N SER A 1060 11.00 -15.83 -14.04
CA SER A 1060 10.72 -17.09 -14.74
C SER A 1060 11.10 -17.00 -16.20
N ALA A 1061 10.83 -15.86 -16.84
CA ALA A 1061 11.13 -15.71 -18.26
C ALA A 1061 12.63 -15.66 -18.50
N ASN A 1062 13.38 -15.04 -17.61
CA ASN A 1062 14.84 -15.08 -17.72
C ASN A 1062 15.35 -16.49 -17.57
N LEU A 1063 14.79 -17.26 -16.64
CA LEU A 1063 15.18 -18.65 -16.52
C LEU A 1063 14.87 -19.42 -17.79
N ALA A 1064 13.70 -19.17 -18.39
CA ALA A 1064 13.33 -19.87 -19.61
C ALA A 1064 14.26 -19.50 -20.76
N ALA A 1065 14.62 -18.22 -20.87
CA ALA A 1065 15.54 -17.81 -21.92
C ALA A 1065 16.90 -18.47 -21.75
N THR A 1066 17.40 -18.51 -20.52
CA THR A 1066 18.66 -19.20 -20.27
C THR A 1066 18.56 -20.67 -20.59
N LYS A 1067 17.45 -21.30 -20.22
CA LYS A 1067 17.27 -22.72 -20.52
C LYS A 1067 17.29 -22.95 -22.02
N MET A 1068 16.60 -22.10 -22.78
CA MET A 1068 16.63 -22.23 -24.22
C MET A 1068 18.06 -22.12 -24.74
N SER A 1069 18.75 -21.05 -24.35
CA SER A 1069 20.10 -20.81 -24.87
C SER A 1069 21.03 -21.97 -24.54
N GLU A 1070 20.89 -22.56 -23.36
CA GLU A 1070 21.87 -23.52 -22.90
C GLU A 1070 21.51 -24.98 -23.15
N CYS A 1071 20.23 -25.30 -23.36
CA CYS A 1071 19.82 -26.66 -23.64
C CYS A 1071 19.40 -26.87 -25.09
N VAL A 1072 18.74 -25.91 -25.72
CA VAL A 1072 18.33 -26.10 -27.11
C VAL A 1072 19.48 -25.74 -28.05
N LEU A 1073 20.04 -24.55 -27.90
CA LEU A 1073 21.13 -24.12 -28.77
C LEU A 1073 22.43 -24.83 -28.48
N GLY A 1074 22.50 -25.63 -27.41
CA GLY A 1074 23.73 -26.33 -27.09
C GLY A 1074 23.45 -27.49 -26.17
N GLN A 1075 24.52 -28.16 -25.76
CA GLN A 1075 24.46 -29.28 -24.83
C GLN A 1075 24.99 -28.82 -23.48
N SER A 1076 24.24 -29.12 -22.43
CA SER A 1076 24.52 -28.59 -21.10
C SER A 1076 25.16 -29.67 -20.23
N LYS A 1077 26.25 -29.29 -19.56
CA LYS A 1077 26.86 -30.16 -18.56
C LYS A 1077 26.36 -29.89 -17.15
N ARG A 1078 25.56 -28.85 -16.96
CA ARG A 1078 25.04 -28.54 -15.64
C ARG A 1078 24.02 -29.61 -15.22
N VAL A 1079 24.20 -30.15 -14.02
CA VAL A 1079 23.40 -31.28 -13.59
C VAL A 1079 21.98 -30.81 -13.32
N ASP A 1080 21.01 -31.63 -13.73
CA ASP A 1080 19.59 -31.41 -13.45
C ASP A 1080 19.10 -30.07 -13.97
N PHE A 1081 19.87 -29.40 -14.82
CA PHE A 1081 19.39 -28.17 -15.43
C PHE A 1081 18.41 -28.48 -16.55
N CYS A 1082 18.88 -29.20 -17.57
CA CYS A 1082 18.02 -29.62 -18.68
C CYS A 1082 17.56 -31.06 -18.47
N GLY A 1083 16.79 -31.27 -17.42
CA GLY A 1083 16.18 -32.55 -17.15
C GLY A 1083 17.08 -33.48 -16.35
N LYS A 1084 16.48 -34.60 -15.92
CA LYS A 1084 17.18 -35.57 -15.12
C LYS A 1084 18.00 -36.52 -15.99
N GLY A 1085 19.19 -36.87 -15.53
CA GLY A 1085 20.09 -37.69 -16.30
C GLY A 1085 21.11 -36.87 -17.06
N TYR A 1086 21.91 -37.56 -17.86
CA TYR A 1086 22.90 -36.88 -18.68
C TYR A 1086 22.21 -36.28 -19.89
N HIS A 1087 22.28 -34.96 -20.02
CA HIS A 1087 21.52 -34.27 -21.05
C HIS A 1087 22.09 -34.56 -22.43
N LEU A 1088 21.20 -34.77 -23.40
CA LEU A 1088 21.58 -34.95 -24.79
C LEU A 1088 21.11 -33.80 -25.65
N MET A 1089 19.80 -33.53 -25.67
CA MET A 1089 19.28 -32.43 -26.48
C MET A 1089 17.89 -32.08 -25.96
N SER A 1090 17.43 -30.90 -26.33
CA SER A 1090 16.12 -30.41 -25.94
C SER A 1090 15.41 -29.83 -27.15
N PHE A 1091 14.08 -29.83 -27.09
CA PHE A 1091 13.25 -29.30 -28.15
C PHE A 1091 12.23 -28.35 -27.53
N PRO A 1092 12.09 -27.13 -28.04
CA PRO A 1092 11.09 -26.22 -27.49
C PRO A 1092 9.73 -26.40 -28.14
N GLN A 1093 8.69 -26.16 -27.34
CA GLN A 1093 7.32 -26.21 -27.82
C GLN A 1093 6.56 -25.07 -27.16
N SER A 1094 6.04 -24.16 -27.97
CA SER A 1094 5.33 -23.01 -27.44
C SER A 1094 4.04 -23.44 -26.77
N ALA A 1095 3.67 -22.75 -25.70
CA ALA A 1095 2.42 -22.97 -24.99
C ALA A 1095 1.83 -21.62 -24.66
N PRO A 1096 0.52 -21.56 -24.39
CA PRO A 1096 -0.10 -20.28 -24.06
C PRO A 1096 0.60 -19.61 -22.89
N HIS A 1097 1.19 -18.44 -23.14
CA HIS A 1097 1.86 -17.65 -22.11
C HIS A 1097 3.01 -18.41 -21.48
N GLY A 1098 3.65 -19.29 -22.24
CA GLY A 1098 4.75 -20.06 -21.69
C GLY A 1098 5.41 -20.89 -22.77
N VAL A 1099 6.39 -21.66 -22.33
CA VAL A 1099 7.14 -22.53 -23.23
C VAL A 1099 7.28 -23.90 -22.57
N VAL A 1100 7.40 -24.93 -23.40
CA VAL A 1100 7.54 -26.31 -22.94
C VAL A 1100 8.80 -26.89 -23.57
N PHE A 1101 9.67 -27.45 -22.74
CA PHE A 1101 10.91 -28.07 -23.19
C PHE A 1101 10.78 -29.58 -23.08
N LEU A 1102 11.22 -30.28 -24.12
CA LEU A 1102 11.27 -31.74 -24.12
C LEU A 1102 12.74 -32.12 -23.99
N HIS A 1103 13.19 -32.31 -22.75
CA HIS A 1103 14.59 -32.64 -22.48
C HIS A 1103 14.83 -34.11 -22.81
N VAL A 1104 15.71 -34.37 -23.76
CA VAL A 1104 16.11 -35.73 -24.11
C VAL A 1104 17.39 -36.05 -23.36
N THR A 1105 17.37 -37.11 -22.56
CA THR A 1105 18.46 -37.42 -21.66
C THR A 1105 18.86 -38.89 -21.81
N TYR A 1106 20.08 -39.18 -21.39
CA TYR A 1106 20.64 -40.53 -21.39
C TYR A 1106 20.66 -41.05 -19.97
N VAL A 1107 20.13 -42.25 -19.76
CA VAL A 1107 19.95 -42.78 -18.42
C VAL A 1107 20.49 -44.21 -18.34
N PRO A 1108 21.54 -44.48 -17.58
CA PRO A 1108 22.01 -45.87 -17.43
C PRO A 1108 20.93 -46.73 -16.79
N ALA A 1109 20.82 -47.97 -17.26
CA ALA A 1109 19.69 -48.82 -16.93
C ALA A 1109 20.06 -50.04 -16.12
N GLN A 1110 20.94 -50.90 -16.63
CA GLN A 1110 21.23 -52.19 -16.00
C GLN A 1110 22.68 -52.18 -15.53
N GLU A 1111 22.87 -52.34 -14.23
CA GLU A 1111 24.20 -52.26 -13.62
C GLU A 1111 24.63 -53.66 -13.17
N LYS A 1112 25.78 -54.09 -13.66
CA LYS A 1112 26.44 -55.29 -13.19
C LYS A 1112 27.69 -54.88 -12.43
N ASN A 1113 27.88 -55.43 -11.24
CA ASN A 1113 28.92 -54.94 -10.34
C ASN A 1113 30.15 -55.83 -10.43
N PHE A 1114 31.32 -55.19 -10.58
CA PHE A 1114 32.59 -55.86 -10.79
C PHE A 1114 33.60 -55.46 -9.73
N THR A 1115 34.61 -56.30 -9.56
CA THR A 1115 35.75 -55.95 -8.71
C THR A 1115 36.67 -55.00 -9.47
N THR A 1116 37.24 -54.03 -8.75
CA THR A 1116 38.06 -53.02 -9.38
C THR A 1116 39.29 -52.74 -8.54
N ALA A 1117 40.32 -52.20 -9.19
CA ALA A 1117 41.55 -51.79 -8.54
C ALA A 1117 41.97 -50.44 -9.10
N PRO A 1118 42.56 -49.57 -8.29
CA PRO A 1118 42.97 -48.25 -8.81
C PRO A 1118 44.01 -48.32 -9.90
N ALA A 1119 44.94 -49.27 -9.83
CA ALA A 1119 46.02 -49.37 -10.80
C ALA A 1119 46.44 -50.83 -10.93
N ILE A 1120 47.44 -51.07 -11.79
CA ILE A 1120 47.88 -52.42 -12.10
C ILE A 1120 49.40 -52.46 -12.04
N CYS A 1121 49.94 -53.49 -11.41
CA CYS A 1121 51.38 -53.73 -11.36
C CYS A 1121 51.73 -54.77 -12.41
N HIS A 1122 52.60 -54.41 -13.35
CA HIS A 1122 52.94 -55.28 -14.45
C HIS A 1122 54.39 -55.76 -14.40
N ASP A 1123 55.35 -54.83 -14.39
CA ASP A 1123 56.77 -55.17 -14.40
C ASP A 1123 57.52 -54.27 -13.43
N GLY A 1124 56.97 -54.12 -12.24
CA GLY A 1124 57.49 -53.16 -11.29
C GLY A 1124 57.01 -51.74 -11.52
N LYS A 1125 56.12 -51.53 -12.48
CA LYS A 1125 55.57 -50.22 -12.78
C LYS A 1125 54.07 -50.24 -12.53
N ALA A 1126 53.52 -49.06 -12.27
CA ALA A 1126 52.10 -48.91 -12.02
C ALA A 1126 51.44 -48.34 -13.26
N HIS A 1127 50.43 -49.03 -13.78
CA HIS A 1127 49.69 -48.59 -14.95
C HIS A 1127 48.33 -48.05 -14.51
N PHE A 1128 47.98 -46.87 -15.01
CA PHE A 1128 46.68 -46.30 -14.75
C PHE A 1128 45.89 -46.20 -16.06
N PRO A 1129 44.56 -46.23 -16.00
CA PRO A 1129 43.77 -46.12 -17.24
C PRO A 1129 43.80 -44.72 -17.79
N ARG A 1130 44.01 -44.62 -19.11
CA ARG A 1130 43.94 -43.32 -19.76
C ARG A 1130 42.56 -42.70 -19.59
N GLU A 1131 41.54 -43.36 -20.11
CA GLU A 1131 40.15 -43.04 -19.79
C GLU A 1131 39.41 -44.35 -19.62
N GLY A 1132 38.77 -44.53 -18.48
CA GLY A 1132 38.09 -45.76 -18.16
C GLY A 1132 38.42 -46.17 -16.75
N VAL A 1133 38.24 -47.46 -16.46
CA VAL A 1133 38.44 -47.98 -15.13
C VAL A 1133 38.74 -49.46 -15.24
N PHE A 1134 39.57 -49.96 -14.33
CA PHE A 1134 39.93 -51.38 -14.32
C PHE A 1134 38.85 -52.17 -13.60
N VAL A 1135 38.33 -53.19 -14.27
CA VAL A 1135 37.32 -54.07 -13.70
C VAL A 1135 37.68 -55.51 -14.00
N SER A 1136 37.16 -56.41 -13.19
CA SER A 1136 37.40 -57.84 -13.35
C SER A 1136 36.09 -58.58 -13.12
N ASN A 1137 35.79 -59.54 -13.99
CA ASN A 1137 34.58 -60.33 -13.82
C ASN A 1137 34.74 -61.44 -12.79
N GLY A 1138 35.94 -61.64 -12.28
CA GLY A 1138 36.18 -62.66 -11.28
C GLY A 1138 37.47 -63.42 -11.51
N THR A 1139 37.92 -63.45 -12.75
CA THR A 1139 39.14 -64.17 -13.11
C THR A 1139 40.13 -63.32 -13.88
N HIS A 1140 39.66 -62.45 -14.76
CA HIS A 1140 40.52 -61.63 -15.60
C HIS A 1140 40.23 -60.16 -15.35
N TRP A 1141 41.14 -59.31 -15.84
CA TRP A 1141 41.04 -57.87 -15.66
C TRP A 1141 40.89 -57.18 -17.01
N PHE A 1142 40.04 -56.15 -17.05
CA PHE A 1142 39.78 -55.39 -18.25
C PHE A 1142 39.70 -53.92 -17.89
N VAL A 1143 39.80 -53.07 -18.92
CA VAL A 1143 39.62 -51.64 -18.77
C VAL A 1143 38.44 -51.25 -19.65
N THR A 1144 37.46 -50.56 -19.06
CA THR A 1144 36.24 -50.18 -19.75
C THR A 1144 35.92 -48.73 -19.48
N GLN A 1145 35.22 -48.12 -20.43
CA GLN A 1145 34.73 -46.76 -20.23
C GLN A 1145 33.75 -46.74 -19.07
N ARG A 1146 33.67 -45.61 -18.39
CA ARG A 1146 33.03 -45.55 -17.09
C ARG A 1146 31.51 -45.58 -17.15
N ASN A 1147 30.90 -45.36 -18.30
CA ASN A 1147 29.45 -45.23 -18.40
C ASN A 1147 28.82 -46.35 -19.22
N PHE A 1148 29.57 -47.35 -19.64
CA PHE A 1148 29.02 -48.43 -20.45
C PHE A 1148 29.99 -49.60 -20.40
N TYR A 1149 29.53 -50.76 -19.96
CA TYR A 1149 30.41 -51.91 -19.82
C TYR A 1149 30.85 -52.36 -21.21
N GLU A 1150 32.10 -52.04 -21.54
CA GLU A 1150 32.71 -52.45 -22.81
C GLU A 1150 34.11 -52.96 -22.52
N PRO A 1151 34.23 -54.15 -21.94
CA PRO A 1151 35.55 -54.63 -21.50
C PRO A 1151 36.51 -54.73 -22.66
N GLN A 1152 37.78 -54.42 -22.38
CA GLN A 1152 38.84 -54.50 -23.37
C GLN A 1152 40.11 -54.99 -22.70
N ILE A 1153 40.97 -55.64 -23.49
CA ILE A 1153 42.24 -56.14 -22.98
C ILE A 1153 43.10 -54.96 -22.56
N ILE A 1154 43.72 -55.07 -21.38
CA ILE A 1154 44.57 -54.01 -20.87
C ILE A 1154 45.88 -54.02 -21.67
N THR A 1155 46.12 -52.98 -22.45
CA THR A 1155 47.34 -52.84 -23.23
C THR A 1155 48.03 -51.55 -22.86
N THR A 1156 49.21 -51.35 -23.45
CA THR A 1156 49.98 -50.15 -23.19
C THR A 1156 49.30 -48.90 -23.76
N ASP A 1157 48.28 -49.07 -24.60
CA ASP A 1157 47.57 -47.92 -25.16
C ASP A 1157 46.43 -47.48 -24.26
N ASN A 1158 45.72 -48.41 -23.63
CA ASN A 1158 44.65 -48.03 -22.73
C ASN A 1158 45.18 -47.34 -21.49
N THR A 1159 46.41 -47.64 -21.10
CA THR A 1159 46.97 -47.23 -19.83
C THR A 1159 48.25 -46.44 -20.04
N PHE A 1160 48.65 -45.70 -19.00
CA PHE A 1160 49.91 -44.99 -18.98
C PHE A 1160 50.64 -45.28 -17.68
N VAL A 1161 51.95 -45.29 -17.75
CA VAL A 1161 52.79 -45.65 -16.61
C VAL A 1161 53.03 -44.43 -15.74
N SER A 1162 53.20 -44.65 -14.45
CA SER A 1162 53.55 -43.57 -13.53
C SER A 1162 54.06 -44.18 -12.24
N GLY A 1163 55.29 -43.85 -11.85
CA GLY A 1163 55.81 -44.31 -10.59
C GLY A 1163 56.06 -45.81 -10.58
N ASN A 1164 56.11 -46.35 -9.36
CA ASN A 1164 56.35 -47.77 -9.17
C ASN A 1164 55.26 -48.39 -8.31
N CYS A 1165 55.46 -49.64 -7.89
CA CYS A 1165 54.39 -50.45 -7.32
C CYS A 1165 54.12 -50.19 -5.85
N ASP A 1166 55.02 -49.53 -5.13
CA ASP A 1166 54.96 -49.49 -3.67
C ASP A 1166 54.44 -48.16 -3.14
N VAL A 1167 53.54 -47.50 -3.86
CA VAL A 1167 52.93 -46.25 -3.42
C VAL A 1167 51.41 -46.34 -3.43
N VAL A 1168 50.84 -46.87 -4.52
CA VAL A 1168 49.39 -46.88 -4.66
C VAL A 1168 48.79 -47.88 -3.68
N ILE A 1169 47.70 -47.47 -3.03
CA ILE A 1169 47.00 -48.33 -2.08
C ILE A 1169 45.93 -49.11 -2.83
N GLY A 1170 46.07 -50.42 -2.88
CA GLY A 1170 45.11 -51.27 -3.56
C GLY A 1170 45.56 -51.76 -4.91
N ILE A 1171 46.79 -51.47 -5.33
CA ILE A 1171 47.27 -51.97 -6.61
C ILE A 1171 47.26 -53.49 -6.60
N VAL A 1172 47.17 -54.07 -7.78
CA VAL A 1172 47.03 -55.51 -7.94
C VAL A 1172 47.96 -55.99 -9.04
N ASN A 1173 48.66 -57.09 -8.78
CA ASN A 1173 49.33 -57.80 -9.86
C ASN A 1173 48.42 -58.00 -11.06
N ASN A 1174 48.98 -57.83 -12.24
CA ASN A 1174 48.36 -58.30 -13.47
C ASN A 1174 49.28 -58.00 -14.63
N THR A 1175 49.19 -58.83 -15.66
CA THR A 1175 49.99 -58.62 -16.87
C THR A 1175 49.35 -57.54 -17.73
N VAL A 1176 50.18 -56.87 -18.51
CA VAL A 1176 49.74 -55.88 -19.48
C VAL A 1176 50.31 -56.27 -20.84
N TYR A 1177 49.44 -56.32 -21.84
CA TYR A 1177 49.81 -56.83 -23.15
C TYR A 1177 50.31 -55.68 -24.02
N ASP A 1178 51.52 -55.82 -24.56
CA ASP A 1178 52.12 -54.79 -25.39
C ASP A 1178 51.81 -55.09 -26.85
N PRO A 1179 51.09 -54.21 -27.57
CA PRO A 1179 50.70 -54.54 -28.95
C PRO A 1179 51.89 -54.80 -29.87
N LEU A 1180 52.99 -54.09 -29.68
CA LEU A 1180 54.11 -54.23 -30.60
C LEU A 1180 54.87 -55.53 -30.40
N GLN A 1181 54.88 -56.04 -29.16
CA GLN A 1181 55.73 -57.19 -28.86
C GLN A 1181 55.43 -58.40 -29.73
N PRO A 1182 54.20 -58.89 -29.84
CA PRO A 1182 53.96 -60.08 -30.66
C PRO A 1182 54.32 -59.88 -32.12
N GLU A 1183 54.10 -58.69 -32.67
CA GLU A 1183 54.41 -58.45 -34.07
C GLU A 1183 55.89 -58.62 -34.33
N LEU A 1184 56.73 -58.02 -33.49
CA LEU A 1184 58.18 -58.12 -33.70
C LEU A 1184 58.65 -59.55 -33.54
N ASP A 1185 58.15 -60.26 -32.52
CA ASP A 1185 58.57 -61.64 -32.30
C ASP A 1185 58.22 -62.53 -33.49
N SER A 1186 57.15 -62.18 -34.21
CA SER A 1186 56.75 -62.99 -35.37
C SER A 1186 57.87 -63.06 -36.40
N PHE A 1187 58.45 -61.91 -36.75
CA PHE A 1187 59.55 -61.89 -37.69
C PHE A 1187 60.77 -62.62 -37.12
N LYS A 1188 61.10 -62.34 -35.86
CA LYS A 1188 62.26 -62.99 -35.24
C LYS A 1188 62.08 -64.50 -35.21
N GLU A 1189 60.85 -64.97 -35.11
CA GLU A 1189 60.57 -66.40 -35.14
C GLU A 1189 60.65 -66.91 -36.58
N ALA B 66 25.99 25.72 46.00
CA ALA B 66 26.98 25.07 45.14
C ALA B 66 26.29 24.36 43.98
N TYR B 67 26.89 24.46 42.80
CA TYR B 67 26.33 23.84 41.59
C TYR B 67 26.79 22.39 41.48
N THR B 68 26.19 21.55 42.31
CA THR B 68 26.47 20.12 42.27
C THR B 68 25.83 19.49 41.03
N ASN B 69 26.32 18.31 40.67
CA ASN B 69 25.80 17.57 39.52
C ASN B 69 25.41 16.17 39.95
N SER B 70 24.16 15.80 39.67
CA SER B 70 23.73 14.42 39.83
C SER B 70 24.38 13.56 38.77
N PHE B 71 24.44 12.26 39.04
CA PHE B 71 25.10 11.32 38.14
C PHE B 71 24.11 10.38 37.47
N THR B 72 23.29 9.67 38.25
CA THR B 72 22.27 8.80 37.68
C THR B 72 21.01 8.79 38.52
N ARG B 73 20.83 9.77 39.40
CA ARG B 73 19.69 9.80 40.29
C ARG B 73 18.48 10.41 39.59
N GLY B 74 17.34 10.35 40.27
CA GLY B 74 16.12 10.91 39.71
C GLY B 74 15.37 10.00 38.78
N VAL B 75 15.54 8.68 38.92
CA VAL B 75 14.84 7.71 38.09
C VAL B 75 13.69 7.12 38.91
N TYR B 76 12.48 7.20 38.37
CA TYR B 76 11.30 6.70 39.06
C TYR B 76 10.43 5.96 38.06
N TYR B 77 9.63 5.04 38.58
CA TYR B 77 8.77 4.22 37.74
C TYR B 77 7.70 5.09 37.11
N PRO B 78 7.76 5.36 35.80
CA PRO B 78 6.81 6.32 35.22
C PRO B 78 5.36 5.87 35.26
N ASP B 79 5.10 4.58 35.47
CA ASP B 79 3.74 4.07 35.48
C ASP B 79 3.69 2.87 36.42
N LYS B 80 2.56 2.18 36.44
CA LYS B 80 2.32 1.07 37.36
C LYS B 80 2.30 -0.27 36.65
N VAL B 81 3.08 -0.40 35.58
CA VAL B 81 3.10 -1.61 34.75
C VAL B 81 4.31 -2.44 35.13
N PHE B 82 4.12 -3.75 35.21
CA PHE B 82 5.20 -4.67 35.51
C PHE B 82 5.77 -5.22 34.20
N ARG B 83 7.07 -5.05 34.01
CA ARG B 83 7.77 -5.56 32.84
C ARG B 83 9.01 -6.33 33.30
N SER B 84 9.28 -7.46 32.68
CA SER B 84 10.40 -8.31 33.05
C SER B 84 11.35 -8.48 31.87
N SER B 85 12.61 -8.17 32.08
CA SER B 85 13.64 -8.32 31.05
C SER B 85 13.25 -7.59 29.77
N VAL B 86 12.81 -6.35 29.94
CA VAL B 86 12.39 -5.51 28.83
C VAL B 86 13.10 -4.17 28.94
N LEU B 87 13.58 -3.67 27.80
CA LEU B 87 14.20 -2.35 27.74
C LEU B 87 13.16 -1.34 27.24
N HIS B 88 12.22 -1.04 28.13
CA HIS B 88 11.18 -0.08 27.80
C HIS B 88 11.75 1.32 27.69
N SER B 89 11.17 2.12 26.80
CA SER B 89 11.55 3.51 26.62
C SER B 89 10.34 4.39 26.87
N THR B 90 10.49 5.39 27.72
CA THR B 90 9.40 6.26 28.11
C THR B 90 9.77 7.72 27.84
N GLN B 91 8.75 8.49 27.48
CA GLN B 91 8.89 9.92 27.21
C GLN B 91 8.08 10.66 28.27
N ASP B 92 8.73 10.95 29.40
CA ASP B 92 8.06 11.56 30.54
C ASP B 92 9.00 12.56 31.19
N LEU B 93 8.48 13.28 32.18
CA LEU B 93 9.29 14.23 32.92
C LEU B 93 10.35 13.49 33.73
N PHE B 94 11.58 13.96 33.67
CA PHE B 94 12.70 13.27 34.29
C PHE B 94 13.76 14.30 34.68
N LEU B 95 14.68 13.87 35.53
CA LEU B 95 15.84 14.68 35.88
C LEU B 95 16.97 14.39 34.91
N PRO B 96 17.41 15.34 34.09
CA PRO B 96 18.46 15.03 33.12
C PRO B 96 19.73 14.55 33.82
N PHE B 97 20.37 13.55 33.21
CA PHE B 97 21.60 13.03 33.76
C PHE B 97 22.69 14.09 33.72
N PHE B 98 23.56 14.08 34.73
CA PHE B 98 24.68 15.01 34.82
C PHE B 98 24.21 16.44 34.58
N SER B 99 23.34 16.90 35.48
CA SER B 99 22.78 18.24 35.42
C SER B 99 23.09 19.00 36.70
N ASN B 100 23.25 20.31 36.57
CA ASN B 100 23.56 21.14 37.73
C ASN B 100 22.37 21.19 38.68
N VAL B 101 22.60 20.78 39.92
CA VAL B 101 21.57 20.76 40.96
C VAL B 101 22.06 21.65 42.10
N THR B 102 21.22 22.60 42.50
CA THR B 102 21.62 23.55 43.54
C THR B 102 21.80 22.86 44.87
N TRP B 103 22.79 23.33 45.63
CA TRP B 103 23.10 22.79 46.96
C TRP B 103 22.87 23.90 47.99
N PHE B 104 22.05 23.60 48.98
CA PHE B 104 21.69 24.56 50.02
C PHE B 104 22.34 24.16 51.34
N HIS B 105 22.20 25.05 52.33
CA HIS B 105 22.72 24.83 53.68
C HIS B 105 21.55 24.92 54.65
N ALA B 106 21.12 23.76 55.16
CA ALA B 106 19.98 23.69 56.08
C ALA B 106 20.44 24.16 57.45
N ILE B 107 20.49 25.48 57.61
CA ILE B 107 20.90 26.09 58.86
C ILE B 107 19.67 26.66 59.58
N LYS B 116 20.90 33.14 62.34
CA LYS B 116 21.39 34.26 61.55
C LYS B 116 21.20 34.00 60.06
N ARG B 117 21.91 33.00 59.54
CA ARG B 117 21.85 32.62 58.13
C ARG B 117 20.80 31.51 57.98
N PHE B 118 19.57 31.89 57.66
CA PHE B 118 18.47 30.96 57.48
C PHE B 118 18.24 30.74 56.00
N ASP B 119 18.57 29.56 55.50
CA ASP B 119 18.41 29.21 54.09
C ASP B 119 17.03 28.56 53.92
N ASN B 120 16.07 29.34 53.44
CA ASN B 120 14.71 28.85 53.26
C ASN B 120 13.95 29.74 52.29
N PRO B 121 14.30 29.73 51.00
CA PRO B 121 13.63 30.59 50.03
C PRO B 121 12.46 29.88 49.35
N VAL B 122 11.74 30.66 48.56
CA VAL B 122 10.60 30.14 47.78
C VAL B 122 11.16 29.83 46.40
N LEU B 123 11.68 28.61 46.23
CA LEU B 123 12.27 28.22 44.97
C LEU B 123 11.17 27.94 43.94
N PRO B 124 11.43 28.23 42.66
CA PRO B 124 10.40 28.00 41.65
C PRO B 124 10.11 26.52 41.48
N PHE B 125 8.89 26.23 41.03
CA PHE B 125 8.42 24.87 40.77
C PHE B 125 8.10 24.79 39.28
N ASN B 126 9.12 24.50 38.47
CA ASN B 126 8.98 24.50 37.02
C ASN B 126 8.63 23.08 36.56
N ASP B 127 7.34 22.77 36.61
CA ASP B 127 6.83 21.50 36.12
C ASP B 127 7.64 20.32 36.66
N GLY B 128 7.60 20.18 37.97
CA GLY B 128 8.29 19.10 38.62
C GLY B 128 9.49 19.59 39.40
N VAL B 129 9.88 18.82 40.41
CA VAL B 129 11.00 19.15 41.27
C VAL B 129 11.56 17.87 41.86
N TYR B 130 12.88 17.73 41.86
CA TYR B 130 13.55 16.60 42.48
C TYR B 130 14.20 17.09 43.76
N PHE B 131 13.80 16.51 44.88
CA PHE B 131 14.31 16.90 46.19
C PHE B 131 15.07 15.73 46.79
N ALA B 132 16.29 16.00 47.25
CA ALA B 132 17.10 15.01 47.95
C ALA B 132 17.77 15.69 49.13
N SER B 133 18.12 14.89 50.13
CA SER B 133 18.73 15.43 51.33
C SER B 133 19.49 14.35 52.06
N THR B 134 20.33 14.76 53.00
CA THR B 134 21.08 13.88 53.87
C THR B 134 20.88 14.27 55.32
N GLU B 135 19.62 14.48 55.70
CA GLU B 135 19.26 14.88 57.05
C GLU B 135 18.74 13.68 57.84
N LYS B 136 18.61 13.89 59.14
CA LYS B 136 18.10 12.87 60.05
C LYS B 136 17.12 13.51 61.01
N SER B 137 16.19 12.70 61.52
CA SER B 137 15.15 13.16 62.45
C SER B 137 14.21 14.17 61.80
N ASN B 138 14.16 14.21 60.48
CA ASN B 138 13.27 15.09 59.74
C ASN B 138 13.56 16.56 60.05
N ILE B 139 14.78 16.97 59.74
CA ILE B 139 15.14 18.37 59.89
C ILE B 139 14.26 19.24 58.99
N ILE B 140 14.09 18.82 57.74
CA ILE B 140 13.22 19.50 56.79
C ILE B 140 11.85 18.83 56.91
N ARG B 141 10.96 19.44 57.68
CA ARG B 141 9.68 18.82 57.99
C ARG B 141 8.84 18.59 56.74
N GLY B 142 8.44 19.66 56.07
CA GLY B 142 7.51 19.54 54.96
C GLY B 142 7.71 20.57 53.87
N TRP B 143 6.65 20.87 53.14
CA TRP B 143 6.75 21.72 51.96
C TRP B 143 5.47 22.52 51.81
N ILE B 144 5.56 23.61 51.05
CA ILE B 144 4.44 24.48 50.74
C ILE B 144 4.34 24.59 49.22
N PHE B 145 3.13 24.46 48.70
CA PHE B 145 2.88 24.55 47.28
C PHE B 145 1.76 25.54 47.02
N GLY B 146 1.80 26.17 45.85
CA GLY B 146 0.75 27.09 45.45
C GLY B 146 1.26 28.07 44.42
N THR B 147 0.48 29.13 44.24
CA THR B 147 0.82 30.20 43.32
C THR B 147 0.88 31.57 43.98
N THR B 148 0.17 31.78 45.09
CA THR B 148 0.23 33.02 45.85
C THR B 148 0.82 32.83 47.24
N LEU B 149 0.54 31.71 47.89
CA LEU B 149 1.11 31.39 49.19
C LEU B 149 0.85 32.50 50.21
N ASP B 150 -0.37 33.04 50.18
CA ASP B 150 -0.75 34.08 51.13
C ASP B 150 -2.19 33.90 51.63
N SER B 151 -2.74 32.68 51.54
CA SER B 151 -4.10 32.35 51.94
C SER B 151 -5.14 32.96 51.01
N LYS B 152 -4.74 33.70 49.97
CA LYS B 152 -5.69 34.20 49.00
C LYS B 152 -6.14 33.09 48.05
N THR B 153 -5.29 32.10 47.82
CA THR B 153 -5.61 30.96 46.98
C THR B 153 -5.24 29.68 47.71
N GLN B 154 -6.04 28.64 47.49
CA GLN B 154 -5.81 27.36 48.14
C GLN B 154 -4.38 26.89 47.89
N SER B 155 -3.74 26.40 48.95
CA SER B 155 -2.34 26.00 48.89
C SER B 155 -2.15 24.71 49.66
N LEU B 156 -1.40 23.78 49.07
CA LEU B 156 -1.10 22.52 49.74
C LEU B 156 -0.11 22.74 50.87
N LEU B 157 -0.23 21.93 51.92
CA LEU B 157 0.67 21.95 53.06
C LEU B 157 0.99 20.51 53.40
N ILE B 158 2.21 20.08 53.11
CA ILE B 158 2.61 18.69 53.27
C ILE B 158 3.39 18.54 54.56
N VAL B 159 3.15 19.45 55.52
CA VAL B 159 3.94 19.48 56.74
C VAL B 159 3.91 18.09 57.37
N ASN B 160 5.08 17.50 57.53
CA ASN B 160 5.26 16.18 58.10
C ASN B 160 5.74 16.37 59.53
N ASN B 161 5.50 15.40 60.39
CA ASN B 161 6.20 15.45 61.68
C ASN B 161 6.83 14.08 61.91
N ALA B 162 7.32 13.86 63.13
CA ALA B 162 7.98 12.61 63.45
C ALA B 162 7.04 11.40 63.51
N THR B 163 5.73 11.62 63.45
CA THR B 163 4.75 10.55 63.54
C THR B 163 4.08 10.28 62.20
N ASN B 164 3.46 11.29 61.60
CA ASN B 164 2.79 11.08 60.32
C ASN B 164 2.61 12.41 59.60
N VAL B 165 2.36 12.31 58.31
CA VAL B 165 2.10 13.47 57.48
C VAL B 165 0.64 13.89 57.65
N VAL B 166 0.39 15.19 57.47
CA VAL B 166 -0.93 15.77 57.67
C VAL B 166 -1.37 16.48 56.39
N ILE B 167 -1.05 15.90 55.22
CA ILE B 167 -1.27 16.56 53.94
C ILE B 167 -2.59 17.31 53.99
N LYS B 168 -2.56 18.59 53.61
CA LYS B 168 -3.68 19.48 53.86
C LYS B 168 -3.66 20.59 52.83
N VAL B 169 -4.74 20.71 52.07
CA VAL B 169 -4.90 21.78 51.08
C VAL B 169 -5.94 22.74 51.62
N CYS B 170 -5.47 23.91 52.06
CA CYS B 170 -6.36 24.95 52.54
C CYS B 170 -5.72 26.29 52.20
N GLU B 171 -6.51 27.35 52.31
CA GLU B 171 -5.99 28.70 52.15
C GLU B 171 -5.29 29.12 53.43
N PHE B 172 -4.36 28.31 53.90
CA PHE B 172 -3.71 28.55 55.18
C PHE B 172 -2.89 29.82 55.12
N GLN B 173 -2.89 30.57 56.21
CA GLN B 173 -2.09 31.80 56.28
C GLN B 173 -0.65 31.45 56.58
N PHE B 174 0.25 31.91 55.73
CA PHE B 174 1.67 31.57 55.82
C PHE B 174 2.43 32.72 56.45
N CYS B 175 3.10 32.45 57.56
CA CYS B 175 3.96 33.45 58.19
C CYS B 175 5.20 33.69 57.36
N ASN B 176 5.77 34.89 57.50
CA ASN B 176 6.99 35.20 56.76
C ASN B 176 8.16 34.33 57.23
N ASP B 177 8.12 33.86 58.47
CA ASP B 177 9.16 32.99 59.03
C ASP B 177 8.49 31.81 59.72
N PRO B 178 7.88 30.91 58.96
CA PRO B 178 7.20 29.74 59.56
C PRO B 178 8.13 28.55 59.79
N PHE B 179 8.94 28.67 60.84
CA PHE B 179 9.92 27.64 61.18
C PHE B 179 9.97 27.49 62.69
N LEU B 180 10.04 26.23 63.14
CA LEU B 180 9.81 25.93 64.55
C LEU B 180 10.82 26.65 65.45
N GLY B 181 12.10 26.56 65.12
CA GLY B 181 13.12 27.24 65.90
C GLY B 181 13.33 26.62 67.27
N VAL B 182 13.90 25.42 67.30
CA VAL B 182 14.21 24.72 68.55
C VAL B 182 15.73 24.62 68.66
N TYR B 183 16.29 25.25 69.70
CA TYR B 183 17.71 25.13 70.01
C TYR B 183 17.87 23.95 70.97
N TYR B 184 17.84 22.75 70.40
CA TYR B 184 17.73 21.52 71.17
C TYR B 184 19.09 20.84 71.25
N HIS B 185 19.47 20.44 72.47
CA HIS B 185 20.70 19.70 72.73
C HIS B 185 21.91 20.40 72.10
N LYS B 186 22.05 21.70 72.37
CA LYS B 186 23.22 22.45 71.96
C LYS B 186 24.02 22.95 73.16
N ASN B 187 23.41 23.72 74.05
CA ASN B 187 24.05 24.18 75.28
C ASN B 187 23.31 23.73 76.53
N ASN B 188 21.99 23.90 76.56
CA ASN B 188 21.20 23.48 77.72
C ASN B 188 21.02 21.97 77.78
N LYS B 189 21.38 21.24 76.72
CA LYS B 189 21.20 19.80 76.66
C LYS B 189 19.74 19.43 76.92
N SER B 190 18.83 20.18 76.31
CA SER B 190 17.41 19.95 76.47
C SER B 190 16.68 20.40 75.20
N TRP B 191 15.47 19.89 75.04
CA TRP B 191 14.63 20.24 73.90
C TRP B 191 13.70 21.37 74.29
N MET B 192 14.00 22.59 73.83
CA MET B 192 13.21 23.77 74.14
C MET B 192 12.66 24.36 72.84
N GLU B 193 11.45 24.90 72.92
CA GLU B 193 10.75 25.47 71.77
C GLU B 193 10.62 26.97 72.00
N SER B 194 11.47 27.74 71.30
CA SER B 194 11.44 29.20 71.45
C SER B 194 10.10 29.77 70.99
N GLU B 195 9.58 29.27 69.88
CA GLU B 195 8.31 29.75 69.35
C GLU B 195 7.66 28.64 68.53
N PHE B 196 6.37 28.83 68.25
CA PHE B 196 5.56 27.87 67.51
C PHE B 196 4.80 28.58 66.39
N ARG B 197 5.52 29.40 65.63
CA ARG B 197 4.93 30.18 64.55
C ARG B 197 4.92 29.46 63.22
N VAL B 198 5.17 28.15 63.21
CA VAL B 198 5.07 27.38 61.98
C VAL B 198 3.65 27.47 61.41
N TYR B 199 2.65 27.43 62.28
CA TYR B 199 1.26 27.59 61.91
C TYR B 199 0.78 28.97 62.29
N SER B 200 0.09 29.64 61.36
CA SER B 200 -0.44 30.98 61.59
C SER B 200 -1.96 30.97 61.70
N SER B 201 -2.67 30.45 60.70
CA SER B 201 -4.12 30.37 60.74
C SER B 201 -4.67 29.60 59.55
N ALA B 202 -5.66 28.74 59.78
CA ALA B 202 -6.37 28.05 58.71
C ALA B 202 -7.70 28.78 58.50
N ASN B 203 -7.64 29.86 57.73
CA ASN B 203 -8.81 30.71 57.57
C ASN B 203 -9.87 30.07 56.69
N ASN B 204 -9.44 29.30 55.68
CA ASN B 204 -10.36 28.79 54.66
C ASN B 204 -9.75 27.53 54.07
N CYS B 205 -10.54 26.47 53.98
CA CYS B 205 -10.04 25.18 53.53
C CYS B 205 -11.06 24.51 52.61
N THR B 206 -10.56 23.55 51.83
CA THR B 206 -11.39 22.81 50.89
C THR B 206 -11.22 21.31 51.03
N PHE B 207 -10.03 20.85 51.42
CA PHE B 207 -9.77 19.43 51.57
C PHE B 207 -8.59 19.22 52.49
N GLU B 208 -8.64 18.15 53.29
CA GLU B 208 -7.55 17.77 54.17
C GLU B 208 -7.50 16.26 54.24
N TYR B 209 -6.31 15.73 54.49
CA TYR B 209 -6.13 14.29 54.64
C TYR B 209 -4.94 14.02 55.53
N VAL B 210 -5.16 13.33 56.65
CA VAL B 210 -4.12 12.91 57.57
C VAL B 210 -3.93 11.41 57.43
N SER B 211 -2.69 10.98 57.37
CA SER B 211 -2.37 9.57 57.19
C SER B 211 -2.23 8.89 58.56
N GLN B 212 -1.93 7.60 58.52
CA GLN B 212 -1.80 6.82 59.75
C GLN B 212 -0.63 7.33 60.58
N PRO B 213 -0.74 7.34 61.91
CA PRO B 213 0.41 7.72 62.75
C PRO B 213 1.52 6.69 62.73
N PHE B 214 2.32 6.67 61.67
CA PHE B 214 3.42 5.74 61.55
C PHE B 214 4.61 6.28 62.35
N LEU B 215 5.79 5.70 62.14
CA LEU B 215 7.00 6.15 62.84
C LEU B 215 8.20 5.76 61.98
N MET B 216 8.74 6.73 61.26
CA MET B 216 9.92 6.49 60.44
C MET B 216 11.17 6.40 61.31
N ASP B 217 12.27 5.99 60.68
CA ASP B 217 13.55 5.83 61.38
C ASP B 217 14.17 7.21 61.62
N LEU B 218 13.55 7.94 62.55
CA LEU B 218 13.99 9.28 62.92
C LEU B 218 14.82 9.30 64.20
N GLU B 219 15.06 8.15 64.81
CA GLU B 219 15.81 8.12 66.07
C GLU B 219 17.22 8.64 65.84
N GLY B 220 17.74 9.34 66.84
CA GLY B 220 19.07 9.92 66.74
C GLY B 220 20.17 8.89 66.64
N LYS B 221 20.78 8.78 65.46
CA LYS B 221 21.91 7.86 65.24
C LYS B 221 22.82 8.51 64.20
N GLN B 222 23.84 9.22 64.69
CA GLN B 222 24.74 9.92 63.78
C GLN B 222 25.45 8.94 62.85
N GLY B 223 26.29 8.06 63.42
CA GLY B 223 27.01 7.05 62.67
C GLY B 223 27.43 7.50 61.28
N ASN B 224 27.01 6.73 60.28
CA ASN B 224 27.14 7.11 58.87
C ASN B 224 25.75 7.28 58.30
N PHE B 225 25.52 8.38 57.61
CA PHE B 225 24.17 8.68 57.12
C PHE B 225 23.67 7.55 56.23
N LYS B 226 22.44 7.12 56.48
CA LYS B 226 21.78 6.08 55.69
C LYS B 226 20.38 6.50 55.27
N ASN B 227 20.12 7.81 55.20
CA ASN B 227 18.80 8.34 54.85
C ASN B 227 18.99 9.31 53.68
N LEU B 228 18.99 8.76 52.47
CA LEU B 228 18.98 9.58 51.25
C LEU B 228 17.53 9.68 50.80
N ARG B 229 16.78 10.54 51.49
CA ARG B 229 15.36 10.66 51.23
C ARG B 229 15.14 11.40 49.91
N GLU B 230 15.41 10.72 48.80
CA GLU B 230 15.17 11.31 47.49
C GLU B 230 13.67 11.40 47.23
N PHE B 231 13.23 12.54 46.73
CA PHE B 231 11.82 12.79 46.46
C PHE B 231 11.65 13.40 45.09
N VAL B 232 10.48 13.18 44.50
CA VAL B 232 10.09 13.83 43.25
C VAL B 232 8.64 14.24 43.38
N PHE B 233 8.34 15.49 43.04
CA PHE B 233 7.00 16.03 43.11
C PHE B 233 6.55 16.44 41.72
N LYS B 234 5.37 16.01 41.32
CA LYS B 234 4.86 16.27 39.99
C LYS B 234 3.40 16.71 40.08
N ASN B 235 2.97 17.50 39.10
CA ASN B 235 1.60 18.01 39.05
C ASN B 235 1.17 18.03 37.58
N ILE B 236 0.33 17.08 37.21
CA ILE B 236 -0.17 16.96 35.85
C ILE B 236 -1.65 16.67 35.91
N ASP B 237 -2.42 17.28 35.01
CA ASP B 237 -3.87 17.05 34.89
C ASP B 237 -4.57 17.18 36.23
N GLY B 238 -4.02 18.03 37.11
CA GLY B 238 -4.61 18.24 38.41
C GLY B 238 -4.27 17.19 39.44
N TYR B 239 -3.50 16.16 39.07
CA TYR B 239 -3.10 15.11 39.99
C TYR B 239 -1.73 15.44 40.55
N PHE B 240 -1.59 15.35 41.86
CA PHE B 240 -0.31 15.58 42.53
C PHE B 240 0.30 14.23 42.89
N LYS B 241 1.47 13.94 42.33
CA LYS B 241 2.15 12.68 42.53
C LYS B 241 3.43 12.89 43.31
N ILE B 242 3.70 11.98 44.25
CA ILE B 242 4.92 12.01 45.04
C ILE B 242 5.60 10.65 44.90
N TYR B 243 6.79 10.65 44.32
CA TYR B 243 7.63 9.47 44.24
C TYR B 243 8.74 9.60 45.27
N SER B 244 9.06 8.49 45.94
CA SER B 244 10.06 8.52 46.99
C SER B 244 10.71 7.15 47.11
N LYS B 245 11.86 7.13 47.77
CA LYS B 245 12.57 5.89 48.02
C LYS B 245 13.66 6.13 49.06
N HIS B 246 13.68 5.32 50.11
CA HIS B 246 14.66 5.47 51.19
C HIS B 246 15.87 4.63 50.85
N THR B 247 16.90 5.27 50.29
CA THR B 247 18.11 4.59 49.86
C THR B 247 19.23 4.84 50.85
N PRO B 248 19.67 3.86 51.62
CA PRO B 248 20.83 4.08 52.50
C PRO B 248 22.10 4.27 51.69
N ILE B 249 22.99 5.10 52.22
CA ILE B 249 24.27 5.40 51.60
C ILE B 249 25.39 5.10 52.61
N ASN B 250 26.62 5.29 52.16
CA ASN B 250 27.80 5.04 52.98
C ASN B 250 28.68 6.26 53.21
N LEU B 251 28.58 7.27 52.35
CA LEU B 251 29.44 8.46 52.44
C LEU B 251 28.60 9.67 52.81
N VAL B 252 29.01 10.36 53.88
CA VAL B 252 28.30 11.56 54.33
C VAL B 252 28.62 12.77 53.47
N ARG B 253 29.52 12.63 52.49
CA ARG B 253 29.89 13.74 51.63
C ARG B 253 28.82 13.95 50.56
N ASP B 254 29.17 14.72 49.52
CA ASP B 254 28.24 15.05 48.45
C ASP B 254 27.57 13.81 47.89
N LEU B 255 26.47 13.99 47.15
CA LEU B 255 25.66 12.91 46.59
C LEU B 255 26.54 11.78 46.07
N PRO B 256 26.21 10.51 46.35
CA PRO B 256 27.11 9.42 45.94
C PRO B 256 26.82 8.88 44.56
N GLN B 257 27.62 7.91 44.12
CA GLN B 257 27.44 7.25 42.84
C GLN B 257 26.68 5.95 43.03
N GLY B 258 25.65 5.75 42.21
CA GLY B 258 24.85 4.55 42.31
C GLY B 258 23.58 4.69 41.51
N PHE B 259 22.71 3.69 41.64
CA PHE B 259 21.44 3.67 40.94
C PHE B 259 20.37 3.12 41.86
N SER B 260 19.23 3.82 41.93
CA SER B 260 18.13 3.37 42.78
C SER B 260 16.85 4.04 42.27
N ALA B 261 15.93 3.23 41.74
CA ALA B 261 14.66 3.77 41.25
C ALA B 261 13.78 4.20 42.42
N LEU B 262 12.93 5.17 42.18
CA LEU B 262 12.01 5.71 43.18
C LEU B 262 10.61 5.16 42.91
N GLU B 263 10.03 4.52 43.94
CA GLU B 263 8.67 4.00 43.80
C GLU B 263 7.64 5.10 44.04
N PRO B 264 6.45 4.99 43.47
CA PRO B 264 5.38 5.92 43.83
C PRO B 264 5.01 5.77 45.30
N LEU B 265 4.64 6.88 45.92
CA LEU B 265 4.29 6.91 47.33
C LEU B 265 2.86 7.37 47.57
N VAL B 266 2.45 8.47 46.95
CA VAL B 266 1.12 9.03 47.17
C VAL B 266 0.67 9.74 45.90
N ASP B 267 -0.62 9.67 45.62
CA ASP B 267 -1.24 10.42 44.54
C ASP B 267 -2.49 11.10 45.08
N LEU B 268 -2.72 12.33 44.63
CA LEU B 268 -3.83 13.13 45.14
C LEU B 268 -4.54 13.85 43.99
N PRO B 269 -5.87 13.82 43.95
CA PRO B 269 -6.61 14.63 42.96
C PRO B 269 -6.92 16.03 43.49
N ILE B 270 -5.88 16.80 43.77
CA ILE B 270 -6.07 18.13 44.33
C ILE B 270 -6.60 19.08 43.26
N GLY B 271 -5.87 19.23 42.16
CA GLY B 271 -6.32 20.02 41.04
C GLY B 271 -6.04 21.49 41.10
N ILE B 272 -5.29 21.96 42.09
CA ILE B 272 -4.97 23.39 42.17
C ILE B 272 -3.80 23.70 41.24
N ASN B 273 -3.54 24.98 41.03
CA ASN B 273 -2.46 25.43 40.16
C ASN B 273 -1.27 25.81 41.03
N ILE B 274 -0.16 25.10 40.83
CA ILE B 274 1.07 25.33 41.59
C ILE B 274 2.08 25.98 40.66
N THR B 275 2.60 27.14 41.09
CA THR B 275 3.65 27.85 40.36
C THR B 275 4.95 27.91 41.11
N ARG B 276 4.91 28.02 42.44
CA ARG B 276 6.10 28.04 43.27
C ARG B 276 5.95 26.99 44.36
N PHE B 277 7.04 26.78 45.10
CA PHE B 277 7.02 25.87 46.24
C PHE B 277 8.08 26.32 47.22
N GLN B 278 7.97 25.81 48.45
CA GLN B 278 8.85 26.23 49.53
C GLN B 278 9.04 25.06 50.48
N THR B 279 10.19 25.03 51.14
CA THR B 279 10.51 24.02 52.13
C THR B 279 10.29 24.56 53.53
N LEU B 280 10.12 23.65 54.48
CA LEU B 280 9.87 23.98 55.87
C LEU B 280 10.99 23.41 56.75
N LEU B 281 11.41 24.21 57.73
CA LEU B 281 12.48 23.83 58.64
C LEU B 281 12.02 24.05 60.07
N ALA B 282 12.66 23.34 61.00
CA ALA B 282 12.33 23.43 62.41
C ALA B 282 13.46 23.99 63.26
N LEU B 283 14.58 24.40 62.64
CA LEU B 283 15.73 24.89 63.40
C LEU B 283 16.37 26.08 62.70
N SER B 293 21.16 34.24 70.42
CA SER B 293 20.50 33.63 69.26
C SER B 293 21.44 33.60 68.06
N SER B 294 21.92 34.77 67.66
CA SER B 294 22.85 34.89 66.54
C SER B 294 24.30 34.97 66.99
N SER B 295 24.57 34.97 68.28
CA SER B 295 25.94 35.08 68.79
C SER B 295 26.49 33.68 69.05
N GLY B 296 27.54 33.33 68.32
CA GLY B 296 28.16 32.03 68.50
C GLY B 296 27.22 30.87 68.27
N TRP B 297 26.35 30.99 67.27
CA TRP B 297 25.35 29.96 67.00
C TRP B 297 25.99 28.86 66.16
N THR B 298 25.93 27.63 66.66
CA THR B 298 26.49 26.48 65.96
C THR B 298 25.54 26.09 64.84
N ALA B 299 25.95 26.35 63.59
CA ALA B 299 25.09 26.08 62.45
C ALA B 299 24.82 24.58 62.32
N GLY B 300 23.56 24.24 62.06
CA GLY B 300 23.21 22.84 61.87
C GLY B 300 23.87 22.26 60.64
N ALA B 301 24.32 21.02 60.75
CA ALA B 301 25.01 20.32 59.67
C ALA B 301 23.97 19.52 58.89
N ALA B 302 23.49 20.11 57.80
CA ALA B 302 22.51 19.47 56.95
C ALA B 302 22.36 20.28 55.67
N ALA B 303 22.08 19.59 54.57
CA ALA B 303 21.90 20.24 53.29
C ALA B 303 20.92 19.43 52.45
N TYR B 304 20.26 20.12 51.51
CA TYR B 304 19.31 19.47 50.62
C TYR B 304 19.48 20.02 49.21
N TYR B 305 19.36 19.15 48.23
CA TYR B 305 19.52 19.49 46.82
C TYR B 305 18.16 19.69 46.18
N VAL B 306 18.11 20.55 45.17
CA VAL B 306 16.87 20.87 44.47
C VAL B 306 17.16 20.78 42.97
N GLY B 307 16.90 19.63 42.38
CA GLY B 307 16.97 19.49 40.94
C GLY B 307 15.65 19.76 40.29
N TYR B 308 15.67 19.94 38.98
CA TYR B 308 14.46 20.24 38.22
C TYR B 308 14.24 19.19 37.14
N LEU B 309 13.00 18.77 37.01
CA LEU B 309 12.62 17.81 35.99
C LEU B 309 12.48 18.52 34.64
N GLN B 310 12.39 17.71 33.58
CA GLN B 310 12.34 18.26 32.23
C GLN B 310 11.84 17.18 31.29
N PRO B 311 10.99 17.51 30.32
CA PRO B 311 10.50 16.47 29.40
C PRO B 311 11.66 15.84 28.63
N ARG B 312 11.88 14.55 28.86
CA ARG B 312 12.97 13.84 28.23
C ARG B 312 12.59 12.39 28.01
N THR B 313 13.33 11.73 27.13
CA THR B 313 13.13 10.33 26.81
C THR B 313 14.22 9.50 27.45
N PHE B 314 13.83 8.48 28.21
CA PHE B 314 14.76 7.59 28.88
C PHE B 314 14.55 6.17 28.38
N LEU B 315 15.59 5.36 28.50
CA LEU B 315 15.53 3.94 28.18
C LEU B 315 15.77 3.19 29.49
N LEU B 316 14.69 2.62 30.04
CA LEU B 316 14.74 1.95 31.33
C LEU B 316 14.88 0.46 31.14
N LYS B 317 15.76 -0.15 31.94
CA LYS B 317 15.99 -1.59 31.90
C LYS B 317 15.28 -2.23 33.09
N TYR B 318 14.44 -3.21 32.81
CA TYR B 318 13.74 -3.99 33.83
C TYR B 318 14.37 -5.36 33.94
N ASN B 319 14.67 -5.78 35.16
CA ASN B 319 15.27 -7.08 35.39
C ASN B 319 14.18 -8.14 35.45
N GLU B 320 14.54 -9.35 35.88
CA GLU B 320 13.57 -10.44 35.93
C GLU B 320 12.44 -10.14 36.90
N ASN B 321 12.71 -9.39 37.96
CA ASN B 321 11.69 -9.05 38.95
C ASN B 321 10.94 -7.77 38.62
N GLY B 322 11.22 -7.16 37.48
CA GLY B 322 10.56 -5.91 37.15
C GLY B 322 10.97 -4.75 38.02
N THR B 323 12.25 -4.67 38.37
CA THR B 323 12.82 -3.53 39.08
C THR B 323 13.80 -2.82 38.15
N ILE B 324 13.61 -1.51 38.00
CA ILE B 324 14.46 -0.74 37.09
C ILE B 324 15.88 -0.79 37.61
N THR B 325 16.76 -1.47 36.87
CA THR B 325 18.14 -1.66 37.28
C THR B 325 19.08 -0.65 36.66
N ASP B 326 18.78 -0.13 35.47
CA ASP B 326 19.64 0.82 34.81
C ASP B 326 18.80 1.65 33.84
N ALA B 327 19.34 2.82 33.49
CA ALA B 327 18.64 3.73 32.60
C ALA B 327 19.65 4.44 31.72
N VAL B 328 19.18 4.94 30.59
CA VAL B 328 20.00 5.68 29.64
C VAL B 328 19.26 6.96 29.26
N ASP B 329 19.94 8.09 29.35
CA ASP B 329 19.36 9.37 28.97
C ASP B 329 19.60 9.56 27.48
N CYS B 330 18.54 9.40 26.69
CA CYS B 330 18.69 9.31 25.24
C CYS B 330 19.06 10.65 24.59
N ALA B 331 19.35 11.69 25.37
CA ALA B 331 19.81 12.95 24.80
C ALA B 331 21.09 13.44 25.48
N LEU B 332 21.75 12.60 26.27
CA LEU B 332 22.93 13.04 27.00
C LEU B 332 24.11 13.22 26.05
N ASP B 333 24.33 12.27 25.16
CA ASP B 333 25.50 12.29 24.27
C ASP B 333 25.22 11.36 23.10
N PRO B 334 26.02 11.44 22.05
CA PRO B 334 25.75 10.60 20.87
C PRO B 334 25.70 9.12 21.17
N LEU B 335 26.57 8.64 22.08
CA LEU B 335 26.54 7.22 22.40
C LEU B 335 25.21 6.83 23.03
N SER B 336 24.71 7.65 23.96
CA SER B 336 23.42 7.37 24.57
C SER B 336 22.31 7.43 23.54
N GLU B 337 22.38 8.39 22.63
CA GLU B 337 21.36 8.48 21.59
C GLU B 337 21.35 7.22 20.73
N THR B 338 22.54 6.71 20.39
CA THR B 338 22.61 5.47 19.63
C THR B 338 22.03 4.31 20.44
N LYS B 339 22.37 4.23 21.72
CA LYS B 339 21.81 3.17 22.56
C LYS B 339 20.30 3.21 22.53
N CYS B 340 19.73 4.40 22.67
CA CYS B 340 18.28 4.53 22.63
C CYS B 340 17.72 4.11 21.29
N THR B 341 18.40 4.50 20.19
CA THR B 341 17.92 4.15 18.87
C THR B 341 17.88 2.65 18.68
N LEU B 342 18.90 1.94 19.14
CA LEU B 342 18.94 0.49 18.98
C LEU B 342 18.17 -0.26 20.05
N LYS B 343 17.64 0.44 21.05
CA LYS B 343 16.93 -0.21 22.14
C LYS B 343 17.76 -1.33 22.76
N SER B 344 19.05 -1.05 22.92
CA SER B 344 19.98 -2.02 23.49
C SER B 344 21.03 -1.28 24.30
N PHE B 345 21.43 -1.88 25.41
CA PHE B 345 22.45 -1.27 26.26
C PHE B 345 23.86 -1.51 25.75
N THR B 346 24.04 -2.45 24.83
CA THR B 346 25.33 -2.72 24.22
C THR B 346 25.23 -2.49 22.72
N VAL B 347 26.25 -1.86 22.16
CA VAL B 347 26.26 -1.46 20.75
C VAL B 347 27.45 -2.12 20.08
N GLU B 348 27.18 -2.79 18.96
CA GLU B 348 28.24 -3.41 18.18
C GLU B 348 28.94 -2.36 17.32
N LYS B 349 30.15 -2.70 16.89
CA LYS B 349 30.92 -1.81 16.03
C LYS B 349 30.14 -1.53 14.75
N GLY B 350 30.18 -0.29 14.31
CA GLY B 350 29.51 0.10 13.09
C GLY B 350 29.17 1.57 13.11
N ILE B 351 28.34 1.96 12.14
CA ILE B 351 27.87 3.33 11.99
C ILE B 351 26.35 3.30 11.95
N TYR B 352 25.71 4.11 12.79
CA TYR B 352 24.27 4.08 12.97
C TYR B 352 23.68 5.46 12.72
N GLN B 353 22.62 5.51 11.91
CA GLN B 353 21.88 6.73 11.72
C GLN B 353 21.17 7.11 13.00
N THR B 354 21.05 8.41 13.25
CA THR B 354 20.38 8.92 14.45
C THR B 354 19.58 10.15 14.05
N SER B 355 19.15 10.91 15.05
CA SER B 355 18.33 12.10 14.81
C SER B 355 18.98 12.98 13.76
N ASN B 356 18.15 13.61 12.95
CA ASN B 356 18.64 14.48 11.89
C ASN B 356 19.16 15.79 12.45
N PHE B 357 19.92 16.48 11.62
CA PHE B 357 20.48 17.79 11.95
C PHE B 357 19.67 18.87 11.23
N ARG B 358 19.57 20.03 11.86
CA ARG B 358 18.79 21.13 11.29
C ARG B 358 19.19 22.42 11.97
N VAL B 359 19.62 23.39 11.18
CA VAL B 359 20.06 24.68 11.71
C VAL B 359 18.83 25.49 12.09
N GLN B 360 18.75 25.89 13.37
CA GLN B 360 17.60 26.65 13.81
C GLN B 360 17.72 28.10 13.35
N PRO B 361 16.58 28.77 13.11
CA PRO B 361 16.64 30.17 12.69
C PRO B 361 17.10 31.08 13.81
N THR B 362 17.99 32.02 13.47
CA THR B 362 18.53 32.90 14.49
C THR B 362 17.52 33.97 14.90
N GLU B 363 16.80 34.52 13.94
CA GLU B 363 15.86 35.61 14.23
C GLU B 363 14.78 35.65 13.18
N SER B 364 13.71 36.36 13.49
CA SER B 364 12.58 36.54 12.60
C SER B 364 12.54 37.97 12.09
N ILE B 365 12.29 38.12 10.78
CA ILE B 365 12.21 39.43 10.15
C ILE B 365 10.87 39.55 9.45
N VAL B 366 10.25 40.72 9.55
CA VAL B 366 8.95 41.00 8.96
C VAL B 366 9.11 42.17 8.01
N ARG B 367 8.72 41.98 6.75
CA ARG B 367 8.77 43.01 5.74
C ARG B 367 7.38 43.22 5.17
N PHE B 368 6.79 44.36 5.47
CA PHE B 368 5.47 44.76 4.99
C PHE B 368 5.59 46.10 4.30
N PRO B 369 4.67 46.43 3.39
CA PRO B 369 4.66 47.78 2.81
C PRO B 369 4.37 48.82 3.87
N ASN B 370 4.92 50.02 3.69
CA ASN B 370 4.74 51.11 4.64
C ASN B 370 3.50 51.90 4.23
N ILE B 371 2.35 51.46 4.74
CA ILE B 371 1.06 52.10 4.48
C ILE B 371 0.46 52.48 5.82
N THR B 372 -0.02 53.72 5.92
CA THR B 372 -0.50 54.27 7.18
C THR B 372 -1.98 54.59 7.20
N ASN B 373 -2.58 54.92 6.06
CA ASN B 373 -4.00 55.26 6.05
C ASN B 373 -4.84 54.08 6.49
N LEU B 374 -5.70 54.31 7.48
CA LEU B 374 -6.57 53.26 7.98
C LEU B 374 -7.70 52.98 7.00
N CYS B 375 -8.24 51.77 7.06
CA CYS B 375 -9.33 51.38 6.18
C CYS B 375 -10.63 52.01 6.65
N PRO B 376 -11.61 52.17 5.74
CA PRO B 376 -12.89 52.81 6.08
C PRO B 376 -13.87 51.88 6.80
N PHE B 377 -13.37 51.17 7.82
CA PHE B 377 -14.24 50.32 8.61
C PHE B 377 -15.31 51.14 9.32
N GLY B 378 -14.92 52.26 9.90
CA GLY B 378 -15.92 53.13 10.50
C GLY B 378 -16.96 53.59 9.49
N GLU B 379 -16.51 53.92 8.28
CA GLU B 379 -17.43 54.39 7.25
C GLU B 379 -18.42 53.31 6.85
N VAL B 380 -17.96 52.07 6.74
CA VAL B 380 -18.82 51.02 6.21
C VAL B 380 -19.72 50.45 7.30
N PHE B 381 -19.19 50.27 8.51
CA PHE B 381 -19.94 49.57 9.54
C PHE B 381 -21.02 50.44 10.16
N ASN B 382 -20.63 51.56 10.75
CA ASN B 382 -21.54 52.39 11.51
C ASN B 382 -22.24 53.45 10.65
N ALA B 383 -22.38 53.19 9.35
CA ALA B 383 -23.06 54.12 8.46
C ALA B 383 -24.54 54.23 8.84
N THR B 384 -25.27 55.10 8.15
CA THR B 384 -26.67 55.35 8.49
C THR B 384 -27.62 54.43 7.74
N ARG B 385 -27.52 54.38 6.42
CA ARG B 385 -28.45 53.65 5.58
C ARG B 385 -27.84 52.33 5.13
N PHE B 386 -28.60 51.25 5.31
CA PHE B 386 -28.20 49.92 4.87
C PHE B 386 -29.13 49.47 3.75
N ALA B 387 -28.56 49.02 2.64
CA ALA B 387 -29.36 48.63 1.51
C ALA B 387 -30.17 47.37 1.83
N SER B 388 -31.21 47.16 1.04
CA SER B 388 -32.04 45.97 1.21
C SER B 388 -31.26 44.71 0.84
N VAL B 389 -31.67 43.59 1.43
CA VAL B 389 -31.00 42.33 1.16
C VAL B 389 -31.05 42.01 -0.33
N TYR B 390 -32.19 42.22 -0.96
CA TYR B 390 -32.31 41.98 -2.39
C TYR B 390 -31.42 42.92 -3.21
N ALA B 391 -31.01 44.04 -2.63
CA ALA B 391 -30.15 45.02 -3.29
C ALA B 391 -28.93 45.31 -2.42
N TRP B 392 -28.30 44.24 -1.92
CA TRP B 392 -27.18 44.40 -1.02
C TRP B 392 -26.07 45.23 -1.67
N ASN B 393 -25.51 46.15 -0.87
CA ASN B 393 -24.50 47.08 -1.34
C ASN B 393 -23.12 46.54 -1.03
N ARG B 394 -22.25 46.49 -2.04
CA ARG B 394 -20.89 46.00 -1.91
C ARG B 394 -19.91 47.17 -1.91
N LYS B 395 -19.06 47.23 -0.91
CA LYS B 395 -18.06 48.27 -0.77
C LYS B 395 -16.67 47.68 -0.93
N ARG B 396 -15.80 48.42 -1.60
CA ARG B 396 -14.44 47.97 -1.87
C ARG B 396 -13.49 48.57 -0.84
N ILE B 397 -12.60 47.74 -0.32
CA ILE B 397 -11.57 48.16 0.63
C ILE B 397 -10.22 47.71 0.09
N SER B 398 -9.27 48.64 0.01
CA SER B 398 -7.93 48.31 -0.46
C SER B 398 -7.02 49.49 -0.15
N ASN B 399 -5.71 49.20 -0.16
CA ASN B 399 -4.68 50.22 0.01
C ASN B 399 -4.81 50.91 1.37
N CYS B 400 -4.79 50.11 2.42
CA CYS B 400 -4.90 50.61 3.78
C CYS B 400 -4.45 49.53 4.74
N VAL B 401 -4.44 49.87 6.03
CA VAL B 401 -4.12 48.93 7.10
C VAL B 401 -5.37 48.74 7.92
N ALA B 402 -5.76 47.48 8.13
CA ALA B 402 -6.99 47.14 8.83
C ALA B 402 -6.64 46.56 10.19
N ASP B 403 -7.18 47.18 11.25
CA ASP B 403 -6.95 46.71 12.61
C ASP B 403 -8.19 45.95 13.06
N TYR B 404 -8.26 44.67 12.68
CA TYR B 404 -9.42 43.86 12.99
C TYR B 404 -9.58 43.59 14.47
N SER B 405 -8.55 43.87 15.27
CA SER B 405 -8.67 43.66 16.71
C SER B 405 -9.80 44.51 17.29
N VAL B 406 -9.92 45.76 16.82
CA VAL B 406 -10.98 46.63 17.31
C VAL B 406 -12.34 46.02 17.02
N LEU B 407 -12.55 45.59 15.77
CA LEU B 407 -13.84 45.02 15.40
C LEU B 407 -14.13 43.77 16.21
N TYR B 408 -13.15 42.90 16.38
CA TYR B 408 -13.38 41.66 17.13
C TYR B 408 -13.69 41.96 18.59
N ASN B 409 -13.00 42.93 19.19
CA ASN B 409 -13.21 43.25 20.59
C ASN B 409 -14.50 44.03 20.83
N SER B 410 -15.04 44.68 19.80
CA SER B 410 -16.29 45.41 19.96
C SER B 410 -17.42 44.44 20.27
N ALA B 411 -17.91 44.45 21.52
CA ALA B 411 -18.96 43.53 21.93
C ALA B 411 -20.29 43.80 21.24
N SER B 412 -20.44 44.95 20.57
CA SER B 412 -21.70 45.28 19.94
C SER B 412 -22.08 44.27 18.85
N PHE B 413 -21.13 43.51 18.34
CA PHE B 413 -21.39 42.56 17.26
C PHE B 413 -21.95 41.28 17.85
N SER B 414 -23.26 41.07 17.67
CA SER B 414 -23.90 39.88 18.23
C SER B 414 -23.34 38.61 17.62
N THR B 415 -23.17 38.59 16.29
CA THR B 415 -22.70 37.42 15.57
C THR B 415 -21.42 37.77 14.84
N PHE B 416 -20.35 37.01 15.10
CA PHE B 416 -19.05 37.24 14.49
C PHE B 416 -18.46 35.87 14.15
N LYS B 417 -18.71 35.42 12.92
CA LYS B 417 -18.27 34.11 12.45
C LYS B 417 -17.35 34.27 11.26
N CYS B 418 -16.19 33.63 11.33
CA CYS B 418 -15.21 33.62 10.24
C CYS B 418 -14.93 32.18 9.85
N TYR B 419 -14.92 31.93 8.53
CA TYR B 419 -14.85 30.57 8.00
C TYR B 419 -13.46 30.23 7.48
N GLY B 420 -12.93 31.02 6.56
CA GLY B 420 -11.64 30.74 5.99
C GLY B 420 -10.46 31.14 6.84
N VAL B 421 -10.69 31.81 7.96
CA VAL B 421 -9.60 32.31 8.79
C VAL B 421 -10.13 32.55 10.19
N SER B 422 -9.30 32.27 11.18
CA SER B 422 -9.69 32.53 12.56
C SER B 422 -9.69 34.03 12.82
N PRO B 423 -10.70 34.56 13.53
CA PRO B 423 -10.74 36.01 13.73
C PRO B 423 -9.49 36.58 14.37
N THR B 424 -8.89 35.85 15.31
CA THR B 424 -7.72 36.37 16.01
C THR B 424 -6.55 36.59 15.06
N LYS B 425 -6.35 35.67 14.12
CA LYS B 425 -5.19 35.74 13.24
C LYS B 425 -5.29 36.84 12.19
N LEU B 426 -6.43 37.53 12.09
CA LEU B 426 -6.62 38.51 11.04
C LEU B 426 -5.60 39.64 11.10
N ASN B 427 -5.00 39.91 12.26
CA ASN B 427 -4.09 41.04 12.41
C ASN B 427 -2.71 40.78 11.84
N ASP B 428 -2.39 39.56 11.44
CA ASP B 428 -1.07 39.21 10.93
C ASP B 428 -1.18 38.56 9.55
N LEU B 429 -2.05 39.09 8.71
CA LEU B 429 -2.24 38.57 7.35
C LEU B 429 -2.31 39.74 6.38
N CYS B 430 -2.04 39.44 5.11
CA CYS B 430 -2.13 40.40 4.04
C CYS B 430 -3.01 39.84 2.93
N PHE B 431 -3.96 40.64 2.46
CA PHE B 431 -4.93 40.21 1.47
C PHE B 431 -4.81 41.04 0.20
N THR B 432 -5.18 40.43 -0.93
CA THR B 432 -5.16 41.15 -2.20
C THR B 432 -6.15 42.31 -2.17
N ASN B 433 -7.33 42.09 -1.60
CA ASN B 433 -8.34 43.13 -1.45
C ASN B 433 -9.48 42.57 -0.62
N VAL B 434 -10.20 43.47 0.04
CA VAL B 434 -11.28 43.10 0.96
C VAL B 434 -12.59 43.68 0.43
N TYR B 435 -13.60 42.84 0.32
CA TYR B 435 -14.93 43.25 -0.10
C TYR B 435 -15.84 43.32 1.11
N ALA B 436 -16.57 44.42 1.24
CA ALA B 436 -17.52 44.62 2.33
C ALA B 436 -18.92 44.73 1.74
N ASP B 437 -19.83 43.88 2.18
CA ASP B 437 -21.22 43.90 1.76
C ASP B 437 -22.09 44.20 2.96
N SER B 438 -23.04 45.12 2.78
CA SER B 438 -23.91 45.57 3.86
C SER B 438 -25.37 45.43 3.44
N PHE B 439 -26.20 44.98 4.38
CA PHE B 439 -27.63 44.86 4.14
C PHE B 439 -28.29 44.51 5.46
N VAL B 440 -29.63 44.39 5.44
CA VAL B 440 -30.43 44.15 6.62
C VAL B 440 -31.28 42.91 6.38
N ILE B 441 -31.36 42.03 7.38
CA ILE B 441 -32.14 40.81 7.32
C ILE B 441 -32.76 40.56 8.69
N ARG B 442 -33.56 39.51 8.78
CA ARG B 442 -34.20 39.13 10.03
C ARG B 442 -33.20 38.42 10.94
N GLY B 443 -33.54 38.35 12.23
CA GLY B 443 -32.69 37.67 13.19
C GLY B 443 -32.60 36.17 12.97
N ASP B 444 -33.54 35.60 12.20
CA ASP B 444 -33.53 34.17 11.92
C ASP B 444 -32.82 33.80 10.63
N GLU B 445 -32.47 34.79 9.80
CA GLU B 445 -31.74 34.54 8.57
C GLU B 445 -30.23 34.70 8.73
N VAL B 446 -29.76 34.99 9.93
CA VAL B 446 -28.32 35.03 10.16
C VAL B 446 -27.71 33.66 9.86
N ARG B 447 -28.35 32.59 10.33
CA ARG B 447 -27.88 31.25 10.00
C ARG B 447 -28.01 30.98 8.51
N GLN B 448 -29.00 31.58 7.85
CA GLN B 448 -29.13 31.42 6.40
C GLN B 448 -27.94 32.02 5.68
N ILE B 449 -27.47 33.19 6.15
CA ILE B 449 -26.42 33.91 5.44
C ILE B 449 -25.11 33.14 5.41
N ALA B 450 -24.96 32.09 6.21
CA ALA B 450 -23.72 31.33 6.23
C ALA B 450 -23.50 30.62 4.90
N PRO B 451 -22.25 30.38 4.51
CA PRO B 451 -22.00 29.75 3.22
C PRO B 451 -22.48 28.30 3.18
N GLY B 452 -22.93 27.88 2.01
CA GLY B 452 -23.40 26.52 1.83
C GLY B 452 -24.76 26.26 2.44
N GLN B 453 -25.45 27.28 2.92
CA GLN B 453 -26.73 27.12 3.59
C GLN B 453 -27.87 27.33 2.60
N THR B 454 -29.01 26.73 2.89
CA THR B 454 -30.21 26.87 2.09
C THR B 454 -31.20 27.81 2.77
N GLY B 455 -32.29 28.10 2.06
CA GLY B 455 -33.33 28.97 2.56
C GLY B 455 -33.70 30.02 1.54
N LYS B 456 -34.62 30.89 1.95
CA LYS B 456 -35.13 31.92 1.05
C LYS B 456 -34.02 32.87 0.61
N ILE B 457 -33.30 33.43 1.59
CA ILE B 457 -32.24 34.38 1.26
C ILE B 457 -31.13 33.68 0.51
N ALA B 458 -30.64 32.55 1.04
CA ALA B 458 -29.55 31.84 0.38
C ALA B 458 -29.94 31.35 -0.99
N ASP B 459 -31.24 31.29 -1.30
CA ASP B 459 -31.68 30.84 -2.61
C ASP B 459 -31.78 31.98 -3.61
N TYR B 460 -32.51 33.05 -3.27
CA TYR B 460 -32.73 34.08 -4.28
C TYR B 460 -32.66 35.50 -3.71
N ASN B 461 -31.85 35.72 -2.70
CA ASN B 461 -31.55 37.10 -2.31
C ASN B 461 -30.07 37.36 -2.12
N TYR B 462 -29.32 36.40 -1.57
CA TYR B 462 -27.89 36.58 -1.35
C TYR B 462 -27.27 35.22 -1.11
N LYS B 463 -26.38 34.79 -2.00
CA LYS B 463 -25.76 33.48 -1.92
C LYS B 463 -24.24 33.64 -1.80
N LEU B 464 -23.66 32.95 -0.82
CA LEU B 464 -22.22 32.93 -0.65
C LEU B 464 -21.62 31.72 -1.38
N PRO B 465 -20.38 31.81 -1.84
CA PRO B 465 -19.76 30.65 -2.47
C PRO B 465 -19.56 29.51 -1.48
N ASP B 466 -19.54 28.29 -2.01
CA ASP B 466 -19.38 27.12 -1.14
C ASP B 466 -18.03 27.14 -0.43
N ASP B 467 -17.03 27.80 -1.00
CA ASP B 467 -15.69 27.89 -0.43
C ASP B 467 -15.41 29.30 0.07
N PHE B 468 -16.42 29.94 0.65
CA PHE B 468 -16.26 31.32 1.11
C PHE B 468 -15.11 31.41 2.10
N THR B 469 -14.31 32.47 1.96
CA THR B 469 -13.14 32.71 2.81
C THR B 469 -13.25 34.14 3.33
N GLY B 470 -13.84 34.29 4.51
CA GLY B 470 -13.98 35.62 5.08
C GLY B 470 -14.71 35.55 6.41
N CYS B 471 -15.20 36.71 6.83
CA CYS B 471 -15.88 36.87 8.11
C CYS B 471 -17.29 37.37 7.89
N VAL B 472 -18.22 36.87 8.69
CA VAL B 472 -19.61 37.30 8.68
C VAL B 472 -19.90 37.97 10.00
N ILE B 473 -20.30 39.24 9.95
CA ILE B 473 -20.53 40.06 11.13
C ILE B 473 -21.96 40.59 11.10
N ALA B 474 -22.69 40.37 12.19
CA ALA B 474 -24.06 40.83 12.31
C ALA B 474 -24.29 41.31 13.74
N TRP B 475 -25.25 42.24 13.88
CA TRP B 475 -25.62 42.75 15.19
C TRP B 475 -27.04 43.27 15.11
N ASN B 476 -27.70 43.28 16.27
CA ASN B 476 -29.09 43.73 16.32
C ASN B 476 -29.18 45.21 16.00
N SER B 477 -30.08 45.55 15.07
CA SER B 477 -30.32 46.92 14.65
C SER B 477 -31.76 47.33 14.95
N ASN B 478 -32.35 46.76 15.99
CA ASN B 478 -33.74 47.03 16.31
C ASN B 478 -33.95 48.51 16.62
N ASN B 479 -33.09 49.07 17.48
CA ASN B 479 -33.30 50.44 17.94
C ASN B 479 -33.27 51.44 16.80
N LEU B 480 -32.49 51.16 15.75
CA LEU B 480 -32.33 52.10 14.65
C LEU B 480 -33.22 51.79 13.46
N ASP B 481 -33.65 50.55 13.29
CA ASP B 481 -34.46 50.16 12.14
C ASP B 481 -35.88 49.76 12.53
N SER B 482 -36.30 50.06 13.75
CA SER B 482 -37.64 49.74 14.23
C SER B 482 -38.52 50.98 14.12
N LYS B 483 -39.62 50.87 13.39
CA LYS B 483 -40.57 51.95 13.22
C LYS B 483 -41.91 51.53 13.82
N VAL B 484 -42.52 52.42 14.60
CA VAL B 484 -43.77 52.06 15.27
C VAL B 484 -44.81 51.61 14.25
N GLY B 485 -44.93 52.33 13.14
CA GLY B 485 -45.85 51.95 12.09
C GLY B 485 -45.35 50.90 11.13
N GLY B 486 -44.10 50.45 11.30
CA GLY B 486 -43.52 49.47 10.40
C GLY B 486 -42.63 50.11 9.35
N ASN B 487 -41.38 49.65 9.27
CA ASN B 487 -40.43 50.17 8.29
C ASN B 487 -40.53 49.31 7.04
N TYR B 488 -41.14 49.86 5.99
CA TYR B 488 -41.35 49.14 4.74
C TYR B 488 -40.27 49.42 3.71
N ASN B 489 -39.24 50.20 4.06
CA ASN B 489 -38.20 50.53 3.10
C ASN B 489 -37.34 49.33 2.73
N TYR B 490 -37.38 48.26 3.52
CA TYR B 490 -36.53 47.09 3.30
C TYR B 490 -37.35 46.01 2.62
N LEU B 491 -36.88 45.54 1.48
CA LEU B 491 -37.54 44.52 0.68
C LEU B 491 -36.70 43.25 0.65
N TYR B 492 -37.30 42.18 0.15
CA TYR B 492 -36.58 40.94 -0.08
C TYR B 492 -37.38 40.09 -1.05
N ARG B 493 -36.67 39.40 -1.95
CA ARG B 493 -37.33 38.63 -2.99
C ARG B 493 -38.12 37.47 -2.41
N LEU B 494 -39.31 37.23 -2.95
CA LEU B 494 -40.13 36.11 -2.54
C LEU B 494 -39.77 34.83 -3.29
N PHE B 495 -39.45 34.95 -4.58
CA PHE B 495 -38.98 33.81 -5.34
C PHE B 495 -38.29 34.31 -6.59
N ARG B 496 -37.49 33.43 -7.20
CA ARG B 496 -36.78 33.72 -8.43
C ARG B 496 -37.08 32.64 -9.44
N LYS B 497 -37.32 33.04 -10.69
CA LYS B 497 -37.56 32.06 -11.74
C LYS B 497 -36.38 31.12 -11.90
N SER B 498 -35.18 31.58 -11.58
CA SER B 498 -33.98 30.77 -11.63
C SER B 498 -33.56 30.40 -10.21
N ASN B 499 -32.48 29.62 -10.11
CA ASN B 499 -31.98 29.16 -8.83
C ASN B 499 -30.97 30.17 -8.27
N LEU B 500 -30.27 29.77 -7.22
CA LEU B 500 -29.28 30.63 -6.58
C LEU B 500 -28.07 30.82 -7.50
N LYS B 501 -27.21 31.77 -7.10
CA LYS B 501 -25.95 31.99 -7.78
C LYS B 501 -25.05 32.86 -6.90
N PRO B 502 -23.80 32.47 -6.66
CA PRO B 502 -22.98 33.23 -5.71
C PRO B 502 -22.73 34.66 -6.17
N PHE B 503 -22.71 35.58 -5.21
CA PHE B 503 -22.28 36.95 -5.40
C PHE B 503 -22.90 37.56 -6.66
N GLU B 504 -24.22 37.68 -6.63
CA GLU B 504 -24.96 38.40 -7.67
C GLU B 504 -26.08 39.19 -7.02
N ARG B 505 -26.49 40.27 -7.69
CA ARG B 505 -27.56 41.12 -7.22
C ARG B 505 -28.69 41.13 -8.24
N ASP B 506 -29.91 40.88 -7.77
CA ASP B 506 -31.10 40.86 -8.61
C ASP B 506 -31.96 42.06 -8.26
N ILE B 507 -32.25 42.89 -9.26
CA ILE B 507 -33.07 44.08 -9.07
C ILE B 507 -34.34 43.95 -9.89
N SER B 508 -34.78 42.71 -10.11
CA SER B 508 -35.99 42.47 -10.88
C SER B 508 -37.22 42.62 -9.99
N THR B 509 -38.20 43.38 -10.46
CA THR B 509 -39.43 43.61 -9.72
C THR B 509 -40.68 43.35 -10.56
N GLU B 510 -40.53 42.75 -11.74
CA GLU B 510 -41.66 42.53 -12.62
C GLU B 510 -42.54 41.39 -12.10
N ILE B 511 -43.80 41.39 -12.55
CA ILE B 511 -44.72 40.33 -12.17
C ILE B 511 -44.22 39.01 -12.73
N TYR B 512 -44.50 37.93 -12.00
CA TYR B 512 -44.06 36.60 -12.38
C TYR B 512 -45.09 35.95 -13.31
N GLN B 513 -44.58 35.23 -14.31
CA GLN B 513 -45.42 34.52 -15.26
C GLN B 513 -45.14 33.03 -15.15
N ALA B 514 -46.19 32.23 -15.01
CA ALA B 514 -46.05 30.79 -14.89
C ALA B 514 -45.81 30.16 -16.26
N THR B 517 -48.66 29.39 -17.21
CA THR B 517 -49.54 30.26 -17.99
C THR B 517 -48.99 31.68 -18.03
N PRO B 518 -49.14 32.36 -19.16
CA PRO B 518 -48.68 33.76 -19.24
C PRO B 518 -49.39 34.63 -18.23
N CYS B 519 -48.64 35.56 -17.65
CA CYS B 519 -49.15 36.47 -16.64
C CYS B 519 -48.64 37.88 -16.93
N ASN B 520 -49.50 38.86 -16.71
CA ASN B 520 -49.16 40.26 -16.96
C ASN B 520 -49.77 41.10 -15.85
N GLY B 521 -49.73 42.42 -16.01
CA GLY B 521 -50.30 43.30 -15.02
C GLY B 521 -49.58 43.18 -13.69
N VAL B 522 -50.35 43.37 -12.62
CA VAL B 522 -49.81 43.31 -11.26
C VAL B 522 -50.25 42.08 -10.49
N GLU B 523 -51.23 41.33 -11.00
CA GLU B 523 -51.73 40.16 -10.30
C GLU B 523 -52.28 39.16 -11.31
N GLY B 524 -52.36 37.92 -10.88
CA GLY B 524 -52.90 36.86 -11.72
C GLY B 524 -52.88 35.55 -10.97
N PHE B 525 -53.39 34.51 -11.63
CA PHE B 525 -53.41 33.19 -11.01
C PHE B 525 -51.98 32.75 -10.71
N ASN B 526 -51.76 32.29 -9.47
CA ASN B 526 -50.45 31.92 -8.98
C ASN B 526 -49.40 32.95 -9.37
N CYS B 527 -49.79 34.22 -9.45
CA CYS B 527 -48.89 35.32 -9.76
C CYS B 527 -48.80 36.22 -8.53
N TYR B 528 -47.60 36.38 -8.00
CA TYR B 528 -47.37 37.14 -6.78
C TYR B 528 -46.26 38.15 -7.01
N PHE B 529 -46.32 39.24 -6.25
CA PHE B 529 -45.28 40.26 -6.34
C PHE B 529 -43.94 39.67 -5.91
N PRO B 530 -42.83 40.12 -6.51
CA PRO B 530 -41.53 39.49 -6.23
C PRO B 530 -40.95 39.89 -4.89
N LEU B 531 -41.28 41.08 -4.39
CA LEU B 531 -40.71 41.61 -3.16
C LEU B 531 -41.81 41.92 -2.15
N GLN B 532 -41.49 41.73 -0.87
CA GLN B 532 -42.39 42.06 0.22
C GLN B 532 -41.64 42.90 1.25
N SER B 533 -42.27 43.98 1.69
CA SER B 533 -41.64 44.85 2.68
C SER B 533 -41.57 44.15 4.04
N TYR B 534 -40.54 44.50 4.80
CA TYR B 534 -40.34 43.92 6.12
C TYR B 534 -41.20 44.64 7.15
N GLY B 535 -41.83 43.87 8.03
CA GLY B 535 -42.60 44.44 9.12
C GLY B 535 -41.76 44.74 10.34
N PHE B 536 -40.94 45.79 10.25
CA PHE B 536 -40.00 46.14 11.31
C PHE B 536 -40.68 47.13 12.26
N GLN B 537 -41.01 46.67 13.46
CA GLN B 537 -41.57 47.50 14.51
C GLN B 537 -40.81 47.27 15.81
N PRO B 538 -40.78 48.26 16.70
CA PRO B 538 -40.04 48.08 17.96
C PRO B 538 -40.58 46.96 18.83
N THR B 539 -41.83 46.56 18.64
CA THR B 539 -42.43 45.49 19.42
C THR B 539 -42.11 44.10 18.86
N ASN B 540 -41.38 44.02 17.75
CA ASN B 540 -41.10 42.74 17.13
C ASN B 540 -40.39 41.81 18.12
N GLY B 541 -40.80 40.54 18.12
CA GLY B 541 -40.16 39.56 18.96
C GLY B 541 -38.79 39.15 18.44
N VAL B 542 -37.94 38.70 19.37
CA VAL B 542 -36.57 38.36 19.02
C VAL B 542 -36.57 37.31 17.91
N GLY B 543 -35.53 37.34 17.09
CA GLY B 543 -35.41 36.43 15.97
C GLY B 543 -36.10 36.96 14.74
N TYR B 544 -37.20 37.69 14.93
CA TYR B 544 -37.97 38.28 13.86
C TYR B 544 -37.72 39.78 13.74
N GLN B 545 -36.95 40.35 14.66
CA GLN B 545 -36.61 41.76 14.61
C GLN B 545 -35.66 42.04 13.46
N PRO B 546 -35.56 43.30 13.02
CA PRO B 546 -34.56 43.64 12.01
C PRO B 546 -33.14 43.44 12.53
N TYR B 547 -32.24 43.12 11.61
CA TYR B 547 -30.83 42.95 11.94
C TYR B 547 -29.97 43.53 10.83
N ARG B 548 -28.80 44.04 11.21
CA ARG B 548 -27.84 44.58 10.27
C ARG B 548 -26.68 43.59 10.11
N VAL B 549 -26.37 43.27 8.86
CA VAL B 549 -25.37 42.26 8.54
C VAL B 549 -24.29 42.88 7.67
N VAL B 550 -23.04 42.66 8.02
CA VAL B 550 -21.90 43.02 7.19
C VAL B 550 -21.00 41.79 7.08
N VAL B 551 -20.67 41.42 5.85
CA VAL B 551 -19.84 40.25 5.57
C VAL B 551 -18.61 40.70 4.81
N LEU B 552 -17.44 40.31 5.29
CA LEU B 552 -16.18 40.64 4.66
C LEU B 552 -15.70 39.44 3.85
N SER B 553 -15.37 39.69 2.59
CA SER B 553 -14.86 38.67 1.68
C SER B 553 -13.53 39.13 1.11
N PHE B 554 -12.54 38.25 1.17
CA PHE B 554 -11.21 38.56 0.64
C PHE B 554 -10.57 37.28 0.13
N GLU B 555 -9.75 37.43 -0.91
CA GLU B 555 -9.02 36.31 -1.50
C GLU B 555 -7.53 36.48 -1.25
N LEU B 556 -6.86 35.36 -1.03
CA LEU B 556 -5.48 35.34 -0.58
C LEU B 556 -4.57 34.79 -1.66
N LEU B 557 -3.37 35.39 -1.77
CA LEU B 557 -2.35 34.94 -2.71
C LEU B 557 -2.87 34.93 -4.14
N HIS B 558 -3.58 35.99 -4.52
CA HIS B 558 -4.03 36.18 -5.90
C HIS B 558 -3.42 37.41 -6.55
N ALA B 559 -2.62 38.18 -5.82
CA ALA B 559 -2.01 39.40 -6.35
C ALA B 559 -1.08 39.99 -5.29
N PRO B 560 -0.24 40.96 -5.64
CA PRO B 560 0.52 41.66 -4.60
C PRO B 560 -0.42 42.27 -3.57
N ALA B 561 -0.37 41.78 -2.33
CA ALA B 561 -1.32 42.18 -1.32
C ALA B 561 -1.23 43.67 -1.06
N THR B 562 -2.38 44.31 -0.90
CA THR B 562 -2.46 45.73 -0.58
C THR B 562 -3.11 46.02 0.77
N VAL B 563 -3.77 45.05 1.37
CA VAL B 563 -4.39 45.21 2.68
C VAL B 563 -3.61 44.34 3.65
N CYS B 564 -3.08 44.96 4.72
CA CYS B 564 -2.25 44.26 5.68
C CYS B 564 -2.65 44.70 7.09
N GLY B 565 -2.35 43.83 8.06
CA GLY B 565 -2.60 44.14 9.44
C GLY B 565 -1.60 45.12 9.98
N PRO B 566 -1.86 45.65 11.18
CA PRO B 566 -0.96 46.66 11.76
C PRO B 566 0.29 46.04 12.37
N LYS B 567 1.12 45.47 11.52
CA LYS B 567 2.36 44.81 11.96
C LYS B 567 3.54 45.69 11.57
N LYS B 568 4.44 45.89 12.53
CA LYS B 568 5.61 46.73 12.30
C LYS B 568 6.69 45.95 11.57
N SER B 569 7.19 46.52 10.47
CA SER B 569 8.27 45.89 9.74
C SER B 569 9.57 45.98 10.52
N THR B 570 10.49 45.08 10.20
CA THR B 570 11.81 45.04 10.83
C THR B 570 12.88 45.19 9.76
N ASN B 571 14.12 45.35 10.23
CA ASN B 571 15.24 45.51 9.32
C ASN B 571 15.52 44.20 8.59
N LEU B 572 16.13 44.32 7.41
CA LEU B 572 16.43 43.16 6.60
C LEU B 572 17.72 42.49 7.04
N VAL B 573 17.77 41.17 6.91
CA VAL B 573 18.92 40.36 7.29
C VAL B 573 19.26 39.42 6.16
N LYS B 574 20.54 39.28 5.86
CA LYS B 574 20.99 38.45 4.76
C LYS B 574 22.04 37.47 5.24
N ASN B 575 22.17 36.37 4.49
CA ASN B 575 23.23 35.39 4.73
C ASN B 575 23.11 34.77 6.12
N LYS B 576 21.88 34.48 6.54
CA LYS B 576 21.65 33.83 7.82
C LYS B 576 20.33 33.07 7.75
N CYS B 577 20.20 32.08 8.61
CA CYS B 577 18.98 31.29 8.71
C CYS B 577 17.98 32.08 9.56
N VAL B 578 16.95 32.63 8.93
CA VAL B 578 16.00 33.52 9.59
C VAL B 578 14.59 33.11 9.21
N ASN B 579 13.63 33.57 10.01
CA ASN B 579 12.20 33.33 9.78
C ASN B 579 11.63 34.58 9.10
N PHE B 580 11.63 34.57 7.78
CA PHE B 580 11.15 35.73 7.04
C PHE B 580 9.62 35.73 6.97
N ASN B 581 9.08 36.90 6.65
CA ASN B 581 7.64 37.05 6.48
C ASN B 581 7.42 38.21 5.49
N PHE B 582 7.21 37.86 4.23
CA PHE B 582 6.99 38.84 3.17
C PHE B 582 5.50 38.90 2.86
N ASN B 583 4.84 39.97 3.29
CA ASN B 583 3.42 40.16 3.05
C ASN B 583 2.63 38.94 3.54
N GLY B 584 3.01 38.41 4.69
CA GLY B 584 2.37 37.24 5.24
C GLY B 584 2.88 35.93 4.71
N LEU B 585 3.81 35.94 3.75
CA LEU B 585 4.37 34.71 3.19
C LEU B 585 5.48 34.21 4.12
N THR B 586 5.06 33.73 5.28
CA THR B 586 6.01 33.29 6.28
C THR B 586 6.78 32.07 5.81
N GLY B 587 8.00 31.92 6.32
CA GLY B 587 8.83 30.80 5.95
C GLY B 587 10.17 30.89 6.66
N THR B 588 11.00 29.89 6.39
CA THR B 588 12.34 29.81 6.97
C THR B 588 13.34 29.54 5.86
N GLY B 589 14.49 30.20 5.93
CA GLY B 589 15.51 30.01 4.92
C GLY B 589 16.64 30.99 5.11
N VAL B 590 17.49 31.06 4.09
CA VAL B 590 18.66 31.94 4.08
C VAL B 590 18.47 32.91 2.94
N LEU B 591 18.19 34.17 3.27
CA LEU B 591 17.97 35.19 2.27
C LEU B 591 19.30 35.66 1.68
N THR B 592 19.41 35.62 0.36
CA THR B 592 20.62 36.02 -0.34
C THR B 592 20.26 36.93 -1.51
N GLU B 593 21.14 37.87 -1.80
CA GLU B 593 20.95 38.74 -2.95
C GLU B 593 20.91 37.90 -4.21
N SER B 594 19.91 38.15 -5.05
CA SER B 594 19.64 37.31 -6.21
C SER B 594 20.10 38.01 -7.48
N ASN B 595 20.70 37.24 -8.39
CA ASN B 595 21.06 37.73 -9.71
C ASN B 595 19.91 37.61 -10.71
N LYS B 596 18.81 36.97 -10.33
CA LYS B 596 17.67 36.85 -11.23
C LYS B 596 17.09 38.22 -11.54
N LYS B 597 16.45 38.33 -12.70
CA LYS B 597 15.90 39.59 -13.18
C LYS B 597 14.38 39.45 -13.23
N PHE B 598 13.73 39.72 -12.11
CA PHE B 598 12.28 39.74 -12.08
C PHE B 598 11.75 40.83 -13.00
N LEU B 599 10.64 40.54 -13.67
CA LEU B 599 9.97 41.56 -14.44
C LEU B 599 9.25 42.53 -13.51
N PRO B 600 8.95 43.73 -13.99
CA PRO B 600 8.37 44.75 -13.08
C PRO B 600 7.11 44.28 -12.38
N PHE B 601 6.29 43.45 -13.01
CA PHE B 601 5.04 42.99 -12.45
C PHE B 601 5.18 41.70 -11.64
N GLN B 602 6.36 41.12 -11.56
CA GLN B 602 6.56 39.83 -10.93
C GLN B 602 7.03 40.03 -9.49
N GLN B 603 6.42 39.29 -8.56
CA GLN B 603 6.73 39.37 -7.14
C GLN B 603 7.43 38.13 -6.62
N PHE B 604 6.82 36.96 -6.79
CA PHE B 604 7.36 35.71 -6.26
C PHE B 604 8.17 34.99 -7.34
N GLY B 605 8.86 33.95 -6.90
CA GLY B 605 9.50 33.03 -7.82
C GLY B 605 9.33 31.61 -7.31
N ARG B 606 8.71 30.75 -8.11
CA ARG B 606 8.31 29.43 -7.65
C ARG B 606 9.32 28.38 -8.09
N ASP B 607 9.23 27.22 -7.44
CA ASP B 607 10.02 26.05 -7.77
C ASP B 607 9.09 24.89 -8.06
N ILE B 608 9.69 23.72 -8.32
CA ILE B 608 8.91 22.57 -8.77
C ILE B 608 7.88 22.18 -7.71
N ALA B 609 8.28 22.18 -6.44
CA ALA B 609 7.43 21.74 -5.35
C ALA B 609 6.43 22.80 -4.89
N ASP B 610 6.19 23.83 -5.70
CA ASP B 610 5.31 24.92 -5.29
C ASP B 610 5.87 25.62 -4.05
N THR B 611 7.17 25.94 -4.11
CA THR B 611 7.88 26.58 -3.02
C THR B 611 8.58 27.81 -3.55
N THR B 612 8.44 28.94 -2.86
CA THR B 612 9.02 30.20 -3.31
C THR B 612 10.52 30.17 -3.11
N ASP B 613 11.27 30.15 -4.20
CA ASP B 613 12.72 30.21 -4.15
C ASP B 613 13.27 31.59 -4.50
N ALA B 614 12.40 32.59 -4.57
CA ALA B 614 12.84 33.96 -4.83
C ALA B 614 11.70 34.93 -4.54
N VAL B 615 11.98 36.00 -3.80
CA VAL B 615 10.96 36.94 -3.39
C VAL B 615 11.46 38.36 -3.65
N ARG B 616 10.52 39.29 -3.73
CA ARG B 616 10.80 40.71 -3.94
C ARG B 616 10.33 41.48 -2.72
N ASP B 617 11.24 42.21 -2.09
CA ASP B 617 10.92 42.86 -0.81
C ASP B 617 9.85 43.92 -1.02
N PRO B 618 8.80 43.95 -0.19
CA PRO B 618 7.76 44.97 -0.39
C PRO B 618 8.26 46.39 -0.23
N GLN B 619 9.23 46.64 0.65
CA GLN B 619 9.66 48.01 0.91
C GLN B 619 10.61 48.50 -0.17
N THR B 620 11.77 47.86 -0.31
CA THR B 620 12.71 48.16 -1.36
C THR B 620 12.53 47.13 -2.47
N LEU B 621 12.26 47.60 -3.68
CA LEU B 621 11.96 46.71 -4.80
C LEU B 621 13.25 46.04 -5.23
N GLU B 622 13.64 45.01 -4.49
CA GLU B 622 14.81 44.20 -4.79
C GLU B 622 14.44 42.73 -4.63
N ILE B 623 15.18 41.88 -5.33
CA ILE B 623 14.88 40.45 -5.39
C ILE B 623 15.91 39.71 -4.55
N LEU B 624 15.43 38.88 -3.64
CA LEU B 624 16.27 38.10 -2.74
C LEU B 624 16.03 36.61 -2.98
N ASP B 625 17.11 35.87 -3.20
CA ASP B 625 17.00 34.43 -3.28
C ASP B 625 16.67 33.84 -1.92
N ILE B 626 15.98 32.71 -1.93
CA ILE B 626 15.63 31.99 -0.71
C ILE B 626 16.27 30.62 -0.79
N THR B 627 17.04 30.26 0.23
CA THR B 627 17.68 28.97 0.32
C THR B 627 17.38 28.37 1.69
N PRO B 628 16.89 27.14 1.76
CA PRO B 628 16.57 26.56 3.07
C PRO B 628 17.81 26.36 3.91
N CYS B 629 17.65 26.48 5.22
CA CYS B 629 18.76 26.29 6.14
C CYS B 629 19.29 24.87 6.01
N SER B 630 20.60 24.72 6.15
CA SER B 630 21.24 23.43 5.91
C SER B 630 20.70 22.37 6.85
N PHE B 631 20.63 21.14 6.35
CA PHE B 631 20.14 20.01 7.14
C PHE B 631 20.76 18.73 6.60
N GLY B 632 20.73 17.70 7.44
CA GLY B 632 21.25 16.41 7.04
C GLY B 632 21.21 15.46 8.21
N GLY B 633 21.34 14.17 7.88
CA GLY B 633 21.33 13.15 8.91
C GLY B 633 22.58 13.17 9.75
N VAL B 634 22.49 12.54 10.92
CA VAL B 634 23.61 12.44 11.85
C VAL B 634 23.85 10.96 12.11
N SER B 635 25.08 10.52 11.87
CA SER B 635 25.48 9.14 12.12
C SER B 635 26.53 9.12 13.22
N VAL B 636 26.48 8.08 14.05
CA VAL B 636 27.44 7.89 15.13
C VAL B 636 28.33 6.73 14.75
N ILE B 637 29.63 6.97 14.67
CA ILE B 637 30.61 5.95 14.32
C ILE B 637 31.24 5.47 15.61
N THR B 638 30.92 4.26 16.01
CA THR B 638 31.42 3.71 17.26
C THR B 638 32.00 2.33 17.04
N PRO B 639 33.09 1.98 17.71
CA PRO B 639 33.50 0.58 17.83
C PRO B 639 32.58 -0.10 18.84
N GLY B 640 32.78 -1.40 19.01
CA GLY B 640 31.97 -2.13 19.96
C GLY B 640 32.02 -1.49 21.34
N THR B 641 30.86 -1.38 21.97
CA THR B 641 30.82 -0.76 23.30
C THR B 641 31.76 -1.46 24.26
N ASN B 642 31.96 -2.77 24.10
CA ASN B 642 32.93 -3.48 24.93
C ASN B 642 34.32 -2.86 24.77
N THR B 643 34.71 -2.54 23.54
CA THR B 643 36.04 -1.99 23.32
C THR B 643 36.20 -0.65 24.03
N SER B 644 35.28 0.28 23.81
CA SER B 644 35.38 1.60 24.40
C SER B 644 34.05 2.32 24.22
N ASN B 645 33.89 3.41 24.97
CA ASN B 645 32.71 4.26 24.89
C ASN B 645 32.97 5.51 24.06
N GLN B 646 34.09 5.58 23.37
CA GLN B 646 34.38 6.73 22.52
C GLN B 646 33.66 6.59 21.19
N VAL B 647 33.17 7.71 20.65
CA VAL B 647 32.43 7.73 19.41
C VAL B 647 32.81 8.97 18.61
N ALA B 648 32.41 8.98 17.35
CA ALA B 648 32.60 10.11 16.45
C ALA B 648 31.39 10.24 15.56
N VAL B 649 30.88 11.45 15.40
CA VAL B 649 29.65 11.69 14.68
C VAL B 649 29.96 12.24 13.30
N LEU B 650 29.10 11.93 12.35
CA LEU B 650 29.23 12.39 10.97
C LEU B 650 27.96 13.14 10.59
N TYR B 651 28.12 14.40 10.19
CA TYR B 651 26.99 15.22 9.75
C TYR B 651 26.90 15.09 8.24
N GLN B 652 26.02 14.20 7.78
CA GLN B 652 25.97 13.86 6.37
C GLN B 652 25.60 15.07 5.51
N GLY B 653 26.40 15.33 4.50
CA GLY B 653 26.10 16.39 3.55
C GLY B 653 25.99 17.76 4.18
N VAL B 654 26.83 18.06 5.18
CA VAL B 654 26.81 19.33 5.88
C VAL B 654 28.22 19.90 5.86
N ASN B 655 28.34 21.16 5.50
CA ASN B 655 29.65 21.82 5.54
C ASN B 655 30.16 21.85 6.97
N CYS B 656 31.49 21.90 7.11
CA CYS B 656 32.09 21.96 8.43
C CYS B 656 32.01 23.33 9.05
N THR B 657 31.37 24.30 8.39
CA THR B 657 31.16 25.62 8.96
C THR B 657 29.77 25.78 9.55
N GLU B 658 28.78 25.06 9.03
CA GLU B 658 27.43 25.18 9.57
C GLU B 658 27.37 24.69 11.01
N VAL B 659 28.06 23.58 11.31
CA VAL B 659 28.09 23.10 12.68
C VAL B 659 28.74 24.10 13.62
N PRO B 660 29.92 24.66 13.32
CA PRO B 660 30.42 25.76 14.16
C PRO B 660 29.46 26.92 14.27
N VAL B 661 28.77 27.25 13.18
CA VAL B 661 27.81 28.37 13.20
C VAL B 661 26.71 28.08 14.21
N ALA B 662 26.21 26.84 14.24
CA ALA B 662 25.14 26.47 15.15
C ALA B 662 25.57 26.51 16.60
N ILE B 663 26.87 26.58 16.88
CA ILE B 663 27.35 26.71 18.25
C ILE B 663 27.94 28.11 18.46
N THR B 671 19.21 19.42 21.34
CA THR B 671 20.25 18.62 20.69
C THR B 671 21.62 18.95 21.28
N TRP B 672 22.36 17.92 21.66
CA TRP B 672 23.69 18.12 22.23
C TRP B 672 24.58 18.85 21.23
N ARG B 673 25.42 19.75 21.76
CA ARG B 673 26.33 20.54 20.93
C ARG B 673 27.73 20.59 21.51
N VAL B 674 28.05 19.72 22.47
CA VAL B 674 29.38 19.74 23.08
C VAL B 674 30.44 19.36 22.05
N TYR B 675 30.12 18.42 21.16
CA TYR B 675 31.09 18.01 20.14
C TYR B 675 31.43 19.14 19.18
N SER B 676 30.57 20.15 19.05
CA SER B 676 30.81 21.22 18.10
C SER B 676 32.05 22.05 18.43
N THR B 677 32.60 21.92 19.64
CA THR B 677 33.77 22.71 20.00
C THR B 677 34.89 22.53 19.00
N GLY B 678 35.12 21.29 18.56
CA GLY B 678 36.09 21.04 17.51
C GLY B 678 37.32 20.30 17.98
N SER B 679 38.48 20.73 17.48
CA SER B 679 39.79 20.11 17.67
C SER B 679 39.95 18.85 16.84
N ASN B 680 38.88 18.32 16.23
CA ASN B 680 38.99 17.13 15.40
C ASN B 680 38.13 17.23 14.14
N VAL B 681 37.48 18.36 13.89
CA VAL B 681 36.67 18.49 12.69
C VAL B 681 37.53 18.20 11.46
N PHE B 682 36.97 17.43 10.53
CA PHE B 682 37.72 17.00 9.35
C PHE B 682 36.72 16.88 8.21
N GLN B 683 36.64 17.90 7.37
CA GLN B 683 35.72 17.87 6.24
C GLN B 683 36.03 16.69 5.33
N THR B 684 34.97 16.02 4.88
CA THR B 684 35.10 14.91 3.95
C THR B 684 34.02 15.03 2.90
N ARG B 685 34.16 14.26 1.82
CA ARG B 685 33.20 14.33 0.74
C ARG B 685 31.80 13.90 1.17
N ALA B 686 31.69 13.22 2.31
CA ALA B 686 30.39 12.77 2.81
C ALA B 686 29.79 13.76 3.80
N GLY B 687 30.60 14.51 4.51
CA GLY B 687 30.11 15.47 5.49
C GLY B 687 31.11 15.66 6.61
N CYS B 688 30.86 16.69 7.40
CA CYS B 688 31.76 16.99 8.50
C CYS B 688 31.86 15.81 9.45
N LEU B 689 33.09 15.43 9.79
CA LEU B 689 33.37 14.32 10.69
C LEU B 689 34.02 14.88 11.94
N ILE B 690 33.44 14.56 13.10
CA ILE B 690 33.87 15.14 14.37
C ILE B 690 34.28 14.01 15.30
N GLY B 691 35.42 14.18 15.96
CA GLY B 691 35.91 13.21 16.92
C GLY B 691 36.84 12.17 16.36
N ALA B 692 37.20 12.25 15.08
CA ALA B 692 38.07 11.28 14.45
C ALA B 692 39.33 11.97 13.94
N GLU B 693 40.44 11.23 13.94
CA GLU B 693 41.73 11.74 13.51
C GLU B 693 42.04 11.24 12.10
N HIS B 694 42.49 12.14 11.24
CA HIS B 694 42.79 11.80 9.86
C HIS B 694 44.24 11.38 9.74
N VAL B 695 44.50 10.30 9.00
CA VAL B 695 45.83 9.71 8.89
C VAL B 695 46.12 9.40 7.43
N ASN B 696 47.36 9.64 7.01
CA ASN B 696 47.76 9.34 5.63
C ASN B 696 47.71 7.84 5.37
N ASN B 697 48.13 7.03 6.33
CA ASN B 697 48.21 5.60 6.12
C ASN B 697 46.87 5.03 5.71
N SER B 698 46.88 4.07 4.79
CA SER B 698 45.68 3.43 4.28
C SER B 698 45.60 2.01 4.81
N TYR B 699 44.42 1.63 5.28
CA TYR B 699 44.17 0.30 5.83
C TYR B 699 42.92 -0.28 5.19
N GLU B 700 42.71 -1.58 5.38
CA GLU B 700 41.48 -2.21 4.91
C GLU B 700 40.29 -1.58 5.61
N CYS B 701 39.21 -1.39 4.86
CA CYS B 701 38.03 -0.72 5.42
C CYS B 701 37.49 -1.50 6.60
N ASP B 702 37.22 -0.79 7.70
CA ASP B 702 36.65 -1.37 8.90
C ASP B 702 35.23 -0.90 9.14
N ILE B 703 35.01 0.40 9.19
CA ILE B 703 33.69 0.99 9.32
C ILE B 703 33.48 1.93 8.14
N PRO B 704 32.71 1.51 7.13
CA PRO B 704 32.52 2.37 5.96
C PRO B 704 31.82 3.66 6.34
N ILE B 705 32.22 4.75 5.67
CA ILE B 705 31.62 6.06 5.90
C ILE B 705 31.00 6.54 4.60
N GLY B 706 31.80 6.63 3.56
CA GLY B 706 31.32 7.07 2.26
C GLY B 706 32.43 7.76 1.49
N ALA B 707 32.28 7.73 0.17
CA ALA B 707 33.24 8.37 -0.73
C ALA B 707 34.65 7.85 -0.47
N GLY B 708 34.77 6.56 -0.22
CA GLY B 708 36.07 5.95 -0.06
C GLY B 708 36.75 6.21 1.27
N ILE B 709 36.02 6.71 2.26
CA ILE B 709 36.57 6.97 3.60
C ILE B 709 36.04 5.90 4.54
N CYS B 710 36.91 5.37 5.38
CA CYS B 710 36.53 4.41 6.41
C CYS B 710 37.17 4.82 7.72
N ALA B 711 36.54 4.43 8.82
CA ALA B 711 37.02 4.76 10.16
C ALA B 711 37.36 3.48 10.91
N SER B 712 38.35 3.58 11.80
CA SER B 712 38.77 2.43 12.59
C SER B 712 39.38 2.92 13.90
N TYR B 713 39.41 2.01 14.87
CA TYR B 713 39.92 2.29 16.21
C TYR B 713 41.29 1.63 16.35
N GLN B 714 42.33 2.34 15.90
CA GLN B 714 43.64 1.72 15.74
C GLN B 714 44.81 2.61 16.13
N THR B 715 44.60 3.81 16.66
CA THR B 715 45.73 4.67 17.01
C THR B 715 46.47 4.05 18.17
N GLN B 716 47.58 3.37 17.89
CA GLN B 716 48.29 2.58 18.89
C GLN B 716 47.38 1.52 19.52
N THR B 717 46.32 1.14 18.81
CA THR B 717 45.37 0.16 19.31
C THR B 717 44.90 0.54 20.71
N ALA B 727 51.20 5.19 24.56
CA ALA B 727 50.27 5.76 23.59
C ALA B 727 48.82 5.54 24.06
N SER B 728 47.88 6.08 23.31
CA SER B 728 46.46 5.99 23.63
C SER B 728 45.66 5.60 22.41
N GLN B 729 44.53 4.95 22.64
CA GLN B 729 43.65 4.55 21.55
C GLN B 729 42.76 5.70 21.12
N SER B 730 42.47 5.76 19.83
CA SER B 730 41.59 6.79 19.30
C SER B 730 41.04 6.33 17.96
N ILE B 731 39.95 6.97 17.55
CA ILE B 731 39.32 6.64 16.27
C ILE B 731 40.01 7.41 15.15
N ILE B 732 40.27 6.72 14.04
CA ILE B 732 40.98 7.31 12.91
C ILE B 732 40.15 7.14 11.66
N ALA B 733 40.23 8.13 10.78
CA ALA B 733 39.58 8.09 9.48
C ALA B 733 40.66 8.15 8.41
N TYR B 734 40.58 7.24 7.44
CA TYR B 734 41.58 7.11 6.41
C TYR B 734 40.89 6.84 5.08
N THR B 735 41.68 6.63 4.03
CA THR B 735 41.17 6.24 2.73
C THR B 735 41.40 4.75 2.56
N MET B 736 40.31 4.00 2.39
CA MET B 736 40.42 2.55 2.33
C MET B 736 41.35 2.13 1.21
N SER B 737 42.15 1.11 1.48
CA SER B 737 43.08 0.55 0.51
C SER B 737 42.47 -0.71 -0.09
N LEU B 738 42.42 -0.78 -1.41
CA LEU B 738 41.77 -1.91 -2.07
C LEU B 738 42.51 -3.21 -1.79
N GLY B 739 43.84 -3.17 -1.79
CA GLY B 739 44.61 -4.35 -1.53
C GLY B 739 46.08 -4.09 -1.74
N ALA B 740 46.87 -5.13 -1.50
CA ALA B 740 48.31 -5.03 -1.66
C ALA B 740 48.69 -5.10 -3.13
N GLU B 741 49.50 -4.14 -3.58
CA GLU B 741 49.98 -4.16 -4.95
C GLU B 741 50.76 -5.44 -5.20
N ASN B 742 50.56 -6.04 -6.38
CA ASN B 742 51.23 -7.30 -6.71
C ASN B 742 51.48 -7.29 -8.22
N SER B 743 52.66 -6.85 -8.60
CA SER B 743 53.05 -6.80 -10.01
C SER B 743 53.49 -8.18 -10.45
N VAL B 744 52.71 -8.80 -11.34
CA VAL B 744 53.07 -10.12 -11.83
C VAL B 744 54.36 -10.04 -12.64
N ALA B 745 55.04 -11.18 -12.75
CA ALA B 745 56.34 -11.25 -13.43
C ALA B 745 56.20 -11.66 -14.88
N TYR B 746 55.13 -11.20 -15.54
CA TYR B 746 54.82 -11.67 -16.89
C TYR B 746 56.00 -11.42 -17.83
N SER B 747 56.28 -12.43 -18.66
CA SER B 747 57.26 -12.30 -19.73
C SER B 747 56.85 -13.25 -20.83
N ASN B 748 57.33 -13.00 -22.04
CA ASN B 748 56.86 -13.74 -23.19
C ASN B 748 57.37 -15.18 -23.22
N ASN B 749 58.29 -15.56 -22.34
CA ASN B 749 58.78 -16.93 -22.32
C ASN B 749 58.96 -17.45 -20.91
N SER B 750 58.12 -17.01 -19.98
CA SER B 750 58.21 -17.43 -18.58
C SER B 750 56.85 -17.89 -18.11
N ILE B 751 56.80 -19.06 -17.49
CA ILE B 751 55.57 -19.63 -16.96
C ILE B 751 55.83 -20.13 -15.55
N ALA B 752 54.78 -20.14 -14.74
CA ALA B 752 54.84 -20.63 -13.38
C ALA B 752 53.85 -21.77 -13.23
N ILE B 753 54.35 -22.93 -12.80
CA ILE B 753 53.54 -24.14 -12.69
C ILE B 753 53.55 -24.56 -11.22
N PRO B 754 52.40 -24.78 -10.59
CA PRO B 754 52.41 -25.19 -9.19
C PRO B 754 53.02 -26.57 -9.03
N THR B 755 53.63 -26.78 -7.85
CA THR B 755 54.26 -28.06 -7.52
C THR B 755 53.62 -28.70 -6.30
N ASN B 756 52.48 -28.20 -5.84
CA ASN B 756 51.85 -28.70 -4.63
C ASN B 756 50.44 -28.13 -4.59
N PHE B 757 49.64 -28.63 -3.65
CA PHE B 757 48.25 -28.23 -3.57
C PHE B 757 47.78 -28.25 -2.13
N THR B 758 46.68 -27.54 -1.87
CA THR B 758 46.00 -27.59 -0.58
C THR B 758 44.52 -27.80 -0.85
N ILE B 759 43.93 -28.74 -0.14
CA ILE B 759 42.50 -29.01 -0.22
C ILE B 759 41.82 -28.11 0.81
N SER B 760 40.91 -27.26 0.33
CA SER B 760 40.26 -26.27 1.18
C SER B 760 38.77 -26.56 1.23
N VAL B 761 38.22 -26.53 2.44
CA VAL B 761 36.79 -26.73 2.66
C VAL B 761 36.23 -25.42 3.22
N THR B 762 35.35 -24.79 2.45
CA THR B 762 34.76 -23.53 2.84
C THR B 762 33.24 -23.69 2.94
N THR B 763 32.65 -22.90 3.82
CA THR B 763 31.22 -22.97 4.08
C THR B 763 30.48 -21.88 3.32
N GLU B 764 29.18 -22.10 3.11
CA GLU B 764 28.34 -21.15 2.40
C GLU B 764 26.91 -21.31 2.89
N ILE B 765 26.34 -20.22 3.39
CA ILE B 765 25.02 -20.24 4.03
C ILE B 765 24.03 -19.54 3.12
N LEU B 766 22.88 -20.16 2.91
CA LEU B 766 21.84 -19.61 2.06
C LEU B 766 20.47 -19.75 2.73
N PRO B 767 19.72 -18.67 2.92
CA PRO B 767 18.35 -18.81 3.40
C PRO B 767 17.51 -19.58 2.39
N VAL B 768 16.61 -20.42 2.89
CA VAL B 768 15.75 -21.24 2.06
C VAL B 768 14.27 -20.94 2.29
N SER B 769 13.87 -20.72 3.53
CA SER B 769 12.47 -20.46 3.84
C SER B 769 12.38 -19.59 5.08
N MET B 770 11.21 -18.99 5.26
CA MET B 770 10.94 -18.16 6.43
C MET B 770 9.62 -18.58 7.04
N THR B 771 9.45 -18.25 8.32
CA THR B 771 8.29 -18.71 9.06
C THR B 771 7.00 -18.27 8.37
N LYS B 772 6.07 -19.20 8.22
CA LYS B 772 4.77 -18.87 7.68
C LYS B 772 3.95 -18.10 8.71
N THR B 773 2.99 -17.33 8.22
CA THR B 773 2.08 -16.61 9.10
C THR B 773 0.72 -16.53 8.44
N SER B 774 -0.31 -16.46 9.28
CA SER B 774 -1.67 -16.25 8.82
C SER B 774 -2.32 -15.27 9.79
N VAL B 775 -2.99 -14.26 9.26
CA VAL B 775 -3.56 -13.19 10.06
C VAL B 775 -5.07 -13.15 9.82
N ASP B 776 -5.83 -13.27 10.90
CA ASP B 776 -7.27 -13.10 10.85
C ASP B 776 -7.54 -11.60 10.77
N CYS B 777 -7.81 -11.11 9.56
CA CYS B 777 -7.95 -9.67 9.35
C CYS B 777 -9.06 -9.09 10.23
N THR B 778 -10.20 -9.75 10.26
CA THR B 778 -11.32 -9.25 11.05
C THR B 778 -10.94 -9.16 12.53
N MET B 779 -10.36 -10.23 13.07
CA MET B 779 -10.01 -10.21 14.49
C MET B 779 -8.98 -9.14 14.77
N TYR B 780 -7.96 -9.03 13.94
CA TYR B 780 -6.92 -8.03 14.16
C TYR B 780 -7.52 -6.63 14.19
N ILE B 781 -8.34 -6.30 13.19
CA ILE B 781 -8.83 -4.93 13.09
C ILE B 781 -9.87 -4.64 14.17
N CYS B 782 -10.80 -5.57 14.41
CA CYS B 782 -12.00 -5.33 15.19
C CYS B 782 -12.19 -6.42 16.23
N GLY B 783 -11.14 -6.71 17.00
CA GLY B 783 -11.22 -7.79 17.96
C GLY B 783 -12.45 -7.72 18.84
N ASP B 784 -13.38 -8.66 18.62
CA ASP B 784 -14.57 -8.79 19.45
C ASP B 784 -15.36 -7.49 19.50
N SER B 785 -15.87 -7.07 18.34
CA SER B 785 -16.66 -5.85 18.25
C SER B 785 -17.60 -5.99 17.06
N THR B 786 -18.88 -6.24 17.33
CA THR B 786 -19.85 -6.39 16.25
C THR B 786 -19.99 -5.12 15.44
N GLU B 787 -20.01 -3.97 16.11
CA GLU B 787 -20.15 -2.71 15.38
C GLU B 787 -18.95 -2.47 14.47
N CYS B 788 -17.74 -2.74 14.99
CA CYS B 788 -16.55 -2.57 14.17
C CYS B 788 -16.55 -3.52 12.98
N SER B 789 -17.00 -4.77 13.20
CA SER B 789 -17.09 -5.70 12.09
C SER B 789 -18.09 -5.22 11.04
N ASN B 790 -19.23 -4.71 11.48
CA ASN B 790 -20.22 -4.21 10.54
C ASN B 790 -19.67 -3.04 9.74
N LEU B 791 -18.89 -2.17 10.38
CA LEU B 791 -18.24 -1.09 9.65
C LEU B 791 -17.22 -1.63 8.66
N LEU B 792 -16.47 -2.67 9.05
CA LEU B 792 -15.47 -3.23 8.15
C LEU B 792 -16.12 -3.87 6.93
N LEU B 793 -17.35 -4.33 7.07
CA LEU B 793 -18.06 -4.88 5.92
C LEU B 793 -18.17 -3.83 4.81
N GLN B 794 -18.11 -2.55 5.15
CA GLN B 794 -18.14 -1.51 4.13
C GLN B 794 -17.00 -1.70 3.14
N TYR B 795 -15.78 -1.88 3.66
CA TYR B 795 -14.64 -2.10 2.79
C TYR B 795 -14.70 -3.47 2.14
N GLY B 796 -14.98 -4.50 2.94
CA GLY B 796 -15.29 -5.80 2.37
C GLY B 796 -14.12 -6.72 2.06
N SER B 797 -13.66 -6.73 0.82
CA SER B 797 -12.79 -7.79 0.31
C SER B 797 -11.31 -7.59 0.64
N PHE B 798 -10.95 -6.53 1.35
CA PHE B 798 -9.54 -6.33 1.68
C PHE B 798 -9.03 -7.48 2.55
N CYS B 799 -9.84 -7.93 3.51
CA CYS B 799 -9.40 -9.03 4.36
C CYS B 799 -9.17 -10.30 3.53
N THR B 800 -10.06 -10.58 2.57
CA THR B 800 -9.86 -11.74 1.73
C THR B 800 -8.59 -11.61 0.90
N GLN B 801 -8.32 -10.42 0.36
CA GLN B 801 -7.09 -10.22 -0.38
C GLN B 801 -5.87 -10.51 0.48
N LEU B 802 -5.85 -9.97 1.70
CA LEU B 802 -4.69 -10.16 2.56
C LEU B 802 -4.51 -11.64 2.91
N ASN B 803 -5.59 -12.32 3.24
CA ASN B 803 -5.49 -13.74 3.55
C ASN B 803 -4.97 -14.53 2.36
N ARG B 804 -5.46 -14.22 1.16
CA ARG B 804 -4.99 -14.92 -0.02
C ARG B 804 -3.50 -14.72 -0.21
N ALA B 805 -3.03 -13.48 -0.06
CA ALA B 805 -1.60 -13.21 -0.25
C ALA B 805 -0.77 -14.00 0.75
N LEU B 806 -1.16 -13.97 2.02
CA LEU B 806 -0.37 -14.66 3.04
C LEU B 806 -0.38 -16.16 2.82
N THR B 807 -1.53 -16.73 2.42
CA THR B 807 -1.57 -18.15 2.13
C THR B 807 -0.65 -18.51 0.97
N GLY B 808 -0.65 -17.69 -0.07
CA GLY B 808 0.28 -17.91 -1.16
C GLY B 808 1.72 -17.91 -0.69
N ILE B 809 2.06 -16.98 0.21
CA ILE B 809 3.42 -16.92 0.72
C ILE B 809 3.76 -18.21 1.46
N ALA B 810 2.85 -18.70 2.30
CA ALA B 810 3.13 -19.91 3.07
C ALA B 810 3.34 -21.12 2.16
N VAL B 811 2.46 -21.28 1.18
CA VAL B 811 2.61 -22.38 0.24
C VAL B 811 3.95 -22.25 -0.47
N GLU B 812 4.35 -21.03 -0.81
CA GLU B 812 5.63 -20.83 -1.46
C GLU B 812 6.78 -21.26 -0.56
N GLN B 813 6.69 -20.98 0.74
CA GLN B 813 7.75 -21.41 1.65
C GLN B 813 7.91 -22.92 1.63
N ASP B 814 6.79 -23.63 1.72
CA ASP B 814 6.85 -25.09 1.70
C ASP B 814 7.43 -25.58 0.38
N LYS B 815 7.01 -24.98 -0.73
CA LYS B 815 7.54 -25.38 -2.03
C LYS B 815 9.04 -25.13 -2.11
N ASN B 816 9.51 -24.02 -1.53
CA ASN B 816 10.94 -23.73 -1.55
C ASN B 816 11.73 -24.81 -0.83
N THR B 817 11.29 -25.17 0.38
CA THR B 817 12.01 -26.21 1.10
C THR B 817 11.99 -27.52 0.31
N GLN B 818 10.84 -27.87 -0.25
CA GLN B 818 10.75 -29.10 -1.04
C GLN B 818 11.75 -29.07 -2.20
N GLU B 819 11.77 -27.97 -2.94
CA GLU B 819 12.64 -27.88 -4.11
C GLU B 819 14.11 -27.99 -3.71
N VAL B 820 14.48 -27.34 -2.61
CA VAL B 820 15.89 -27.35 -2.22
C VAL B 820 16.32 -28.75 -1.79
N PHE B 821 15.52 -29.41 -0.96
CA PHE B 821 16.00 -30.64 -0.31
C PHE B 821 15.54 -31.92 -0.98
N ALA B 822 14.25 -32.04 -1.29
CA ALA B 822 13.70 -33.31 -1.79
C ALA B 822 14.16 -33.54 -3.22
N GLN B 823 15.44 -33.92 -3.35
CA GLN B 823 16.04 -34.16 -4.65
C GLN B 823 16.56 -35.58 -4.81
N VAL B 824 16.20 -36.49 -3.92
CA VAL B 824 16.64 -37.87 -3.98
C VAL B 824 15.41 -38.77 -4.04
N LYS B 825 15.37 -39.64 -5.05
CA LYS B 825 14.26 -40.57 -5.18
C LYS B 825 14.26 -41.62 -4.07
N GLN B 826 15.41 -41.90 -3.47
CA GLN B 826 15.51 -42.91 -2.42
C GLN B 826 16.36 -42.38 -1.29
N ILE B 827 16.16 -42.95 -0.11
CA ILE B 827 16.86 -42.52 1.10
C ILE B 827 18.06 -43.45 1.25
N TYR B 828 19.18 -43.08 0.64
CA TYR B 828 20.38 -43.87 0.77
C TYR B 828 20.90 -43.80 2.21
N LYS B 829 21.68 -44.81 2.58
CA LYS B 829 22.31 -44.83 3.89
C LYS B 829 23.69 -45.43 3.78
N THR B 830 24.64 -44.85 4.49
CA THR B 830 26.02 -45.30 4.43
C THR B 830 26.15 -46.69 5.05
N PRO B 831 27.05 -47.52 4.56
CA PRO B 831 27.26 -48.84 5.15
C PRO B 831 27.87 -48.72 6.53
N PRO B 832 27.72 -49.75 7.37
CA PRO B 832 28.25 -49.66 8.74
C PRO B 832 29.74 -49.41 8.80
N ILE B 833 30.51 -49.95 7.86
CA ILE B 833 31.97 -49.84 7.88
C ILE B 833 32.36 -48.60 7.09
N LYS B 834 33.06 -47.67 7.75
CA LYS B 834 33.43 -46.40 7.14
C LYS B 834 34.86 -46.48 6.63
N ASP B 835 35.06 -47.31 5.60
CA ASP B 835 36.36 -47.48 4.97
C ASP B 835 36.44 -46.61 3.71
N PHE B 836 36.43 -45.31 3.92
CA PHE B 836 36.44 -44.35 2.82
C PHE B 836 37.84 -43.90 2.46
N GLY B 837 38.72 -44.85 2.19
CA GLY B 837 40.03 -44.53 1.65
C GLY B 837 40.84 -43.57 2.49
N GLY B 838 40.57 -43.51 3.79
CA GLY B 838 41.28 -42.63 4.68
C GLY B 838 40.56 -41.34 5.00
N PHE B 839 39.58 -40.95 4.18
CA PHE B 839 38.79 -39.78 4.50
C PHE B 839 37.86 -40.07 5.65
N ASN B 840 37.56 -39.03 6.44
CA ASN B 840 36.80 -39.18 7.67
C ASN B 840 35.66 -38.18 7.67
N PHE B 841 34.42 -38.70 7.60
CA PHE B 841 33.22 -37.87 7.54
C PHE B 841 32.43 -37.92 8.84
N SER B 842 33.06 -38.32 9.94
CA SER B 842 32.30 -38.52 11.18
C SER B 842 31.58 -37.26 11.61
N GLN B 843 32.12 -36.08 11.28
CA GLN B 843 31.55 -34.84 11.76
C GLN B 843 30.42 -34.31 10.89
N ILE B 844 30.10 -34.97 9.78
CA ILE B 844 28.98 -34.55 8.95
C ILE B 844 27.93 -35.64 8.78
N LEU B 845 28.26 -36.90 9.03
CA LEU B 845 27.27 -37.96 8.94
C LEU B 845 26.40 -37.98 10.19
N PRO B 846 25.21 -38.58 10.09
CA PRO B 846 24.30 -38.56 11.24
C PRO B 846 24.88 -39.29 12.44
N ASP B 847 24.49 -38.81 13.62
CA ASP B 847 24.90 -39.42 14.89
C ASP B 847 23.69 -40.10 15.50
N PRO B 848 23.58 -41.44 15.42
CA PRO B 848 22.37 -42.10 15.93
C PRO B 848 22.15 -41.91 17.42
N SER B 849 23.19 -41.59 18.18
CA SER B 849 23.05 -41.48 19.62
C SER B 849 22.04 -40.41 20.00
N LYS B 850 22.11 -39.26 19.33
CA LYS B 850 21.22 -38.16 19.67
C LYS B 850 19.78 -38.49 19.29
N PRO B 851 18.79 -38.00 20.05
CA PRO B 851 17.39 -38.28 19.69
C PRO B 851 17.04 -37.81 18.28
N SER B 852 17.55 -36.66 17.88
CA SER B 852 17.39 -36.16 16.52
C SER B 852 18.63 -36.53 15.73
N LYS B 853 18.44 -37.31 14.66
CA LYS B 853 19.56 -37.86 13.90
C LYS B 853 20.19 -36.75 13.06
N ARG B 854 20.86 -35.83 13.76
CA ARG B 854 21.58 -34.74 13.14
C ARG B 854 23.08 -34.94 13.34
N SER B 855 23.85 -34.36 12.43
CA SER B 855 25.30 -34.47 12.51
C SER B 855 25.84 -33.47 13.53
N PHE B 856 27.14 -33.62 13.83
CA PHE B 856 27.78 -32.71 14.76
C PHE B 856 27.65 -31.26 14.30
N ILE B 857 27.99 -31.00 13.04
CA ILE B 857 27.94 -29.64 12.53
C ILE B 857 26.51 -29.14 12.44
N GLU B 858 25.56 -30.03 12.10
CA GLU B 858 24.16 -29.59 12.07
C GLU B 858 23.69 -29.18 13.44
N ASP B 859 24.07 -29.92 14.48
CA ASP B 859 23.75 -29.49 15.84
C ASP B 859 24.41 -28.17 16.17
N LEU B 860 25.66 -28.00 15.75
CA LEU B 860 26.33 -26.72 15.98
C LEU B 860 25.53 -25.57 15.38
N LEU B 861 25.10 -25.73 14.13
CA LEU B 861 24.32 -24.68 13.47
C LEU B 861 23.01 -24.43 14.20
N PHE B 862 22.31 -25.49 14.58
CA PHE B 862 21.02 -25.32 15.25
C PHE B 862 21.19 -24.58 16.56
N ASN B 863 22.25 -24.88 17.31
CA ASN B 863 22.51 -24.15 18.54
C ASN B 863 22.87 -22.70 18.27
N LYS B 864 23.68 -22.45 17.24
CA LYS B 864 24.10 -21.08 16.97
C LYS B 864 22.91 -20.20 16.61
N VAL B 865 22.01 -20.68 15.77
CA VAL B 865 20.85 -19.88 15.37
C VAL B 865 19.83 -19.91 16.51
N THR B 866 19.54 -18.75 17.07
CA THR B 866 18.65 -18.61 18.22
C THR B 866 17.50 -17.70 17.88
N LEU B 867 16.30 -18.09 18.30
CA LEU B 867 15.11 -17.29 18.07
C LEU B 867 15.16 -16.02 18.91
N ALA B 868 14.22 -15.11 18.64
CA ALA B 868 14.17 -13.81 19.29
C ALA B 868 12.93 -13.63 20.16
N ASP B 869 11.73 -13.84 19.58
CA ASP B 869 10.51 -13.54 20.31
C ASP B 869 10.13 -14.66 21.27
N ALA B 870 9.84 -15.84 20.74
CA ALA B 870 9.45 -16.99 21.55
C ALA B 870 9.42 -18.21 20.63
N GLY B 871 8.99 -19.34 21.19
CA GLY B 871 8.92 -20.57 20.44
C GLY B 871 8.08 -20.45 19.18
N PHE B 872 8.63 -20.88 18.05
CA PHE B 872 7.93 -20.79 16.78
C PHE B 872 6.64 -21.60 16.81
N ASP B 882 8.95 -25.54 15.93
CA ASP B 882 9.70 -25.27 17.14
C ASP B 882 9.54 -26.41 18.14
N ILE B 883 9.93 -26.17 19.38
CA ILE B 883 9.82 -27.15 20.44
C ILE B 883 8.52 -26.97 21.23
N ALA B 884 7.56 -26.24 20.67
CA ALA B 884 6.32 -25.96 21.39
C ALA B 884 5.54 -27.24 21.64
N ALA B 885 5.28 -27.51 22.92
CA ALA B 885 4.41 -28.62 23.33
C ALA B 885 3.02 -28.11 23.73
N ARG B 886 2.70 -26.87 23.40
CA ARG B 886 1.45 -26.23 23.78
C ARG B 886 1.10 -25.23 22.69
N ASP B 887 0.22 -24.29 23.01
CA ASP B 887 -0.11 -23.22 22.07
C ASP B 887 1.16 -22.53 21.59
N LEU B 888 1.06 -21.75 20.52
CA LEU B 888 2.25 -21.13 19.94
C LEU B 888 3.01 -20.32 20.99
N ILE B 889 2.30 -19.74 21.96
CA ILE B 889 2.94 -19.08 23.10
C ILE B 889 3.79 -17.91 22.64
N CYS B 890 3.15 -16.95 21.98
CA CYS B 890 3.84 -15.74 21.54
C CYS B 890 2.94 -14.54 21.76
N ALA B 891 3.56 -13.35 21.79
CA ALA B 891 2.78 -12.12 21.97
C ALA B 891 1.83 -11.90 20.81
N GLN B 892 2.27 -12.22 19.59
CA GLN B 892 1.41 -12.01 18.43
C GLN B 892 0.13 -12.84 18.50
N LYS B 893 0.12 -13.93 19.25
CA LYS B 893 -1.07 -14.77 19.34
C LYS B 893 -2.26 -14.02 19.90
N PHE B 894 -2.02 -12.90 20.58
CA PHE B 894 -3.12 -12.18 21.21
C PHE B 894 -4.03 -11.48 20.21
N ASN B 895 -3.61 -11.32 18.97
CA ASN B 895 -4.29 -10.45 18.01
C ASN B 895 -4.46 -11.14 16.67
N GLY B 896 -4.95 -12.37 16.67
CA GLY B 896 -5.30 -13.02 15.43
C GLY B 896 -4.12 -13.33 14.54
N LEU B 897 -2.93 -13.49 15.11
CA LEU B 897 -1.73 -13.83 14.36
C LEU B 897 -1.31 -15.24 14.73
N THR B 898 -1.17 -16.10 13.71
CA THR B 898 -0.82 -17.49 13.92
C THR B 898 0.33 -17.87 12.99
N VAL B 899 1.21 -18.73 13.48
CA VAL B 899 2.35 -19.22 12.71
C VAL B 899 2.10 -20.69 12.39
N LEU B 900 1.99 -20.99 11.12
CA LEU B 900 1.73 -22.35 10.70
C LEU B 900 3.03 -23.15 10.68
N PRO B 901 3.03 -24.38 11.17
CA PRO B 901 4.27 -25.15 11.19
C PRO B 901 4.68 -25.53 9.78
N PRO B 902 5.98 -25.67 9.51
CA PRO B 902 6.41 -26.09 8.18
C PRO B 902 5.99 -27.51 7.89
N LEU B 903 5.77 -27.80 6.61
CA LEU B 903 5.29 -29.12 6.22
C LEU B 903 6.32 -30.20 6.56
N LEU B 904 7.60 -29.91 6.33
CA LEU B 904 8.68 -30.86 6.58
C LEU B 904 9.32 -30.52 7.93
N THR B 905 9.34 -31.48 8.83
CA THR B 905 9.93 -31.27 10.14
C THR B 905 11.45 -31.33 10.04
N ASP B 906 12.12 -30.77 11.04
CA ASP B 906 13.57 -30.75 11.04
C ASP B 906 14.16 -32.14 10.97
N GLU B 907 13.49 -33.12 11.59
CA GLU B 907 13.97 -34.50 11.47
C GLU B 907 13.94 -34.95 10.02
N MET B 908 12.89 -34.60 9.28
CA MET B 908 12.81 -35.01 7.89
C MET B 908 13.82 -34.27 7.03
N ILE B 909 14.06 -32.99 7.32
CA ILE B 909 15.08 -32.26 6.59
C ILE B 909 16.45 -32.89 6.82
N ALA B 910 16.73 -33.26 8.07
CA ALA B 910 17.99 -33.94 8.36
C ALA B 910 18.08 -35.27 7.64
N GLN B 911 16.96 -36.00 7.56
CA GLN B 911 16.96 -37.27 6.84
C GLN B 911 17.29 -37.06 5.37
N TYR B 912 16.69 -36.04 4.76
CA TYR B 912 17.00 -35.75 3.36
C TYR B 912 18.47 -35.41 3.17
N THR B 913 19.01 -34.57 4.06
CA THR B 913 20.42 -34.22 3.96
C THR B 913 21.30 -35.45 4.12
N SER B 914 20.97 -36.33 5.05
CA SER B 914 21.74 -37.55 5.25
C SER B 914 21.67 -38.43 4.01
N ALA B 915 20.50 -38.53 3.40
CA ALA B 915 20.38 -39.33 2.18
C ALA B 915 21.27 -38.77 1.09
N LEU B 916 21.23 -37.45 0.89
CA LEU B 916 22.08 -36.85 -0.14
C LEU B 916 23.54 -37.12 0.14
N LEU B 917 23.96 -36.94 1.39
CA LEU B 917 25.37 -37.11 1.72
C LEU B 917 25.83 -38.54 1.53
N ALA B 918 25.04 -39.50 2.02
CA ALA B 918 25.41 -40.90 1.87
C ALA B 918 25.47 -41.31 0.42
N GLY B 919 24.46 -40.90 -0.36
CA GLY B 919 24.49 -41.18 -1.78
C GLY B 919 25.74 -40.63 -2.44
N THR B 920 26.10 -39.40 -2.10
CA THR B 920 27.32 -38.82 -2.65
C THR B 920 28.52 -39.69 -2.31
N ILE B 921 28.82 -39.85 -1.02
CA ILE B 921 30.06 -40.52 -0.65
C ILE B 921 30.11 -41.97 -1.12
N THR B 922 28.96 -42.60 -1.37
CA THR B 922 28.97 -43.99 -1.78
C THR B 922 28.89 -44.20 -3.28
N SER B 923 28.41 -43.22 -4.05
CA SER B 923 28.20 -43.45 -5.47
C SER B 923 28.58 -42.25 -6.34
N GLY B 924 29.43 -41.36 -5.87
CA GLY B 924 29.84 -40.26 -6.73
C GLY B 924 28.64 -39.45 -7.17
N TRP B 925 28.63 -39.07 -8.44
CA TRP B 925 27.55 -38.28 -9.01
C TRP B 925 26.51 -39.13 -9.71
N THR B 926 26.66 -40.46 -9.70
CA THR B 926 25.78 -41.31 -10.48
C THR B 926 24.35 -41.30 -9.94
N PHE B 927 24.19 -41.17 -8.62
CA PHE B 927 22.85 -41.19 -8.06
C PHE B 927 22.03 -39.99 -8.47
N GLY B 928 22.68 -38.92 -8.96
CA GLY B 928 21.95 -37.78 -9.46
C GLY B 928 21.43 -37.97 -10.87
N ALA B 929 21.98 -38.92 -11.62
CA ALA B 929 21.55 -39.19 -12.98
C ALA B 929 20.72 -40.46 -13.12
N GLY B 930 20.85 -41.39 -12.18
CA GLY B 930 20.07 -42.61 -12.24
C GLY B 930 20.19 -43.42 -10.97
N ALA B 931 20.18 -44.74 -11.11
CA ALA B 931 20.39 -45.60 -9.95
C ALA B 931 21.81 -45.41 -9.42
N ALA B 932 21.93 -45.34 -8.09
CA ALA B 932 23.24 -45.15 -7.48
C ALA B 932 24.13 -46.36 -7.75
N LEU B 933 25.33 -46.09 -8.25
CA LEU B 933 26.31 -47.13 -8.53
C LEU B 933 27.50 -46.93 -7.60
N GLN B 934 27.82 -47.96 -6.82
CA GLN B 934 28.90 -47.83 -5.86
C GLN B 934 30.24 -47.66 -6.56
N ILE B 935 31.20 -47.08 -5.85
CA ILE B 935 32.54 -46.91 -6.36
C ILE B 935 33.45 -46.52 -5.19
N PRO B 936 34.64 -47.10 -5.05
CA PRO B 936 35.50 -46.75 -3.93
C PRO B 936 35.78 -45.25 -3.91
N PHE B 937 35.83 -44.68 -2.71
CA PHE B 937 35.94 -43.23 -2.61
C PHE B 937 37.26 -42.73 -3.17
N ALA B 938 38.34 -43.49 -3.03
CA ALA B 938 39.59 -43.08 -3.64
C ALA B 938 39.43 -42.95 -5.15
N MET B 939 38.75 -43.91 -5.77
CA MET B 939 38.55 -43.84 -7.22
C MET B 939 37.62 -42.69 -7.58
N GLN B 940 36.62 -42.42 -6.76
CA GLN B 940 35.77 -41.26 -7.02
C GLN B 940 36.59 -39.99 -6.99
N MET B 941 37.47 -39.85 -6.01
CA MET B 941 38.33 -38.67 -5.96
C MET B 941 39.25 -38.62 -7.17
N ALA B 942 39.70 -39.77 -7.64
CA ALA B 942 40.51 -39.79 -8.86
C ALA B 942 39.72 -39.24 -10.04
N TYR B 943 38.45 -39.64 -10.15
CA TYR B 943 37.61 -39.09 -11.21
C TYR B 943 37.48 -37.59 -11.07
N ARG B 944 37.27 -37.09 -9.86
CA ARG B 944 37.14 -35.65 -9.67
C ARG B 944 38.42 -34.93 -10.09
N PHE B 945 39.57 -35.49 -9.71
CA PHE B 945 40.84 -34.89 -10.10
C PHE B 945 40.98 -34.85 -11.61
N ASN B 946 40.64 -35.95 -12.27
CA ASN B 946 40.59 -35.94 -13.73
C ASN B 946 39.68 -34.83 -14.22
N GLY B 947 38.59 -34.58 -13.50
CA GLY B 947 37.66 -33.54 -13.91
C GLY B 947 38.27 -32.16 -13.87
N ILE B 948 39.07 -31.87 -12.84
CA ILE B 948 39.64 -30.53 -12.74
C ILE B 948 40.92 -30.44 -13.55
N GLY B 949 41.24 -31.48 -14.30
CA GLY B 949 42.40 -31.44 -15.18
C GLY B 949 43.70 -31.87 -14.56
N VAL B 950 43.68 -32.69 -13.52
CA VAL B 950 44.89 -33.23 -12.90
C VAL B 950 44.84 -34.75 -13.03
N THR B 951 45.93 -35.33 -13.53
CA THR B 951 45.96 -36.77 -13.74
C THR B 951 45.77 -37.50 -12.42
N GLN B 952 45.05 -38.62 -12.48
CA GLN B 952 44.67 -39.33 -11.26
C GLN B 952 45.87 -39.93 -10.53
N ASN B 953 46.99 -40.13 -11.21
CA ASN B 953 48.17 -40.64 -10.51
C ASN B 953 48.57 -39.70 -9.39
N VAL B 954 48.31 -38.41 -9.53
CA VAL B 954 48.62 -37.46 -8.46
C VAL B 954 47.89 -37.86 -7.19
N LEU B 955 46.59 -38.10 -7.30
CA LEU B 955 45.84 -38.52 -6.13
C LEU B 955 46.29 -39.89 -5.63
N TYR B 956 46.46 -40.84 -6.54
CA TYR B 956 46.83 -42.17 -6.07
C TYR B 956 48.19 -42.18 -5.40
N GLU B 957 49.02 -41.16 -5.64
CA GLU B 957 50.31 -41.08 -4.99
C GLU B 957 50.33 -40.17 -3.77
N ASN B 958 49.39 -39.23 -3.65
CA ASN B 958 49.32 -38.36 -2.49
C ASN B 958 48.02 -38.57 -1.71
N GLN B 959 47.48 -39.79 -1.77
CA GLN B 959 46.21 -40.08 -1.10
C GLN B 959 46.27 -39.77 0.39
N LYS B 960 47.31 -40.23 1.08
CA LYS B 960 47.36 -40.01 2.52
C LYS B 960 47.44 -38.53 2.85
N LEU B 961 48.27 -37.78 2.13
CA LEU B 961 48.37 -36.35 2.37
C LEU B 961 47.04 -35.65 2.11
N ILE B 962 46.36 -36.04 1.03
CA ILE B 962 45.09 -35.40 0.70
C ILE B 962 44.05 -35.71 1.76
N ALA B 963 44.01 -36.96 2.24
CA ALA B 963 43.06 -37.31 3.29
C ALA B 963 43.34 -36.52 4.55
N ASN B 964 44.62 -36.40 4.93
CA ASN B 964 44.96 -35.61 6.10
C ASN B 964 44.51 -34.17 5.94
N GLN B 965 44.75 -33.58 4.77
CA GLN B 965 44.35 -32.20 4.56
C GLN B 965 42.84 -32.04 4.63
N PHE B 966 42.10 -32.98 4.04
CA PHE B 966 40.64 -32.89 4.09
C PHE B 966 40.14 -32.97 5.53
N ASN B 967 40.66 -33.93 6.30
CA ASN B 967 40.22 -34.06 7.69
C ASN B 967 40.55 -32.81 8.49
N SER B 968 41.75 -32.25 8.28
CA SER B 968 42.12 -31.04 8.98
C SER B 968 41.20 -29.89 8.62
N ALA B 969 40.84 -29.77 7.34
CA ALA B 969 39.92 -28.71 6.93
C ALA B 969 38.56 -28.87 7.58
N ILE B 970 38.05 -30.10 7.65
CA ILE B 970 36.76 -30.32 8.30
C ILE B 970 36.84 -29.94 9.76
N GLY B 971 37.91 -30.34 10.45
CA GLY B 971 38.06 -29.96 11.85
C GLY B 971 38.12 -28.45 12.02
N LYS B 972 38.83 -27.76 11.13
CA LYS B 972 38.91 -26.31 11.20
C LYS B 972 37.54 -25.68 11.01
N ILE B 973 36.75 -26.20 10.08
CA ILE B 973 35.40 -25.67 9.89
C ILE B 973 34.58 -25.85 11.16
N GLN B 974 34.67 -27.03 11.77
CA GLN B 974 33.93 -27.27 13.00
C GLN B 974 34.33 -26.29 14.08
N ASP B 975 35.64 -26.07 14.26
CA ASP B 975 36.10 -25.15 15.28
C ASP B 975 35.64 -23.73 15.00
N SER B 976 35.71 -23.30 13.73
CA SER B 976 35.28 -21.95 13.39
C SER B 976 33.81 -21.75 13.70
N LEU B 977 32.98 -22.72 13.32
CA LEU B 977 31.54 -22.59 13.61
C LEU B 977 31.30 -22.59 15.10
N SER B 978 32.00 -23.44 15.85
CA SER B 978 31.77 -23.51 17.29
C SER B 978 32.17 -22.20 17.97
N SER B 979 33.26 -21.58 17.52
CA SER B 979 33.76 -20.38 18.20
C SER B 979 33.00 -19.13 17.75
N THR B 980 33.08 -18.81 16.46
CA THR B 980 32.52 -17.55 15.99
C THR B 980 31.00 -17.58 16.06
N ALA B 981 30.40 -16.38 15.99
CA ALA B 981 28.96 -16.22 16.08
C ALA B 981 28.34 -15.48 14.91
N SER B 982 29.13 -14.80 14.09
CA SER B 982 28.62 -14.07 12.93
C SER B 982 28.58 -14.91 11.67
N ALA B 983 28.87 -16.21 11.77
CA ALA B 983 28.86 -17.06 10.58
C ALA B 983 27.47 -17.14 9.97
N LEU B 984 26.44 -17.25 10.81
CA LEU B 984 25.06 -17.45 10.35
C LEU B 984 24.29 -16.14 10.31
N GLY B 985 24.98 -15.07 9.91
CA GLY B 985 24.36 -13.77 9.86
C GLY B 985 23.11 -13.74 9.00
N LYS B 986 23.14 -14.44 7.87
CA LYS B 986 22.01 -14.39 6.95
C LYS B 986 20.76 -14.99 7.58
N LEU B 987 20.88 -16.19 8.15
CA LEU B 987 19.74 -16.82 8.78
C LEU B 987 19.26 -16.02 9.98
N GLN B 988 20.20 -15.53 10.79
CA GLN B 988 19.82 -14.72 11.94
C GLN B 988 19.08 -13.48 11.49
N ASP B 989 19.53 -12.85 10.41
CA ASP B 989 18.87 -11.65 9.90
C ASP B 989 17.47 -11.97 9.42
N VAL B 990 17.29 -13.10 8.76
CA VAL B 990 15.94 -13.48 8.32
C VAL B 990 15.02 -13.60 9.53
N VAL B 991 15.47 -14.33 10.55
CA VAL B 991 14.63 -14.54 11.73
C VAL B 991 14.32 -13.20 12.39
N ASN B 992 15.34 -12.35 12.54
CA ASN B 992 15.14 -11.06 13.21
C ASN B 992 14.20 -10.18 12.41
N GLN B 993 14.31 -10.19 11.09
CA GLN B 993 13.42 -9.38 10.27
C GLN B 993 11.98 -9.81 10.45
N ASN B 994 11.73 -11.12 10.43
CA ASN B 994 10.36 -11.58 10.60
C ASN B 994 9.83 -11.20 11.98
N ALA B 995 10.63 -11.42 13.01
CA ALA B 995 10.19 -11.09 14.36
C ALA B 995 9.89 -9.60 14.49
N GLN B 996 10.76 -8.76 13.94
CA GLN B 996 10.56 -7.32 14.03
C GLN B 996 9.32 -6.90 13.27
N ALA B 997 9.07 -7.50 12.10
CA ALA B 997 7.87 -7.15 11.35
C ALA B 997 6.62 -7.47 12.16
N LEU B 998 6.56 -8.67 12.73
CA LEU B 998 5.39 -9.01 13.54
C LEU B 998 5.27 -8.09 14.75
N ASN B 999 6.39 -7.78 15.39
CA ASN B 999 6.36 -6.92 16.56
C ASN B 999 5.80 -5.54 16.21
N THR B 1000 6.26 -4.97 15.11
CA THR B 1000 5.74 -3.67 14.69
C THR B 1000 4.25 -3.77 14.36
N LEU B 1001 3.85 -4.84 13.68
CA LEU B 1001 2.43 -5.00 13.37
C LEU B 1001 1.60 -4.98 14.63
N VAL B 1002 2.04 -5.70 15.67
CA VAL B 1002 1.27 -5.73 16.91
C VAL B 1002 1.34 -4.38 17.61
N LYS B 1003 2.50 -3.71 17.55
CA LYS B 1003 2.62 -2.41 18.21
C LYS B 1003 1.71 -1.37 17.59
N GLN B 1004 1.39 -1.51 16.30
CA GLN B 1004 0.54 -0.53 15.66
C GLN B 1004 -0.87 -0.49 16.24
N LEU B 1005 -1.25 -1.50 17.03
CA LEU B 1005 -2.59 -1.53 17.62
C LEU B 1005 -2.76 -0.49 18.72
N SER B 1006 -1.69 0.16 19.16
CA SER B 1006 -1.75 1.11 20.26
C SER B 1006 -1.73 2.56 19.79
N SER B 1007 -1.95 2.82 18.51
CA SER B 1007 -1.89 4.16 17.96
C SER B 1007 -3.29 4.71 17.73
N ASN B 1008 -3.48 5.98 18.10
CA ASN B 1008 -4.80 6.59 17.98
C ASN B 1008 -5.23 6.72 16.52
N PHE B 1009 -4.30 7.06 15.64
CA PHE B 1009 -4.63 7.36 14.25
C PHE B 1009 -5.61 8.52 14.15
N GLY B 1010 -5.56 9.44 15.11
CA GLY B 1010 -6.43 10.59 15.12
C GLY B 1010 -7.71 10.43 15.92
N ALA B 1011 -8.02 9.22 16.39
CA ALA B 1011 -9.19 9.02 17.22
C ALA B 1011 -8.89 9.47 18.65
N ILE B 1012 -9.96 9.60 19.45
CA ILE B 1012 -9.79 10.06 20.82
C ILE B 1012 -8.98 9.06 21.63
N SER B 1013 -9.16 7.77 21.35
CA SER B 1013 -8.45 6.73 22.08
C SER B 1013 -8.22 5.55 21.14
N SER B 1014 -7.28 4.70 21.53
CA SER B 1014 -6.93 3.52 20.75
C SER B 1014 -7.65 2.27 21.20
N VAL B 1015 -8.54 2.35 22.18
CA VAL B 1015 -9.25 1.19 22.72
C VAL B 1015 -10.69 1.27 22.25
N LEU B 1016 -11.11 0.25 21.50
CA LEU B 1016 -12.44 0.26 20.90
C LEU B 1016 -13.53 0.27 21.96
N ASN B 1017 -13.39 -0.56 22.98
CA ASN B 1017 -14.37 -0.57 24.06
C ASN B 1017 -14.42 0.78 24.75
N ASP B 1018 -13.27 1.41 24.95
CA ASP B 1018 -13.25 2.74 25.55
C ASP B 1018 -14.02 3.73 24.70
N ILE B 1019 -13.79 3.73 23.39
CA ILE B 1019 -14.51 4.64 22.51
C ILE B 1019 -16.01 4.39 22.61
N LEU B 1020 -16.39 3.11 22.56
CA LEU B 1020 -17.82 2.78 22.56
C LEU B 1020 -18.48 3.22 23.86
N SER B 1021 -17.82 3.00 25.00
CA SER B 1021 -18.40 3.35 26.28
C SER B 1021 -18.40 4.86 26.51
N ARG B 1022 -17.49 5.58 25.86
CA ARG B 1022 -17.37 7.01 26.12
C ARG B 1022 -18.13 7.88 25.12
N LEU B 1023 -18.55 7.33 23.98
CA LEU B 1023 -19.25 8.12 22.97
C LEU B 1023 -20.53 7.41 22.53
N ASP B 1024 -21.50 8.20 22.10
CA ASP B 1024 -22.72 7.65 21.54
C ASP B 1024 -22.45 7.12 20.13
N PRO B 1025 -23.24 6.14 19.68
CA PRO B 1025 -22.93 5.46 18.42
C PRO B 1025 -22.76 6.42 17.25
N PRO B 1026 -23.64 7.41 17.11
CA PRO B 1026 -23.58 8.26 15.92
C PRO B 1026 -22.23 8.93 15.72
N GLU B 1027 -21.56 9.32 16.80
CA GLU B 1027 -20.24 9.92 16.69
C GLU B 1027 -19.12 8.90 16.85
N ALA B 1028 -19.33 7.88 17.68
CA ALA B 1028 -18.33 6.83 17.85
C ALA B 1028 -18.05 6.11 16.55
N GLU B 1029 -19.00 6.11 15.62
CA GLU B 1029 -18.74 5.49 14.32
C GLU B 1029 -17.60 6.19 13.62
N VAL B 1030 -17.47 7.51 13.78
CA VAL B 1030 -16.38 8.24 13.13
C VAL B 1030 -15.04 7.80 13.68
N GLN B 1031 -14.93 7.74 15.01
CA GLN B 1031 -13.67 7.31 15.62
C GLN B 1031 -13.34 5.89 15.24
N ILE B 1032 -14.34 5.00 15.26
CA ILE B 1032 -14.10 3.62 14.89
C ILE B 1032 -13.64 3.52 13.46
N ASP B 1033 -14.19 4.37 12.57
CA ASP B 1033 -13.76 4.37 11.19
C ASP B 1033 -12.32 4.82 11.07
N ARG B 1034 -11.92 5.82 11.85
CA ARG B 1034 -10.52 6.25 11.84
C ARG B 1034 -9.61 5.11 12.26
N LEU B 1035 -9.97 4.41 13.33
CA LEU B 1035 -9.16 3.30 13.79
C LEU B 1035 -9.10 2.18 12.76
N ILE B 1036 -10.23 1.90 12.12
CA ILE B 1036 -10.27 0.85 11.10
C ILE B 1036 -9.35 1.21 9.95
N THR B 1037 -9.40 2.46 9.50
CA THR B 1037 -8.53 2.88 8.41
C THR B 1037 -7.07 2.73 8.80
N GLY B 1038 -6.71 3.16 10.00
CA GLY B 1038 -5.33 3.06 10.43
C GLY B 1038 -4.85 1.62 10.49
N ARG B 1039 -5.64 0.75 11.11
CA ARG B 1039 -5.21 -0.63 11.27
C ARG B 1039 -5.19 -1.37 9.93
N LEU B 1040 -6.13 -1.06 9.04
CA LEU B 1040 -6.11 -1.64 7.71
C LEU B 1040 -4.87 -1.22 6.95
N GLN B 1041 -4.49 0.05 7.07
CA GLN B 1041 -3.26 0.50 6.42
C GLN B 1041 -2.04 -0.23 6.98
N SER B 1042 -2.02 -0.42 8.30
CA SER B 1042 -0.91 -1.16 8.90
C SER B 1042 -0.83 -2.57 8.36
N LEU B 1043 -1.99 -3.24 8.25
CA LEU B 1043 -2.00 -4.60 7.72
C LEU B 1043 -1.52 -4.63 6.28
N GLN B 1044 -1.97 -3.68 5.46
CA GLN B 1044 -1.56 -3.66 4.07
C GLN B 1044 -0.05 -3.46 3.95
N THR B 1045 0.50 -2.55 4.75
CA THR B 1045 1.95 -2.34 4.74
C THR B 1045 2.67 -3.62 5.11
N TYR B 1046 2.21 -4.30 6.16
CA TYR B 1046 2.87 -5.53 6.57
C TYR B 1046 2.82 -6.58 5.47
N VAL B 1047 1.66 -6.73 4.81
CA VAL B 1047 1.53 -7.76 3.79
C VAL B 1047 2.42 -7.44 2.60
N THR B 1048 2.51 -6.17 2.21
CA THR B 1048 3.39 -5.81 1.10
C THR B 1048 4.85 -6.11 1.44
N GLN B 1049 5.27 -5.75 2.66
CA GLN B 1049 6.63 -6.06 3.08
C GLN B 1049 6.87 -7.56 3.03
N GLN B 1050 5.91 -8.35 3.49
CA GLN B 1050 6.07 -9.79 3.47
C GLN B 1050 6.17 -10.32 2.05
N LEU B 1051 5.38 -9.77 1.13
CA LEU B 1051 5.45 -10.22 -0.26
C LEU B 1051 6.83 -9.97 -0.83
N ILE B 1052 7.38 -8.78 -0.61
CA ILE B 1052 8.69 -8.46 -1.16
C ILE B 1052 9.76 -9.34 -0.53
N ARG B 1053 9.71 -9.52 0.79
CA ARG B 1053 10.68 -10.37 1.45
C ARG B 1053 10.58 -11.80 0.97
N ALA B 1054 9.36 -12.27 0.70
CA ALA B 1054 9.19 -13.62 0.19
C ALA B 1054 9.75 -13.75 -1.21
N ALA B 1055 9.65 -12.70 -2.02
CA ALA B 1055 10.32 -12.73 -3.32
C ALA B 1055 11.82 -12.89 -3.16
N GLU B 1056 12.41 -12.14 -2.24
CA GLU B 1056 13.85 -12.28 -2.00
C GLU B 1056 14.20 -13.70 -1.56
N ILE B 1057 13.42 -14.24 -0.63
CA ILE B 1057 13.71 -15.56 -0.10
C ILE B 1057 13.54 -16.62 -1.19
N ARG B 1058 12.56 -16.43 -2.07
CA ARG B 1058 12.38 -17.37 -3.17
C ARG B 1058 13.58 -17.34 -4.10
N ALA B 1059 14.09 -16.14 -4.40
CA ALA B 1059 15.30 -16.07 -5.21
C ALA B 1059 16.44 -16.82 -4.54
N SER B 1060 16.62 -16.61 -3.24
CA SER B 1060 17.70 -17.30 -2.53
C SER B 1060 17.50 -18.80 -2.53
N ALA B 1061 16.25 -19.26 -2.38
CA ALA B 1061 15.99 -20.69 -2.36
C ALA B 1061 16.20 -21.32 -3.73
N ASN B 1062 15.85 -20.60 -4.79
CA ASN B 1062 16.15 -21.09 -6.13
C ASN B 1062 17.65 -21.22 -6.33
N LEU B 1063 18.42 -20.23 -5.87
CA LEU B 1063 19.87 -20.33 -5.96
C LEU B 1063 20.38 -21.51 -5.17
N ALA B 1064 19.82 -21.75 -3.98
CA ALA B 1064 20.27 -22.87 -3.16
C ALA B 1064 19.96 -24.20 -3.83
N ALA B 1065 18.78 -24.31 -4.44
CA ALA B 1065 18.44 -25.55 -5.14
C ALA B 1065 19.37 -25.78 -6.31
N THR B 1066 19.67 -24.73 -7.06
CA THR B 1066 20.62 -24.87 -8.17
C THR B 1066 21.99 -25.29 -7.66
N LYS B 1067 22.45 -24.68 -6.57
CA LYS B 1067 23.74 -25.07 -6.01
C LYS B 1067 23.73 -26.52 -5.59
N MET B 1068 22.67 -26.97 -4.94
CA MET B 1068 22.58 -28.37 -4.56
C MET B 1068 22.71 -29.26 -5.79
N SER B 1069 21.88 -29.00 -6.79
CA SER B 1069 21.85 -29.86 -7.98
C SER B 1069 23.20 -29.88 -8.67
N GLU B 1070 23.88 -28.74 -8.74
CA GLU B 1070 25.06 -28.62 -9.59
C GLU B 1070 26.37 -28.89 -8.86
N CYS B 1071 26.41 -28.77 -7.54
CA CYS B 1071 27.62 -28.98 -6.77
C CYS B 1071 27.58 -30.25 -5.94
N VAL B 1072 26.44 -30.59 -5.34
CA VAL B 1072 26.36 -31.83 -4.56
C VAL B 1072 26.15 -33.02 -5.47
N LEU B 1073 25.14 -32.95 -6.34
CA LEU B 1073 24.81 -34.06 -7.22
C LEU B 1073 25.81 -34.21 -8.36
N GLY B 1074 26.74 -33.27 -8.53
CA GLY B 1074 27.71 -33.36 -9.59
C GLY B 1074 28.90 -32.48 -9.31
N GLN B 1075 29.77 -32.36 -10.31
CA GLN B 1075 30.96 -31.52 -10.23
C GLN B 1075 30.82 -30.40 -11.24
N SER B 1076 31.08 -29.17 -10.80
CA SER B 1076 30.77 -27.99 -11.59
C SER B 1076 32.05 -27.35 -12.11
N LYS B 1077 32.08 -27.05 -13.40
CA LYS B 1077 33.19 -26.31 -13.99
C LYS B 1077 33.03 -24.81 -13.86
N ARG B 1078 31.84 -24.32 -13.49
CA ARG B 1078 31.63 -22.90 -13.36
C ARG B 1078 32.54 -22.33 -12.28
N VAL B 1079 33.20 -21.23 -12.60
CA VAL B 1079 34.20 -20.66 -11.69
C VAL B 1079 33.52 -19.95 -10.55
N ASP B 1080 34.04 -20.16 -9.34
CA ASP B 1080 33.59 -19.48 -8.13
C ASP B 1080 32.14 -19.77 -7.80
N PHE B 1081 31.50 -20.72 -8.47
CA PHE B 1081 30.12 -21.04 -8.14
C PHE B 1081 30.05 -21.87 -6.87
N CYS B 1082 30.65 -23.05 -6.90
CA CYS B 1082 30.73 -23.90 -5.71
C CYS B 1082 32.09 -23.70 -5.02
N GLY B 1083 32.23 -22.54 -4.39
CA GLY B 1083 33.40 -22.23 -3.63
C GLY B 1083 34.55 -21.71 -4.49
N LYS B 1084 35.56 -21.19 -3.82
CA LYS B 1084 36.73 -20.63 -4.49
C LYS B 1084 37.75 -21.73 -4.74
N GLY B 1085 38.32 -21.71 -5.95
CA GLY B 1085 39.22 -22.77 -6.39
C GLY B 1085 38.52 -23.73 -7.31
N TYR B 1086 39.27 -24.74 -7.75
CA TYR B 1086 38.72 -25.77 -8.60
C TYR B 1086 37.82 -26.68 -7.78
N HIS B 1087 36.55 -26.78 -8.17
CA HIS B 1087 35.59 -27.53 -7.39
C HIS B 1087 35.87 -29.02 -7.44
N LEU B 1088 35.72 -29.69 -6.31
CA LEU B 1088 35.85 -31.13 -6.21
C LEU B 1088 34.55 -31.80 -5.81
N MET B 1089 33.88 -31.29 -4.78
CA MET B 1089 32.62 -31.85 -4.32
C MET B 1089 32.06 -30.94 -3.25
N SER B 1090 30.82 -31.23 -2.84
CA SER B 1090 30.19 -30.46 -1.78
C SER B 1090 29.30 -31.40 -0.97
N PHE B 1091 29.03 -30.99 0.27
CA PHE B 1091 28.20 -31.76 1.18
C PHE B 1091 27.18 -30.82 1.79
N PRO B 1092 25.88 -31.10 1.69
CA PRO B 1092 24.89 -30.20 2.28
C PRO B 1092 24.74 -30.47 3.77
N GLN B 1093 24.42 -29.40 4.50
CA GLN B 1093 24.08 -29.51 5.91
C GLN B 1093 22.90 -28.59 6.18
N SER B 1094 21.86 -29.14 6.80
CA SER B 1094 20.66 -28.36 7.06
C SER B 1094 20.85 -27.46 8.26
N ALA B 1095 20.34 -26.24 8.17
CA ALA B 1095 20.35 -25.28 9.24
C ALA B 1095 18.96 -24.67 9.36
N PRO B 1096 18.63 -24.08 10.50
CA PRO B 1096 17.28 -23.54 10.67
C PRO B 1096 16.95 -22.52 9.59
N HIS B 1097 15.93 -22.82 8.79
CA HIS B 1097 15.45 -21.93 7.73
C HIS B 1097 16.50 -21.71 6.65
N GLY B 1098 17.35 -22.70 6.41
CA GLY B 1098 18.38 -22.54 5.41
C GLY B 1098 19.18 -23.81 5.25
N VAL B 1099 20.20 -23.72 4.40
CA VAL B 1099 21.10 -24.83 4.12
C VAL B 1099 22.53 -24.31 4.14
N VAL B 1100 23.46 -25.22 4.39
CA VAL B 1100 24.88 -24.90 4.44
C VAL B 1100 25.61 -25.90 3.55
N PHE B 1101 26.49 -25.38 2.69
CA PHE B 1101 27.28 -26.20 1.78
C PHE B 1101 28.74 -26.13 2.21
N LEU B 1102 29.39 -27.29 2.26
CA LEU B 1102 30.83 -27.37 2.55
C LEU B 1102 31.54 -27.66 1.23
N HIS B 1103 31.90 -26.61 0.52
CA HIS B 1103 32.51 -26.75 -0.79
C HIS B 1103 33.96 -27.21 -0.64
N VAL B 1104 34.28 -28.37 -1.20
CA VAL B 1104 35.65 -28.87 -1.21
C VAL B 1104 36.27 -28.46 -2.54
N THR B 1105 37.40 -27.77 -2.49
CA THR B 1105 38.04 -27.22 -3.67
C THR B 1105 39.53 -27.52 -3.64
N TYR B 1106 40.12 -27.55 -4.83
CA TYR B 1106 41.54 -27.84 -5.02
C TYR B 1106 42.23 -26.53 -5.36
N VAL B 1107 43.25 -26.18 -4.59
CA VAL B 1107 43.95 -24.91 -4.71
C VAL B 1107 45.43 -25.17 -4.92
N PRO B 1108 46.02 -24.79 -6.04
CA PRO B 1108 47.48 -24.94 -6.19
C PRO B 1108 48.22 -24.12 -5.13
N ALA B 1109 49.34 -24.65 -4.67
CA ALA B 1109 49.98 -24.14 -3.46
C ALA B 1109 51.33 -23.48 -3.71
N GLN B 1110 52.28 -24.19 -4.29
CA GLN B 1110 53.65 -23.71 -4.43
C GLN B 1110 54.04 -23.72 -5.90
N GLU B 1111 54.45 -22.56 -6.41
CA GLU B 1111 54.75 -22.40 -7.82
C GLU B 1111 56.26 -22.20 -8.02
N LYS B 1112 56.74 -22.68 -9.16
CA LYS B 1112 58.14 -22.53 -9.55
C LYS B 1112 58.19 -21.79 -10.87
N ASN B 1113 59.23 -20.99 -11.05
CA ASN B 1113 59.44 -20.29 -12.31
C ASN B 1113 60.08 -21.21 -13.32
N PHE B 1114 59.55 -21.22 -14.54
CA PHE B 1114 60.10 -22.03 -15.62
C PHE B 1114 60.13 -21.21 -16.90
N THR B 1115 60.93 -21.69 -17.85
CA THR B 1115 60.97 -21.13 -19.20
C THR B 1115 60.18 -22.05 -20.12
N THR B 1116 59.34 -21.44 -20.96
CA THR B 1116 58.42 -22.20 -21.80
C THR B 1116 58.58 -21.79 -23.25
N ALA B 1117 58.16 -22.68 -24.15
CA ALA B 1117 58.15 -22.42 -25.57
C ALA B 1117 56.87 -22.99 -26.14
N PRO B 1118 56.21 -22.28 -27.06
CA PRO B 1118 54.95 -22.82 -27.61
C PRO B 1118 55.11 -24.16 -28.29
N ALA B 1119 56.23 -24.39 -28.98
CA ALA B 1119 56.42 -25.61 -29.74
C ALA B 1119 57.88 -25.98 -29.70
N ILE B 1120 58.24 -27.05 -30.42
CA ILE B 1120 59.60 -27.55 -30.46
C ILE B 1120 59.89 -28.01 -31.88
N CYS B 1121 61.10 -27.72 -32.36
CA CYS B 1121 61.55 -28.13 -33.68
C CYS B 1121 62.51 -29.30 -33.55
N HIS B 1122 62.23 -30.39 -34.28
CA HIS B 1122 63.04 -31.59 -34.19
C HIS B 1122 63.76 -31.89 -35.50
N ASP B 1123 63.03 -32.01 -36.60
CA ASP B 1123 63.63 -32.32 -37.90
C ASP B 1123 62.97 -31.46 -38.97
N GLY B 1124 62.80 -30.18 -38.67
CA GLY B 1124 62.01 -29.31 -39.52
C GLY B 1124 60.52 -29.43 -39.31
N LYS B 1125 60.10 -30.22 -38.32
CA LYS B 1125 58.69 -30.39 -37.99
C LYS B 1125 58.43 -29.77 -36.62
N ALA B 1126 57.30 -29.11 -36.47
CA ALA B 1126 56.93 -28.47 -35.22
C ALA B 1126 56.09 -29.43 -34.39
N HIS B 1127 56.56 -29.76 -33.19
CA HIS B 1127 55.84 -30.64 -32.28
C HIS B 1127 55.15 -29.79 -31.22
N PHE B 1128 53.86 -29.99 -31.05
CA PHE B 1128 53.10 -29.32 -30.02
C PHE B 1128 52.67 -30.31 -28.95
N PRO B 1129 52.49 -29.87 -27.70
CA PRO B 1129 52.07 -30.80 -26.66
C PRO B 1129 50.68 -31.35 -26.94
N ARG B 1130 50.46 -32.61 -26.60
CA ARG B 1130 49.13 -33.17 -26.74
C ARG B 1130 48.19 -32.61 -25.67
N GLU B 1131 48.50 -32.87 -24.40
CA GLU B 1131 47.92 -32.14 -23.29
C GLU B 1131 49.04 -31.82 -22.31
N GLY B 1132 49.26 -30.54 -22.07
CA GLY B 1132 50.32 -30.11 -21.21
C GLY B 1132 50.98 -28.87 -21.77
N VAL B 1133 52.23 -28.65 -21.37
CA VAL B 1133 52.97 -27.47 -21.79
C VAL B 1133 54.45 -27.78 -21.67
N PHE B 1134 55.23 -27.25 -22.61
CA PHE B 1134 56.67 -27.43 -22.59
C PHE B 1134 57.29 -26.48 -21.57
N VAL B 1135 58.18 -27.01 -20.72
CA VAL B 1135 58.89 -26.21 -19.73
C VAL B 1135 60.34 -26.64 -19.71
N SER B 1136 61.19 -25.75 -19.21
CA SER B 1136 62.62 -26.00 -19.11
C SER B 1136 63.11 -25.53 -17.75
N ASN B 1137 63.83 -26.40 -17.04
CA ASN B 1137 64.42 -26.03 -15.77
C ASN B 1137 65.69 -25.21 -15.93
N GLY B 1138 66.16 -25.01 -17.15
CA GLY B 1138 67.31 -24.17 -17.40
C GLY B 1138 68.25 -24.77 -18.42
N THR B 1139 68.30 -26.10 -18.51
CA THR B 1139 69.20 -26.77 -19.44
C THR B 1139 68.46 -27.79 -20.28
N HIS B 1140 67.44 -28.42 -19.72
CA HIS B 1140 66.68 -29.46 -20.41
C HIS B 1140 65.23 -29.04 -20.57
N TRP B 1141 64.57 -29.65 -21.54
CA TRP B 1141 63.18 -29.37 -21.85
C TRP B 1141 62.32 -30.58 -21.53
N PHE B 1142 61.15 -30.33 -20.94
CA PHE B 1142 60.22 -31.37 -20.57
C PHE B 1142 58.82 -30.93 -20.95
N VAL B 1143 57.87 -31.86 -20.87
CA VAL B 1143 56.46 -31.58 -21.05
C VAL B 1143 55.73 -32.02 -19.80
N THR B 1144 54.84 -31.18 -19.30
CA THR B 1144 54.15 -31.44 -18.05
C THR B 1144 52.70 -30.99 -18.17
N GLN B 1145 51.86 -31.56 -17.31
CA GLN B 1145 50.49 -31.09 -17.19
C GLN B 1145 50.48 -29.68 -16.61
N ARG B 1146 49.42 -28.94 -16.94
CA ARG B 1146 49.41 -27.51 -16.67
C ARG B 1146 49.17 -27.15 -15.21
N ASN B 1147 48.59 -28.05 -14.43
CA ASN B 1147 48.17 -27.73 -13.07
C ASN B 1147 49.02 -28.40 -12.01
N PHE B 1148 50.09 -29.08 -12.39
CA PHE B 1148 50.93 -29.76 -11.41
C PHE B 1148 52.25 -30.15 -12.05
N TYR B 1149 53.36 -29.73 -11.46
CA TYR B 1149 54.67 -29.93 -12.07
C TYR B 1149 55.02 -31.41 -12.01
N GLU B 1150 54.88 -32.11 -13.14
CA GLU B 1150 55.27 -33.50 -13.28
C GLU B 1150 56.05 -33.64 -14.58
N PRO B 1151 57.34 -33.29 -14.57
CA PRO B 1151 58.10 -33.26 -15.83
C PRO B 1151 58.24 -34.65 -16.43
N GLN B 1152 58.31 -34.67 -17.76
CA GLN B 1152 58.48 -35.93 -18.48
C GLN B 1152 59.29 -35.66 -19.74
N ILE B 1153 59.93 -36.71 -20.25
CA ILE B 1153 60.69 -36.59 -21.48
C ILE B 1153 59.74 -36.27 -22.61
N ILE B 1154 60.21 -35.45 -23.56
CA ILE B 1154 59.40 -35.05 -24.70
C ILE B 1154 59.55 -36.15 -25.76
N THR B 1155 58.52 -36.98 -25.92
CA THR B 1155 58.54 -38.07 -26.86
C THR B 1155 57.41 -37.90 -27.87
N THR B 1156 57.40 -38.78 -28.87
CA THR B 1156 56.39 -38.71 -29.90
C THR B 1156 54.99 -39.01 -29.37
N ASP B 1157 54.89 -39.58 -28.18
CA ASP B 1157 53.57 -39.87 -27.61
C ASP B 1157 52.93 -38.61 -27.04
N ASN B 1158 53.72 -37.72 -26.46
CA ASN B 1158 53.18 -36.52 -25.82
C ASN B 1158 52.90 -35.40 -26.81
N THR B 1159 53.40 -35.50 -28.05
CA THR B 1159 53.35 -34.38 -28.98
C THR B 1159 52.77 -34.84 -30.31
N PHE B 1160 52.14 -33.91 -31.01
CA PHE B 1160 51.62 -34.14 -32.35
C PHE B 1160 52.23 -33.15 -33.32
N VAL B 1161 52.64 -33.65 -34.48
CA VAL B 1161 53.32 -32.83 -35.47
C VAL B 1161 52.30 -31.97 -36.21
N SER B 1162 52.74 -30.79 -36.63
CA SER B 1162 51.90 -29.92 -37.45
C SER B 1162 52.77 -28.88 -38.13
N GLY B 1163 52.81 -28.92 -39.46
CA GLY B 1163 53.54 -27.89 -40.19
C GLY B 1163 55.05 -28.06 -40.08
N ASN B 1164 55.75 -26.96 -40.32
CA ASN B 1164 57.19 -26.90 -40.25
C ASN B 1164 57.61 -25.79 -39.29
N CYS B 1165 58.92 -25.54 -39.22
CA CYS B 1165 59.48 -24.70 -38.17
C CYS B 1165 59.10 -23.25 -38.33
N ASP B 1166 59.23 -22.70 -39.55
CA ASP B 1166 59.28 -21.27 -39.74
C ASP B 1166 57.99 -20.54 -39.39
N VAL B 1167 56.87 -21.25 -39.25
CA VAL B 1167 55.59 -20.56 -39.08
C VAL B 1167 55.42 -20.07 -37.66
N VAL B 1168 55.63 -20.94 -36.67
CA VAL B 1168 55.37 -20.57 -35.28
C VAL B 1168 56.32 -19.47 -34.85
N ILE B 1169 55.90 -18.70 -33.85
CA ILE B 1169 56.69 -17.60 -33.29
C ILE B 1169 57.15 -18.04 -31.91
N GLY B 1170 58.46 -18.04 -31.69
CA GLY B 1170 59.01 -18.47 -30.43
C GLY B 1170 59.35 -19.93 -30.33
N ILE B 1171 59.33 -20.66 -31.44
CA ILE B 1171 59.70 -22.07 -31.41
C ILE B 1171 61.16 -22.20 -31.00
N VAL B 1172 61.47 -23.31 -30.33
CA VAL B 1172 62.81 -23.54 -29.79
C VAL B 1172 63.29 -24.91 -30.25
N ASN B 1173 64.56 -24.99 -30.61
CA ASN B 1173 65.14 -26.25 -31.05
C ASN B 1173 65.31 -27.20 -29.88
N ASN B 1174 65.15 -28.49 -30.16
CA ASN B 1174 65.36 -29.55 -29.18
C ASN B 1174 65.15 -30.88 -29.89
N THR B 1175 65.48 -31.96 -29.20
CA THR B 1175 65.33 -33.30 -29.73
C THR B 1175 64.12 -33.97 -29.09
N VAL B 1176 63.38 -34.73 -29.89
CA VAL B 1176 62.20 -35.44 -29.44
C VAL B 1176 62.50 -36.93 -29.50
N TYR B 1177 62.57 -37.56 -28.33
CA TYR B 1177 62.90 -38.97 -28.27
C TYR B 1177 61.78 -39.81 -28.89
N ASP B 1178 62.16 -40.80 -29.69
CA ASP B 1178 61.20 -41.68 -30.35
C ASP B 1178 61.24 -43.05 -29.69
N PRO B 1179 60.21 -43.45 -28.94
CA PRO B 1179 60.31 -44.73 -28.23
C PRO B 1179 60.48 -45.93 -29.14
N LEU B 1180 59.89 -45.88 -30.34
CA LEU B 1180 59.92 -47.04 -31.22
C LEU B 1180 61.33 -47.37 -31.68
N GLN B 1181 62.12 -46.34 -32.01
CA GLN B 1181 63.41 -46.59 -32.65
C GLN B 1181 64.32 -47.51 -31.84
N PRO B 1182 64.59 -47.25 -30.57
CA PRO B 1182 65.47 -48.16 -29.82
C PRO B 1182 64.93 -49.58 -29.74
N GLU B 1183 63.61 -49.75 -29.72
CA GLU B 1183 63.04 -51.08 -29.57
C GLU B 1183 63.56 -52.02 -30.64
N LEU B 1184 63.46 -51.62 -31.91
CA LEU B 1184 64.00 -52.42 -33.00
C LEU B 1184 65.48 -52.16 -33.24
N ASP B 1185 65.94 -50.93 -33.00
CA ASP B 1185 67.35 -50.63 -33.19
C ASP B 1185 68.22 -51.45 -32.25
N SER B 1186 67.80 -51.59 -30.99
CA SER B 1186 68.57 -52.40 -30.05
C SER B 1186 68.59 -53.86 -30.48
N PHE B 1187 67.48 -54.36 -31.04
CA PHE B 1187 67.42 -55.75 -31.43
C PHE B 1187 68.44 -56.08 -32.51
N LYS B 1188 68.67 -55.14 -33.44
CA LYS B 1188 69.52 -55.37 -34.60
C LYS B 1188 70.81 -56.08 -34.23
N GLU B 1189 71.35 -55.78 -33.06
CA GLU B 1189 72.62 -56.34 -32.64
C GLU B 1189 72.41 -57.73 -32.04
N ALA C 66 -13.35 37.86 -45.05
CA ALA C 66 -12.27 38.56 -44.38
C ALA C 66 -11.72 37.72 -43.22
N TYR C 67 -10.86 36.76 -43.54
CA TYR C 67 -10.26 35.88 -42.56
C TYR C 67 -8.76 35.85 -42.77
N THR C 68 -8.03 35.60 -41.67
CA THR C 68 -6.59 35.42 -41.73
C THR C 68 -6.19 34.51 -40.58
N ASN C 69 -5.01 33.90 -40.72
CA ASN C 69 -4.55 32.88 -39.80
C ASN C 69 -3.59 33.48 -38.78
N SER C 70 -3.82 33.16 -37.50
CA SER C 70 -2.94 33.58 -36.41
C SER C 70 -2.10 32.38 -36.02
N PHE C 71 -0.86 32.33 -36.50
CA PHE C 71 -0.03 31.15 -36.29
C PHE C 71 0.21 30.91 -34.81
N THR C 72 0.91 31.83 -34.15
CA THR C 72 1.19 31.70 -32.72
C THR C 72 1.17 33.11 -32.13
N ARG C 73 0.02 33.50 -31.59
CA ARG C 73 -0.16 34.84 -31.07
C ARG C 73 -1.03 34.78 -29.83
N GLY C 74 -1.10 35.90 -29.12
CA GLY C 74 -1.90 35.95 -27.91
C GLY C 74 -1.41 35.02 -26.83
N VAL C 75 -0.09 34.92 -26.66
CA VAL C 75 0.51 34.15 -25.59
C VAL C 75 1.00 35.14 -24.55
N TYR C 76 0.38 35.12 -23.38
CA TYR C 76 0.69 36.05 -22.31
C TYR C 76 1.12 35.27 -21.07
N TYR C 77 1.57 35.99 -20.06
CA TYR C 77 2.00 35.36 -18.82
C TYR C 77 0.77 35.08 -17.97
N PRO C 78 0.44 33.81 -17.69
CA PRO C 78 -0.79 33.52 -16.95
C PRO C 78 -0.81 34.08 -15.54
N ASP C 79 0.35 34.32 -14.93
CA ASP C 79 0.41 34.82 -13.57
C ASP C 79 1.71 35.56 -13.37
N LYS C 80 1.77 36.33 -12.28
CA LYS C 80 2.91 37.19 -11.98
C LYS C 80 4.04 36.45 -11.29
N VAL C 81 4.07 35.13 -11.37
CA VAL C 81 5.07 34.32 -10.66
C VAL C 81 6.25 34.08 -11.59
N PHE C 82 7.45 34.39 -11.11
CA PHE C 82 8.65 34.16 -11.90
C PHE C 82 8.92 32.67 -12.06
N ARG C 83 9.48 32.31 -13.21
CA ARG C 83 9.80 30.92 -13.52
C ARG C 83 10.80 30.91 -14.67
N SER C 84 11.91 30.21 -14.48
CA SER C 84 12.98 30.21 -15.47
C SER C 84 13.47 28.79 -15.72
N SER C 85 13.77 28.49 -16.98
CA SER C 85 14.35 27.21 -17.38
C SER C 85 13.44 26.03 -17.03
N VAL C 86 12.13 26.24 -17.07
CA VAL C 86 11.16 25.19 -16.81
C VAL C 86 10.10 25.21 -17.89
N LEU C 87 9.38 24.10 -18.00
CA LEU C 87 8.25 23.97 -18.91
C LEU C 87 7.01 23.80 -18.05
N HIS C 88 6.20 24.86 -17.98
CA HIS C 88 5.03 24.88 -17.11
C HIS C 88 3.78 24.68 -17.95
N SER C 89 2.92 23.77 -17.50
CA SER C 89 1.65 23.50 -18.15
C SER C 89 0.54 24.21 -17.39
N THR C 90 -0.13 25.14 -18.06
CA THR C 90 -1.15 25.97 -17.43
C THR C 90 -2.44 25.87 -18.21
N GLN C 91 -3.55 25.88 -17.49
CA GLN C 91 -4.89 25.84 -18.08
C GLN C 91 -5.52 27.22 -17.88
N ASP C 92 -5.65 27.97 -18.97
CA ASP C 92 -6.16 29.33 -18.89
C ASP C 92 -6.73 29.72 -20.24
N LEU C 93 -7.54 30.78 -20.23
CA LEU C 93 -8.12 31.28 -21.47
C LEU C 93 -7.02 31.77 -22.40
N PHE C 94 -6.91 31.12 -23.57
CA PHE C 94 -5.89 31.45 -24.55
C PHE C 94 -6.54 31.52 -25.93
N LEU C 95 -5.79 32.10 -26.86
CA LEU C 95 -6.21 32.14 -28.26
C LEU C 95 -5.69 30.90 -28.97
N PRO C 96 -6.55 29.99 -29.43
CA PRO C 96 -6.04 28.76 -30.03
C PRO C 96 -5.12 29.04 -31.20
N PHE C 97 -4.06 28.23 -31.30
CA PHE C 97 -3.11 28.38 -32.39
C PHE C 97 -3.79 28.12 -33.72
N PHE C 98 -3.32 28.81 -34.75
CA PHE C 98 -3.81 28.62 -36.11
C PHE C 98 -5.33 28.76 -36.18
N SER C 99 -5.87 29.71 -35.44
CA SER C 99 -7.29 30.02 -35.49
C SER C 99 -7.54 31.14 -36.49
N ASN C 100 -8.69 31.08 -37.16
CA ASN C 100 -9.04 32.04 -38.18
C ASN C 100 -9.57 33.29 -37.50
N VAL C 101 -8.68 34.26 -37.30
CA VAL C 101 -9.04 35.50 -36.62
C VAL C 101 -9.71 36.43 -37.61
N THR C 102 -10.85 37.00 -37.20
CA THR C 102 -11.56 37.94 -38.06
C THR C 102 -10.70 39.15 -38.36
N TRP C 103 -10.74 39.59 -39.61
CA TRP C 103 -10.01 40.77 -40.06
C TRP C 103 -11.02 41.86 -40.39
N PHE C 104 -10.78 43.06 -39.85
CA PHE C 104 -11.71 44.17 -40.01
C PHE C 104 -11.00 45.34 -40.67
N HIS C 105 -11.69 45.96 -41.62
CA HIS C 105 -11.20 47.15 -42.30
C HIS C 105 -12.36 48.11 -42.50
N ALA C 106 -12.04 49.41 -42.56
CA ALA C 106 -13.03 50.46 -42.72
C ALA C 106 -13.11 50.84 -44.19
N ILE C 107 -14.23 50.49 -44.84
CA ILE C 107 -14.48 50.79 -46.24
C ILE C 107 -15.79 51.55 -46.33
N HIS C 108 -15.79 52.64 -47.08
CA HIS C 108 -16.97 53.49 -47.21
C HIS C 108 -17.43 53.99 -45.84
N LYS C 116 -24.25 55.12 -42.98
CA LYS C 116 -24.60 54.59 -44.29
C LYS C 116 -23.91 53.26 -44.53
N ARG C 117 -22.59 53.29 -44.72
CA ARG C 117 -21.77 52.10 -44.91
C ARG C 117 -20.56 52.23 -43.99
N PHE C 118 -20.72 51.79 -42.74
CA PHE C 118 -19.68 51.88 -41.72
C PHE C 118 -19.57 50.55 -40.97
N ASP C 119 -19.48 49.45 -41.72
CA ASP C 119 -19.55 48.12 -41.14
C ASP C 119 -18.34 47.81 -40.28
N ASN C 120 -18.19 48.54 -39.17
CA ASN C 120 -17.24 48.19 -38.10
C ASN C 120 -17.96 48.34 -36.77
N PRO C 121 -19.00 47.55 -36.53
CA PRO C 121 -19.88 47.80 -35.38
C PRO C 121 -19.38 47.16 -34.10
N VAL C 122 -20.19 47.26 -33.04
CA VAL C 122 -19.86 46.61 -31.79
C VAL C 122 -19.81 45.11 -32.00
N LEU C 123 -18.75 44.47 -31.49
CA LEU C 123 -18.54 43.05 -31.64
C LEU C 123 -18.73 42.34 -30.30
N PRO C 124 -19.17 41.08 -30.31
CA PRO C 124 -19.34 40.36 -29.05
C PRO C 124 -18.02 40.20 -28.32
N PHE C 125 -18.10 40.18 -26.99
CA PHE C 125 -16.95 40.00 -26.11
C PHE C 125 -17.32 38.87 -25.15
N ASN C 126 -16.95 37.65 -25.49
CA ASN C 126 -17.25 36.48 -24.68
C ASN C 126 -15.95 35.79 -24.29
N ASP C 127 -15.78 35.56 -22.99
CA ASP C 127 -14.61 34.86 -22.48
C ASP C 127 -13.32 35.49 -22.99
N GLY C 128 -13.28 36.82 -23.02
CA GLY C 128 -12.10 37.54 -23.44
C GLY C 128 -12.05 37.73 -24.94
N VAL C 129 -11.11 38.59 -25.35
CA VAL C 129 -10.96 38.97 -26.75
C VAL C 129 -9.52 39.36 -26.99
N TYR C 130 -8.98 38.94 -28.12
CA TYR C 130 -7.62 39.31 -28.53
C TYR C 130 -7.71 40.35 -29.63
N PHE C 131 -7.06 41.48 -29.43
CA PHE C 131 -7.09 42.60 -30.37
C PHE C 131 -5.67 42.94 -30.78
N ALA C 132 -5.44 43.06 -32.08
CA ALA C 132 -4.14 43.45 -32.61
C ALA C 132 -4.35 44.30 -33.84
N SER C 133 -3.39 45.16 -34.12
CA SER C 133 -3.49 46.07 -35.26
C SER C 133 -2.18 46.80 -35.44
N THR C 134 -1.91 47.19 -36.67
CA THR C 134 -0.75 48.02 -36.98
C THR C 134 -1.17 49.48 -36.88
N GLU C 135 -0.56 50.21 -35.95
CA GLU C 135 -0.97 51.57 -35.62
C GLU C 135 0.25 52.47 -35.58
N LYS C 136 0.07 53.71 -36.04
CA LYS C 136 1.12 54.73 -35.97
C LYS C 136 0.48 56.06 -35.62
N SER C 137 1.11 56.79 -34.72
CA SER C 137 0.57 58.04 -34.18
C SER C 137 -0.68 57.82 -33.34
N ASN C 138 -0.93 56.58 -32.93
CA ASN C 138 -2.07 56.24 -32.09
C ASN C 138 -3.39 56.59 -32.78
N ILE C 139 -3.60 55.96 -33.93
CA ILE C 139 -4.82 56.20 -34.70
C ILE C 139 -6.04 55.79 -33.89
N ILE C 140 -5.97 54.60 -33.28
CA ILE C 140 -7.11 54.08 -32.53
C ILE C 140 -7.28 54.90 -31.26
N ARG C 141 -8.42 55.57 -31.15
CA ARG C 141 -8.70 56.34 -29.94
C ARG C 141 -8.74 55.44 -28.72
N GLY C 142 -9.38 54.28 -28.84
CA GLY C 142 -9.49 53.38 -27.71
C GLY C 142 -10.60 52.36 -27.95
N TRP C 143 -11.21 51.94 -26.84
CA TRP C 143 -12.23 50.90 -26.88
C TRP C 143 -13.34 51.25 -25.90
N ILE C 144 -14.54 50.76 -26.19
CA ILE C 144 -15.70 50.90 -25.31
C ILE C 144 -16.28 49.51 -25.09
N PHE C 145 -16.55 49.18 -23.83
CA PHE C 145 -17.04 47.88 -23.45
C PHE C 145 -18.43 48.03 -22.84
N GLY C 146 -18.98 46.91 -22.36
CA GLY C 146 -20.26 46.89 -21.69
C GLY C 146 -21.12 45.77 -22.22
N THR C 147 -22.41 45.84 -21.92
CA THR C 147 -23.38 44.87 -22.39
C THR C 147 -24.54 45.49 -23.16
N THR C 148 -24.95 46.71 -22.82
CA THR C 148 -25.98 47.41 -23.58
C THR C 148 -25.49 48.80 -23.98
N LEU C 149 -24.70 49.41 -23.10
CA LEU C 149 -24.14 50.75 -23.33
C LEU C 149 -25.16 51.68 -23.97
N ASP C 150 -26.36 51.70 -23.38
CA ASP C 150 -27.45 52.53 -23.87
C ASP C 150 -28.09 53.32 -22.72
N SER C 151 -27.31 53.65 -21.70
CA SER C 151 -27.72 54.39 -20.51
C SER C 151 -28.51 53.51 -19.54
N LYS C 152 -28.71 52.23 -19.84
CA LYS C 152 -29.42 51.32 -18.94
C LYS C 152 -28.48 50.43 -18.13
N THR C 153 -27.16 50.57 -18.33
CA THR C 153 -26.20 49.78 -17.59
C THR C 153 -24.89 50.54 -17.52
N GLN C 154 -24.07 50.18 -16.53
CA GLN C 154 -22.80 50.85 -16.30
C GLN C 154 -21.80 50.31 -17.31
N SER C 155 -21.40 51.17 -18.26
CA SER C 155 -20.45 50.79 -19.29
C SER C 155 -19.02 51.04 -18.82
N LEU C 156 -18.05 50.66 -19.66
CA LEU C 156 -16.65 50.86 -19.38
C LEU C 156 -15.99 51.51 -20.58
N LEU C 157 -14.97 52.31 -20.33
CA LEU C 157 -14.37 53.13 -21.38
C LEU C 157 -12.85 53.13 -21.25
N ILE C 158 -12.18 52.91 -22.39
CA ILE C 158 -10.73 53.05 -22.50
C ILE C 158 -10.45 53.96 -23.69
N VAL C 159 -9.78 55.07 -23.44
CA VAL C 159 -9.49 56.06 -24.48
C VAL C 159 -8.09 56.59 -24.28
N ASN C 160 -7.48 57.03 -25.38
CA ASN C 160 -6.14 57.61 -25.36
C ASN C 160 -6.16 58.89 -26.20
N ASN C 161 -6.22 60.04 -25.53
CA ASN C 161 -6.22 61.34 -26.17
C ASN C 161 -5.23 62.25 -25.44
N ALA C 162 -5.17 63.51 -25.85
CA ALA C 162 -4.24 64.45 -25.22
C ALA C 162 -4.90 65.20 -24.07
N THR C 163 -5.62 64.46 -23.22
CA THR C 163 -6.00 64.94 -21.89
C THR C 163 -5.53 63.98 -20.81
N ASN C 164 -5.84 62.70 -20.94
CA ASN C 164 -5.40 61.62 -20.07
C ASN C 164 -5.99 60.33 -20.61
N VAL C 165 -5.55 59.21 -20.05
CA VAL C 165 -6.15 57.91 -20.38
C VAL C 165 -7.40 57.75 -19.55
N VAL C 166 -8.55 58.15 -20.12
CA VAL C 166 -9.78 58.25 -19.36
C VAL C 166 -10.37 56.86 -19.18
N ILE C 167 -10.00 56.19 -18.11
CA ILE C 167 -10.61 54.91 -17.75
C ILE C 167 -11.78 55.25 -16.82
N LYS C 168 -12.90 55.62 -17.42
CA LYS C 168 -14.07 56.09 -16.70
C LYS C 168 -15.17 55.05 -16.86
N VAL C 169 -15.35 54.24 -15.83
CA VAL C 169 -16.43 53.26 -15.82
C VAL C 169 -17.70 53.95 -15.32
N CYS C 170 -18.44 54.56 -16.23
CA CYS C 170 -19.65 55.29 -15.87
C CYS C 170 -20.71 55.08 -16.93
N GLU C 171 -21.94 54.86 -16.49
CA GLU C 171 -23.05 54.74 -17.43
C GLU C 171 -23.13 55.98 -18.30
N PHE C 172 -23.22 55.77 -19.61
CA PHE C 172 -23.21 56.84 -20.59
C PHE C 172 -24.52 56.88 -21.35
N GLN C 173 -25.09 58.06 -21.47
CA GLN C 173 -26.33 58.26 -22.20
C GLN C 173 -26.03 58.43 -23.68
N PHE C 174 -26.71 57.66 -24.52
CA PHE C 174 -26.54 57.71 -25.96
C PHE C 174 -27.74 58.39 -26.61
N CYS C 175 -27.50 59.04 -27.74
CA CYS C 175 -28.54 59.77 -28.45
C CYS C 175 -29.41 58.79 -29.23
N ASN C 176 -30.25 59.31 -30.12
CA ASN C 176 -31.14 58.45 -30.90
C ASN C 176 -30.35 57.36 -31.63
N ASP C 177 -29.22 57.73 -32.23
CA ASP C 177 -28.37 56.77 -32.92
C ASP C 177 -27.13 56.49 -32.08
N PRO C 178 -27.02 55.32 -31.42
CA PRO C 178 -25.83 55.06 -30.60
C PRO C 178 -24.60 54.76 -31.45
N PHE C 179 -23.99 55.81 -31.98
CA PHE C 179 -22.79 55.65 -32.80
C PHE C 179 -22.06 57.00 -32.84
N LEU C 180 -20.87 56.98 -33.39
CA LEU C 180 -20.01 58.17 -33.40
C LEU C 180 -20.62 59.22 -34.32
N GLY C 181 -21.29 60.20 -33.72
CA GLY C 181 -21.86 61.31 -34.43
C GLY C 181 -20.92 62.47 -34.66
N VAL C 182 -19.63 62.30 -34.34
CA VAL C 182 -18.66 63.37 -34.55
C VAL C 182 -18.68 63.77 -36.01
N TYR C 183 -18.69 65.07 -36.27
CA TYR C 183 -18.69 65.57 -37.63
C TYR C 183 -17.46 65.05 -38.38
N TYR C 184 -17.70 64.24 -39.40
CA TYR C 184 -16.64 63.61 -40.16
C TYR C 184 -16.05 64.61 -41.14
N HIS C 185 -15.20 64.14 -42.06
CA HIS C 185 -14.46 65.01 -42.96
C HIS C 185 -15.44 65.59 -43.98
N LYS C 186 -16.16 66.63 -43.55
CA LYS C 186 -17.05 67.39 -44.43
C LYS C 186 -16.29 68.56 -45.04
N ASN C 187 -15.18 68.24 -45.70
CA ASN C 187 -14.26 69.23 -46.25
C ASN C 187 -13.68 70.12 -45.16
N ASN C 188 -13.58 69.57 -43.94
CA ASN C 188 -13.01 70.29 -42.81
C ASN C 188 -11.80 69.61 -42.21
N LYS C 189 -11.64 68.31 -42.38
CA LYS C 189 -10.52 67.55 -41.82
C LYS C 189 -10.44 67.77 -40.31
N SER C 190 -11.55 67.49 -39.63
CA SER C 190 -11.67 67.64 -38.18
C SER C 190 -11.91 66.26 -37.59
N TRP C 191 -10.83 65.53 -37.33
CA TRP C 191 -10.91 64.21 -36.73
C TRP C 191 -10.80 64.24 -35.20
N MET C 192 -10.68 65.42 -34.60
CA MET C 192 -10.64 65.53 -33.16
C MET C 192 -12.05 65.41 -32.57
N GLU C 193 -12.11 65.19 -31.26
CA GLU C 193 -13.37 65.07 -30.56
C GLU C 193 -13.92 66.48 -30.34
N SER C 194 -14.86 66.90 -31.20
CA SER C 194 -15.46 68.22 -31.12
C SER C 194 -16.93 68.15 -30.72
N GLU C 195 -17.75 67.40 -31.45
CA GLU C 195 -19.16 67.20 -31.13
C GLU C 195 -19.39 65.70 -31.06
N PHE C 196 -19.13 65.11 -29.91
CA PHE C 196 -19.23 63.67 -29.73
C PHE C 196 -20.64 63.31 -29.27
N ARG C 197 -21.32 62.48 -30.05
CA ARG C 197 -22.63 61.95 -29.71
C ARG C 197 -22.54 60.55 -29.11
N VAL C 198 -21.33 60.03 -28.91
CA VAL C 198 -21.19 58.72 -28.27
C VAL C 198 -21.78 58.74 -26.88
N TYR C 199 -21.52 59.80 -26.12
CA TYR C 199 -22.08 59.97 -24.79
C TYR C 199 -22.37 61.43 -24.56
N SER C 200 -23.48 61.71 -23.87
CA SER C 200 -23.84 63.09 -23.56
C SER C 200 -23.22 63.56 -22.24
N SER C 201 -23.27 62.73 -21.22
CA SER C 201 -22.73 63.09 -19.90
C SER C 201 -22.52 61.81 -19.10
N ALA C 202 -22.20 61.97 -17.83
CA ALA C 202 -21.96 60.86 -16.92
C ALA C 202 -23.18 60.61 -16.05
N ASN C 203 -23.05 59.67 -15.12
CA ASN C 203 -24.14 59.31 -14.22
C ASN C 203 -23.51 58.66 -12.99
N ASN C 204 -24.32 57.98 -12.18
CA ASN C 204 -23.78 57.29 -11.01
C ASN C 204 -22.75 56.27 -11.47
N CYS C 205 -21.68 56.14 -10.70
CA CYS C 205 -20.66 55.15 -11.02
C CYS C 205 -19.62 55.11 -9.92
N THR C 206 -19.02 53.94 -9.73
CA THR C 206 -18.11 53.70 -8.62
C THR C 206 -16.65 53.75 -9.01
N PHE C 207 -16.31 53.49 -10.27
CA PHE C 207 -14.93 53.43 -10.72
C PHE C 207 -14.70 54.46 -11.81
N GLU C 208 -13.78 55.39 -11.57
CA GLU C 208 -13.43 56.41 -12.55
C GLU C 208 -11.93 56.64 -12.59
N TYR C 209 -11.14 55.71 -12.05
CA TYR C 209 -9.71 55.92 -11.90
C TYR C 209 -9.05 56.13 -13.26
N VAL C 210 -8.10 57.04 -13.31
CA VAL C 210 -7.33 57.34 -14.50
C VAL C 210 -5.89 56.87 -14.28
N SER C 211 -5.40 56.02 -15.17
CA SER C 211 -4.04 55.51 -15.05
C SER C 211 -3.06 56.57 -15.52
N GLN C 212 -1.80 56.18 -15.69
CA GLN C 212 -0.76 57.10 -16.15
C GLN C 212 -1.24 57.83 -17.40
N PRO C 213 -1.53 59.12 -17.31
CA PRO C 213 -2.07 59.84 -18.48
C PRO C 213 -1.13 59.75 -19.66
N PHE C 214 -1.71 59.57 -20.84
CA PHE C 214 -1.01 59.61 -22.11
C PHE C 214 -1.47 60.84 -22.86
N LEU C 215 -0.51 61.67 -23.29
CA LEU C 215 -0.81 62.97 -23.88
C LEU C 215 -0.26 63.01 -25.31
N MET C 216 -1.05 62.52 -26.26
CA MET C 216 -0.82 62.76 -27.68
C MET C 216 -2.15 63.06 -28.34
N ASP C 217 -2.17 64.10 -29.17
CA ASP C 217 -3.39 64.50 -29.86
C ASP C 217 -3.70 63.53 -30.99
N LEU C 218 -4.99 63.25 -31.18
CA LEU C 218 -5.48 62.38 -32.25
C LEU C 218 -6.34 63.21 -33.19
N GLU C 219 -5.94 63.25 -34.47
CA GLU C 219 -6.68 63.98 -35.48
C GLU C 219 -6.08 63.62 -36.84
N GLY C 220 -6.58 64.27 -37.89
CA GLY C 220 -6.07 64.00 -39.21
C GLY C 220 -6.41 62.59 -39.67
N LYS C 221 -5.64 62.12 -40.65
CA LYS C 221 -5.85 60.79 -41.21
C LYS C 221 -4.55 60.30 -41.81
N GLN C 222 -4.02 59.21 -41.26
CA GLN C 222 -2.78 58.61 -41.74
C GLN C 222 -3.04 57.15 -42.08
N GLY C 223 -2.40 56.66 -43.14
CA GLY C 223 -2.60 55.30 -43.59
C GLY C 223 -1.38 54.43 -43.50
N ASN C 224 -0.31 54.93 -42.89
CA ASN C 224 0.96 54.22 -42.78
C ASN C 224 1.17 53.75 -41.34
N PHE C 225 1.62 52.51 -41.20
CA PHE C 225 1.94 51.93 -39.90
C PHE C 225 3.28 51.22 -39.97
N LYS C 226 4.00 51.24 -38.84
CA LYS C 226 5.31 50.63 -38.74
C LYS C 226 5.46 49.64 -37.59
N ASN C 227 4.65 49.75 -36.55
CA ASN C 227 4.74 48.87 -35.39
C ASN C 227 3.40 48.17 -35.18
N LEU C 228 3.46 46.88 -34.85
CA LEU C 228 2.28 46.08 -34.58
C LEU C 228 2.07 46.04 -33.06
N ARG C 229 0.90 46.46 -32.61
CA ARG C 229 0.55 46.44 -31.20
C ARG C 229 -0.54 45.39 -30.98
N GLU C 230 -0.29 44.49 -30.04
CA GLU C 230 -1.21 43.41 -29.72
C GLU C 230 -1.77 43.62 -28.33
N PHE C 231 -3.04 43.25 -28.14
CA PHE C 231 -3.72 43.43 -26.87
C PHE C 231 -4.57 42.20 -26.57
N VAL C 232 -4.71 41.91 -25.28
CA VAL C 232 -5.57 40.84 -24.81
C VAL C 232 -6.41 41.41 -23.67
N PHE C 233 -7.72 41.22 -23.75
CA PHE C 233 -8.64 41.74 -22.76
C PHE C 233 -9.38 40.59 -22.09
N LYS C 234 -9.33 40.54 -20.77
CA LYS C 234 -10.01 39.52 -19.99
C LYS C 234 -10.84 40.18 -18.90
N ASN C 235 -12.05 39.68 -18.70
CA ASN C 235 -12.95 40.17 -17.65
C ASN C 235 -13.56 38.94 -16.98
N ILE C 236 -12.89 38.46 -15.94
CA ILE C 236 -13.33 37.29 -15.18
C ILE C 236 -13.17 37.57 -13.70
N ASP C 237 -13.88 36.78 -12.90
CA ASP C 237 -13.86 36.88 -11.44
C ASP C 237 -13.91 38.33 -10.98
N GLY C 238 -14.76 39.13 -11.61
CA GLY C 238 -14.90 40.52 -11.21
C GLY C 238 -13.60 41.29 -11.28
N TYR C 239 -12.83 41.10 -12.34
CA TYR C 239 -11.56 41.78 -12.50
C TYR C 239 -11.27 41.94 -13.98
N PHE C 240 -10.65 43.06 -14.35
CA PHE C 240 -10.31 43.35 -15.72
C PHE C 240 -8.79 43.39 -15.88
N LYS C 241 -8.28 42.59 -16.81
CA LYS C 241 -6.85 42.48 -17.05
C LYS C 241 -6.52 42.94 -18.46
N ILE C 242 -5.38 43.59 -18.62
CA ILE C 242 -4.89 44.02 -19.92
C ILE C 242 -3.48 43.49 -20.10
N TYR C 243 -3.22 42.87 -21.25
CA TYR C 243 -1.89 42.43 -21.62
C TYR C 243 -1.55 43.01 -22.98
N SER C 244 -0.30 43.39 -23.17
CA SER C 244 0.12 43.97 -24.43
C SER C 244 1.62 43.82 -24.59
N LYS C 245 2.08 44.00 -25.83
CA LYS C 245 3.50 43.95 -26.13
C LYS C 245 3.70 44.67 -27.45
N HIS C 246 4.38 45.82 -27.41
CA HIS C 246 4.60 46.63 -28.60
C HIS C 246 5.78 46.05 -29.38
N THR C 247 5.48 45.39 -30.50
CA THR C 247 6.50 44.79 -31.33
C THR C 247 6.52 45.45 -32.70
N PRO C 248 7.69 45.89 -33.18
CA PRO C 248 7.74 46.53 -34.51
C PRO C 248 7.63 45.49 -35.61
N ILE C 249 6.65 45.70 -36.50
CA ILE C 249 6.40 44.78 -37.61
C ILE C 249 6.30 45.58 -38.90
N ASN C 250 6.99 45.11 -39.93
CA ASN C 250 6.91 45.76 -41.23
C ASN C 250 5.59 45.48 -41.94
N LEU C 251 5.05 44.27 -41.77
CA LEU C 251 3.80 43.92 -42.42
C LEU C 251 2.65 44.76 -41.87
N VAL C 252 1.77 45.20 -42.77
CA VAL C 252 0.60 45.98 -42.40
C VAL C 252 -0.69 45.45 -43.00
N ARG C 253 -0.64 44.35 -43.76
CA ARG C 253 -1.82 43.76 -44.37
C ARG C 253 -2.12 42.34 -43.89
N ASP C 254 -1.11 41.60 -43.45
CA ASP C 254 -1.30 40.25 -42.97
C ASP C 254 -0.58 40.08 -41.63
N LEU C 255 -1.14 39.24 -40.78
CA LEU C 255 -0.58 39.04 -39.45
C LEU C 255 0.82 38.43 -39.57
N PRO C 256 1.83 38.98 -38.90
CA PRO C 256 3.18 38.45 -39.06
C PRO C 256 3.34 37.08 -38.42
N GLN C 257 4.32 36.34 -38.91
CA GLN C 257 4.66 35.03 -38.37
C GLN C 257 5.82 35.18 -37.39
N GLY C 258 5.65 34.62 -36.20
CA GLY C 258 6.65 34.74 -35.16
C GLY C 258 6.08 34.35 -33.82
N PHE C 259 6.79 34.72 -32.77
CA PHE C 259 6.36 34.40 -31.41
C PHE C 259 6.88 35.47 -30.45
N SER C 260 5.97 36.08 -29.70
CA SER C 260 6.33 37.04 -28.67
C SER C 260 5.30 36.96 -27.56
N ALA C 261 5.74 37.23 -26.33
CA ALA C 261 4.88 37.14 -25.16
C ALA C 261 4.37 38.52 -24.79
N LEU C 262 3.15 38.57 -24.26
CA LEU C 262 2.52 39.81 -23.85
C LEU C 262 2.57 39.94 -22.33
N GLU C 263 3.13 41.05 -21.86
CA GLU C 263 3.19 41.27 -20.42
C GLU C 263 2.01 42.09 -19.95
N PRO C 264 1.42 41.78 -18.78
CA PRO C 264 0.32 42.60 -18.29
C PRO C 264 0.78 44.02 -18.00
N LEU C 265 -0.16 44.96 -18.17
CA LEU C 265 0.13 46.36 -17.92
C LEU C 265 -0.84 47.01 -16.93
N VAL C 266 -1.99 46.41 -16.66
CA VAL C 266 -2.89 46.91 -15.64
C VAL C 266 -3.94 45.86 -15.31
N ASP C 267 -4.36 45.82 -14.05
CA ASP C 267 -5.42 44.92 -13.59
C ASP C 267 -6.46 45.79 -12.89
N LEU C 268 -7.51 46.16 -13.62
CA LEU C 268 -8.51 47.07 -13.08
C LEU C 268 -9.59 46.28 -12.35
N PRO C 269 -9.80 46.50 -11.04
CA PRO C 269 -10.85 45.75 -10.32
C PRO C 269 -12.23 46.37 -10.50
N ILE C 270 -12.74 46.31 -11.72
CA ILE C 270 -14.03 46.93 -12.02
C ILE C 270 -15.18 46.04 -11.57
N GLY C 271 -15.24 44.83 -12.13
CA GLY C 271 -16.28 43.89 -11.76
C GLY C 271 -17.66 44.29 -12.26
N ILE C 272 -17.86 44.27 -13.57
CA ILE C 272 -19.13 44.59 -14.18
C ILE C 272 -19.49 43.52 -15.22
N ASN C 273 -20.60 43.74 -15.89
CA ASN C 273 -21.13 42.83 -16.89
C ASN C 273 -20.75 43.34 -18.28
N ILE C 274 -19.92 42.57 -18.98
CA ILE C 274 -19.48 42.92 -20.33
C ILE C 274 -19.93 41.82 -21.28
N THR C 275 -20.58 42.21 -22.36
CA THR C 275 -20.98 41.28 -23.41
C THR C 275 -20.50 41.72 -24.78
N ARG C 276 -20.48 43.02 -25.06
CA ARG C 276 -20.10 43.53 -26.37
C ARG C 276 -19.14 44.69 -26.20
N PHE C 277 -18.33 44.92 -27.22
CA PHE C 277 -17.35 45.99 -27.20
C PHE C 277 -17.17 46.53 -28.60
N GLN C 278 -16.59 47.73 -28.69
CA GLN C 278 -16.43 48.41 -29.96
C GLN C 278 -15.15 49.23 -29.92
N THR C 279 -14.37 49.17 -31.01
CA THR C 279 -13.19 49.99 -31.11
C THR C 279 -13.59 51.44 -31.38
N LEU C 280 -12.74 52.36 -30.95
CA LEU C 280 -12.95 53.80 -31.13
C LEU C 280 -11.99 54.26 -32.23
N LEU C 281 -12.48 54.27 -33.47
CA LEU C 281 -11.68 54.73 -34.59
C LEU C 281 -11.52 56.24 -34.53
N ALA C 282 -10.53 56.75 -35.27
CA ALA C 282 -10.31 58.18 -35.32
C ALA C 282 -11.50 58.87 -35.97
N LEU C 283 -12.00 59.91 -35.32
CA LEU C 283 -13.14 60.67 -35.82
C LEU C 283 -13.36 61.93 -34.99
N SER C 293 -23.45 60.68 -43.17
CA SER C 293 -22.71 60.04 -44.25
C SER C 293 -23.39 60.28 -45.60
N SER C 294 -24.08 61.42 -45.71
CA SER C 294 -24.77 61.74 -46.95
C SER C 294 -23.79 61.96 -48.09
N SER C 295 -22.74 62.75 -47.85
CA SER C 295 -21.76 63.05 -48.88
C SER C 295 -20.46 63.46 -48.21
N GLY C 296 -19.38 63.43 -48.99
CA GLY C 296 -18.08 63.79 -48.47
C GLY C 296 -17.61 62.88 -47.35
N TRP C 297 -17.77 61.58 -47.51
CA TRP C 297 -17.42 60.59 -46.50
C TRP C 297 -16.17 59.84 -46.94
N THR C 298 -15.15 59.85 -46.08
CA THR C 298 -13.91 59.12 -46.32
C THR C 298 -13.76 58.05 -45.24
N ALA C 299 -13.60 56.80 -45.67
CA ALA C 299 -13.50 55.70 -44.72
C ALA C 299 -12.21 55.79 -43.92
N GLY C 300 -12.31 55.51 -42.62
CA GLY C 300 -11.14 55.50 -41.77
C GLY C 300 -10.31 54.25 -41.98
N ALA C 301 -9.69 54.14 -43.14
CA ALA C 301 -8.95 52.93 -43.51
C ALA C 301 -7.95 52.55 -42.44
N ALA C 302 -8.18 51.39 -41.81
CA ALA C 302 -7.29 50.87 -40.79
C ALA C 302 -7.51 49.38 -40.67
N ALA C 303 -6.44 48.65 -40.36
CA ALA C 303 -6.49 47.20 -40.25
C ALA C 303 -6.37 46.82 -38.77
N TYR C 304 -7.37 46.11 -38.27
CA TYR C 304 -7.35 45.62 -36.90
C TYR C 304 -8.10 44.29 -36.85
N TYR C 305 -7.50 43.32 -36.17
CA TYR C 305 -8.02 41.97 -36.10
C TYR C 305 -8.60 41.71 -34.71
N VAL C 306 -9.57 40.81 -34.64
CA VAL C 306 -10.30 40.53 -33.40
C VAL C 306 -10.37 39.02 -33.24
N GLY C 307 -9.43 38.45 -32.48
CA GLY C 307 -9.49 37.06 -32.11
C GLY C 307 -10.36 36.84 -30.88
N TYR C 308 -10.51 35.57 -30.52
CA TYR C 308 -11.28 35.20 -29.35
C TYR C 308 -10.54 34.13 -28.56
N LEU C 309 -10.70 34.15 -27.25
CA LEU C 309 -10.02 33.24 -26.36
C LEU C 309 -10.94 32.09 -25.97
N GLN C 310 -10.32 30.98 -25.60
CA GLN C 310 -11.03 29.78 -25.19
C GLN C 310 -10.28 29.14 -24.04
N PRO C 311 -10.95 28.36 -23.20
CA PRO C 311 -10.27 27.71 -22.08
C PRO C 311 -9.38 26.57 -22.52
N ARG C 312 -8.18 26.88 -22.97
CA ARG C 312 -7.24 25.90 -23.49
C ARG C 312 -6.04 25.76 -22.57
N THR C 313 -5.38 24.61 -22.67
CA THR C 313 -4.21 24.29 -21.87
C THR C 313 -2.96 24.41 -22.74
N PHE C 314 -1.98 25.16 -22.26
CA PHE C 314 -0.75 25.41 -22.99
C PHE C 314 0.44 24.88 -22.19
N LEU C 315 1.55 24.68 -22.89
CA LEU C 315 2.81 24.26 -22.28
C LEU C 315 3.84 25.34 -22.59
N LEU C 316 3.99 26.29 -21.68
CA LEU C 316 4.90 27.41 -21.89
C LEU C 316 6.31 27.01 -21.50
N LYS C 317 7.28 27.51 -22.27
CA LYS C 317 8.70 27.17 -22.08
C LYS C 317 9.45 28.43 -21.66
N TYR C 318 9.52 28.67 -20.36
CA TYR C 318 10.35 29.76 -19.86
C TYR C 318 11.82 29.44 -20.05
N ASN C 319 12.58 30.43 -20.50
CA ASN C 319 14.02 30.29 -20.62
C ASN C 319 14.69 30.67 -19.30
N GLU C 320 16.03 30.67 -19.29
CA GLU C 320 16.75 31.02 -18.07
C GLU C 320 16.43 32.45 -17.63
N ASN C 321 16.08 33.32 -18.57
CA ASN C 321 15.71 34.69 -18.20
C ASN C 321 14.40 34.72 -17.43
N GLY C 322 13.49 33.80 -17.72
CA GLY C 322 12.14 33.87 -17.22
C GLY C 322 11.13 34.36 -18.22
N THR C 323 11.52 34.57 -19.47
CA THR C 323 10.62 35.01 -20.52
C THR C 323 10.08 33.80 -21.28
N ILE C 324 8.81 33.83 -21.61
CA ILE C 324 8.18 32.74 -22.35
C ILE C 324 8.72 32.77 -23.77
N THR C 325 9.63 31.86 -24.08
CA THR C 325 10.25 31.82 -25.40
C THR C 325 9.44 31.03 -26.40
N ASP C 326 8.76 29.98 -25.97
CA ASP C 326 7.97 29.17 -26.88
C ASP C 326 6.87 28.46 -26.10
N ALA C 327 5.78 28.16 -26.79
CA ALA C 327 4.65 27.48 -26.18
C ALA C 327 4.06 26.51 -27.18
N VAL C 328 3.36 25.50 -26.67
CA VAL C 328 2.74 24.47 -27.48
C VAL C 328 1.29 24.32 -27.03
N ASP C 329 0.37 24.39 -27.98
CA ASP C 329 -1.04 24.15 -27.66
C ASP C 329 -1.25 22.67 -27.36
N CYS C 330 -1.88 22.37 -26.24
CA CYS C 330 -2.03 20.99 -25.80
C CYS C 330 -3.20 20.27 -26.46
N ALA C 331 -3.94 20.94 -27.35
CA ALA C 331 -5.07 20.30 -28.01
C ALA C 331 -5.18 20.65 -29.48
N LEU C 332 -4.11 21.16 -30.10
CA LEU C 332 -4.19 21.53 -31.51
C LEU C 332 -4.23 20.30 -32.41
N ASP C 333 -3.39 19.31 -32.14
CA ASP C 333 -3.31 18.11 -32.96
C ASP C 333 -2.63 17.02 -32.14
N PRO C 334 -2.70 15.77 -32.60
CA PRO C 334 -2.14 14.68 -31.79
C PRO C 334 -0.67 14.86 -31.44
N LEU C 335 0.13 15.39 -32.36
CA LEU C 335 1.55 15.58 -32.06
C LEU C 335 1.73 16.54 -30.90
N SER C 336 1.02 17.67 -30.92
CA SER C 336 1.10 18.62 -29.82
C SER C 336 0.55 18.00 -28.54
N GLU C 337 -0.48 17.16 -28.65
CA GLU C 337 -1.00 16.49 -27.46
C GLU C 337 0.06 15.61 -26.84
N THR C 338 0.81 14.86 -27.66
CA THR C 338 1.88 14.03 -27.11
C THR C 338 2.97 14.89 -26.50
N LYS C 339 3.33 16.00 -27.16
CA LYS C 339 4.31 16.90 -26.58
C LYS C 339 3.88 17.35 -25.19
N CYS C 340 2.62 17.78 -25.08
CA CYS C 340 2.12 18.29 -23.81
C CYS C 340 1.98 17.18 -22.78
N THR C 341 1.80 15.94 -23.23
CA THR C 341 1.77 14.81 -22.29
C THR C 341 3.16 14.51 -21.76
N LEU C 342 4.18 14.58 -22.60
CA LEU C 342 5.54 14.30 -22.19
C LEU C 342 6.22 15.50 -21.54
N LYS C 343 5.59 16.67 -21.56
CA LYS C 343 6.20 17.88 -21.00
C LYS C 343 7.56 18.13 -21.66
N SER C 344 7.62 17.94 -22.97
CA SER C 344 8.83 18.19 -23.72
C SER C 344 8.46 18.68 -25.11
N PHE C 345 9.28 19.60 -25.65
CA PHE C 345 9.03 20.14 -26.97
C PHE C 345 9.53 19.23 -28.08
N THR C 346 10.34 18.23 -27.77
CA THR C 346 10.81 17.26 -28.74
C THR C 346 10.51 15.87 -28.21
N VAL C 347 9.90 15.03 -29.04
CA VAL C 347 9.47 13.69 -28.66
C VAL C 347 10.23 12.69 -29.49
N GLU C 348 10.84 11.71 -28.82
CA GLU C 348 11.63 10.71 -29.50
C GLU C 348 10.74 9.75 -30.28
N LYS C 349 11.34 9.11 -31.28
CA LYS C 349 10.61 8.15 -32.09
C LYS C 349 10.02 7.05 -31.20
N GLY C 350 8.76 6.72 -31.45
CA GLY C 350 8.11 5.68 -30.68
C GLY C 350 6.59 5.84 -30.77
N ILE C 351 5.91 5.05 -29.94
CA ILE C 351 4.46 5.07 -29.83
C ILE C 351 4.12 5.45 -28.40
N TYR C 352 3.30 6.48 -28.24
CA TYR C 352 3.00 7.06 -26.95
C TYR C 352 1.51 7.04 -26.68
N GLN C 353 1.15 6.65 -25.47
CA GLN C 353 -0.24 6.61 -25.03
C GLN C 353 -0.65 7.99 -24.55
N THR C 354 -1.83 8.44 -24.96
CA THR C 354 -2.32 9.75 -24.59
C THR C 354 -3.76 9.69 -24.13
N SER C 355 -4.40 10.85 -23.99
CA SER C 355 -5.75 10.91 -23.42
C SER C 355 -6.68 9.94 -24.15
N ASN C 356 -7.49 9.23 -23.38
CA ASN C 356 -8.45 8.29 -23.95
C ASN C 356 -9.56 9.06 -24.67
N PHE C 357 -10.50 8.31 -25.23
CA PHE C 357 -11.63 8.90 -25.93
C PHE C 357 -12.89 8.15 -25.56
N ARG C 358 -14.03 8.79 -25.79
CA ARG C 358 -15.32 8.23 -25.44
C ARG C 358 -16.39 8.89 -26.30
N VAL C 359 -17.46 8.15 -26.56
CA VAL C 359 -18.57 8.66 -27.37
C VAL C 359 -19.59 9.27 -26.44
N GLN C 360 -19.84 10.56 -26.60
CA GLN C 360 -20.76 11.25 -25.71
C GLN C 360 -22.21 10.92 -26.08
N PRO C 361 -23.12 10.95 -25.10
CA PRO C 361 -24.53 10.70 -25.40
C PRO C 361 -25.09 11.76 -26.34
N THR C 362 -25.89 11.30 -27.31
CA THR C 362 -26.51 12.23 -28.24
C THR C 362 -27.68 12.97 -27.60
N GLU C 363 -28.48 12.28 -26.80
CA GLU C 363 -29.69 12.87 -26.23
C GLU C 363 -30.05 12.09 -24.98
N SER C 364 -30.98 12.65 -24.21
CA SER C 364 -31.40 12.08 -22.94
C SER C 364 -32.79 11.47 -23.07
N ILE C 365 -33.00 10.39 -22.34
CA ILE C 365 -34.27 9.65 -22.33
C ILE C 365 -34.71 9.46 -20.89
N VAL C 366 -35.97 9.78 -20.60
CA VAL C 366 -36.57 9.53 -19.30
C VAL C 366 -37.85 8.75 -19.52
N ARG C 367 -37.99 7.62 -18.83
CA ARG C 367 -39.15 6.75 -18.95
C ARG C 367 -39.69 6.49 -17.56
N PHE C 368 -40.84 7.07 -17.25
CA PHE C 368 -41.51 6.90 -15.98
C PHE C 368 -42.84 6.21 -16.18
N PRO C 369 -43.38 5.57 -15.14
CA PRO C 369 -44.72 5.00 -15.26
C PRO C 369 -45.76 6.07 -15.53
N ASN C 370 -46.74 5.73 -16.36
CA ASN C 370 -47.79 6.66 -16.75
C ASN C 370 -48.86 6.64 -15.65
N ILE C 371 -48.59 7.40 -14.59
CA ILE C 371 -49.50 7.55 -13.46
C ILE C 371 -50.07 8.95 -13.48
N THR C 372 -51.30 9.09 -13.01
CA THR C 372 -52.03 10.35 -13.04
C THR C 372 -52.46 10.84 -11.66
N ASN C 373 -52.96 9.95 -10.82
CA ASN C 373 -53.49 10.38 -9.54
C ASN C 373 -52.44 11.12 -8.72
N LEU C 374 -52.81 12.30 -8.24
CA LEU C 374 -51.89 13.10 -7.43
C LEU C 374 -51.83 12.55 -6.01
N CYS C 375 -50.65 12.68 -5.41
CA CYS C 375 -50.47 12.19 -4.05
C CYS C 375 -51.29 13.04 -3.08
N PRO C 376 -51.94 12.42 -2.06
CA PRO C 376 -52.73 13.16 -1.07
C PRO C 376 -51.87 13.84 0.00
N PHE C 377 -50.80 14.51 -0.44
CA PHE C 377 -49.93 15.20 0.51
C PHE C 377 -50.68 16.31 1.22
N GLY C 378 -51.47 17.09 0.48
CA GLY C 378 -52.27 18.12 1.12
C GLY C 378 -53.25 17.54 2.13
N GLU C 379 -53.88 16.42 1.78
CA GLU C 379 -54.78 15.77 2.72
C GLU C 379 -54.04 15.39 4.00
N VAL C 380 -52.84 14.83 3.87
CA VAL C 380 -52.06 14.45 5.05
C VAL C 380 -51.73 15.69 5.88
N PHE C 381 -51.32 16.77 5.22
CA PHE C 381 -50.81 17.93 5.94
C PHE C 381 -51.94 18.69 6.62
N ASN C 382 -52.88 19.22 5.84
CA ASN C 382 -53.94 20.06 6.39
C ASN C 382 -55.07 19.21 6.95
N ALA C 383 -54.73 18.29 7.85
CA ALA C 383 -55.71 17.38 8.41
C ALA C 383 -56.43 18.03 9.58
N THR C 384 -57.32 17.27 10.22
CA THR C 384 -58.13 17.80 11.32
C THR C 384 -57.31 17.89 12.60
N ARG C 385 -56.83 16.76 13.11
CA ARG C 385 -56.08 16.72 14.36
C ARG C 385 -55.00 15.67 14.27
N PHE C 386 -53.81 16.03 14.75
CA PHE C 386 -52.69 15.11 14.76
C PHE C 386 -52.73 14.24 16.02
N ALA C 387 -52.10 13.07 15.93
CA ALA C 387 -52.04 12.16 17.05
C ALA C 387 -50.97 12.62 18.05
N SER C 388 -51.00 12.01 19.22
CA SER C 388 -50.01 12.32 20.25
C SER C 388 -48.63 11.83 19.81
N VAL C 389 -47.60 12.37 20.46
CA VAL C 389 -46.23 11.97 20.12
C VAL C 389 -46.03 10.48 20.39
N TYR C 390 -46.56 9.99 21.51
CA TYR C 390 -46.40 8.57 21.84
C TYR C 390 -47.25 7.67 20.96
N ALA C 391 -48.32 8.19 20.39
CA ALA C 391 -49.21 7.43 19.50
C ALA C 391 -49.15 7.94 18.07
N TRP C 392 -47.99 8.46 17.66
CA TRP C 392 -47.80 9.01 16.32
C TRP C 392 -48.44 8.13 15.26
N ASN C 393 -49.33 8.72 14.48
CA ASN C 393 -50.01 8.01 13.41
C ASN C 393 -49.10 7.89 12.19
N ARG C 394 -49.08 6.71 11.58
CA ARG C 394 -48.29 6.47 10.39
C ARG C 394 -49.23 6.18 9.23
N LYS C 395 -49.04 6.90 8.12
CA LYS C 395 -49.85 6.72 6.92
C LYS C 395 -48.95 6.30 5.77
N ARG C 396 -49.32 5.19 5.12
CA ARG C 396 -48.61 4.73 3.94
C ARG C 396 -49.19 5.40 2.71
N ILE C 397 -48.31 5.84 1.82
CA ILE C 397 -48.71 6.52 0.59
C ILE C 397 -47.88 5.96 -0.55
N SER C 398 -48.53 5.64 -1.66
CA SER C 398 -47.86 5.09 -2.83
C SER C 398 -48.81 5.19 -4.02
N ASN C 399 -48.34 4.73 -5.17
CA ASN C 399 -49.15 4.68 -6.39
C ASN C 399 -49.75 6.05 -6.69
N CYS C 400 -48.93 7.09 -6.57
CA CYS C 400 -49.36 8.44 -6.89
C CYS C 400 -48.16 9.24 -7.38
N VAL C 401 -48.45 10.35 -8.04
CA VAL C 401 -47.40 11.25 -8.52
C VAL C 401 -47.21 12.33 -7.47
N ALA C 402 -46.01 12.37 -6.90
CA ALA C 402 -45.70 13.35 -5.87
C ALA C 402 -45.18 14.63 -6.50
N ASP C 403 -45.55 15.76 -5.91
CA ASP C 403 -45.06 17.07 -6.32
C ASP C 403 -44.59 17.80 -5.07
N TYR C 404 -43.33 17.58 -4.70
CA TYR C 404 -42.75 18.22 -3.54
C TYR C 404 -42.43 19.68 -3.77
N SER C 405 -42.48 20.14 -5.02
CA SER C 405 -42.17 21.54 -5.31
C SER C 405 -43.14 22.48 -4.60
N VAL C 406 -44.43 22.15 -4.64
CA VAL C 406 -45.42 23.01 -4.00
C VAL C 406 -45.18 23.06 -2.50
N LEU C 407 -44.94 21.90 -1.89
CA LEU C 407 -44.70 21.86 -0.45
C LEU C 407 -43.47 22.67 -0.08
N TYR C 408 -42.39 22.53 -0.85
CA TYR C 408 -41.18 23.27 -0.56
C TYR C 408 -41.39 24.76 -0.72
N ASN C 409 -42.12 25.17 -1.75
CA ASN C 409 -42.32 26.59 -2.00
C ASN C 409 -43.24 27.23 -0.97
N SER C 410 -44.24 26.49 -0.48
CA SER C 410 -45.14 27.03 0.52
C SER C 410 -44.36 27.51 1.74
N ALA C 411 -44.70 28.71 2.23
CA ALA C 411 -43.99 29.34 3.33
C ALA C 411 -44.57 28.98 4.69
N SER C 412 -45.59 28.14 4.74
CA SER C 412 -46.21 27.78 6.02
C SER C 412 -45.32 26.89 6.88
N PHE C 413 -44.21 26.40 6.35
CA PHE C 413 -43.35 25.45 7.06
C PHE C 413 -42.20 26.20 7.72
N SER C 414 -42.11 26.07 9.05
CA SER C 414 -41.02 26.72 9.78
C SER C 414 -39.70 25.99 9.56
N THR C 415 -39.73 24.66 9.61
CA THR C 415 -38.53 23.84 9.46
C THR C 415 -38.75 22.85 8.32
N PHE C 416 -37.75 22.72 7.46
CA PHE C 416 -37.82 21.82 6.30
C PHE C 416 -36.41 21.28 6.07
N LYS C 417 -36.13 20.12 6.66
CA LYS C 417 -34.80 19.51 6.60
C LYS C 417 -34.90 18.15 5.96
N CYS C 418 -34.05 17.91 4.96
CA CYS C 418 -33.95 16.62 4.29
C CYS C 418 -32.55 16.07 4.51
N TYR C 419 -32.47 14.78 4.81
CA TYR C 419 -31.22 14.15 5.24
C TYR C 419 -30.63 13.22 4.20
N GLY C 420 -31.41 12.25 3.70
CA GLY C 420 -30.90 11.39 2.66
C GLY C 420 -30.94 11.97 1.27
N VAL C 421 -31.66 13.08 1.08
CA VAL C 421 -31.85 13.69 -0.22
C VAL C 421 -31.79 15.21 -0.06
N SER C 422 -31.97 15.91 -1.18
CA SER C 422 -32.02 17.36 -1.19
C SER C 422 -33.38 17.81 -1.71
N PRO C 423 -34.05 18.76 -1.04
CA PRO C 423 -35.40 19.13 -1.49
C PRO C 423 -35.46 19.58 -2.93
N THR C 424 -34.44 20.30 -3.39
CA THR C 424 -34.45 20.78 -4.78
C THR C 424 -34.46 19.61 -5.76
N LYS C 425 -33.65 18.60 -5.51
CA LYS C 425 -33.61 17.42 -6.37
C LYS C 425 -34.74 16.45 -6.09
N LEU C 426 -35.54 16.69 -5.05
CA LEU C 426 -36.56 15.74 -4.64
C LEU C 426 -37.59 15.49 -5.73
N ASN C 427 -37.71 16.39 -6.71
CA ASN C 427 -38.73 16.27 -7.73
C ASN C 427 -38.32 15.37 -8.90
N ASP C 428 -37.11 14.84 -8.90
CA ASP C 428 -36.60 14.03 -9.99
C ASP C 428 -36.14 12.66 -9.49
N LEU C 429 -36.89 12.10 -8.54
CA LEU C 429 -36.56 10.81 -7.96
C LEU C 429 -37.81 9.95 -7.93
N CYS C 430 -37.59 8.63 -7.95
CA CYS C 430 -38.67 7.65 -7.87
C CYS C 430 -38.46 6.80 -6.63
N PHE C 431 -39.51 6.69 -5.82
CA PHE C 431 -39.46 5.96 -4.55
C PHE C 431 -40.37 4.76 -4.60
N THR C 432 -39.95 3.68 -3.95
CA THR C 432 -40.79 2.50 -3.84
C THR C 432 -42.07 2.81 -3.09
N ASN C 433 -41.96 3.53 -1.98
CA ASN C 433 -43.11 3.90 -1.15
C ASN C 433 -42.64 4.90 -0.12
N VAL C 434 -43.58 5.71 0.37
CA VAL C 434 -43.29 6.78 1.30
C VAL C 434 -44.17 6.62 2.53
N TYR C 435 -43.61 6.93 3.69
CA TYR C 435 -44.34 6.90 4.95
C TYR C 435 -44.51 8.33 5.44
N ALA C 436 -45.72 8.67 5.87
CA ALA C 436 -46.03 9.99 6.41
C ALA C 436 -46.44 9.82 7.86
N ASP C 437 -45.58 10.28 8.77
CA ASP C 437 -45.82 10.20 10.21
C ASP C 437 -46.07 11.60 10.76
N SER C 438 -47.18 11.77 11.47
CA SER C 438 -47.60 13.07 11.96
C SER C 438 -47.82 13.02 13.47
N PHE C 439 -47.54 14.15 14.12
CA PHE C 439 -47.76 14.29 15.56
C PHE C 439 -47.45 15.74 15.92
N VAL C 440 -47.63 16.07 17.20
CA VAL C 440 -47.37 17.39 17.73
C VAL C 440 -46.45 17.26 18.94
N ILE C 441 -45.39 18.05 18.99
CA ILE C 441 -44.43 18.03 20.07
C ILE C 441 -44.06 19.47 20.41
N ARG C 442 -43.22 19.61 21.44
CA ARG C 442 -42.79 20.93 21.88
C ARG C 442 -41.98 21.63 20.80
N GLY C 443 -42.06 22.95 20.78
CA GLY C 443 -41.32 23.72 19.79
C GLY C 443 -39.82 23.55 19.94
N ASP C 444 -39.33 23.54 21.18
CA ASP C 444 -37.90 23.40 21.43
C ASP C 444 -37.39 21.98 21.26
N GLU C 445 -38.27 20.99 21.20
CA GLU C 445 -37.88 19.61 21.02
C GLU C 445 -37.80 19.20 19.56
N VAL C 446 -38.10 20.10 18.63
CA VAL C 446 -38.05 19.76 17.21
C VAL C 446 -36.66 19.28 16.83
N ARG C 447 -35.63 20.03 17.26
CA ARG C 447 -34.27 19.61 16.97
C ARG C 447 -33.93 18.26 17.57
N GLN C 448 -34.69 17.80 18.56
CA GLN C 448 -34.49 16.49 19.14
C GLN C 448 -34.94 15.36 18.22
N ILE C 449 -35.60 15.68 17.11
CA ILE C 449 -36.14 14.65 16.22
C ILE C 449 -35.16 14.22 15.14
N ALA C 450 -34.03 14.90 15.00
CA ALA C 450 -33.10 14.58 13.93
C ALA C 450 -32.51 13.18 14.13
N PRO C 451 -32.08 12.53 13.05
CA PRO C 451 -31.49 11.20 13.19
C PRO C 451 -30.23 11.23 14.05
N GLY C 452 -30.02 10.15 14.79
CA GLY C 452 -28.85 10.06 15.66
C GLY C 452 -28.84 11.11 16.74
N GLN C 453 -29.98 11.33 17.39
CA GLN C 453 -30.12 12.33 18.44
C GLN C 453 -30.37 11.64 19.77
N THR C 454 -30.29 12.43 20.84
CA THR C 454 -30.56 11.95 22.19
C THR C 454 -31.51 12.94 22.87
N GLY C 455 -32.23 12.43 23.85
CA GLY C 455 -33.21 13.21 24.56
C GLY C 455 -34.41 12.36 24.93
N LYS C 456 -35.29 12.93 25.75
CA LYS C 456 -36.45 12.20 26.23
C LYS C 456 -37.31 11.71 25.07
N ILE C 457 -37.67 12.61 24.17
CA ILE C 457 -38.54 12.25 23.05
C ILE C 457 -37.93 11.11 22.24
N ALA C 458 -36.74 11.34 21.70
CA ALA C 458 -36.11 10.36 20.83
C ALA C 458 -35.89 9.05 21.55
N ASP C 459 -35.54 9.10 22.84
CA ASP C 459 -35.23 7.88 23.57
C ASP C 459 -36.47 7.09 23.94
N TYR C 460 -37.62 7.73 24.07
CA TYR C 460 -38.81 7.07 24.60
C TYR C 460 -39.90 6.85 23.56
N ASN C 461 -40.36 7.90 22.89
CA ASN C 461 -41.61 7.82 22.14
C ASN C 461 -41.45 7.76 20.62
N TYR C 462 -40.37 8.32 20.07
CA TYR C 462 -40.22 8.34 18.61
C TYR C 462 -38.73 8.41 18.29
N LYS C 463 -38.17 7.27 17.90
CA LYS C 463 -36.75 7.16 17.59
C LYS C 463 -36.57 7.07 16.08
N LEU C 464 -35.70 7.91 15.53
CA LEU C 464 -35.37 7.83 14.11
C LEU C 464 -34.08 7.05 13.92
N PRO C 465 -33.98 6.24 12.86
CA PRO C 465 -32.75 5.49 12.64
C PRO C 465 -31.60 6.40 12.24
N ASP C 466 -30.38 5.93 12.52
CA ASP C 466 -29.19 6.72 12.21
C ASP C 466 -29.08 6.98 10.71
N ASP C 467 -29.42 6.00 9.89
CA ASP C 467 -29.35 6.14 8.44
C ASP C 467 -30.70 6.50 7.84
N PHE C 468 -31.51 7.27 8.57
CA PHE C 468 -32.81 7.67 8.07
C PHE C 468 -32.65 8.43 6.75
N THR C 469 -33.52 8.11 5.79
CA THR C 469 -33.56 8.78 4.51
C THR C 469 -34.95 9.39 4.33
N GLY C 470 -35.01 10.69 4.15
CA GLY C 470 -36.28 11.37 3.98
C GLY C 470 -36.17 12.81 4.44
N CYS C 471 -37.33 13.44 4.61
CA CYS C 471 -37.42 14.84 4.99
C CYS C 471 -38.27 14.98 6.24
N VAL C 472 -37.90 15.94 7.09
CA VAL C 472 -38.63 16.27 8.29
C VAL C 472 -39.17 17.69 8.12
N ILE C 473 -40.49 17.84 8.22
CA ILE C 473 -41.15 19.13 8.04
C ILE C 473 -41.91 19.45 9.32
N ALA C 474 -41.67 20.65 9.84
CA ALA C 474 -42.30 21.10 11.08
C ALA C 474 -42.70 22.57 10.93
N TRP C 475 -43.73 22.95 11.67
CA TRP C 475 -44.18 24.35 11.68
C TRP C 475 -45.09 24.56 12.88
N ASN C 476 -44.96 25.72 13.51
CA ASN C 476 -45.73 26.02 14.70
C ASN C 476 -47.23 25.97 14.39
N SER C 477 -47.99 25.41 15.31
CA SER C 477 -49.44 25.35 15.23
C SER C 477 -50.06 25.86 16.52
N ASN C 478 -49.49 26.94 17.06
CA ASN C 478 -49.96 27.47 18.34
C ASN C 478 -51.41 27.89 18.25
N ASN C 479 -51.73 28.75 17.27
CA ASN C 479 -53.08 29.30 17.17
C ASN C 479 -54.11 28.23 16.82
N LEU C 480 -53.68 27.12 16.21
CA LEU C 480 -54.60 26.08 15.79
C LEU C 480 -54.76 24.96 16.80
N ASP C 481 -53.79 24.76 17.68
CA ASP C 481 -53.82 23.66 18.64
C ASP C 481 -53.88 24.14 20.09
N SER C 482 -52.98 25.05 20.48
CA SER C 482 -52.97 25.51 21.86
C SER C 482 -54.30 26.18 22.20
N LYS C 483 -54.83 25.88 23.38
CA LYS C 483 -56.09 26.40 23.83
C LYS C 483 -55.86 27.52 24.85
N VAL C 484 -56.74 28.52 24.83
CA VAL C 484 -56.61 29.63 25.76
C VAL C 484 -56.65 29.12 27.20
N GLY C 485 -57.52 28.16 27.47
CA GLY C 485 -57.61 27.55 28.78
C GLY C 485 -56.59 26.46 29.05
N GLY C 486 -55.76 26.13 28.06
CA GLY C 486 -54.76 25.10 28.22
C GLY C 486 -55.17 23.78 27.59
N ASN C 487 -54.51 23.42 26.49
CA ASN C 487 -54.79 22.17 25.78
C ASN C 487 -53.80 21.12 26.28
N TYR C 488 -54.29 20.20 27.10
CA TYR C 488 -53.47 19.13 27.68
C TYR C 488 -53.76 17.78 27.05
N ASN C 489 -54.51 17.74 25.94
CA ASN C 489 -54.86 16.47 25.33
C ASN C 489 -53.66 15.77 24.70
N TYR C 490 -52.57 16.49 24.47
CA TYR C 490 -51.37 15.90 23.90
C TYR C 490 -50.56 15.23 25.00
N LEU C 491 -50.31 13.93 24.84
CA LEU C 491 -49.62 13.13 25.84
C LEU C 491 -48.28 12.65 25.29
N TYR C 492 -47.29 12.55 26.18
CA TYR C 492 -45.98 12.06 25.83
C TYR C 492 -45.51 11.09 26.91
N ARG C 493 -44.80 10.05 26.49
CA ARG C 493 -44.24 9.10 27.43
C ARG C 493 -43.04 9.70 28.15
N LEU C 494 -42.88 9.34 29.42
CA LEU C 494 -41.79 9.86 30.24
C LEU C 494 -40.86 8.78 30.77
N PHE C 495 -41.31 7.53 30.89
CA PHE C 495 -40.47 6.45 31.38
C PHE C 495 -40.60 5.25 30.47
N ARG C 496 -39.55 4.44 30.43
CA ARG C 496 -39.57 3.21 29.65
C ARG C 496 -38.49 2.28 30.16
N LYS C 497 -38.72 0.99 30.02
CA LYS C 497 -37.76 0.00 30.52
C LYS C 497 -36.43 0.15 29.81
N SER C 498 -36.44 0.35 28.50
CA SER C 498 -35.22 0.52 27.73
C SER C 498 -35.52 1.36 26.49
N ASN C 499 -34.46 1.85 25.87
CA ASN C 499 -34.61 2.68 24.68
C ASN C 499 -35.35 1.91 23.59
N LEU C 500 -36.35 2.55 22.99
CA LEU C 500 -37.12 1.93 21.93
C LEU C 500 -36.35 1.97 20.61
N LYS C 501 -36.48 0.91 19.83
CA LYS C 501 -35.80 0.83 18.55
C LYS C 501 -36.45 1.80 17.56
N PRO C 502 -35.73 2.14 16.47
CA PRO C 502 -36.26 3.13 15.53
C PRO C 502 -37.60 2.69 14.95
N PHE C 503 -38.47 3.67 14.71
CA PHE C 503 -39.77 3.44 14.11
C PHE C 503 -40.55 2.38 14.89
N GLU C 504 -40.63 2.59 16.21
CA GLU C 504 -41.40 1.73 17.09
C GLU C 504 -42.42 2.59 17.83
N ARG C 505 -43.67 2.13 17.87
CA ARG C 505 -44.74 2.81 18.58
C ARG C 505 -45.03 2.06 19.87
N ASP C 506 -45.04 2.79 20.98
CA ASP C 506 -45.36 2.23 22.29
C ASP C 506 -46.60 2.93 22.82
N ILE C 507 -47.61 2.15 23.20
CA ILE C 507 -48.86 2.68 23.70
C ILE C 507 -49.24 2.08 25.06
N SER C 508 -48.30 1.41 25.71
CA SER C 508 -48.59 0.82 27.01
C SER C 508 -48.91 1.91 28.02
N THR C 509 -49.84 1.61 28.93
CA THR C 509 -50.24 2.54 29.97
C THR C 509 -49.89 2.04 31.37
N GLU C 510 -49.14 0.93 31.46
CA GLU C 510 -48.77 0.40 32.76
C GLU C 510 -47.94 1.41 33.54
N ILE C 511 -48.19 1.50 34.84
CA ILE C 511 -47.46 2.44 35.68
C ILE C 511 -46.00 2.03 35.75
N TYR C 512 -45.13 3.02 35.92
CA TYR C 512 -43.69 2.81 35.94
C TYR C 512 -43.17 2.79 37.38
N GLN C 513 -42.17 1.95 37.62
CA GLN C 513 -41.51 1.84 38.91
C GLN C 513 -40.07 2.30 38.75
N ALA C 514 -39.66 3.28 39.56
CA ALA C 514 -38.32 3.85 39.49
C ALA C 514 -37.37 3.28 40.53
N GLY C 515 -37.78 2.21 41.23
CA GLY C 515 -36.96 1.63 42.28
C GLY C 515 -37.04 0.12 42.24
N SER C 516 -36.29 -0.50 43.16
CA SER C 516 -36.24 -1.95 43.24
C SER C 516 -37.50 -2.54 43.84
N THR C 517 -38.26 -1.76 44.60
CA THR C 517 -39.48 -2.26 45.21
C THR C 517 -40.51 -2.59 44.12
N PRO C 518 -41.28 -3.67 44.28
CA PRO C 518 -42.31 -3.98 43.28
C PRO C 518 -43.42 -2.95 43.30
N CYS C 519 -44.08 -2.79 42.15
CA CYS C 519 -45.20 -1.87 41.98
C CYS C 519 -46.40 -2.70 41.53
N ASN C 520 -47.12 -3.25 42.50
CA ASN C 520 -48.30 -4.05 42.22
C ASN C 520 -49.52 -3.15 42.03
N GLY C 521 -50.55 -3.72 41.41
CA GLY C 521 -51.77 -2.96 41.20
C GLY C 521 -51.53 -1.78 40.26
N VAL C 522 -52.36 -0.74 40.43
CA VAL C 522 -52.28 0.46 39.62
C VAL C 522 -51.45 1.55 40.28
N GLU C 523 -50.93 1.30 41.48
CA GLU C 523 -50.13 2.30 42.17
C GLU C 523 -49.19 1.60 43.15
N GLY C 524 -48.21 2.35 43.61
CA GLY C 524 -47.25 1.83 44.58
C GLY C 524 -46.27 2.90 44.98
N PHE C 525 -45.30 2.50 45.79
CA PHE C 525 -44.30 3.45 46.27
C PHE C 525 -43.48 3.98 45.10
N ASN C 526 -43.50 5.31 44.94
CA ASN C 526 -42.74 5.97 43.88
C ASN C 526 -43.09 5.37 42.52
N CYS C 527 -44.39 5.14 42.30
CA CYS C 527 -44.89 4.64 41.03
C CYS C 527 -45.48 5.82 40.26
N TYR C 528 -45.01 6.02 39.03
CA TYR C 528 -45.37 7.18 38.23
C TYR C 528 -46.00 6.74 36.92
N PHE C 529 -47.05 7.44 36.51
CA PHE C 529 -47.69 7.15 35.24
C PHE C 529 -46.79 7.58 34.10
N PRO C 530 -46.48 6.70 33.13
CA PRO C 530 -45.51 7.06 32.09
C PRO C 530 -45.94 8.22 31.23
N LEU C 531 -47.23 8.53 31.16
CA LEU C 531 -47.74 9.53 30.23
C LEU C 531 -47.99 10.84 30.97
N GLN C 532 -47.40 11.93 30.47
CA GLN C 532 -47.59 13.26 31.00
C GLN C 532 -48.12 14.17 29.90
N SER C 533 -49.10 15.00 30.24
CA SER C 533 -49.71 15.89 29.28
C SER C 533 -48.75 17.02 28.93
N TYR C 534 -49.19 17.88 28.02
CA TYR C 534 -48.42 19.03 27.57
C TYR C 534 -49.13 20.32 27.97
N GLY C 535 -48.39 21.22 28.61
CA GLY C 535 -48.96 22.50 29.01
C GLY C 535 -48.93 23.51 27.89
N PHE C 536 -49.70 23.26 26.83
CA PHE C 536 -49.72 24.15 25.67
C PHE C 536 -50.72 25.27 25.94
N GLN C 537 -50.22 26.50 26.04
CA GLN C 537 -51.03 27.68 26.19
C GLN C 537 -50.58 28.76 25.22
N PRO C 538 -51.50 29.57 24.71
CA PRO C 538 -51.08 30.62 23.77
C PRO C 538 -50.07 31.58 24.36
N THR C 539 -50.16 31.85 25.67
CA THR C 539 -49.20 32.75 26.31
C THR C 539 -47.79 32.17 26.31
N ASN C 540 -47.64 30.85 26.18
CA ASN C 540 -46.32 30.25 26.19
C ASN C 540 -45.48 30.82 25.07
N GLY C 541 -44.22 31.12 25.39
CA GLY C 541 -43.31 31.69 24.42
C GLY C 541 -42.80 30.65 23.43
N VAL C 542 -42.03 31.14 22.45
CA VAL C 542 -41.44 30.25 21.47
C VAL C 542 -40.58 29.23 22.18
N GLY C 543 -40.69 27.97 21.74
CA GLY C 543 -40.04 26.86 22.39
C GLY C 543 -40.95 26.04 23.27
N TYR C 544 -42.18 26.51 23.52
CA TYR C 544 -43.17 25.76 24.27
C TYR C 544 -44.50 25.63 23.56
N GLN C 545 -44.78 26.45 22.55
CA GLN C 545 -46.04 26.35 21.83
C GLN C 545 -46.09 25.04 21.03
N PRO C 546 -47.28 24.51 20.78
CA PRO C 546 -47.37 23.25 20.03
C PRO C 546 -46.86 23.43 18.61
N TYR C 547 -46.21 22.38 18.10
CA TYR C 547 -45.66 22.37 16.75
C TYR C 547 -46.17 21.12 16.03
N ARG C 548 -46.76 21.31 14.86
CA ARG C 548 -47.20 20.19 14.05
C ARG C 548 -46.03 19.68 13.22
N VAL C 549 -45.66 18.42 13.45
CA VAL C 549 -44.48 17.81 12.85
C VAL C 549 -44.92 16.64 11.99
N VAL C 550 -44.46 16.61 10.74
CA VAL C 550 -44.72 15.50 9.83
C VAL C 550 -43.38 15.01 9.29
N VAL C 551 -43.17 13.70 9.34
CA VAL C 551 -41.92 13.09 8.91
C VAL C 551 -42.22 12.26 7.67
N LEU C 552 -41.51 12.56 6.58
CA LEU C 552 -41.61 11.80 5.34
C LEU C 552 -40.40 10.89 5.25
N SER C 553 -40.62 9.59 5.42
CA SER C 553 -39.56 8.60 5.35
C SER C 553 -39.81 7.68 4.17
N PHE C 554 -38.81 7.52 3.31
CA PHE C 554 -38.91 6.64 2.15
C PHE C 554 -37.57 5.97 1.93
N GLU C 555 -37.61 4.83 1.25
CA GLU C 555 -36.42 4.05 0.96
C GLU C 555 -36.35 3.78 -0.53
N LEU C 556 -35.13 3.56 -1.01
CA LEU C 556 -34.84 3.50 -2.43
C LEU C 556 -34.14 2.19 -2.77
N LEU C 557 -34.23 1.82 -4.04
CA LEU C 557 -33.48 0.69 -4.60
C LEU C 557 -33.70 -0.59 -3.80
N HIS C 558 -34.96 -0.90 -3.52
CA HIS C 558 -35.29 -2.20 -2.92
C HIS C 558 -36.50 -2.84 -3.56
N ALA C 559 -37.13 -2.21 -4.56
CA ALA C 559 -38.34 -2.73 -5.18
C ALA C 559 -38.66 -1.88 -6.41
N PRO C 560 -39.56 -2.33 -7.29
CA PRO C 560 -39.98 -1.48 -8.41
C PRO C 560 -40.57 -0.16 -7.90
N ALA C 561 -40.22 0.92 -8.58
CA ALA C 561 -40.68 2.24 -8.16
C ALA C 561 -42.19 2.33 -8.25
N THR C 562 -42.79 3.02 -7.28
CA THR C 562 -44.22 3.23 -7.25
C THR C 562 -44.58 4.72 -7.15
N VAL C 563 -43.76 5.50 -6.46
CA VAL C 563 -43.94 6.95 -6.37
C VAL C 563 -42.86 7.60 -7.20
N CYS C 564 -43.26 8.50 -8.09
CA CYS C 564 -42.32 9.18 -8.97
C CYS C 564 -42.68 10.65 -9.06
N GLY C 565 -41.67 11.47 -9.34
CA GLY C 565 -41.86 12.89 -9.38
C GLY C 565 -42.62 13.33 -10.61
N PRO C 566 -42.90 14.63 -10.69
CA PRO C 566 -43.68 15.17 -11.81
C PRO C 566 -42.83 15.43 -13.05
N LYS C 567 -42.21 14.37 -13.55
CA LYS C 567 -41.35 14.45 -14.73
C LYS C 567 -42.08 13.92 -15.94
N LYS C 568 -41.87 14.58 -17.08
CA LYS C 568 -42.54 14.22 -18.33
C LYS C 568 -41.71 13.17 -19.05
N SER C 569 -42.29 11.99 -19.26
CA SER C 569 -41.61 10.93 -19.99
C SER C 569 -41.48 11.32 -21.45
N THR C 570 -40.37 10.91 -22.06
CA THR C 570 -40.09 11.19 -23.46
C THR C 570 -40.15 9.90 -24.27
N ASN C 571 -39.85 10.02 -25.56
CA ASN C 571 -39.84 8.87 -26.43
C ASN C 571 -38.62 8.01 -26.15
N LEU C 572 -38.62 6.80 -26.71
CA LEU C 572 -37.55 5.84 -26.54
C LEU C 572 -36.87 5.59 -27.86
N VAL C 573 -35.54 5.73 -27.89
CA VAL C 573 -34.74 5.51 -29.08
C VAL C 573 -33.57 4.61 -28.72
N LYS C 574 -33.25 3.68 -29.61
CA LYS C 574 -32.25 2.65 -29.35
C LYS C 574 -31.15 2.69 -30.40
N ASN C 575 -30.05 2.01 -30.08
CA ASN C 575 -28.87 1.91 -30.94
C ASN C 575 -28.12 3.23 -31.04
N LYS C 576 -28.25 4.10 -30.03
CA LYS C 576 -27.55 5.38 -30.02
C LYS C 576 -27.04 5.67 -28.61
N CYS C 577 -25.96 6.43 -28.54
CA CYS C 577 -25.44 6.89 -27.26
C CYS C 577 -26.47 7.82 -26.60
N VAL C 578 -27.11 7.35 -25.54
CA VAL C 578 -28.20 8.08 -24.92
C VAL C 578 -28.03 8.06 -23.41
N ASN C 579 -28.67 9.03 -22.75
CA ASN C 579 -28.69 9.12 -21.29
C ASN C 579 -30.05 8.61 -20.82
N PHE C 580 -30.14 7.30 -20.61
CA PHE C 580 -31.40 6.70 -20.22
C PHE C 580 -31.72 7.00 -18.76
N ASN C 581 -33.01 6.89 -18.44
CA ASN C 581 -33.45 7.05 -17.05
C ASN C 581 -34.77 6.27 -16.91
N PHE C 582 -34.70 5.09 -16.31
CA PHE C 582 -35.86 4.25 -16.07
C PHE C 582 -36.16 4.27 -14.58
N ASN C 583 -37.30 4.86 -14.20
CA ASN C 583 -37.74 4.88 -12.81
C ASN C 583 -36.64 5.41 -11.89
N GLY C 584 -35.95 6.46 -12.35
CA GLY C 584 -34.86 7.02 -11.58
C GLY C 584 -33.56 6.25 -11.68
N LEU C 585 -33.50 5.19 -12.47
CA LEU C 585 -32.26 4.43 -12.68
C LEU C 585 -31.44 5.13 -13.76
N THR C 586 -30.87 6.27 -13.38
CA THR C 586 -30.13 7.08 -14.34
C THR C 586 -28.90 6.33 -14.84
N GLY C 587 -28.50 6.65 -16.06
CA GLY C 587 -27.32 6.04 -16.64
C GLY C 587 -27.25 6.36 -18.11
N THR C 588 -26.07 6.09 -18.69
CA THR C 588 -25.79 6.38 -20.08
C THR C 588 -25.31 5.12 -20.77
N GLY C 589 -25.87 4.85 -21.95
CA GLY C 589 -25.50 3.66 -22.68
C GLY C 589 -26.27 3.56 -23.98
N VAL C 590 -26.14 2.41 -24.62
CA VAL C 590 -26.77 2.15 -25.91
C VAL C 590 -27.87 1.13 -25.70
N LEU C 591 -29.12 1.59 -25.75
CA LEU C 591 -30.24 0.69 -25.59
C LEU C 591 -30.36 -0.24 -26.79
N THR C 592 -30.96 -1.40 -26.57
CA THR C 592 -31.12 -2.40 -27.63
C THR C 592 -32.10 -3.46 -27.16
N GLU C 593 -33.09 -3.76 -28.00
CA GLU C 593 -34.01 -4.84 -27.67
C GLU C 593 -33.24 -6.13 -27.45
N SER C 594 -33.56 -6.83 -26.38
CA SER C 594 -32.79 -7.99 -25.94
C SER C 594 -33.66 -9.24 -25.94
N ASN C 595 -33.00 -10.38 -26.00
CA ASN C 595 -33.66 -11.68 -25.98
C ASN C 595 -33.65 -12.33 -24.60
N LYS C 596 -33.30 -11.57 -23.56
CA LYS C 596 -33.36 -12.10 -22.21
C LYS C 596 -34.76 -12.58 -21.89
N LYS C 597 -34.85 -13.75 -21.27
CA LYS C 597 -36.15 -14.31 -20.87
C LYS C 597 -36.54 -13.83 -19.47
N PHE C 598 -36.76 -12.52 -19.38
CA PHE C 598 -37.18 -11.94 -18.11
C PHE C 598 -38.49 -12.56 -17.65
N LEU C 599 -38.55 -12.91 -16.37
CA LEU C 599 -39.78 -13.45 -15.81
C LEU C 599 -40.74 -12.32 -15.48
N PRO C 600 -42.03 -12.63 -15.34
CA PRO C 600 -43.03 -11.56 -15.16
C PRO C 600 -42.74 -10.64 -13.99
N PHE C 601 -42.13 -11.16 -12.92
CA PHE C 601 -41.86 -10.35 -11.74
C PHE C 601 -40.51 -9.65 -11.79
N GLN C 602 -39.68 -9.91 -12.80
CA GLN C 602 -38.33 -9.36 -12.85
C GLN C 602 -38.34 -8.04 -13.62
N GLN C 603 -37.71 -7.02 -13.03
CA GLN C 603 -37.60 -5.71 -13.64
C GLN C 603 -36.20 -5.41 -14.16
N PHE C 604 -35.19 -5.50 -13.30
CA PHE C 604 -33.82 -5.19 -13.69
C PHE C 604 -33.12 -6.46 -14.16
N GLY C 605 -31.86 -6.29 -14.56
CA GLY C 605 -31.01 -7.41 -14.91
C GLY C 605 -29.58 -7.07 -14.61
N ARG C 606 -28.80 -8.03 -14.15
CA ARG C 606 -27.41 -7.78 -13.75
C ARG C 606 -26.49 -8.83 -14.34
N ASP C 607 -25.26 -8.43 -14.56
CA ASP C 607 -24.24 -9.27 -15.16
C ASP C 607 -23.38 -9.90 -14.07
N ILE C 608 -22.29 -10.54 -14.47
CA ILE C 608 -21.38 -11.16 -13.50
C ILE C 608 -20.75 -10.08 -12.63
N ALA C 609 -20.45 -8.92 -13.22
CA ALA C 609 -19.86 -7.82 -12.46
C ALA C 609 -20.87 -7.15 -11.53
N ASP C 610 -22.14 -7.54 -11.59
CA ASP C 610 -23.18 -6.95 -10.75
C ASP C 610 -23.38 -5.47 -11.07
N THR C 611 -23.66 -5.22 -12.36
CA THR C 611 -24.02 -3.89 -12.82
C THR C 611 -25.17 -4.00 -13.80
N THR C 612 -26.06 -3.01 -13.76
CA THR C 612 -27.25 -3.02 -14.60
C THR C 612 -26.87 -3.19 -16.06
N ASP C 613 -27.28 -4.32 -16.65
CA ASP C 613 -27.03 -4.58 -18.06
C ASP C 613 -28.29 -4.97 -18.81
N ALA C 614 -29.47 -4.82 -18.20
CA ALA C 614 -30.73 -5.08 -18.88
C ALA C 614 -31.87 -4.51 -18.05
N VAL C 615 -32.76 -3.74 -18.68
CA VAL C 615 -33.86 -3.09 -17.98
C VAL C 615 -35.14 -3.34 -18.75
N ARG C 616 -36.26 -3.16 -18.05
CA ARG C 616 -37.59 -3.31 -18.62
C ARG C 616 -38.27 -1.95 -18.63
N ASP C 617 -38.74 -1.53 -19.79
CA ASP C 617 -39.32 -0.19 -19.92
C ASP C 617 -40.58 -0.08 -19.09
N PRO C 618 -40.69 0.90 -18.18
CA PRO C 618 -41.88 0.97 -17.33
C PRO C 618 -43.17 1.17 -18.11
N GLN C 619 -43.14 1.94 -19.19
CA GLN C 619 -44.36 2.24 -19.93
C GLN C 619 -44.84 1.02 -20.71
N THR C 620 -44.01 0.54 -21.62
CA THR C 620 -44.28 -0.70 -22.35
C THR C 620 -43.39 -1.80 -21.80
N LEU C 621 -44.00 -2.93 -21.45
CA LEU C 621 -43.28 -4.02 -20.80
C LEU C 621 -42.47 -4.76 -21.87
N GLU C 622 -41.28 -4.24 -22.15
CA GLU C 622 -40.34 -4.88 -23.04
C GLU C 622 -38.95 -4.80 -22.44
N ILE C 623 -38.10 -5.77 -22.81
CA ILE C 623 -36.77 -5.92 -22.24
C ILE C 623 -35.76 -5.34 -23.21
N LEU C 624 -34.84 -4.54 -22.69
CA LEU C 624 -33.81 -3.89 -23.48
C LEU C 624 -32.45 -4.18 -22.88
N ASP C 625 -31.45 -4.35 -23.75
CA ASP C 625 -30.07 -4.45 -23.29
C ASP C 625 -29.54 -3.07 -22.93
N ILE C 626 -28.42 -3.07 -22.23
CA ILE C 626 -27.73 -1.83 -21.86
C ILE C 626 -26.25 -2.03 -22.13
N THR C 627 -25.61 -1.04 -22.76
CA THR C 627 -24.20 -1.14 -23.06
C THR C 627 -23.65 0.27 -23.22
N PRO C 628 -22.45 0.56 -22.74
CA PRO C 628 -21.95 1.93 -22.81
C PRO C 628 -21.30 2.20 -24.16
N CYS C 629 -21.45 3.44 -24.61
CA CYS C 629 -20.92 3.83 -25.89
C CYS C 629 -19.43 3.54 -25.95
N SER C 630 -18.97 3.03 -27.10
CA SER C 630 -17.62 2.49 -27.20
C SER C 630 -16.60 3.49 -26.70
N PHE C 631 -15.59 2.97 -26.02
CA PHE C 631 -14.49 3.78 -25.50
C PHE C 631 -13.20 2.99 -25.59
N GLY C 632 -12.09 3.69 -25.52
CA GLY C 632 -10.79 3.05 -25.55
C GLY C 632 -9.70 4.09 -25.43
N GLY C 633 -8.47 3.60 -25.34
CA GLY C 633 -7.33 4.49 -25.30
C GLY C 633 -6.93 4.97 -26.68
N VAL C 634 -6.22 6.09 -26.69
CA VAL C 634 -5.72 6.70 -27.93
C VAL C 634 -4.21 6.77 -27.83
N SER C 635 -3.53 6.21 -28.82
CA SER C 635 -2.08 6.17 -28.86
C SER C 635 -1.58 6.84 -30.13
N VAL C 636 -0.49 7.57 -30.02
CA VAL C 636 0.06 8.35 -31.12
C VAL C 636 1.38 7.72 -31.55
N ILE C 637 1.53 7.50 -32.84
CA ILE C 637 2.72 6.88 -33.41
C ILE C 637 3.48 7.96 -34.17
N THR C 638 4.69 8.25 -33.73
CA THR C 638 5.49 9.29 -34.35
C THR C 638 6.90 8.77 -34.63
N PRO C 639 7.53 9.25 -35.71
CA PRO C 639 8.92 8.85 -36.00
C PRO C 639 9.98 9.73 -35.39
N GLY C 640 9.65 10.59 -34.45
CA GLY C 640 10.61 11.50 -33.86
C GLY C 640 10.37 12.91 -34.36
N THR C 641 10.48 13.88 -33.46
CA THR C 641 10.15 15.25 -33.81
C THR C 641 11.05 15.76 -34.93
N ASN C 642 12.36 15.53 -34.82
CA ASN C 642 13.27 16.06 -35.82
C ASN C 642 13.02 15.44 -37.18
N THR C 643 12.80 14.12 -37.22
CA THR C 643 12.66 13.44 -38.51
C THR C 643 11.44 13.96 -39.26
N SER C 644 10.33 14.19 -38.55
CA SER C 644 9.14 14.72 -39.19
C SER C 644 8.10 15.03 -38.12
N ASN C 645 7.17 15.92 -38.48
CA ASN C 645 6.05 16.24 -37.62
C ASN C 645 4.81 15.40 -37.93
N GLN C 646 4.90 14.49 -38.89
CA GLN C 646 3.77 13.64 -39.23
C GLN C 646 3.58 12.57 -38.16
N VAL C 647 2.32 12.19 -37.92
CA VAL C 647 2.00 11.19 -36.92
C VAL C 647 0.75 10.43 -37.36
N ALA C 648 0.53 9.29 -36.73
CA ALA C 648 -0.67 8.49 -36.93
C ALA C 648 -1.18 8.03 -35.57
N VAL C 649 -2.50 8.10 -35.39
CA VAL C 649 -3.11 7.76 -34.11
C VAL C 649 -3.65 6.35 -34.20
N LEU C 650 -3.92 5.77 -33.03
CA LEU C 650 -4.41 4.39 -32.94
C LEU C 650 -5.50 4.36 -31.87
N TYR C 651 -6.74 4.10 -32.29
CA TYR C 651 -7.86 3.97 -31.36
C TYR C 651 -7.95 2.51 -30.95
N GLN C 652 -7.05 2.11 -30.05
CA GLN C 652 -6.94 0.71 -29.70
C GLN C 652 -8.25 0.17 -29.15
N GLY C 653 -8.63 -1.01 -29.62
CA GLY C 653 -9.81 -1.68 -29.13
C GLY C 653 -11.12 -1.17 -29.67
N VAL C 654 -11.12 -0.62 -30.89
CA VAL C 654 -12.33 -0.08 -31.50
C VAL C 654 -12.33 -0.40 -32.97
N ASN C 655 -13.43 -0.97 -33.46
CA ASN C 655 -13.59 -1.18 -34.90
C ASN C 655 -13.61 0.17 -35.60
N CYS C 656 -13.09 0.20 -36.83
CA CYS C 656 -12.82 1.47 -37.49
C CYS C 656 -14.07 2.22 -37.91
N THR C 657 -15.27 1.74 -37.60
CA THR C 657 -16.49 2.46 -37.97
C THR C 657 -17.05 3.31 -36.84
N GLU C 658 -16.71 3.02 -35.59
CA GLU C 658 -17.20 3.84 -34.49
C GLU C 658 -16.63 5.25 -34.55
N VAL C 659 -15.35 5.39 -34.92
CA VAL C 659 -14.77 6.73 -35.04
C VAL C 659 -15.46 7.52 -36.15
N PRO C 660 -15.63 7.00 -37.36
CA PRO C 660 -16.43 7.73 -38.36
C PRO C 660 -17.85 8.02 -37.89
N VAL C 661 -18.51 7.06 -37.25
CA VAL C 661 -19.84 7.29 -36.71
C VAL C 661 -19.82 8.39 -35.67
N ALA C 662 -18.67 8.65 -35.07
CA ALA C 662 -18.47 9.72 -34.11
C ALA C 662 -17.84 10.95 -34.77
N ILE C 663 -18.22 11.21 -36.03
CA ILE C 663 -17.76 12.38 -36.75
C ILE C 663 -18.05 13.61 -35.91
N HIS C 664 -17.34 14.71 -36.17
CA HIS C 664 -17.40 15.89 -35.31
C HIS C 664 -18.81 16.44 -35.14
N ALA C 665 -19.80 15.93 -35.88
CA ALA C 665 -21.18 16.35 -35.67
C ALA C 665 -21.57 16.20 -34.21
N ASP C 666 -21.09 15.15 -33.55
CA ASP C 666 -21.28 14.94 -32.13
C ASP C 666 -19.98 15.16 -31.39
N GLN C 667 -20.07 15.63 -30.15
CA GLN C 667 -18.89 15.95 -29.37
C GLN C 667 -18.14 14.68 -28.95
N LEU C 668 -16.82 14.79 -28.86
CA LEU C 668 -15.97 13.70 -28.40
C LEU C 668 -14.88 14.28 -27.49
N THR C 669 -14.27 13.40 -26.70
CA THR C 669 -13.19 13.84 -25.83
C THR C 669 -12.02 14.43 -26.61
N PRO C 670 -11.49 13.77 -27.66
CA PRO C 670 -10.45 14.41 -28.45
C PRO C 670 -11.00 15.52 -29.32
N THR C 671 -10.61 16.77 -29.03
CA THR C 671 -11.12 17.90 -29.79
C THR C 671 -10.75 17.78 -31.26
N TRP C 672 -9.48 17.51 -31.55
CA TRP C 672 -9.03 17.43 -32.93
C TRP C 672 -9.76 16.32 -33.66
N ARG C 673 -10.24 16.62 -34.87
CA ARG C 673 -10.96 15.65 -35.68
C ARG C 673 -10.54 15.72 -37.15
N VAL C 674 -9.40 16.34 -37.45
CA VAL C 674 -8.94 16.43 -38.83
C VAL C 674 -8.62 15.06 -39.40
N TYR C 675 -8.39 14.06 -38.55
CA TYR C 675 -8.04 12.72 -39.00
C TYR C 675 -9.25 11.81 -39.18
N SER C 676 -10.45 12.24 -38.75
CA SER C 676 -11.62 11.40 -38.93
C SER C 676 -11.91 11.16 -40.41
N THR C 677 -11.62 12.15 -41.26
CA THR C 677 -11.87 11.99 -42.69
C THR C 677 -11.10 10.80 -43.24
N GLY C 678 -9.83 10.69 -42.88
CA GLY C 678 -9.06 9.50 -43.22
C GLY C 678 -8.56 9.46 -44.65
N SER C 679 -9.21 8.64 -45.47
CA SER C 679 -8.78 8.25 -46.81
C SER C 679 -7.65 7.23 -46.74
N ASN C 680 -7.16 6.91 -45.53
CA ASN C 680 -6.17 5.86 -45.35
C ASN C 680 -6.44 5.07 -44.07
N VAL C 681 -7.70 5.06 -43.60
CA VAL C 681 -8.02 4.36 -42.37
C VAL C 681 -7.78 2.88 -42.55
N PHE C 682 -7.09 2.28 -41.58
CA PHE C 682 -6.71 0.88 -41.64
C PHE C 682 -7.20 0.20 -40.36
N GLN C 683 -7.80 -0.98 -40.51
CA GLN C 683 -8.30 -1.75 -39.38
C GLN C 683 -7.28 -2.81 -39.00
N THR C 684 -6.98 -2.91 -37.71
CA THR C 684 -6.00 -3.86 -37.22
C THR C 684 -6.53 -4.51 -35.95
N ARG C 685 -5.98 -5.69 -35.64
CA ARG C 685 -6.43 -6.42 -34.47
C ARG C 685 -6.26 -5.60 -33.19
N ALA C 686 -5.30 -4.67 -33.17
CA ALA C 686 -5.11 -3.84 -32.00
C ALA C 686 -6.19 -2.77 -31.89
N GLY C 687 -6.70 -2.31 -33.01
CA GLY C 687 -7.72 -1.27 -33.02
C GLY C 687 -7.82 -0.65 -34.40
N CYS C 688 -8.17 0.64 -34.41
CA CYS C 688 -8.26 1.40 -35.65
C CYS C 688 -7.00 2.25 -35.78
N LEU C 689 -6.32 2.10 -36.91
CA LEU C 689 -5.10 2.85 -37.20
C LEU C 689 -5.43 3.90 -38.25
N ILE C 690 -5.23 5.17 -37.90
CA ILE C 690 -5.59 6.29 -38.74
C ILE C 690 -4.33 7.08 -39.06
N GLY C 691 -4.09 7.35 -40.33
CA GLY C 691 -2.98 8.16 -40.76
C GLY C 691 -1.75 7.42 -41.20
N ALA C 692 -1.82 6.09 -41.34
CA ALA C 692 -0.69 5.29 -41.75
C ALA C 692 -1.07 4.46 -42.96
N GLU C 693 -0.30 4.58 -44.03
CA GLU C 693 -0.52 3.77 -45.22
C GLU C 693 -0.17 2.32 -44.92
N HIS C 694 -0.98 1.40 -45.44
CA HIS C 694 -0.76 -0.01 -45.22
C HIS C 694 -0.07 -0.61 -46.43
N VAL C 695 1.09 -1.23 -46.20
CA VAL C 695 1.80 -1.94 -47.25
C VAL C 695 1.65 -3.44 -47.00
N ASN C 696 2.06 -4.24 -47.97
CA ASN C 696 1.99 -5.69 -47.87
C ASN C 696 3.37 -6.33 -47.93
N ASN C 697 4.42 -5.55 -47.78
CA ASN C 697 5.76 -6.09 -47.60
C ASN C 697 5.92 -6.51 -46.14
N SER C 698 7.16 -6.81 -45.74
CA SER C 698 7.42 -7.15 -44.35
C SER C 698 8.84 -6.74 -44.01
N TYR C 699 8.99 -6.00 -42.90
CA TYR C 699 10.29 -5.55 -42.46
C TYR C 699 10.46 -5.83 -40.97
N GLU C 700 11.53 -5.32 -40.38
CA GLU C 700 11.74 -5.46 -38.95
C GLU C 700 10.84 -4.50 -38.19
N CYS C 701 10.39 -4.93 -37.02
CA CYS C 701 9.50 -4.09 -36.23
C CYS C 701 10.22 -2.81 -35.81
N ASP C 702 9.77 -1.68 -36.35
CA ASP C 702 10.35 -0.39 -36.01
C ASP C 702 9.64 0.23 -34.80
N ILE C 703 8.34 0.44 -34.92
CA ILE C 703 7.51 0.95 -33.84
C ILE C 703 6.40 -0.06 -33.58
N PRO C 704 6.53 -0.90 -32.56
CA PRO C 704 5.53 -1.96 -32.37
C PRO C 704 4.16 -1.38 -32.08
N ILE C 705 3.15 -1.95 -32.71
CA ILE C 705 1.75 -1.56 -32.51
C ILE C 705 1.01 -2.63 -31.72
N GLY C 706 0.99 -3.84 -32.21
CA GLY C 706 0.34 -4.93 -31.52
C GLY C 706 -0.23 -5.95 -32.48
N ALA C 707 -0.42 -7.17 -31.99
CA ALA C 707 -0.99 -8.26 -32.77
C ALA C 707 -0.20 -8.46 -34.06
N GLY C 708 1.12 -8.34 -33.99
CA GLY C 708 1.96 -8.59 -35.12
C GLY C 708 2.08 -7.47 -36.12
N ILE C 709 1.52 -6.29 -35.82
CA ILE C 709 1.56 -5.14 -36.71
C ILE C 709 2.57 -4.14 -36.16
N CYS C 710 3.43 -3.63 -37.02
CA CYS C 710 4.40 -2.63 -36.66
C CYS C 710 4.33 -1.48 -37.66
N ALA C 711 4.83 -0.32 -37.24
CA ALA C 711 4.79 0.89 -38.04
C ALA C 711 6.20 1.46 -38.19
N SER C 712 6.43 2.12 -39.33
CA SER C 712 7.74 2.67 -39.60
C SER C 712 7.59 3.87 -40.54
N TYR C 713 8.65 4.67 -40.61
CA TYR C 713 8.70 5.87 -41.43
C TYR C 713 9.65 5.61 -42.60
N GLN C 714 9.12 5.67 -43.81
CA GLN C 714 9.90 5.34 -44.99
C GLN C 714 9.32 6.04 -46.20
N THR C 715 10.09 6.08 -47.28
CA THR C 715 9.59 6.59 -48.54
C THR C 715 8.34 5.83 -48.96
N GLN C 716 8.47 4.53 -49.19
CA GLN C 716 7.35 3.63 -49.44
C GLN C 716 6.33 4.29 -50.38
N THR C 717 6.79 4.61 -51.58
CA THR C 717 5.97 5.31 -52.56
C THR C 717 5.60 6.69 -52.02
N ASN C 718 4.34 6.89 -51.65
CA ASN C 718 3.88 8.17 -51.14
C ASN C 718 4.59 8.52 -49.83
N SER C 725 5.75 7.93 -55.72
CA SER C 725 7.00 8.67 -55.58
C SER C 725 8.10 7.76 -55.05
N VAL C 726 9.29 8.33 -54.87
CA VAL C 726 10.41 7.58 -54.29
C VAL C 726 11.08 8.30 -53.14
N ALA C 727 10.89 9.61 -52.97
CA ALA C 727 11.49 10.37 -51.88
C ALA C 727 10.50 10.86 -50.85
N SER C 728 9.24 11.08 -51.24
CA SER C 728 8.24 11.50 -50.27
C SER C 728 8.14 10.49 -49.15
N GLN C 729 8.17 10.98 -47.91
CA GLN C 729 8.19 10.13 -46.74
C GLN C 729 6.81 10.06 -46.11
N SER C 730 6.41 8.86 -45.69
CA SER C 730 5.12 8.65 -45.07
C SER C 730 5.22 7.49 -44.09
N ILE C 731 4.25 7.42 -43.18
CA ILE C 731 4.23 6.39 -42.15
C ILE C 731 3.52 5.17 -42.72
N ILE C 732 4.14 4.00 -42.59
CA ILE C 732 3.64 2.75 -43.12
C ILE C 732 3.45 1.76 -41.98
N ALA C 733 2.37 0.99 -42.06
CA ALA C 733 2.10 -0.08 -41.11
C ALA C 733 2.07 -1.40 -41.86
N TYR C 734 2.75 -2.40 -41.33
CA TYR C 734 2.93 -3.67 -42.03
C TYR C 734 2.90 -4.79 -41.00
N THR C 735 3.24 -5.99 -41.44
CA THR C 735 3.38 -7.15 -40.57
C THR C 735 4.86 -7.45 -40.39
N MET C 736 5.32 -7.45 -39.14
CA MET C 736 6.74 -7.63 -38.89
C MET C 736 7.22 -8.97 -39.43
N SER C 737 8.43 -8.97 -39.97
CA SER C 737 9.07 -10.17 -40.49
C SER C 737 10.02 -10.72 -39.45
N LEU C 738 9.90 -12.01 -39.15
CA LEU C 738 10.71 -12.61 -38.10
C LEU C 738 12.18 -12.69 -38.53
N GLY C 739 12.43 -12.93 -39.80
CA GLY C 739 13.79 -12.99 -40.30
C GLY C 739 13.83 -13.57 -41.69
N ALA C 740 15.03 -13.57 -42.25
CA ALA C 740 15.23 -14.11 -43.59
C ALA C 740 15.05 -15.62 -43.56
N GLU C 741 14.25 -16.14 -44.48
CA GLU C 741 14.05 -17.57 -44.56
C GLU C 741 15.32 -18.26 -45.03
N ASN C 742 15.62 -19.41 -44.45
CA ASN C 742 16.78 -20.19 -44.80
C ASN C 742 16.42 -21.67 -44.79
N SER C 743 17.06 -22.43 -45.67
CA SER C 743 16.79 -23.86 -45.81
C SER C 743 18.15 -24.58 -45.81
N VAL C 744 18.49 -25.20 -44.69
CA VAL C 744 19.77 -25.89 -44.57
C VAL C 744 19.80 -27.05 -45.54
N ALA C 745 20.92 -27.20 -46.25
CA ALA C 745 21.07 -28.25 -47.25
C ALA C 745 21.34 -29.60 -46.57
N TYR C 746 20.38 -30.01 -45.75
CA TYR C 746 20.55 -31.23 -44.97
C TYR C 746 20.53 -32.45 -45.86
N SER C 747 21.40 -33.41 -45.55
CA SER C 747 21.41 -34.70 -46.21
C SER C 747 22.00 -35.71 -45.24
N ASN C 748 21.70 -36.99 -45.47
CA ASN C 748 22.16 -38.01 -44.53
C ASN C 748 23.66 -38.28 -44.64
N ASN C 749 24.34 -37.73 -45.64
CA ASN C 749 25.77 -37.96 -45.78
C ASN C 749 26.51 -36.71 -46.22
N SER C 750 26.04 -35.53 -45.81
CA SER C 750 26.66 -34.27 -46.17
C SER C 750 26.93 -33.47 -44.91
N ILE C 751 28.15 -32.95 -44.78
CA ILE C 751 28.55 -32.15 -43.64
C ILE C 751 29.26 -30.90 -44.12
N ALA C 752 29.13 -29.82 -43.35
CA ALA C 752 29.81 -28.56 -43.63
C ALA C 752 30.77 -28.26 -42.49
N ILE C 753 32.03 -28.01 -42.82
CA ILE C 753 33.07 -27.74 -41.85
C ILE C 753 33.65 -26.37 -42.16
N PRO C 754 33.74 -25.47 -41.19
CA PRO C 754 34.34 -24.15 -41.47
C PRO C 754 35.82 -24.28 -41.80
N THR C 755 36.28 -23.40 -42.68
CA THR C 755 37.67 -23.37 -43.11
C THR C 755 38.35 -22.06 -42.71
N ASN C 756 37.79 -21.34 -41.75
CA ASN C 756 38.31 -20.04 -41.35
C ASN C 756 37.48 -19.57 -40.16
N PHE C 757 37.90 -18.45 -39.57
CA PHE C 757 37.25 -17.97 -38.36
C PHE C 757 37.36 -16.45 -38.30
N THR C 758 36.51 -15.86 -37.46
CA THR C 758 36.56 -14.44 -37.17
C THR C 758 36.46 -14.25 -35.67
N ILE C 759 37.37 -13.46 -35.11
CA ILE C 759 37.35 -13.15 -33.69
C ILE C 759 36.46 -11.93 -33.50
N SER C 760 35.27 -12.16 -32.95
CA SER C 760 34.27 -11.11 -32.81
C SER C 760 34.19 -10.68 -31.35
N VAL C 761 34.24 -9.37 -31.13
CA VAL C 761 34.14 -8.78 -29.80
C VAL C 761 32.83 -8.02 -29.73
N THR C 762 32.03 -8.30 -28.70
CA THR C 762 30.75 -7.67 -28.50
C THR C 762 30.65 -7.14 -27.08
N THR C 763 29.88 -6.08 -26.93
CA THR C 763 29.72 -5.43 -25.63
C THR C 763 28.42 -5.89 -24.98
N GLU C 764 28.35 -5.70 -23.67
CA GLU C 764 27.17 -6.07 -22.90
C GLU C 764 27.13 -5.20 -21.65
N ILE C 765 26.06 -4.43 -21.49
CA ILE C 765 25.94 -3.45 -20.41
C ILE C 765 24.93 -3.98 -19.39
N LEU C 766 25.30 -3.94 -18.12
CA LEU C 766 24.45 -4.43 -17.04
C LEU C 766 24.40 -3.41 -15.92
N PRO C 767 23.21 -3.00 -15.47
CA PRO C 767 23.14 -2.16 -14.26
C PRO C 767 23.62 -2.94 -13.04
N VAL C 768 24.27 -2.22 -12.13
CA VAL C 768 24.79 -2.81 -10.91
C VAL C 768 24.19 -2.15 -9.66
N SER C 769 24.09 -0.83 -9.65
CA SER C 769 23.57 -0.12 -8.49
C SER C 769 22.89 1.16 -8.93
N MET C 770 22.07 1.70 -8.04
CA MET C 770 21.37 2.95 -8.29
C MET C 770 21.68 3.92 -7.17
N THR C 771 21.42 5.20 -7.43
CA THR C 771 21.77 6.24 -6.46
C THR C 771 21.08 5.99 -5.13
N LYS C 772 21.81 6.21 -4.05
CA LYS C 772 21.23 6.12 -2.72
C LYS C 772 20.44 7.38 -2.42
N THR C 773 19.22 7.21 -1.92
CA THR C 773 18.37 8.33 -1.55
C THR C 773 17.79 8.06 -0.17
N SER C 774 18.13 8.90 0.79
CA SER C 774 17.56 8.85 2.13
C SER C 774 16.59 10.01 2.27
N VAL C 775 15.35 9.70 2.63
CA VAL C 775 14.29 10.70 2.76
C VAL C 775 13.79 10.67 4.19
N ASP C 776 13.82 11.83 4.84
CA ASP C 776 13.34 11.96 6.20
C ASP C 776 11.83 12.08 6.20
N CYS C 777 11.15 11.10 6.77
CA CYS C 777 9.68 11.08 6.74
C CYS C 777 9.11 12.32 7.42
N THR C 778 9.62 12.65 8.61
CA THR C 778 9.09 13.78 9.34
C THR C 778 9.32 15.09 8.60
N MET C 779 10.53 15.29 8.08
CA MET C 779 10.80 16.52 7.35
C MET C 779 9.93 16.62 6.10
N TYR C 780 9.75 15.51 5.40
CA TYR C 780 8.96 15.54 4.16
C TYR C 780 7.51 15.86 4.45
N ILE C 781 6.91 15.15 5.41
CA ILE C 781 5.48 15.31 5.66
C ILE C 781 5.19 16.62 6.39
N CYS C 782 5.85 16.83 7.53
CA CYS C 782 5.54 17.94 8.42
C CYS C 782 6.70 18.92 8.50
N GLY C 783 7.28 19.27 7.35
CA GLY C 783 8.51 20.03 7.34
C GLY C 783 8.49 21.23 8.25
N ASP C 784 9.29 21.18 9.31
CA ASP C 784 9.44 22.29 10.25
C ASP C 784 8.09 22.78 10.76
N SER C 785 7.41 21.90 11.48
CA SER C 785 6.12 22.25 12.08
C SER C 785 5.90 21.36 13.29
N THR C 786 5.97 21.95 14.49
CA THR C 786 5.80 21.18 15.71
C THR C 786 4.38 20.62 15.80
N GLU C 787 3.39 21.40 15.43
CA GLU C 787 2.00 20.92 15.50
C GLU C 787 1.80 19.73 14.57
N CYS C 788 2.31 19.84 13.34
CA CYS C 788 2.17 18.74 12.40
C CYS C 788 2.95 17.52 12.87
N SER C 789 4.13 17.72 13.46
CA SER C 789 4.88 16.58 13.97
C SER C 789 4.12 15.88 15.09
N ASN C 790 3.55 16.65 16.01
CA ASN C 790 2.78 16.06 17.09
C ASN C 790 1.58 15.30 16.57
N LEU C 791 0.91 15.85 15.55
CA LEU C 791 -0.19 15.11 14.94
C LEU C 791 0.29 13.83 14.30
N LEU C 792 1.46 13.87 13.64
CA LEU C 792 1.97 12.70 12.95
C LEU C 792 2.41 11.61 13.92
N LEU C 793 2.81 12.00 15.14
CA LEU C 793 3.27 11.00 16.10
C LEU C 793 2.18 10.00 16.44
N GLN C 794 0.91 10.32 16.18
CA GLN C 794 -0.17 9.41 16.50
C GLN C 794 -0.35 8.31 15.48
N TYR C 795 0.38 8.34 14.37
CA TYR C 795 0.26 7.34 13.34
C TYR C 795 1.19 6.15 13.53
N GLY C 796 1.95 6.12 14.62
CA GLY C 796 2.76 4.96 14.93
C GLY C 796 4.15 5.00 14.35
N SER C 797 4.59 3.88 13.79
CA SER C 797 5.96 3.71 13.32
C SER C 797 6.05 3.72 11.80
N PHE C 798 5.13 4.42 11.13
CA PHE C 798 5.19 4.49 9.67
C PHE C 798 6.49 5.13 9.21
N CYS C 799 6.84 6.27 9.82
CA CYS C 799 8.07 6.96 9.42
C CYS C 799 9.29 6.10 9.69
N THR C 800 9.32 5.41 10.83
CA THR C 800 10.44 4.54 11.13
C THR C 800 10.56 3.41 10.11
N GLN C 801 9.43 2.82 9.73
CA GLN C 801 9.48 1.75 8.73
C GLN C 801 10.01 2.27 7.40
N LEU C 802 9.53 3.44 6.97
CA LEU C 802 10.00 3.99 5.69
C LEU C 802 11.49 4.28 5.74
N ASN C 803 11.96 4.88 6.84
CA ASN C 803 13.39 5.15 6.96
C ASN C 803 14.19 3.86 6.92
N ARG C 804 13.73 2.83 7.62
CA ARG C 804 14.44 1.56 7.61
C ARG C 804 14.51 0.99 6.20
N ALA C 805 13.40 1.05 5.46
CA ALA C 805 13.39 0.50 4.11
C ALA C 805 14.39 1.22 3.22
N LEU C 806 14.38 2.56 3.26
CA LEU C 806 15.28 3.31 2.41
C LEU C 806 16.74 3.05 2.80
N THR C 807 17.03 2.96 4.09
CA THR C 807 18.38 2.66 4.53
C THR C 807 18.83 1.28 4.04
N GLY C 808 17.93 0.30 4.11
CA GLY C 808 18.26 -1.01 3.61
C GLY C 808 18.61 -0.98 2.13
N ILE C 809 17.82 -0.26 1.34
CA ILE C 809 18.13 -0.14 -0.08
C ILE C 809 19.51 0.50 -0.27
N ALA C 810 19.78 1.57 0.48
CA ALA C 810 21.05 2.27 0.32
C ALA C 810 22.22 1.36 0.62
N VAL C 811 22.14 0.58 1.71
CA VAL C 811 23.22 -0.34 2.04
C VAL C 811 23.36 -1.42 0.97
N GLU C 812 22.23 -1.92 0.48
CA GLU C 812 22.27 -2.99 -0.51
C GLU C 812 22.92 -2.53 -1.80
N GLN C 813 22.83 -1.24 -2.13
CA GLN C 813 23.52 -0.75 -3.33
C GLN C 813 25.03 -0.93 -3.20
N ASP C 814 25.59 -0.52 -2.07
CA ASP C 814 27.02 -0.71 -1.85
C ASP C 814 27.37 -2.19 -1.85
N LYS C 815 26.51 -3.02 -1.26
CA LYS C 815 26.75 -4.45 -1.29
C LYS C 815 26.82 -4.97 -2.72
N ASN C 816 25.92 -4.49 -3.58
CA ASN C 816 25.93 -4.91 -4.98
C ASN C 816 27.24 -4.55 -5.65
N THR C 817 27.66 -3.28 -5.52
CA THR C 817 28.88 -2.87 -6.19
C THR C 817 30.07 -3.67 -5.67
N GLN C 818 30.14 -3.88 -4.36
CA GLN C 818 31.23 -4.66 -3.78
C GLN C 818 31.24 -6.06 -4.36
N GLU C 819 30.10 -6.74 -4.35
CA GLU C 819 30.06 -8.11 -4.84
C GLU C 819 30.49 -8.18 -6.29
N VAL C 820 30.05 -7.24 -7.12
CA VAL C 820 30.37 -7.32 -8.54
C VAL C 820 31.85 -7.08 -8.78
N PHE C 821 32.42 -6.05 -8.15
CA PHE C 821 33.77 -5.61 -8.54
C PHE C 821 34.86 -6.17 -7.65
N ALA C 822 34.71 -6.11 -6.32
CA ALA C 822 35.76 -6.53 -5.41
C ALA C 822 35.78 -8.05 -5.35
N GLN C 823 36.31 -8.66 -6.42
CA GLN C 823 36.41 -10.10 -6.52
C GLN C 823 37.82 -10.63 -6.35
N VAL C 824 38.82 -9.75 -6.37
CA VAL C 824 40.22 -10.15 -6.18
C VAL C 824 40.81 -9.25 -5.12
N LYS C 825 41.33 -9.84 -4.06
CA LYS C 825 41.95 -9.07 -2.98
C LYS C 825 43.44 -8.91 -3.23
N GLN C 826 43.79 -8.43 -4.42
CA GLN C 826 45.18 -8.15 -4.76
C GLN C 826 45.22 -7.35 -6.05
N ILE C 827 45.72 -6.12 -5.99
CA ILE C 827 45.70 -5.22 -7.13
C ILE C 827 46.86 -5.53 -8.06
N TYR C 828 46.63 -6.43 -9.02
CA TYR C 828 47.65 -6.72 -10.01
C TYR C 828 47.82 -5.53 -10.94
N LYS C 829 49.02 -5.39 -11.50
CA LYS C 829 49.29 -4.35 -12.47
C LYS C 829 50.10 -4.92 -13.62
N THR C 830 49.75 -4.52 -14.83
CA THR C 830 50.43 -5.02 -16.01
C THR C 830 51.87 -4.54 -16.03
N PRO C 831 52.80 -5.34 -16.55
CA PRO C 831 54.20 -4.93 -16.59
C PRO C 831 54.39 -3.76 -17.53
N PRO C 832 55.43 -2.96 -17.33
CA PRO C 832 55.64 -1.81 -18.22
C PRO C 832 55.77 -2.20 -19.68
N ILE C 833 56.39 -3.34 -19.97
CA ILE C 833 56.51 -3.81 -21.34
C ILE C 833 55.21 -4.51 -21.73
N LYS C 834 54.81 -4.34 -22.99
CA LYS C 834 53.51 -4.80 -23.44
C LYS C 834 53.62 -5.83 -24.57
N ASP C 835 54.51 -6.80 -24.40
CA ASP C 835 54.71 -7.84 -25.41
C ASP C 835 53.68 -8.95 -25.23
N PHE C 836 52.43 -8.62 -25.56
CA PHE C 836 51.34 -9.58 -25.49
C PHE C 836 51.12 -10.29 -26.82
N GLY C 837 52.19 -10.85 -27.37
CA GLY C 837 52.07 -11.63 -28.59
C GLY C 837 51.46 -10.88 -29.76
N GLY C 838 51.48 -9.55 -29.73
CA GLY C 838 50.93 -8.76 -30.79
C GLY C 838 49.55 -8.20 -30.52
N PHE C 839 48.82 -8.76 -29.56
CA PHE C 839 47.54 -8.21 -29.19
C PHE C 839 47.72 -6.84 -28.57
N ASN C 840 46.79 -5.93 -28.85
CA ASN C 840 46.88 -4.55 -28.39
C ASN C 840 45.75 -4.25 -27.42
N PHE C 841 46.10 -3.92 -26.18
CA PHE C 841 45.12 -3.65 -25.14
C PHE C 841 45.12 -2.18 -24.70
N SER C 842 45.79 -1.31 -25.44
CA SER C 842 45.97 0.07 -24.98
C SER C 842 44.63 0.76 -24.76
N GLN C 843 43.61 0.41 -25.54
CA GLN C 843 42.35 1.11 -25.45
C GLN C 843 41.51 0.70 -24.25
N ILE C 844 41.91 -0.34 -23.52
CA ILE C 844 41.17 -0.76 -22.33
C ILE C 844 42.01 -0.70 -21.06
N LEU C 845 43.33 -0.70 -21.16
CA LEU C 845 44.16 -0.56 -19.97
C LEU C 845 44.15 0.88 -19.48
N PRO C 846 44.52 1.12 -18.23
CA PRO C 846 44.48 2.48 -17.69
C PRO C 846 45.41 3.42 -18.46
N ASP C 847 45.02 4.69 -18.48
CA ASP C 847 45.85 5.74 -19.07
C ASP C 847 46.39 6.61 -17.95
N PRO C 848 47.66 6.47 -17.56
CA PRO C 848 48.17 7.27 -16.44
C PRO C 848 48.16 8.77 -16.70
N SER C 849 48.12 9.19 -17.95
CA SER C 849 48.18 10.62 -18.26
C SER C 849 47.01 11.37 -17.63
N LYS C 850 45.81 10.83 -17.76
CA LYS C 850 44.65 11.50 -17.22
C LYS C 850 44.68 11.49 -15.69
N PRO C 851 44.12 12.52 -15.04
CA PRO C 851 44.10 12.51 -13.57
C PRO C 851 43.38 11.29 -13.01
N SER C 852 42.31 10.86 -13.66
CA SER C 852 41.66 9.60 -13.32
C SER C 852 42.30 8.48 -14.13
N LYS C 853 42.39 7.31 -13.53
CA LYS C 853 43.04 6.17 -14.16
C LYS C 853 42.12 5.42 -15.11
N ARG C 854 40.95 5.97 -15.42
CA ARG C 854 40.05 5.30 -16.34
C ARG C 854 40.69 5.16 -17.71
N SER C 855 40.37 4.06 -18.39
CA SER C 855 40.92 3.81 -19.71
C SER C 855 40.13 4.58 -20.77
N PHE C 856 40.54 4.42 -22.02
CA PHE C 856 39.88 5.12 -23.11
C PHE C 856 38.39 4.80 -23.16
N ILE C 857 38.06 3.51 -23.19
CA ILE C 857 36.65 3.13 -23.33
C ILE C 857 35.87 3.49 -22.08
N GLU C 858 36.49 3.36 -20.91
CA GLU C 858 35.80 3.77 -19.69
C GLU C 858 35.47 5.25 -19.71
N ASP C 859 36.40 6.08 -20.18
CA ASP C 859 36.12 7.51 -20.31
C ASP C 859 35.02 7.76 -21.32
N LEU C 860 35.04 7.02 -22.43
CA LEU C 860 33.98 7.16 -23.42
C LEU C 860 32.62 6.89 -22.79
N LEU C 861 32.51 5.80 -22.03
CA LEU C 861 31.24 5.48 -21.39
C LEU C 861 30.84 6.57 -20.40
N PHE C 862 31.79 7.04 -19.60
CA PHE C 862 31.47 8.07 -18.61
C PHE C 862 30.94 9.33 -19.28
N ASN C 863 31.58 9.74 -20.36
CA ASN C 863 31.10 10.92 -21.08
C ASN C 863 29.74 10.67 -21.69
N LYS C 864 29.51 9.47 -22.24
CA LYS C 864 28.23 9.19 -22.89
C LYS C 864 27.08 9.25 -21.88
N VAL C 865 27.27 8.69 -20.70
CA VAL C 865 26.21 8.65 -19.70
C VAL C 865 26.26 9.93 -18.88
N THR C 866 25.13 10.63 -18.79
CA THR C 866 25.00 11.87 -18.06
C THR C 866 24.10 11.67 -16.84
N LEU C 867 24.60 12.05 -15.67
CA LEU C 867 23.89 11.85 -14.42
C LEU C 867 23.20 13.13 -13.97
N ALA C 868 22.30 12.98 -13.01
CA ALA C 868 21.55 14.10 -12.43
C ALA C 868 21.54 13.97 -10.92
N ASP C 869 21.54 15.12 -10.25
CA ASP C 869 21.53 15.19 -8.79
C ASP C 869 22.72 14.43 -8.18
N ALA C 870 23.92 14.95 -8.48
CA ALA C 870 25.12 14.38 -7.88
C ALA C 870 25.13 14.56 -6.37
N GLY C 871 24.73 15.75 -5.90
CA GLY C 871 24.62 15.97 -4.47
C GLY C 871 25.93 16.02 -3.72
N PHE C 872 27.03 16.35 -4.39
CA PHE C 872 28.35 16.45 -3.74
C PHE C 872 28.51 17.84 -3.14
N ILE C 873 27.80 18.05 -2.04
CA ILE C 873 27.83 19.34 -1.34
C ILE C 873 27.49 20.45 -2.32
N LYS C 874 26.29 20.38 -2.90
CA LYS C 874 25.87 21.35 -3.90
C LYS C 874 25.21 22.56 -3.24
N GLN C 875 25.29 23.70 -3.92
CA GLN C 875 24.73 24.94 -3.41
C GLN C 875 23.92 25.65 -4.51
N ASP C 887 18.41 23.87 -10.18
CA ASP C 887 17.68 22.98 -11.08
C ASP C 887 17.12 21.79 -10.30
N LEU C 888 17.01 20.63 -10.96
CA LEU C 888 16.49 19.45 -10.29
C LEU C 888 17.28 19.15 -9.01
N ILE C 889 18.60 19.36 -9.05
CA ILE C 889 19.44 19.00 -7.92
C ILE C 889 18.99 19.76 -6.67
N CYS C 890 18.86 21.08 -6.78
CA CYS C 890 18.56 21.90 -5.61
C CYS C 890 17.17 21.59 -5.07
N ALA C 891 16.17 21.62 -5.94
CA ALA C 891 14.80 21.37 -5.48
C ALA C 891 14.67 19.99 -4.87
N GLN C 892 15.24 18.97 -5.51
CA GLN C 892 15.13 17.62 -4.99
C GLN C 892 15.85 17.49 -3.65
N LYS C 893 17.02 18.09 -3.52
CA LYS C 893 17.81 17.91 -2.30
C LYS C 893 17.43 18.87 -1.19
N PHE C 894 16.52 19.82 -1.43
CA PHE C 894 16.21 20.86 -0.47
C PHE C 894 14.78 20.78 0.05
N ASN C 895 14.22 19.58 0.15
CA ASN C 895 12.90 19.41 0.75
C ASN C 895 12.81 18.15 1.60
N GLY C 896 13.92 17.74 2.22
CA GLY C 896 13.97 16.53 3.02
C GLY C 896 14.62 15.35 2.35
N LEU C 897 14.92 15.44 1.06
CA LEU C 897 15.56 14.35 0.33
C LEU C 897 17.05 14.60 0.25
N THR C 898 17.84 13.57 0.51
CA THR C 898 19.29 13.64 0.43
C THR C 898 19.80 12.42 -0.32
N VAL C 899 20.96 12.59 -0.96
CA VAL C 899 21.62 11.51 -1.70
C VAL C 899 22.95 11.23 -1.02
N LEU C 900 23.17 9.97 -0.69
CA LEU C 900 24.41 9.61 -0.03
C LEU C 900 25.45 9.17 -1.05
N PRO C 901 26.72 9.56 -0.90
CA PRO C 901 27.72 9.15 -1.87
C PRO C 901 27.98 7.65 -1.79
N PRO C 902 28.32 7.01 -2.90
CA PRO C 902 28.63 5.58 -2.84
C PRO C 902 29.91 5.33 -2.08
N LEU C 903 29.98 4.16 -1.45
CA LEU C 903 31.14 3.84 -0.63
C LEU C 903 32.42 3.79 -1.45
N LEU C 904 32.36 3.20 -2.64
CA LEU C 904 33.52 3.07 -3.51
C LEU C 904 33.48 4.18 -4.55
N THR C 905 34.54 4.98 -4.60
CA THR C 905 34.61 6.06 -5.56
C THR C 905 34.83 5.52 -6.96
N ASP C 906 34.57 6.37 -7.95
CA ASP C 906 34.77 5.95 -9.34
C ASP C 906 36.21 5.54 -9.58
N GLU C 907 37.17 6.23 -8.97
CA GLU C 907 38.56 5.85 -9.12
C GLU C 907 38.82 4.48 -8.54
N MET C 908 38.19 4.16 -7.40
CA MET C 908 38.37 2.84 -6.81
C MET C 908 37.76 1.76 -7.68
N ILE C 909 36.59 2.02 -8.26
CA ILE C 909 35.99 1.06 -9.17
C ILE C 909 36.90 0.84 -10.37
N ALA C 910 37.47 1.92 -10.90
CA ALA C 910 38.39 1.78 -12.02
C ALA C 910 39.61 0.98 -11.62
N GLN C 911 40.11 1.17 -10.39
CA GLN C 911 41.26 0.41 -9.93
C GLN C 911 40.93 -1.08 -9.86
N TYR C 912 39.75 -1.41 -9.34
CA TYR C 912 39.34 -2.81 -9.29
C TYR C 912 39.26 -3.41 -10.69
N THR C 913 38.65 -2.67 -11.62
CA THR C 913 38.53 -3.17 -12.98
C THR C 913 39.89 -3.35 -13.62
N SER C 914 40.80 -2.40 -13.41
CA SER C 914 42.14 -2.51 -13.97
C SER C 914 42.88 -3.69 -13.39
N ALA C 915 42.71 -3.93 -12.08
CA ALA C 915 43.34 -5.09 -11.47
C ALA C 915 42.83 -6.38 -12.07
N LEU C 916 41.51 -6.48 -12.26
CA LEU C 916 40.96 -7.69 -12.89
C LEU C 916 41.51 -7.87 -14.29
N LEU C 917 41.54 -6.78 -15.06
CA LEU C 917 42.01 -6.88 -16.44
C LEU C 917 43.47 -7.29 -16.50
N ALA C 918 44.31 -6.69 -15.66
CA ALA C 918 45.72 -7.02 -15.66
C ALA C 918 45.93 -8.47 -15.22
N GLY C 919 45.21 -8.90 -14.20
CA GLY C 919 45.33 -10.28 -13.76
C GLY C 919 44.97 -11.24 -14.88
N THR C 920 43.85 -10.97 -15.57
CA THR C 920 43.47 -11.82 -16.69
C THR C 920 44.58 -11.86 -17.73
N ILE C 921 45.01 -10.68 -18.19
CA ILE C 921 45.97 -10.64 -19.28
C ILE C 921 47.24 -11.40 -18.92
N THR C 922 47.72 -11.24 -17.70
CA THR C 922 49.02 -11.80 -17.34
C THR C 922 48.96 -13.23 -16.83
N SER C 923 47.79 -13.74 -16.42
CA SER C 923 47.78 -15.06 -15.81
C SER C 923 46.57 -15.92 -16.19
N GLY C 924 45.87 -15.60 -17.28
CA GLY C 924 44.77 -16.46 -17.66
C GLY C 924 43.73 -16.53 -16.55
N TRP C 925 43.28 -17.74 -16.26
CA TRP C 925 42.26 -17.96 -15.24
C TRP C 925 42.85 -18.36 -13.89
N THR C 926 44.17 -18.51 -13.80
CA THR C 926 44.76 -19.04 -12.57
C THR C 926 44.53 -18.10 -11.40
N PHE C 927 44.61 -16.79 -11.63
CA PHE C 927 44.45 -15.83 -10.55
C PHE C 927 43.06 -15.89 -9.94
N GLY C 928 42.08 -16.43 -10.65
CA GLY C 928 40.75 -16.60 -10.08
C GLY C 928 40.60 -17.81 -9.19
N ALA C 929 41.55 -18.75 -9.25
CA ALA C 929 41.52 -19.94 -8.43
C ALA C 929 42.60 -19.98 -7.37
N GLY C 930 43.62 -19.13 -7.48
CA GLY C 930 44.68 -19.11 -6.48
C GLY C 930 45.65 -17.97 -6.70
N ALA C 931 46.93 -18.21 -6.46
CA ALA C 931 47.94 -17.21 -6.72
C ALA C 931 48.16 -17.08 -8.22
N ALA C 932 48.14 -15.84 -8.71
CA ALA C 932 48.28 -15.61 -10.14
C ALA C 932 49.60 -16.19 -10.64
N LEU C 933 49.53 -16.93 -11.75
CA LEU C 933 50.69 -17.55 -12.36
C LEU C 933 50.86 -16.99 -13.76
N GLN C 934 52.04 -16.45 -14.04
CA GLN C 934 52.27 -15.84 -15.34
C GLN C 934 52.21 -16.89 -16.43
N ILE C 935 51.92 -16.43 -17.64
CA ILE C 935 51.94 -17.29 -18.82
C ILE C 935 51.89 -16.41 -20.06
N PRO C 936 52.69 -16.67 -21.09
CA PRO C 936 52.65 -15.82 -22.28
C PRO C 936 51.25 -15.78 -22.86
N PHE C 937 50.84 -14.59 -23.32
CA PHE C 937 49.47 -14.43 -23.78
C PHE C 937 49.16 -15.32 -24.97
N ALA C 938 50.14 -15.55 -25.84
CA ALA C 938 49.90 -16.47 -26.95
C ALA C 938 49.57 -17.86 -26.43
N MET C 939 50.29 -18.32 -25.42
CA MET C 939 50.02 -19.65 -24.87
C MET C 939 48.68 -19.68 -24.15
N GLN C 940 48.31 -18.58 -23.49
CA GLN C 940 46.99 -18.52 -22.88
C GLN C 940 45.90 -18.62 -23.93
N MET C 941 46.05 -17.91 -25.04
CA MET C 941 45.11 -18.03 -26.14
C MET C 941 45.05 -19.45 -26.67
N ALA C 942 46.21 -20.12 -26.72
CA ALA C 942 46.22 -21.51 -27.16
C ALA C 942 45.40 -22.38 -26.22
N TYR C 943 45.53 -22.14 -24.91
CA TYR C 943 44.72 -22.88 -23.96
C TYR C 943 43.23 -22.64 -24.19
N ARG C 944 42.86 -21.38 -24.44
CA ARG C 944 41.44 -21.09 -24.68
C ARG C 944 40.95 -21.80 -25.94
N PHE C 945 41.75 -21.78 -27.00
CA PHE C 945 41.38 -22.48 -28.22
C PHE C 945 41.18 -23.96 -27.95
N ASN C 946 42.11 -24.58 -27.22
CA ASN C 946 41.90 -25.96 -26.80
C ASN C 946 40.60 -26.10 -26.04
N GLY C 947 40.24 -25.07 -25.28
CA GLY C 947 38.99 -25.13 -24.53
C GLY C 947 37.77 -25.21 -25.44
N ILE C 948 37.78 -24.45 -26.53
CA ILE C 948 36.61 -24.46 -27.41
C ILE C 948 36.71 -25.58 -28.43
N GLY C 949 37.68 -26.48 -28.27
CA GLY C 949 37.78 -27.64 -29.13
C GLY C 949 38.51 -27.43 -30.43
N VAL C 950 39.41 -26.46 -30.51
CA VAL C 950 40.24 -26.22 -31.68
C VAL C 950 41.68 -26.46 -31.29
N THR C 951 42.38 -27.25 -32.10
CA THR C 951 43.78 -27.56 -31.81
C THR C 951 44.60 -26.28 -31.73
N GLN C 952 45.53 -26.24 -30.79
CA GLN C 952 46.31 -25.02 -30.55
C GLN C 952 47.20 -24.66 -31.73
N ASN C 953 47.62 -25.64 -32.54
CA ASN C 953 48.43 -25.32 -33.70
C ASN C 953 47.75 -24.28 -34.58
N VAL C 954 46.41 -24.28 -34.60
CA VAL C 954 45.68 -23.28 -35.36
C VAL C 954 46.09 -21.88 -34.92
N LEU C 955 46.08 -21.64 -33.60
CA LEU C 955 46.49 -20.34 -33.09
C LEU C 955 47.96 -20.09 -33.36
N TYR C 956 48.81 -21.06 -33.07
CA TYR C 956 50.23 -20.81 -33.24
C TYR C 956 50.58 -20.56 -34.71
N GLU C 957 49.73 -20.96 -35.64
CA GLU C 957 49.97 -20.71 -37.05
C GLU C 957 49.29 -19.45 -37.57
N ASN C 958 48.19 -19.02 -36.95
CA ASN C 958 47.49 -17.81 -37.38
C ASN C 958 47.52 -16.73 -36.29
N GLN C 959 48.60 -16.71 -35.50
CA GLN C 959 48.73 -15.70 -34.45
C GLN C 959 48.60 -14.29 -35.02
N LYS C 960 49.31 -13.99 -36.10
CA LYS C 960 49.28 -12.65 -36.65
C LYS C 960 47.88 -12.26 -37.08
N LEU C 961 47.21 -13.16 -37.79
CA LEU C 961 45.86 -12.86 -38.25
C LEU C 961 44.91 -12.67 -37.08
N ILE C 962 45.03 -13.52 -36.05
CA ILE C 962 44.14 -13.40 -34.91
C ILE C 962 44.37 -12.10 -34.17
N ALA C 963 45.63 -11.70 -34.01
CA ALA C 963 45.92 -10.44 -33.35
C ALA C 963 45.35 -9.27 -34.14
N ASN C 964 45.50 -9.30 -35.46
CA ASN C 964 44.93 -8.23 -36.28
C ASN C 964 43.42 -8.18 -36.11
N GLN C 965 42.77 -9.34 -36.11
CA GLN C 965 41.32 -9.37 -35.96
C GLN C 965 40.89 -8.83 -34.61
N PHE C 966 41.61 -9.19 -33.55
CA PHE C 966 41.26 -8.70 -32.22
C PHE C 966 41.40 -7.19 -32.14
N ASN C 967 42.51 -6.65 -32.65
CA ASN C 967 42.70 -5.21 -32.61
C ASN C 967 41.63 -4.50 -33.42
N SER C 968 41.30 -5.04 -34.59
CA SER C 968 40.27 -4.42 -35.41
C SER C 968 38.92 -4.42 -34.70
N ALA C 969 38.58 -5.53 -34.03
CA ALA C 969 37.31 -5.58 -33.31
C ALA C 969 37.29 -4.57 -32.17
N ILE C 970 38.41 -4.42 -31.45
CA ILE C 970 38.46 -3.43 -30.39
C ILE C 970 38.26 -2.04 -30.95
N GLY C 971 38.92 -1.73 -32.07
CA GLY C 971 38.72 -0.43 -32.69
C GLY C 971 37.28 -0.20 -33.10
N LYS C 972 36.64 -1.23 -33.64
CA LYS C 972 35.24 -1.10 -34.02
C LYS C 972 34.36 -0.82 -32.82
N ILE C 973 34.62 -1.49 -31.70
CA ILE C 973 33.82 -1.24 -30.50
C ILE C 973 34.02 0.19 -30.02
N GLN C 974 35.27 0.67 -30.04
CA GLN C 974 35.54 2.04 -29.64
C GLN C 974 34.76 3.02 -30.52
N ASP C 975 34.80 2.80 -31.83
CA ASP C 975 34.09 3.70 -32.75
C ASP C 975 32.59 3.64 -32.51
N SER C 976 32.04 2.44 -32.31
CA SER C 976 30.61 2.32 -32.07
C SER C 976 30.20 3.07 -30.82
N LEU C 977 30.96 2.92 -29.74
CA LEU C 977 30.64 3.64 -28.52
C LEU C 977 30.75 5.14 -28.72
N SER C 978 31.79 5.58 -29.44
CA SER C 978 31.99 7.02 -29.63
C SER C 978 30.90 7.63 -30.51
N SER C 979 30.32 6.86 -31.43
CA SER C 979 29.33 7.41 -32.34
C SER C 979 27.91 7.22 -31.83
N THR C 980 27.47 5.98 -31.65
CA THR C 980 26.11 5.72 -31.24
C THR C 980 25.87 6.20 -29.81
N ALA C 981 24.70 6.78 -29.57
CA ALA C 981 24.35 7.31 -28.26
C ALA C 981 23.39 6.43 -27.48
N SER C 982 22.74 5.47 -28.13
CA SER C 982 21.75 4.61 -27.49
C SER C 982 22.35 3.34 -26.91
N ALA C 983 23.68 3.22 -26.91
CA ALA C 983 24.31 1.99 -26.43
C ALA C 983 24.00 1.75 -24.95
N LEU C 984 24.08 2.79 -24.13
CA LEU C 984 23.96 2.66 -22.68
C LEU C 984 22.53 2.93 -22.21
N GLY C 985 21.54 2.59 -23.03
CA GLY C 985 20.16 2.78 -22.63
C GLY C 985 19.82 2.05 -21.37
N LYS C 986 20.47 0.92 -21.10
CA LYS C 986 20.15 0.15 -19.91
C LYS C 986 20.44 0.95 -18.64
N LEU C 987 21.57 1.65 -18.61
CA LEU C 987 21.89 2.49 -17.44
C LEU C 987 21.10 3.80 -17.47
N GLN C 988 20.91 4.37 -18.66
CA GLN C 988 20.17 5.62 -18.75
C GLN C 988 18.75 5.43 -18.25
N ASP C 989 18.16 4.25 -18.50
CA ASP C 989 16.80 4.00 -18.03
C ASP C 989 16.74 3.98 -16.53
N VAL C 990 17.73 3.37 -15.86
CA VAL C 990 17.74 3.35 -14.40
C VAL C 990 17.82 4.78 -13.87
N VAL C 991 18.74 5.57 -14.43
CA VAL C 991 18.90 6.94 -13.96
C VAL C 991 17.61 7.71 -14.14
N ASN C 992 17.00 7.59 -15.32
CA ASN C 992 15.77 8.32 -15.61
C ASN C 992 14.64 7.88 -14.70
N GLN C 993 14.51 6.58 -14.45
CA GLN C 993 13.44 6.09 -13.60
C GLN C 993 13.58 6.66 -12.20
N ASN C 994 14.78 6.62 -11.64
CA ASN C 994 14.96 7.16 -10.30
C ASN C 994 14.68 8.66 -10.26
N ALA C 995 15.20 9.40 -11.23
CA ALA C 995 14.97 10.84 -11.23
C ALA C 995 13.49 11.16 -11.36
N GLN C 996 12.78 10.44 -12.22
CA GLN C 996 11.36 10.69 -12.42
C GLN C 996 10.57 10.35 -11.17
N ALA C 997 10.92 9.25 -10.49
CA ALA C 997 10.23 8.92 -9.25
C ALA C 997 10.42 10.01 -8.22
N LEU C 998 11.65 10.52 -8.09
CA LEU C 998 11.89 11.60 -7.14
C LEU C 998 11.10 12.85 -7.53
N ASN C 999 11.05 13.17 -8.83
CA ASN C 999 10.30 14.34 -9.26
C ASN C 999 8.83 14.20 -8.91
N THR C 1000 8.25 13.01 -9.14
CA THR C 1000 6.85 12.81 -8.79
C THR C 1000 6.64 12.94 -7.29
N LEU C 1001 7.53 12.37 -6.49
CA LEU C 1001 7.39 12.49 -5.04
C LEU C 1001 7.43 13.94 -4.60
N VAL C 1002 8.34 14.72 -5.17
CA VAL C 1002 8.43 16.12 -4.80
C VAL C 1002 7.19 16.89 -5.25
N LYS C 1003 6.73 16.65 -6.48
CA LYS C 1003 5.55 17.35 -6.96
C LYS C 1003 4.33 17.03 -6.13
N GLN C 1004 4.28 15.84 -5.54
CA GLN C 1004 3.13 15.50 -4.71
C GLN C 1004 2.94 16.46 -3.55
N LEU C 1005 3.99 17.18 -3.16
CA LEU C 1005 3.87 18.13 -2.05
C LEU C 1005 2.99 19.31 -2.39
N SER C 1006 2.62 19.50 -3.65
CA SER C 1006 1.88 20.67 -4.10
C SER C 1006 0.38 20.41 -4.23
N SER C 1007 -0.11 19.28 -3.74
CA SER C 1007 -1.51 18.92 -3.86
C SER C 1007 -2.26 19.21 -2.57
N ASN C 1008 -3.50 19.67 -2.70
CA ASN C 1008 -4.28 20.03 -1.52
C ASN C 1008 -4.73 18.80 -0.76
N PHE C 1009 -5.02 17.70 -1.46
CA PHE C 1009 -5.57 16.50 -0.85
C PHE C 1009 -6.91 16.76 -0.18
N GLY C 1010 -7.57 17.86 -0.52
CA GLY C 1010 -8.83 18.25 0.07
C GLY C 1010 -8.72 19.36 1.08
N ALA C 1011 -7.52 19.66 1.57
CA ALA C 1011 -7.36 20.76 2.50
C ALA C 1011 -7.58 22.09 1.81
N ILE C 1012 -7.71 23.15 2.61
CA ILE C 1012 -7.93 24.48 2.04
C ILE C 1012 -6.72 24.92 1.23
N SER C 1013 -5.52 24.55 1.67
CA SER C 1013 -4.30 24.95 1.01
C SER C 1013 -3.28 23.83 1.12
N SER C 1014 -2.28 23.88 0.25
CA SER C 1014 -1.22 22.88 0.22
C SER C 1014 0.04 23.34 0.94
N VAL C 1015 -0.01 24.47 1.65
CA VAL C 1015 1.14 25.02 2.34
C VAL C 1015 0.87 24.96 3.83
N LEU C 1016 1.69 24.20 4.55
CA LEU C 1016 1.47 24.01 5.98
C LEU C 1016 1.58 25.33 6.72
N ASN C 1017 2.55 26.16 6.34
CA ASN C 1017 2.71 27.46 6.99
C ASN C 1017 1.49 28.33 6.78
N ASP C 1018 0.93 28.33 5.57
CA ASP C 1018 -0.27 29.11 5.31
C ASP C 1018 -1.44 28.59 6.14
N ILE C 1019 -1.61 27.27 6.23
CA ILE C 1019 -2.69 26.74 7.04
C ILE C 1019 -2.51 27.17 8.50
N LEU C 1020 -1.29 27.08 9.01
CA LEU C 1020 -1.07 27.41 10.42
C LEU C 1020 -1.23 28.90 10.68
N SER C 1021 -0.87 29.74 9.72
CA SER C 1021 -0.90 31.18 9.90
C SER C 1021 -2.25 31.80 9.61
N ARG C 1022 -3.22 31.01 9.16
CA ARG C 1022 -4.56 31.52 8.87
C ARG C 1022 -5.57 31.00 9.89
N LEU C 1023 -5.69 29.69 10.04
CA LEU C 1023 -6.63 29.11 10.97
C LEU C 1023 -6.02 29.03 12.36
N ASP C 1024 -6.84 28.62 13.31
CA ASP C 1024 -6.42 28.53 14.71
C ASP C 1024 -6.35 27.07 15.13
N PRO C 1025 -5.93 26.77 16.35
CA PRO C 1025 -5.91 25.38 16.84
C PRO C 1025 -7.33 24.85 16.96
N PRO C 1026 -7.53 23.69 17.59
CA PRO C 1026 -8.71 22.88 17.30
C PRO C 1026 -9.10 22.87 15.83
N GLU C 1027 -9.46 24.00 15.27
CA GLU C 1027 -9.53 24.07 13.82
C GLU C 1027 -8.13 23.88 13.25
N ALA C 1028 -8.06 23.65 11.94
CA ALA C 1028 -6.81 23.50 11.22
C ALA C 1028 -6.16 22.15 11.50
N GLU C 1029 -6.65 21.43 12.50
CA GLU C 1029 -6.21 20.06 12.67
C GLU C 1029 -6.76 19.18 11.58
N VAL C 1030 -7.97 19.49 11.09
CA VAL C 1030 -8.52 18.75 9.96
C VAL C 1030 -7.65 18.95 8.73
N GLN C 1031 -7.26 20.19 8.48
CA GLN C 1031 -6.43 20.49 7.30
C GLN C 1031 -5.07 19.80 7.42
N ILE C 1032 -4.43 19.94 8.59
CA ILE C 1032 -3.13 19.32 8.78
C ILE C 1032 -3.25 17.81 8.62
N ASP C 1033 -4.35 17.23 9.11
CA ASP C 1033 -4.53 15.78 9.01
C ASP C 1033 -4.72 15.34 7.57
N ARG C 1034 -5.47 16.11 6.78
CA ARG C 1034 -5.64 15.78 5.37
C ARG C 1034 -4.29 15.81 4.66
N LEU C 1035 -3.51 16.85 4.91
CA LEU C 1035 -2.19 16.92 4.27
C LEU C 1035 -1.31 15.77 4.73
N ILE C 1036 -1.36 15.42 6.02
CA ILE C 1036 -0.55 14.33 6.53
C ILE C 1036 -0.92 13.03 5.84
N THR C 1037 -2.22 12.76 5.72
CA THR C 1037 -2.65 11.51 5.09
C THR C 1037 -2.18 11.46 3.64
N GLY C 1038 -2.39 12.55 2.90
CA GLY C 1038 -1.97 12.54 1.50
C GLY C 1038 -0.48 12.33 1.34
N ARG C 1039 0.32 13.06 2.11
CA ARG C 1039 1.76 12.97 1.95
C ARG C 1039 2.28 11.62 2.43
N LEU C 1040 1.67 11.06 3.47
CA LEU C 1040 2.06 9.72 3.92
C LEU C 1040 1.77 8.68 2.85
N GLN C 1041 0.62 8.79 2.19
CA GLN C 1041 0.33 7.86 1.10
C GLN C 1041 1.34 8.02 -0.03
N SER C 1042 1.69 9.25 -0.37
CA SER C 1042 2.67 9.47 -1.44
C SER C 1042 4.00 8.84 -1.07
N LEU C 1043 4.46 9.04 0.16
CA LEU C 1043 5.73 8.48 0.58
C LEU C 1043 5.69 6.95 0.57
N GLN C 1044 4.59 6.36 1.04
CA GLN C 1044 4.49 4.91 1.03
C GLN C 1044 4.56 4.36 -0.39
N THR C 1045 3.84 4.99 -1.31
CA THR C 1045 3.89 4.54 -2.70
C THR C 1045 5.31 4.64 -3.25
N TYR C 1046 5.98 5.76 -2.98
CA TYR C 1046 7.33 5.91 -3.48
C TYR C 1046 8.26 4.84 -2.93
N VAL C 1047 8.14 4.54 -1.63
CA VAL C 1047 9.03 3.57 -1.02
C VAL C 1047 8.75 2.18 -1.56
N THR C 1048 7.49 1.84 -1.79
CA THR C 1048 7.20 0.53 -2.38
C THR C 1048 7.79 0.42 -3.78
N GLN C 1049 7.64 1.46 -4.58
CA GLN C 1049 8.24 1.45 -5.91
C GLN C 1049 9.75 1.27 -5.81
N GLN C 1050 10.39 1.99 -4.89
CA GLN C 1050 11.82 1.87 -4.73
C GLN C 1050 12.22 0.47 -4.32
N LEU C 1051 11.46 -0.15 -3.42
CA LEU C 1051 11.79 -1.50 -3.00
C LEU C 1051 11.73 -2.47 -4.17
N ILE C 1052 10.69 -2.37 -5.00
CA ILE C 1052 10.59 -3.28 -6.14
C ILE C 1052 11.74 -3.04 -7.11
N ARG C 1053 12.04 -1.77 -7.40
CA ARG C 1053 13.13 -1.47 -8.32
C ARG C 1053 14.45 -1.97 -7.76
N ALA C 1054 14.65 -1.84 -6.45
CA ALA C 1054 15.88 -2.33 -5.84
C ALA C 1054 15.98 -3.84 -5.95
N ALA C 1055 14.87 -4.55 -5.81
CA ALA C 1055 14.91 -5.99 -6.01
C ALA C 1055 15.35 -6.33 -7.43
N GLU C 1056 14.78 -5.63 -8.41
CA GLU C 1056 15.17 -5.89 -9.80
C GLU C 1056 16.66 -5.59 -10.02
N ILE C 1057 17.15 -4.47 -9.47
CA ILE C 1057 18.55 -4.12 -9.66
C ILE C 1057 19.45 -5.11 -8.94
N ARG C 1058 19.03 -5.64 -7.80
CA ARG C 1058 19.83 -6.65 -7.13
C ARG C 1058 19.91 -7.92 -7.95
N ALA C 1059 18.80 -8.30 -8.60
CA ALA C 1059 18.86 -9.44 -9.50
C ALA C 1059 19.87 -9.18 -10.61
N SER C 1060 19.83 -7.98 -11.19
CA SER C 1060 20.78 -7.66 -12.25
C SER C 1060 22.22 -7.69 -11.74
N ALA C 1061 22.44 -7.20 -10.52
CA ALA C 1061 23.79 -7.18 -9.96
C ALA C 1061 24.30 -8.58 -9.68
N ASN C 1062 23.43 -9.46 -9.19
CA ASN C 1062 23.84 -10.85 -9.02
C ASN C 1062 24.19 -11.49 -10.35
N LEU C 1063 23.40 -11.20 -11.38
CA LEU C 1063 23.74 -11.69 -12.70
C LEU C 1063 25.10 -11.17 -13.15
N ALA C 1064 25.37 -9.89 -12.89
CA ALA C 1064 26.65 -9.31 -13.30
C ALA C 1064 27.80 -9.94 -12.54
N ALA C 1065 27.62 -10.22 -11.26
CA ALA C 1065 28.66 -10.89 -10.49
C ALA C 1065 28.93 -12.28 -11.03
N THR C 1066 27.87 -13.01 -11.36
CA THR C 1066 28.06 -14.33 -11.96
C THR C 1066 28.79 -14.21 -13.30
N LYS C 1067 28.43 -13.23 -14.11
CA LYS C 1067 29.09 -13.04 -15.38
C LYS C 1067 30.56 -12.73 -15.19
N MET C 1068 30.89 -11.87 -14.24
CA MET C 1068 32.29 -11.58 -13.96
C MET C 1068 33.03 -12.85 -13.60
N SER C 1069 32.50 -13.59 -12.60
CA SER C 1069 33.20 -14.76 -12.10
C SER C 1069 33.41 -15.80 -13.21
N GLU C 1070 32.42 -15.99 -14.06
CA GLU C 1070 32.49 -17.07 -15.04
C GLU C 1070 33.17 -16.65 -16.33
N CYS C 1071 32.73 -15.56 -16.95
CA CYS C 1071 33.33 -15.13 -18.20
C CYS C 1071 34.72 -14.55 -18.00
N VAL C 1072 34.90 -13.66 -17.02
CA VAL C 1072 36.17 -12.97 -16.87
C VAL C 1072 37.18 -13.85 -16.16
N LEU C 1073 36.87 -14.26 -14.93
CA LEU C 1073 37.81 -15.04 -14.13
C LEU C 1073 38.08 -16.41 -14.72
N GLY C 1074 37.26 -16.86 -15.67
CA GLY C 1074 37.49 -18.15 -16.30
C GLY C 1074 36.96 -18.19 -17.72
N GLN C 1075 36.79 -19.39 -18.27
CA GLN C 1075 36.22 -19.57 -19.59
C GLN C 1075 34.97 -20.42 -19.46
N SER C 1076 33.86 -19.95 -20.03
CA SER C 1076 32.56 -20.56 -19.83
C SER C 1076 32.15 -21.32 -21.08
N LYS C 1077 31.65 -22.54 -20.88
CA LYS C 1077 31.08 -23.34 -21.95
C LYS C 1077 29.58 -23.16 -22.08
N ARG C 1078 28.98 -22.32 -21.25
CA ARG C 1078 27.55 -22.08 -21.37
C ARG C 1078 27.25 -21.29 -22.62
N VAL C 1079 26.30 -21.76 -23.41
CA VAL C 1079 26.02 -21.15 -24.70
C VAL C 1079 25.34 -19.80 -24.51
N ASP C 1080 25.79 -18.80 -25.26
CA ASP C 1080 25.20 -17.47 -25.29
C ASP C 1080 25.24 -16.77 -23.93
N PHE C 1081 25.95 -17.33 -22.96
CA PHE C 1081 26.11 -16.65 -21.69
C PHE C 1081 27.08 -15.48 -21.84
N CYS C 1082 28.31 -15.77 -22.22
CA CYS C 1082 29.33 -14.75 -22.42
C CYS C 1082 29.47 -14.45 -23.90
N GLY C 1083 28.43 -13.82 -24.44
CA GLY C 1083 28.43 -13.38 -25.82
C GLY C 1083 28.04 -14.47 -26.79
N LYS C 1084 27.88 -14.07 -28.05
CA LYS C 1084 27.48 -14.98 -29.11
C LYS C 1084 28.70 -15.67 -29.70
N GLY C 1085 28.58 -16.97 -29.90
CA GLY C 1085 29.68 -17.78 -30.40
C GLY C 1085 30.36 -18.55 -29.28
N TYR C 1086 31.54 -19.06 -29.59
CA TYR C 1086 32.34 -19.82 -28.64
C TYR C 1086 33.18 -18.85 -27.82
N HIS C 1087 32.97 -18.85 -26.51
CA HIS C 1087 33.63 -17.90 -25.64
C HIS C 1087 35.12 -18.14 -25.60
N LEU C 1088 35.89 -17.05 -25.60
CA LEU C 1088 37.34 -17.11 -25.47
C LEU C 1088 37.83 -16.39 -24.22
N MET C 1089 37.44 -15.14 -24.03
CA MET C 1089 37.75 -14.41 -22.81
C MET C 1089 36.89 -13.16 -22.79
N SER C 1090 36.82 -12.54 -21.62
CA SER C 1090 36.05 -11.31 -21.44
C SER C 1090 36.87 -10.29 -20.67
N PHE C 1091 36.59 -9.03 -20.92
CA PHE C 1091 37.28 -7.93 -20.26
C PHE C 1091 36.24 -7.00 -19.65
N PRO C 1092 36.25 -6.78 -18.34
CA PRO C 1092 35.29 -5.84 -17.76
C PRO C 1092 35.72 -4.40 -17.97
N GLN C 1093 34.72 -3.51 -17.92
CA GLN C 1093 34.95 -2.08 -17.99
C GLN C 1093 33.90 -1.38 -17.14
N SER C 1094 34.34 -0.55 -16.21
CA SER C 1094 33.40 0.13 -15.34
C SER C 1094 32.61 1.18 -16.09
N ALA C 1095 31.33 1.30 -15.76
CA ALA C 1095 30.45 2.31 -16.31
C ALA C 1095 29.68 2.94 -15.15
N PRO C 1096 29.15 4.15 -15.35
CA PRO C 1096 28.42 4.80 -14.25
C PRO C 1096 27.23 3.97 -13.81
N HIS C 1097 27.29 3.50 -12.57
CA HIS C 1097 26.21 2.70 -11.99
C HIS C 1097 26.00 1.41 -12.78
N GLY C 1098 27.09 0.79 -13.22
CA GLY C 1098 26.97 -0.43 -13.98
C GLY C 1098 28.33 -0.97 -14.37
N VAL C 1099 28.32 -2.02 -15.19
CA VAL C 1099 29.53 -2.64 -15.69
C VAL C 1099 29.32 -3.03 -17.14
N VAL C 1100 30.41 -3.04 -17.89
CA VAL C 1100 30.39 -3.37 -19.32
C VAL C 1100 31.41 -4.47 -19.56
N PHE C 1101 30.99 -5.52 -20.26
CA PHE C 1101 31.87 -6.63 -20.62
C PHE C 1101 32.15 -6.59 -22.12
N LEU C 1102 33.37 -6.92 -22.49
CA LEU C 1102 33.76 -7.12 -23.89
C LEU C 1102 34.01 -8.61 -24.07
N HIS C 1103 33.01 -9.32 -24.56
CA HIS C 1103 33.10 -10.76 -24.72
C HIS C 1103 33.82 -11.08 -26.02
N VAL C 1104 35.00 -11.69 -25.92
CA VAL C 1104 35.76 -12.11 -27.09
C VAL C 1104 35.34 -13.53 -27.43
N THR C 1105 34.89 -13.75 -28.67
CA THR C 1105 34.35 -15.03 -29.08
C THR C 1105 34.94 -15.46 -30.41
N TYR C 1106 34.92 -16.77 -30.64
CA TYR C 1106 35.42 -17.38 -31.85
C TYR C 1106 34.23 -17.81 -32.70
N VAL C 1107 34.17 -17.33 -33.94
CA VAL C 1107 33.04 -17.56 -34.82
C VAL C 1107 33.55 -18.19 -36.11
N PRO C 1108 33.17 -19.43 -36.44
CA PRO C 1108 33.57 -20.00 -37.73
C PRO C 1108 32.99 -19.18 -38.87
N ALA C 1109 33.78 -19.01 -39.94
CA ALA C 1109 33.49 -18.02 -40.95
C ALA C 1109 33.14 -18.61 -42.31
N GLN C 1110 34.03 -19.39 -42.91
CA GLN C 1110 33.86 -19.87 -44.27
C GLN C 1110 33.64 -21.37 -44.25
N GLU C 1111 32.42 -21.79 -44.57
CA GLU C 1111 32.06 -23.20 -44.54
C GLU C 1111 32.09 -23.78 -45.95
N LYS C 1112 32.78 -24.90 -46.10
CA LYS C 1112 32.83 -25.65 -47.34
C LYS C 1112 32.44 -27.08 -47.00
N ASN C 1113 31.43 -27.61 -47.68
CA ASN C 1113 30.83 -28.87 -47.26
C ASN C 1113 31.29 -30.04 -48.12
N PHE C 1114 31.54 -31.16 -47.47
CA PHE C 1114 32.06 -32.38 -48.07
C PHE C 1114 31.09 -33.52 -47.82
N THR C 1115 31.44 -34.70 -48.33
CA THR C 1115 30.73 -35.93 -48.02
C THR C 1115 31.35 -36.56 -46.79
N THR C 1116 30.52 -37.19 -45.97
CA THR C 1116 30.97 -37.76 -44.71
C THR C 1116 30.36 -39.13 -44.50
N ALA C 1117 31.02 -39.91 -43.64
CA ALA C 1117 30.55 -41.23 -43.26
C ALA C 1117 30.77 -41.41 -41.76
N PRO C 1118 30.00 -42.26 -41.11
CA PRO C 1118 30.18 -42.44 -39.66
C PRO C 1118 31.39 -43.27 -39.31
N ALA C 1119 31.77 -44.23 -40.14
CA ALA C 1119 32.91 -45.10 -39.83
C ALA C 1119 33.54 -45.56 -41.13
N ILE C 1120 34.67 -46.24 -41.01
CA ILE C 1120 35.47 -46.68 -42.14
C ILE C 1120 35.72 -48.17 -42.01
N CYS C 1121 35.46 -48.92 -43.08
CA CYS C 1121 35.72 -50.35 -43.14
C CYS C 1121 37.06 -50.58 -43.81
N HIS C 1122 38.04 -51.05 -43.04
CA HIS C 1122 39.40 -51.21 -43.55
C HIS C 1122 39.71 -52.64 -43.94
N ASP C 1123 39.63 -53.57 -42.99
CA ASP C 1123 40.03 -54.95 -43.20
C ASP C 1123 39.03 -55.88 -42.53
N GLY C 1124 37.74 -55.62 -42.74
CA GLY C 1124 36.71 -56.32 -42.00
C GLY C 1124 36.50 -55.79 -40.61
N LYS C 1125 37.05 -54.62 -40.28
CA LYS C 1125 36.86 -53.99 -39.00
C LYS C 1125 36.39 -52.56 -39.22
N ALA C 1126 35.64 -52.04 -38.26
CA ALA C 1126 35.12 -50.67 -38.33
C ALA C 1126 36.05 -49.75 -37.55
N HIS C 1127 36.46 -48.67 -38.20
CA HIS C 1127 37.28 -47.64 -37.57
C HIS C 1127 36.44 -46.40 -37.32
N PHE C 1128 36.61 -45.78 -36.16
CA PHE C 1128 35.95 -44.54 -35.82
C PHE C 1128 36.98 -43.47 -35.48
N PRO C 1129 36.66 -42.19 -35.69
CA PRO C 1129 37.64 -41.14 -35.37
C PRO C 1129 37.77 -40.98 -33.87
N ARG C 1130 39.03 -40.87 -33.39
CA ARG C 1130 39.24 -40.63 -31.98
C ARG C 1130 38.65 -39.29 -31.57
N GLU C 1131 39.02 -38.23 -32.28
CA GLU C 1131 38.32 -36.95 -32.16
C GLU C 1131 38.44 -36.26 -33.51
N GLY C 1132 37.30 -35.92 -34.10
CA GLY C 1132 37.26 -35.42 -35.45
C GLY C 1132 36.09 -36.03 -36.17
N VAL C 1133 36.16 -36.05 -37.49
CA VAL C 1133 35.06 -36.56 -38.30
C VAL C 1133 35.59 -36.85 -39.70
N PHE C 1134 35.14 -37.96 -40.27
CA PHE C 1134 35.58 -38.34 -41.61
C PHE C 1134 34.92 -37.46 -42.65
N VAL C 1135 35.70 -37.03 -43.63
CA VAL C 1135 35.21 -36.22 -44.74
C VAL C 1135 35.87 -36.70 -46.02
N SER C 1136 35.27 -36.33 -47.15
CA SER C 1136 35.82 -36.66 -48.45
C SER C 1136 35.52 -35.53 -49.42
N ASN C 1137 36.55 -35.03 -50.08
CA ASN C 1137 36.34 -33.99 -51.08
C ASN C 1137 35.78 -34.53 -52.39
N GLY C 1138 35.70 -35.86 -52.54
CA GLY C 1138 35.13 -36.46 -53.72
C GLY C 1138 35.86 -37.70 -54.17
N THR C 1139 37.14 -37.78 -53.84
CA THR C 1139 37.96 -38.92 -54.26
C THR C 1139 38.69 -39.58 -53.10
N HIS C 1140 39.13 -38.81 -52.11
CA HIS C 1140 39.90 -39.33 -50.99
C HIS C 1140 39.22 -38.95 -49.69
N TRP C 1141 39.45 -39.77 -48.66
CA TRP C 1141 38.87 -39.57 -47.35
C TRP C 1141 39.91 -39.08 -46.36
N PHE C 1142 39.51 -38.15 -45.51
CA PHE C 1142 40.38 -37.62 -44.47
C PHE C 1142 39.59 -37.51 -43.17
N VAL C 1143 40.32 -37.45 -42.07
CA VAL C 1143 39.75 -37.20 -40.75
C VAL C 1143 40.23 -35.84 -40.28
N THR C 1144 39.30 -34.99 -39.87
CA THR C 1144 39.64 -33.63 -39.48
C THR C 1144 38.88 -33.26 -38.21
N GLN C 1145 39.41 -32.30 -37.48
CA GLN C 1145 38.72 -31.78 -36.31
C GLN C 1145 37.43 -31.09 -36.73
N ARG C 1146 36.47 -31.04 -35.81
CA ARG C 1146 35.11 -30.67 -36.18
C ARG C 1146 34.98 -29.19 -36.46
N ASN C 1147 35.65 -28.33 -35.69
CA ASN C 1147 35.44 -26.90 -35.75
C ASN C 1147 36.37 -26.18 -36.72
N PHE C 1148 37.26 -26.90 -37.39
CA PHE C 1148 38.20 -26.27 -38.30
C PHE C 1148 38.66 -27.33 -39.30
N TYR C 1149 38.82 -26.93 -40.55
CA TYR C 1149 39.15 -27.87 -41.61
C TYR C 1149 40.66 -27.95 -41.76
N GLU C 1150 41.21 -29.12 -41.48
CA GLU C 1150 42.61 -29.42 -41.80
C GLU C 1150 42.74 -30.93 -41.95
N PRO C 1151 42.54 -31.45 -43.15
CA PRO C 1151 42.49 -32.90 -43.31
C PRO C 1151 43.82 -33.57 -43.00
N GLN C 1152 43.72 -34.80 -42.51
CA GLN C 1152 44.89 -35.63 -42.25
C GLN C 1152 44.62 -37.03 -42.79
N ILE C 1153 45.69 -37.72 -43.14
CA ILE C 1153 45.54 -39.09 -43.62
C ILE C 1153 44.96 -39.95 -42.51
N ILE C 1154 44.01 -40.80 -42.86
CA ILE C 1154 43.41 -41.69 -41.87
C ILE C 1154 44.42 -42.77 -41.51
N THR C 1155 44.83 -42.81 -40.25
CA THR C 1155 45.78 -43.79 -39.76
C THR C 1155 45.26 -44.39 -38.47
N THR C 1156 45.95 -45.44 -38.01
CA THR C 1156 45.57 -46.09 -36.77
C THR C 1156 45.68 -45.15 -35.58
N ASP C 1157 46.46 -44.08 -35.70
CA ASP C 1157 46.59 -43.13 -34.60
C ASP C 1157 45.37 -42.22 -34.49
N ASN C 1158 44.76 -41.87 -35.62
CA ASN C 1158 43.58 -41.01 -35.60
C ASN C 1158 42.33 -41.75 -35.18
N THR C 1159 42.26 -43.05 -35.46
CA THR C 1159 41.03 -43.81 -35.30
C THR C 1159 41.24 -44.99 -34.35
N PHE C 1160 40.14 -45.53 -33.85
CA PHE C 1160 40.15 -46.71 -33.02
C PHE C 1160 39.14 -47.72 -33.54
N VAL C 1161 39.45 -48.99 -33.39
CA VAL C 1161 38.64 -50.07 -33.93
C VAL C 1161 37.56 -50.44 -32.94
N SER C 1162 36.42 -50.90 -33.47
CA SER C 1162 35.33 -51.39 -32.62
C SER C 1162 34.41 -52.25 -33.46
N GLY C 1163 34.31 -53.53 -33.13
CA GLY C 1163 33.37 -54.38 -33.83
C GLY C 1163 33.77 -54.63 -35.28
N ASN C 1164 32.77 -54.99 -36.07
CA ASN C 1164 32.98 -55.30 -37.48
C ASN C 1164 32.07 -54.46 -38.36
N CYS C 1165 32.00 -54.79 -39.64
CA CYS C 1165 31.36 -53.93 -40.64
C CYS C 1165 29.88 -54.18 -40.82
N ASP C 1166 29.29 -55.14 -40.10
CA ASP C 1166 27.94 -55.58 -40.39
C ASP C 1166 26.86 -54.81 -39.64
N VAL C 1167 27.23 -53.90 -38.74
CA VAL C 1167 26.28 -53.25 -37.84
C VAL C 1167 26.10 -51.78 -38.19
N VAL C 1168 27.21 -51.05 -38.36
CA VAL C 1168 27.11 -49.61 -38.55
C VAL C 1168 26.39 -49.31 -39.86
N ILE C 1169 25.51 -48.31 -39.81
CA ILE C 1169 24.73 -47.89 -40.96
C ILE C 1169 25.42 -46.69 -41.60
N GLY C 1170 25.63 -46.76 -42.91
CA GLY C 1170 26.31 -45.71 -43.64
C GLY C 1170 27.82 -45.86 -43.70
N ILE C 1171 28.37 -46.95 -43.18
CA ILE C 1171 29.81 -47.15 -43.22
C ILE C 1171 30.28 -47.14 -44.68
N VAL C 1172 31.55 -46.78 -44.87
CA VAL C 1172 32.16 -46.69 -46.20
C VAL C 1172 33.47 -47.44 -46.19
N ASN C 1173 34.03 -47.62 -47.38
CA ASN C 1173 35.23 -48.42 -47.60
C ASN C 1173 36.41 -47.53 -47.94
N ASN C 1174 37.52 -47.73 -47.23
CA ASN C 1174 38.74 -47.00 -47.51
C ASN C 1174 39.87 -47.61 -46.68
N THR C 1175 41.05 -47.67 -47.26
CA THR C 1175 42.20 -48.20 -46.53
C THR C 1175 42.57 -47.26 -45.40
N VAL C 1176 43.02 -47.83 -44.28
CA VAL C 1176 43.49 -47.07 -43.14
C VAL C 1176 44.99 -47.28 -43.06
N TYR C 1177 45.75 -46.21 -43.27
CA TYR C 1177 47.20 -46.31 -43.31
C TYR C 1177 47.73 -46.79 -41.97
N ASP C 1178 48.77 -47.63 -42.02
CA ASP C 1178 49.38 -48.17 -40.82
C ASP C 1178 50.77 -47.59 -40.66
N PRO C 1179 50.99 -46.65 -39.74
CA PRO C 1179 52.31 -45.99 -39.68
C PRO C 1179 53.46 -46.95 -39.40
N LEU C 1180 53.18 -48.06 -38.71
CA LEU C 1180 54.24 -49.00 -38.39
C LEU C 1180 54.70 -49.82 -39.60
N GLN C 1181 53.87 -49.89 -40.64
CA GLN C 1181 54.21 -50.74 -41.78
C GLN C 1181 55.51 -50.31 -42.46
N PRO C 1182 55.68 -49.06 -42.89
CA PRO C 1182 56.95 -48.69 -43.55
C PRO C 1182 58.17 -48.94 -42.69
N GLU C 1183 58.07 -48.67 -41.39
CA GLU C 1183 59.19 -48.96 -40.51
C GLU C 1183 59.49 -50.45 -40.49
N LEU C 1184 58.45 -51.28 -40.49
CA LEU C 1184 58.64 -52.72 -40.58
C LEU C 1184 59.34 -53.09 -41.90
N ASP C 1185 58.93 -52.47 -43.00
CA ASP C 1185 59.54 -52.78 -44.29
C ASP C 1185 61.03 -52.47 -44.28
N SER C 1186 61.40 -51.26 -43.88
CA SER C 1186 62.82 -50.93 -43.75
C SER C 1186 63.46 -51.79 -42.67
N PHE C 1187 62.74 -52.04 -41.58
CA PHE C 1187 63.24 -52.95 -40.56
C PHE C 1187 63.45 -54.35 -41.12
N LYS C 1188 62.50 -54.83 -41.92
CA LYS C 1188 62.68 -56.12 -42.59
C LYS C 1188 63.84 -56.06 -43.57
N GLU C 1189 63.94 -54.98 -44.33
CA GLU C 1189 65.01 -54.82 -45.30
C GLU C 1189 66.36 -54.70 -44.62
#